data_9E88
#
_entry.id   9E88
#
loop_
_entity.id
_entity.type
_entity.pdbx_description
1 polymer 'DNA-directed RNA polymerase subunit alpha'
2 polymer 'DNA-directed RNA polymerase subunit beta'
3 polymer "DNA-directed RNA polymerase subunit beta'"
4 polymer 'DNA-directed RNA polymerase subunit omega'
5 polymer 'Ubiquitin-like protein SMT3,RNA polymerase-binding transcription factor CarD'
6 polymer 'DNA (27-MER)'
7 polymer "RNA (5'-R(P*GP*CP*GP*AP*GP*AP*GP*GP*GP*AP*CP*AP*CP*G)-3')"
8 polymer 'DNA (33-MER)'
9 non-polymer 'ZINC ION'
10 non-polymer 'MAGNESIUM ION'
#
loop_
_entity_poly.entity_id
_entity_poly.type
_entity_poly.pdbx_seq_one_letter_code
_entity_poly.pdbx_strand_id
1 'polypeptide(L)'
;MLISQRPTLSEDVLTDNRSQFVIEPLEPGFGYTLGNSLRRTLLSSIPGAAVTSIRIDGVLHEFTTVPGVKEDVTEIILNL
KSLVVSSEEDEPVTMYLRKQGPGEVTAGDIVPPAGVTVHNPGMHIATLNDKGKLEVELVVERGRGYVPAVQNRASGAEIG
RIPVDSIYSPVLKVTYKVDATRVEQRTDFDKLILDVETKNSISPRDALASAGKTLVELFGLARELNVEAEGIEIGPSPAE
ADHIASFALPIDDLDLTVRSYNCLKREGVHTVGELVARTESDLLDIRNFGQKSIDEVKIKLHQLGLSLKDSPPSFDPSEV
AGYDVATGTWSTEGAYDEQDYAETEQL
;
A,B
2 'polypeptide(L)'
;MEGCILADSRQSKTAASPSPSRPQSSSNNSVPGAPNRVSFAKLREPLEVPGLLDVQTDSFEWLIGSPRWRESAAERGDVN
PVGGLEEVLYELSPIEDFSGSMSLSFSDPRFDDVKAPVDECKDKDMTYAAPLFVTAEFINNNTGEIKSQTVFMGDFPMMT
EKGTFIINGTERVVVSQLVRSPGVYFDETIDKSTDKTLHSVKVIPSRGAWLEFDVDKRDTVGVRIDRKRRQPVTVLLKAL
GWTSEQIVERFGFSEIMRSTLEKDNTVGTDEALLDIYRKLRPGEPPTKESAQTLLENLFFKEKRYDLARVGRYKVNKKLG
LHVGEPITSSTLTEEDVVATIEYLVRLHEGQTTMTVPGGVEVPVETDDIDHFGNRRLRTVGELIQNQIRVGMSRMERVVR
ERMTTQDVEAITPQTLINIRPVVAAIKEFFGTSQLSQFMDQNNPLSGLTHKRRLSALGPGGLSRERAGLEVRDVHPSHYG
RMCPIETPEGPNIGLIGSLSVYARVNPFGFIETPYRKVVDGVVSDEIVYLTADEEDRHVVAQANSPIDADGRFVEPRVLV
RRKAGEVEYVPSSEVDYMDVSPRQMVSVATAMIPFLEHDDANRALMGANMQRQAVPLVRSEAPLVGTGMELRAAIDAGDV
VVAEESGVIEEVSADYITVMHDNGTRRTYRMRKFARSNHGTCANQCPIVDAGDRVEAGQVIADGPCTDDGEMALGKNLLV
AIMPWEGHNYEDAIILSNRLVEEDVLTSIHIEEHEIDARDTKLGAEEITRDIPNISDEVLADLDERGIVRIGAEVRDGDI
LVGKVTPKGETELTPEERLLRAIFGEKAREVRDTSLKVPHGESGKVIGIRVFSREDEDELPAGVNELVRVYVAQKRKISD
GDKLAGRHGNKGVIGKILPVEDMPFLADGTPVDIILNTHGVPRRMNIGQILETHLGWCAHSGWKVDAAKGVPDWAARLPD
ELLEAQPNAIVSTPVFDGAQEAELQGLLSCTLPNRDGDVLVDADGKAMLFDGRSGEPFPYPVTVGYMYIMKLHHLVDDKI
HARSTGPYSMITQQPLGGKAQFGGQRFGEMECWAMQAYGAAYTLQELLTIKSDDTVGRVKVYEAIVKGENIPEPGIPESF
KVLLKELQSLCLNVEVLSSDGAAIELREGEDEDLERAAANLGINLSRNESASVEDLA
;
C
3 'polypeptide(L)'
;LARHGGSGAMLDVNFFDELRIGLATAEDIRQWSYGEVKKPETINYRTLKPEKDGLFCEKIFGPTRDWECYCGKYKRVRFK
GIICERCGVEVTRAKVRRERMGHIELAAPVTHIWYFKGVPSRLGYLLDLAPKDLEKIIYFAAYVITSVDEEMRHNELSTL
EAEMAVERKAVEDQRDGELEARAQKLEADLAELEAEGAKADARRKVRDGGEREMRQIRDRAQRELDRLEDIWSTFTKLAP
KQLIVDENLYRELVDRYGEYFTGAMGAESIQKLIENFDIDAEAESLRDVIRNGKGQKKLRALKRLKVVAAFQQSGNSPMG
MVLDAVPVIPPELRPMVQLDGGRFATSDLNDLYRRVINRNNRLKRLIDLGAPEIIVNNEKRMLQESVDALFDNGRRGRPV
TGPGNRPLKSLSDLLKGKQGRFRQNLLGKRVDYSGRSVIVVGPQLKLHQCGLPKLMALELFKPFVMKRLVDLNHAQNIKS
AKRMVERQRPQVWDVLEEVIAEHPVLLNRAPTLHRLGIQAFEPMLVEGKAIQLHPLVCEAFNADFDGDQMAVHLPLSAEA
QAEARILMLSSNNILSPASGRPLAMPRLDMVTGLYYLTTEVPGDTGEYQPASGDHPETGVYSSPAEAIMAADRGVLSVRA
KIKVRLTQLRPPVEIEAELFGHSGWQPGDAWMAETTLGRVMFNELLPLGYPFVNKQMHKKVQAAIINDLAERYPMIVVAQ
TVDKLKDAGFYWATRSGVTVSMADVLVPPRKKEILDHYEERADKVEKQFQRGALNHDERNEALVEIWKEATDEVGQALRE
HYPDDNPIITIVDSGATGNFTQTRTLAGMKGLVTNPKGEFIPRPVKSSFREGLTVLEYFINTHGARKGLADTALRTADSG
YLTRRLVDVSQDVIVREHDCQTERGIVVELAERAPDGTLIRDPYIETSAYARTLGTDAVDEAGNVIVERGQDLGDPEIDA
LLAAGITQVKVRSVLTCATSTGVCATCYGRSMATGKLVDIGEAVGIVAAQSIGEPGTQLTMRTFHQGGVGEDITGGLPRV
QELFEARVPRGKAPIADVTGRVRLEDGERFYKITIVPDDGGEEVVYDKISKRQRLRVFKHEDGSERVLSDGDHVEVGQQL
MEGSADPHEVLRVQGPREVQIHLVREVQEVYRAQGVSIHDKHIEVIVRQMLRRVTIIDSGSTEFLPGSLIDRAEFEAENR
RVVAEGGEPAAGRPVLMGITKASLATDSWLSAASFQETTRVLTDAAINCRSDKLNGLKENVIIGKLIPAGTGINRYRNIA
VQPTEEARAAAYTIPSYEDQYYSPDFGAATGAAVPLDDYGYSDYRHHHHHHHH
;
D
4 'polypeptide(L)'
;MSISQSDASLAAVPAVDQFDPSSGASGGYDTPLGITNPPIDELLDRVSSKYALVIYAAKRARQINDYYNQLGEGILEYVG
PLVEPGLQEKPLSIALREIHADLLEHTEGE
;
E
5 'polypeptide(L)'
;MGHHHHHHHHHHSSGHIEGRHMASMSDSEVNQEAKPEVKPEVKPETHINLKVSDGSSEIFFKIKKTTPLRRLMEAFAKRQ
GKEMDSLRFLYDGIRIQADQTPEDLDMEDNDIIEAHREQIGGSMIFKVGDTVVYPHHGAALVEAIETRTIKGEQKEYLVL
KVAQGDLTVRVPAENAEYVGVRDVVGQEGLDKVFQVLRAPHTEEPTNWSRRYKANLEKLASGDVNKVAEVVRDLWRRDQE
RGLSAGEKRMLAKARQILVGELALAESTDDAKAETILDEVLAAAS
;
M
6 'polydeoxyribonucleotide'
;(DC)(DT)(DT)(DA)(DA)(DA)(DA)(DG)(DA)(DT)(DT)(DA)(DA)(DT)(DT)(DT)(DA)(DA)(DA)(DA)
(DT)(DT)(DT)(DA)(DT)(DC)(DA)(DA)(DA)(DA)(DA)(DG)(DA)(DG)(DT)(DA)(DT)(DT)(DG)(DA)
(DC)(DT)(DT)(DA)(DA)(DA)(DG)(DT)(DC)(DT)(DA)(DA)(DC)(DC)(DT)(DA)(DT)(DA)(DG)(DG)
(DA)(DT)(DA)(DC)(DT)(DT)(DA)(DC)(DA)(DG)(DC)(DC)(DA)(DG)(DC)(DG)(DA)(DG)(DA)(DG)
(DG)(DG)(DA)(DC)(DA)(DC)(DG)(DG)(DC)(DG)(DA)(DA)(DT)(DA)(DG)(DC)(DC)(DA)(DT)(DC)
(DC)(DC)(DA)(DA)(DT)(DC)(DG)(DA)(DC)(DA)(DC)(DC)(DG)(DG)(DG)(DG)(DT)(DC)(DG)(DG)
(DG)(DA)(DT)(DC)(DT)(DG)(DG)
;
N
7 'polyribonucleotide' AGCGAGAGGGACACGGCGAAU R
8 'polydeoxyribonucleotide'
;(DC)(DC)(DA)(DG)(DA)(DT)(DC)(DC)(DC)(DG)(DA)(DC)(DC)(DC)(DC)(DG)(DG)(DT)(DG)(DT)
(DC)(DG)(DA)(DT)(DT)(DG)(DG)(DG)(DA)(DT)(DG)(DG)(DC)(DT)(DA)(DT)(DT)(DC)(DG)(DC)
(DC)(DG)(DT)(DG)(DT)(DC)(DC)(DC)(DT)(DC)(DT)(DC)(DG)(DC)(DT)(DG)(DG)(DC)(DT)(DG)
(DT)(DA)(DA)(DG)(DT)(DA)(DT)(DC)(DC)(DT)(DA)(DT)(DA)(DG)(DG)(DT)(DT)(DA)(DG)(DA)
(DC)(DT)(DT)(DT)(DA)(DA)(DG)(DT)(DC)(DA)(DA)(DT)(DA)(DC)(DT)(DC)(DT)(DT)(DT)(DT)
(DT)(DG)(DA)(DT)(DA)(DA)(DA)(DT)(DT)(DT)(DT)(DA)(DA)(DA)(DT)(DT)(DA)(DA)(DT)(DC)
(DT)(DT)(DT)(DT)(DA)(DA)(DG)
;
T
#
loop_
_chem_comp.id
_chem_comp.type
_chem_comp.name
_chem_comp.formula
A RNA linking ADENOSINE-5'-MONOPHOSPHATE 'C10 H14 N5 O7 P'
C RNA linking CYTIDINE-5'-MONOPHOSPHATE 'C9 H14 N3 O8 P'
DA DNA linking 2'-DEOXYADENOSINE-5'-MONOPHOSPHATE 'C10 H14 N5 O6 P'
DC DNA linking 2'-DEOXYCYTIDINE-5'-MONOPHOSPHATE 'C9 H14 N3 O7 P'
DG DNA linking 2'-DEOXYGUANOSINE-5'-MONOPHOSPHATE 'C10 H14 N5 O7 P'
DT DNA linking THYMIDINE-5'-MONOPHOSPHATE 'C10 H15 N2 O8 P'
G RNA linking GUANOSINE-5'-MONOPHOSPHATE 'C10 H14 N5 O8 P'
MG non-polymer 'MAGNESIUM ION' 'Mg 2'
U RNA linking URIDINE-5'-MONOPHOSPHATE 'C9 H13 N2 O9 P'
ZN non-polymer 'ZINC ION' 'Zn 2'
#
# COMPACT_ATOMS: atom_id res chain seq x y z
N LEU A 2 -24.54 -47.68 41.16
CA LEU A 2 -25.23 -47.41 39.92
C LEU A 2 -26.61 -46.82 40.20
N ILE A 3 -26.77 -45.54 39.87
CA ILE A 3 -28.05 -44.86 40.09
C ILE A 3 -29.06 -45.43 39.08
N SER A 4 -30.01 -46.20 39.57
CA SER A 4 -31.10 -46.72 38.72
C SER A 4 -32.29 -45.77 38.76
N GLN A 5 -32.18 -44.71 37.98
CA GLN A 5 -33.27 -43.74 37.78
C GLN A 5 -33.16 -43.19 36.37
N ARG A 6 -34.22 -43.36 35.57
CA ARG A 6 -34.22 -42.74 34.25
C ARG A 6 -34.70 -41.29 34.35
N PRO A 7 -34.31 -40.44 33.40
CA PRO A 7 -34.70 -39.03 33.47
C PRO A 7 -36.18 -38.84 33.16
N THR A 8 -36.62 -37.59 33.31
CA THR A 8 -38.02 -37.21 33.12
C THR A 8 -38.03 -35.86 32.43
N LEU A 9 -39.19 -35.21 32.42
CA LEU A 9 -39.32 -33.88 31.83
C LEU A 9 -40.49 -33.19 32.50
N SER A 10 -40.23 -32.04 33.14
CA SER A 10 -41.27 -31.26 33.79
C SER A 10 -41.31 -29.86 33.19
N GLU A 11 -42.50 -29.41 32.83
CA GLU A 11 -42.66 -28.07 32.27
C GLU A 11 -43.05 -27.07 33.36
N ASP A 12 -42.66 -25.82 33.14
CA ASP A 12 -43.01 -24.72 34.02
C ASP A 12 -43.33 -23.53 33.13
N VAL A 13 -44.61 -23.15 33.08
CA VAL A 13 -45.07 -22.07 32.21
C VAL A 13 -44.78 -20.76 32.93
N LEU A 14 -43.68 -20.10 32.56
CA LEU A 14 -43.41 -18.77 33.09
C LEU A 14 -44.40 -17.76 32.53
N THR A 15 -44.48 -17.66 31.21
CA THR A 15 -45.41 -16.76 30.53
C THR A 15 -45.99 -17.50 29.34
N ASP A 16 -46.80 -16.78 28.55
CA ASP A 16 -47.43 -17.39 27.39
C ASP A 16 -46.39 -17.82 26.36
N ASN A 17 -45.43 -16.95 26.06
CA ASN A 17 -44.53 -17.16 24.95
C ASN A 17 -43.23 -17.86 25.33
N ARG A 18 -43.01 -18.16 26.61
CA ARG A 18 -41.78 -18.83 27.01
C ARG A 18 -42.06 -19.70 28.22
N SER A 19 -41.25 -20.74 28.36
CA SER A 19 -41.41 -21.69 29.46
C SER A 19 -40.08 -22.38 29.73
N GLN A 20 -39.97 -22.96 30.92
CA GLN A 20 -38.77 -23.66 31.35
C GLN A 20 -39.07 -25.15 31.48
N PHE A 21 -38.30 -25.96 30.78
CA PHE A 21 -38.37 -27.41 30.93
C PHE A 21 -37.23 -27.85 31.82
N VAL A 22 -37.47 -28.90 32.60
CA VAL A 22 -36.51 -29.40 33.57
C VAL A 22 -36.38 -30.89 33.33
N ILE A 23 -35.21 -31.31 32.85
CA ILE A 23 -34.87 -32.72 32.70
C ILE A 23 -33.92 -33.10 33.81
N GLU A 24 -34.27 -34.13 34.56
CA GLU A 24 -33.40 -34.65 35.61
C GLU A 24 -33.76 -36.10 35.86
N PRO A 25 -32.82 -36.90 36.38
CA PRO A 25 -31.42 -36.61 36.68
C PRO A 25 -30.50 -37.01 35.53
N LEU A 26 -29.86 -36.07 34.84
CA LEU A 26 -28.93 -36.44 33.79
C LEU A 26 -27.63 -36.95 34.37
N GLU A 27 -26.96 -37.82 33.62
CA GLU A 27 -25.73 -38.44 34.09
C GLU A 27 -24.66 -37.37 34.29
N PRO A 28 -23.81 -37.50 35.34
CA PRO A 28 -22.77 -36.49 35.56
C PRO A 28 -21.95 -36.20 34.32
N GLY A 29 -22.00 -34.96 33.85
CA GLY A 29 -21.34 -34.54 32.64
C GLY A 29 -22.24 -34.46 31.43
N PHE A 30 -23.43 -35.04 31.50
CA PHE A 30 -24.40 -35.00 30.41
C PHE A 30 -25.44 -33.91 30.64
N GLY A 31 -24.99 -32.77 31.17
CA GLY A 31 -25.82 -31.61 31.47
C GLY A 31 -25.68 -30.60 30.36
N TYR A 32 -24.77 -29.64 30.51
CA TYR A 32 -24.43 -28.68 29.47
C TYR A 32 -24.49 -29.31 28.08
N THR A 33 -23.96 -30.52 27.94
CA THR A 33 -23.94 -31.20 26.65
C THR A 33 -25.34 -31.31 26.05
N LEU A 34 -26.28 -31.90 26.79
CA LEU A 34 -27.63 -32.07 26.29
C LEU A 34 -28.31 -30.73 26.08
N GLY A 35 -28.11 -29.80 27.01
CA GLY A 35 -28.70 -28.48 26.86
C GLY A 35 -28.29 -27.81 25.56
N ASN A 36 -27.00 -27.90 25.22
CA ASN A 36 -26.53 -27.30 23.98
C ASN A 36 -27.02 -28.07 22.76
N SER A 37 -27.04 -29.40 22.86
CA SER A 37 -27.52 -30.21 21.74
C SER A 37 -28.98 -29.93 21.43
N LEU A 38 -29.76 -29.49 22.42
CA LEU A 38 -31.13 -29.08 22.16
C LEU A 38 -31.23 -27.61 21.78
N ARG A 39 -30.37 -26.75 22.31
CA ARG A 39 -30.36 -25.35 21.92
C ARG A 39 -30.11 -25.22 20.43
N ARG A 40 -29.14 -25.96 19.91
CA ARG A 40 -28.85 -25.91 18.48
C ARG A 40 -30.05 -26.36 17.65
N THR A 41 -30.65 -27.48 18.04
CA THR A 41 -31.81 -27.99 17.32
C THR A 41 -32.94 -26.97 17.30
N LEU A 42 -33.22 -26.36 18.44
CA LEU A 42 -34.28 -25.36 18.50
C LEU A 42 -33.98 -24.20 17.57
N LEU A 43 -32.78 -23.60 17.70
CA LEU A 43 -32.48 -22.42 16.90
C LEU A 43 -32.32 -22.72 15.42
N SER A 44 -32.15 -23.98 15.03
CA SER A 44 -31.85 -24.33 13.64
C SER A 44 -33.03 -24.94 12.89
N SER A 45 -33.62 -26.01 13.41
CA SER A 45 -34.47 -26.87 12.60
C SER A 45 -35.87 -27.05 13.19
N ILE A 46 -36.52 -25.95 13.56
CA ILE A 46 -37.92 -25.96 13.95
C ILE A 46 -38.72 -25.34 12.80
N PRO A 47 -39.47 -26.13 12.04
CA PRO A 47 -40.11 -25.57 10.84
C PRO A 47 -41.17 -24.54 11.19
N GLY A 48 -41.37 -23.61 10.28
CA GLY A 48 -42.34 -22.56 10.48
C GLY A 48 -42.77 -21.97 9.16
N ALA A 49 -43.46 -20.83 9.25
CA ALA A 49 -43.94 -20.11 8.08
C ALA A 49 -43.56 -18.64 8.20
N ALA A 50 -43.30 -18.03 7.04
CA ALA A 50 -42.99 -16.61 6.99
C ALA A 50 -43.18 -16.13 5.57
N VAL A 51 -43.32 -14.81 5.43
CA VAL A 51 -43.60 -14.23 4.11
C VAL A 51 -42.38 -14.42 3.22
N THR A 52 -42.63 -14.92 2.01
CA THR A 52 -41.57 -15.19 1.04
C THR A 52 -41.42 -14.09 0.00
N SER A 53 -42.52 -13.50 -0.45
CA SER A 53 -42.46 -12.47 -1.48
C SER A 53 -43.75 -11.68 -1.44
N ILE A 54 -43.65 -10.37 -1.65
CA ILE A 54 -44.80 -9.49 -1.64
C ILE A 54 -44.88 -8.79 -2.99
N ARG A 55 -46.09 -8.33 -3.31
CA ARG A 55 -46.35 -7.63 -4.56
C ARG A 55 -47.23 -6.43 -4.26
N ILE A 56 -46.78 -5.24 -4.68
CA ILE A 56 -47.56 -4.02 -4.55
C ILE A 56 -47.83 -3.51 -5.96
N ASP A 57 -49.11 -3.23 -6.25
CA ASP A 57 -49.49 -2.89 -7.61
C ASP A 57 -48.78 -1.64 -8.10
N GLY A 58 -48.57 -0.66 -7.22
CA GLY A 58 -48.03 0.62 -7.62
C GLY A 58 -46.53 0.67 -7.78
N VAL A 59 -45.80 -0.42 -7.54
CA VAL A 59 -44.35 -0.44 -7.63
C VAL A 59 -43.89 -1.68 -8.37
N LEU A 60 -42.65 -1.63 -8.87
CA LEU A 60 -42.06 -2.72 -9.62
C LEU A 60 -40.81 -3.31 -8.97
N HIS A 61 -40.18 -2.61 -8.03
CA HIS A 61 -38.97 -3.10 -7.38
C HIS A 61 -38.97 -2.63 -5.94
N GLU A 62 -37.89 -2.98 -5.21
CA GLU A 62 -37.80 -2.71 -3.79
C GLU A 62 -37.32 -1.29 -3.49
N PHE A 63 -36.84 -0.56 -4.49
CA PHE A 63 -36.14 0.71 -4.29
C PHE A 63 -36.96 1.91 -4.73
N THR A 64 -38.27 1.88 -4.50
CA THR A 64 -39.13 3.00 -4.85
C THR A 64 -40.09 3.26 -3.70
N THR A 65 -41.08 4.12 -3.94
CA THR A 65 -42.04 4.55 -2.94
C THR A 65 -43.44 4.44 -3.49
N VAL A 66 -44.34 3.85 -2.70
CA VAL A 66 -45.77 3.91 -3.04
C VAL A 66 -46.25 5.34 -2.83
N PRO A 67 -47.15 5.87 -3.65
CA PRO A 67 -47.65 7.23 -3.38
C PRO A 67 -48.33 7.31 -2.02
N GLY A 68 -48.05 8.38 -1.30
CA GLY A 68 -48.72 8.65 -0.03
C GLY A 68 -48.09 8.06 1.22
N VAL A 69 -47.72 6.78 1.18
CA VAL A 69 -47.19 6.13 2.37
C VAL A 69 -45.94 6.84 2.85
N LYS A 70 -45.84 7.02 4.17
CA LYS A 70 -44.68 7.70 4.72
C LYS A 70 -43.41 6.87 4.55
N GLU A 71 -43.48 5.56 4.77
CA GLU A 71 -42.33 4.70 4.59
C GLU A 71 -42.08 4.47 3.10
N ASP A 72 -40.93 3.86 2.80
CA ASP A 72 -40.58 3.50 1.44
C ASP A 72 -40.54 1.98 1.34
N VAL A 73 -40.71 1.47 0.11
CA VAL A 73 -40.94 0.05 -0.13
C VAL A 73 -39.99 -0.81 0.68
N THR A 74 -38.72 -0.40 0.78
CA THR A 74 -37.77 -1.17 1.57
C THR A 74 -38.08 -1.10 3.07
N GLU A 75 -38.53 0.06 3.56
CA GLU A 75 -38.96 0.13 4.95
C GLU A 75 -40.14 -0.80 5.20
N ILE A 76 -41.09 -0.84 4.27
CA ILE A 76 -42.23 -1.73 4.42
C ILE A 76 -41.77 -3.18 4.40
N ILE A 77 -40.77 -3.49 3.58
CA ILE A 77 -40.19 -4.84 3.59
C ILE A 77 -39.65 -5.16 4.98
N LEU A 78 -38.86 -4.24 5.54
CA LEU A 78 -38.27 -4.47 6.85
C LEU A 78 -39.34 -4.69 7.91
N ASN A 79 -40.38 -3.86 7.88
CA ASN A 79 -41.46 -4.01 8.86
C ASN A 79 -42.27 -5.28 8.63
N LEU A 80 -42.37 -5.71 7.38
CA LEU A 80 -43.08 -6.94 7.04
C LEU A 80 -42.16 -8.15 7.20
N LYS A 81 -40.96 -7.93 7.75
CA LYS A 81 -40.09 -9.01 8.15
C LYS A 81 -40.34 -9.48 9.57
N SER A 82 -41.17 -8.79 10.34
CA SER A 82 -41.54 -9.21 11.69
C SER A 82 -42.89 -9.90 11.73
N LEU A 83 -43.54 -10.10 10.58
CA LEU A 83 -44.84 -10.75 10.54
C LEU A 83 -44.67 -12.23 10.86
N VAL A 84 -45.20 -12.66 12.01
CA VAL A 84 -45.18 -14.07 12.38
C VAL A 84 -46.51 -14.69 11.96
N VAL A 85 -46.44 -15.82 11.28
CA VAL A 85 -47.61 -16.51 10.73
C VAL A 85 -47.48 -17.99 11.01
N SER A 86 -48.57 -18.72 10.77
CA SER A 86 -48.61 -20.17 10.96
C SER A 86 -49.53 -20.73 9.88
N SER A 87 -48.92 -21.18 8.78
CA SER A 87 -49.66 -21.79 7.69
C SER A 87 -49.80 -23.29 7.92
N GLU A 88 -50.94 -23.84 7.54
CA GLU A 88 -51.19 -25.27 7.65
C GLU A 88 -50.84 -26.00 6.35
N GLU A 89 -51.41 -25.54 5.24
CA GLU A 89 -51.15 -26.16 3.95
C GLU A 89 -49.69 -25.93 3.56
N ASP A 90 -49.01 -27.01 3.17
CA ASP A 90 -47.59 -26.91 2.84
C ASP A 90 -47.36 -26.05 1.60
N GLU A 91 -48.30 -26.08 0.66
CA GLU A 91 -48.11 -25.37 -0.59
C GLU A 91 -48.16 -23.86 -0.37
N PRO A 92 -47.61 -23.08 -1.31
CA PRO A 92 -47.67 -21.62 -1.16
C PRO A 92 -49.10 -21.12 -1.06
N VAL A 93 -49.29 -20.08 -0.26
CA VAL A 93 -50.58 -19.41 -0.14
C VAL A 93 -50.37 -17.92 -0.28
N THR A 94 -51.45 -17.20 -0.60
CA THR A 94 -51.41 -15.77 -0.84
C THR A 94 -52.49 -15.09 -0.02
N MET A 95 -52.14 -13.99 0.65
CA MET A 95 -53.10 -13.22 1.42
C MET A 95 -52.92 -11.74 1.12
N TYR A 96 -54.04 -11.03 1.02
CA TYR A 96 -54.07 -9.68 0.48
C TYR A 96 -54.18 -8.65 1.60
N LEU A 97 -54.00 -7.39 1.23
CA LEU A 97 -54.13 -6.29 2.18
C LEU A 97 -54.42 -5.02 1.40
N ARG A 98 -55.46 -4.29 1.82
CA ARG A 98 -55.89 -3.09 1.13
C ARG A 98 -56.26 -2.03 2.16
N LYS A 99 -55.78 -0.81 1.93
CA LYS A 99 -56.11 0.31 2.81
C LYS A 99 -56.14 1.59 2.00
N GLN A 100 -57.17 2.39 2.24
CA GLN A 100 -57.39 3.65 1.54
C GLN A 100 -57.58 4.76 2.57
N GLY A 101 -57.08 5.95 2.26
CA GLY A 101 -57.26 7.09 3.10
C GLY A 101 -56.30 7.10 4.28
N PRO A 102 -56.40 8.13 5.12
CA PRO A 102 -55.46 8.24 6.25
C PRO A 102 -55.67 7.13 7.27
N GLY A 103 -54.60 6.77 7.94
CA GLY A 103 -54.66 5.77 8.99
C GLY A 103 -53.37 4.99 9.07
N GLU A 104 -53.27 4.21 10.14
CA GLU A 104 -52.09 3.39 10.40
C GLU A 104 -52.38 1.97 9.91
N VAL A 105 -51.66 1.54 8.88
CA VAL A 105 -51.78 0.18 8.36
C VAL A 105 -50.98 -0.73 9.26
N THR A 106 -51.65 -1.71 9.87
CA THR A 106 -51.08 -2.62 10.85
C THR A 106 -51.24 -4.06 10.38
N ALA A 107 -50.63 -4.98 11.11
CA ALA A 107 -50.71 -6.39 10.77
C ALA A 107 -52.11 -6.96 10.97
N GLY A 108 -52.98 -6.25 11.70
CA GLY A 108 -54.32 -6.73 11.92
C GLY A 108 -55.27 -6.52 10.77
N ASP A 109 -54.85 -5.84 9.71
CA ASP A 109 -55.68 -5.55 8.56
C ASP A 109 -55.50 -6.56 7.43
N ILE A 110 -54.72 -7.62 7.65
CA ILE A 110 -54.58 -8.65 6.63
C ILE A 110 -55.86 -9.48 6.56
N VAL A 111 -56.02 -10.21 5.45
CA VAL A 111 -57.18 -11.09 5.27
C VAL A 111 -56.67 -12.48 4.92
N PRO A 112 -56.00 -13.16 5.85
CA PRO A 112 -55.43 -14.46 5.53
C PRO A 112 -56.53 -15.44 5.14
N PRO A 113 -56.27 -16.34 4.19
CA PRO A 113 -57.27 -17.36 3.87
C PRO A 113 -57.40 -18.39 4.98
N ALA A 114 -58.23 -19.41 4.76
CA ALA A 114 -58.42 -20.43 5.77
C ALA A 114 -57.09 -21.13 6.07
N GLY A 115 -56.90 -21.49 7.34
CA GLY A 115 -55.71 -22.19 7.77
C GLY A 115 -54.62 -21.28 8.30
N VAL A 116 -54.17 -20.32 7.50
CA VAL A 116 -53.10 -19.42 7.90
C VAL A 116 -53.70 -18.26 8.68
N THR A 117 -52.88 -17.66 9.54
CA THR A 117 -53.34 -16.54 10.36
C THR A 117 -52.15 -15.73 10.84
N VAL A 118 -52.43 -14.50 11.25
CA VAL A 118 -51.43 -13.57 11.77
C VAL A 118 -51.59 -13.50 13.29
N HIS A 119 -50.48 -13.59 14.01
CA HIS A 119 -50.50 -13.72 15.47
C HIS A 119 -50.03 -12.46 16.19
N ASN A 120 -50.04 -11.31 15.53
CA ASN A 120 -49.68 -10.04 16.17
C ASN A 120 -50.33 -8.89 15.42
N PRO A 121 -51.65 -8.72 15.58
CA PRO A 121 -52.35 -7.65 14.86
C PRO A 121 -51.86 -6.26 15.21
N GLY A 122 -51.22 -6.07 16.36
CA GLY A 122 -50.85 -4.75 16.83
C GLY A 122 -49.60 -4.16 16.21
N MET A 123 -48.92 -4.89 15.34
CA MET A 123 -47.68 -4.37 14.76
C MET A 123 -48.00 -3.25 13.77
N HIS A 124 -47.13 -2.23 13.76
CA HIS A 124 -47.24 -1.12 12.82
C HIS A 124 -46.49 -1.48 11.54
N ILE A 125 -47.20 -1.46 10.41
CA ILE A 125 -46.59 -1.71 9.11
C ILE A 125 -46.27 -0.40 8.40
N ALA A 126 -47.21 0.54 8.38
CA ALA A 126 -46.97 1.81 7.71
C ALA A 126 -48.03 2.81 8.16
N THR A 127 -47.90 4.04 7.67
CA THR A 127 -48.90 5.09 7.90
C THR A 127 -49.22 5.76 6.58
N LEU A 128 -50.49 6.10 6.39
CA LEU A 128 -50.97 6.74 5.18
C LEU A 128 -51.51 8.12 5.52
N ASN A 129 -51.93 8.83 4.48
CA ASN A 129 -52.52 10.15 4.63
C ASN A 129 -53.76 10.26 3.74
N ASP A 130 -54.28 11.47 3.54
CA ASP A 130 -55.45 11.63 2.69
C ASP A 130 -55.20 11.06 1.30
N LYS A 131 -53.97 11.11 0.82
CA LYS A 131 -53.62 10.60 -0.50
C LYS A 131 -53.16 9.14 -0.47
N GLY A 132 -53.07 8.53 0.70
CA GLY A 132 -52.51 7.19 0.79
C GLY A 132 -53.42 6.15 0.16
N LYS A 133 -52.79 5.11 -0.40
CA LYS A 133 -53.51 3.97 -0.94
C LYS A 133 -52.52 2.82 -1.04
N LEU A 134 -52.71 1.80 -0.22
CA LEU A 134 -51.82 0.64 -0.17
C LEU A 134 -52.59 -0.60 -0.58
N GLU A 135 -52.02 -1.38 -1.49
CA GLU A 135 -52.63 -2.62 -1.99
C GLU A 135 -51.49 -3.61 -2.19
N VAL A 136 -51.31 -4.50 -1.22
CA VAL A 136 -50.16 -5.41 -1.20
C VAL A 136 -50.66 -6.83 -0.98
N GLU A 137 -50.18 -7.76 -1.79
CA GLU A 137 -50.46 -9.18 -1.63
C GLU A 137 -49.18 -9.90 -1.24
N LEU A 138 -49.23 -10.60 -0.11
CA LEU A 138 -48.09 -11.33 0.42
C LEU A 138 -48.24 -12.81 0.11
N VAL A 139 -47.11 -13.50 0.00
CA VAL A 139 -47.08 -14.93 -0.24
C VAL A 139 -46.37 -15.59 0.94
N VAL A 140 -46.98 -16.63 1.48
CA VAL A 140 -46.45 -17.36 2.62
C VAL A 140 -46.24 -18.81 2.21
N GLU A 141 -45.09 -19.35 2.60
CA GLU A 141 -44.73 -20.73 2.29
C GLU A 141 -44.09 -21.36 3.53
N ARG A 142 -44.30 -22.67 3.68
CA ARG A 142 -43.68 -23.40 4.77
C ARG A 142 -42.20 -23.63 4.47
N GLY A 143 -41.42 -23.76 5.54
CA GLY A 143 -40.00 -23.96 5.38
C GLY A 143 -39.31 -24.02 6.72
N ARG A 144 -37.98 -24.02 6.67
CA ARG A 144 -37.17 -24.12 7.88
C ARG A 144 -35.89 -23.32 7.69
N GLY A 145 -35.41 -22.73 8.80
CA GLY A 145 -34.16 -22.01 8.77
C GLY A 145 -34.25 -20.73 7.95
N TYR A 146 -33.08 -20.26 7.53
CA TYR A 146 -32.97 -19.06 6.72
C TYR A 146 -32.72 -19.45 5.27
N VAL A 147 -33.56 -18.96 4.37
CA VAL A 147 -33.29 -19.07 2.93
C VAL A 147 -33.38 -17.66 2.35
N PRO A 148 -32.38 -17.19 1.62
CA PRO A 148 -32.48 -15.85 1.04
C PRO A 148 -33.53 -15.80 -0.05
N ALA A 149 -33.85 -14.58 -0.48
CA ALA A 149 -34.93 -14.37 -1.42
C ALA A 149 -34.70 -15.15 -2.71
N VAL A 150 -35.74 -15.85 -3.16
CA VAL A 150 -35.68 -16.58 -4.41
C VAL A 150 -35.79 -15.59 -5.57
N GLN A 151 -34.88 -15.68 -6.52
CA GLN A 151 -34.77 -14.68 -7.56
C GLN A 151 -35.96 -14.73 -8.53
N ASN A 152 -36.27 -13.57 -9.09
CA ASN A 152 -37.32 -13.49 -10.10
C ASN A 152 -37.01 -14.42 -11.28
N ARG A 153 -35.79 -14.32 -11.82
CA ARG A 153 -35.43 -15.12 -12.98
C ARG A 153 -35.26 -16.59 -12.64
N ALA A 154 -35.05 -16.92 -11.36
CA ALA A 154 -35.03 -18.32 -10.96
C ALA A 154 -36.37 -18.99 -11.24
N SER A 155 -37.47 -18.28 -10.96
CA SER A 155 -38.81 -18.72 -11.29
C SER A 155 -39.28 -17.96 -12.54
N GLY A 156 -40.56 -18.13 -12.87
CA GLY A 156 -41.15 -17.40 -13.98
C GLY A 156 -41.92 -16.19 -13.49
N ALA A 157 -41.41 -15.54 -12.45
CA ALA A 157 -42.11 -14.42 -11.83
C ALA A 157 -42.19 -13.23 -12.78
N GLU A 158 -43.23 -12.43 -12.61
CA GLU A 158 -43.42 -11.23 -13.41
C GLU A 158 -42.49 -10.12 -12.92
N ILE A 159 -42.62 -8.95 -13.53
CA ILE A 159 -41.78 -7.82 -13.17
C ILE A 159 -42.14 -7.30 -11.78
N GLY A 160 -43.43 -7.30 -11.44
CA GLY A 160 -43.88 -6.71 -10.20
C GLY A 160 -43.49 -7.48 -8.96
N ARG A 161 -42.96 -8.70 -9.11
CA ARG A 161 -42.59 -9.50 -7.95
C ARG A 161 -41.46 -8.84 -7.17
N ILE A 162 -41.57 -8.87 -5.85
CA ILE A 162 -40.52 -8.41 -4.96
C ILE A 162 -40.16 -9.57 -4.04
N PRO A 163 -39.21 -10.42 -4.42
CA PRO A 163 -38.80 -11.49 -3.51
C PRO A 163 -38.25 -10.94 -2.22
N VAL A 164 -38.55 -11.63 -1.12
CA VAL A 164 -38.11 -11.24 0.21
C VAL A 164 -37.46 -12.46 0.86
N ASP A 165 -36.28 -12.24 1.46
CA ASP A 165 -35.60 -13.34 2.13
C ASP A 165 -36.45 -13.86 3.28
N SER A 166 -36.49 -15.17 3.43
CA SER A 166 -37.39 -15.84 4.36
C SER A 166 -36.60 -16.43 5.52
N ILE A 167 -37.13 -16.26 6.72
CA ILE A 167 -36.54 -16.81 7.95
C ILE A 167 -37.65 -17.55 8.68
N TYR A 168 -37.76 -18.85 8.44
CA TYR A 168 -38.74 -19.69 9.12
C TYR A 168 -38.09 -20.21 10.39
N SER A 169 -38.45 -19.62 11.53
CA SER A 169 -37.90 -20.06 12.80
C SER A 169 -38.81 -19.61 13.94
N PRO A 170 -39.76 -20.45 14.37
CA PRO A 170 -40.65 -20.02 15.47
C PRO A 170 -39.92 -19.67 16.76
N VAL A 171 -38.81 -20.35 17.06
CA VAL A 171 -38.13 -20.09 18.33
C VAL A 171 -37.42 -18.74 18.27
N LEU A 172 -37.24 -18.14 19.43
CA LEU A 172 -36.72 -16.78 19.53
C LEU A 172 -35.51 -16.67 20.46
N LYS A 173 -35.47 -17.42 21.55
CA LYS A 173 -34.36 -17.32 22.50
C LYS A 173 -34.33 -18.55 23.38
N VAL A 174 -33.20 -19.26 23.38
CA VAL A 174 -33.05 -20.49 24.14
C VAL A 174 -31.80 -20.38 25.00
N THR A 175 -31.93 -20.80 26.26
CA THR A 175 -30.78 -20.85 27.17
C THR A 175 -30.98 -22.05 28.09
N TYR A 176 -30.00 -22.28 28.97
CA TYR A 176 -30.11 -23.38 29.90
C TYR A 176 -29.12 -23.18 31.04
N LYS A 177 -29.24 -24.06 32.04
CA LYS A 177 -28.31 -24.07 33.17
C LYS A 177 -28.50 -25.37 33.93
N VAL A 178 -27.40 -25.90 34.45
CA VAL A 178 -27.42 -27.18 35.16
C VAL A 178 -27.10 -26.93 36.63
N ASP A 179 -27.86 -27.58 37.51
CA ASP A 179 -27.65 -27.50 38.96
C ASP A 179 -27.38 -28.92 39.45
N ALA A 180 -26.10 -29.28 39.48
CA ALA A 180 -25.69 -30.62 39.88
C ALA A 180 -25.46 -30.66 41.38
N THR A 181 -26.05 -31.67 42.04
CA THR A 181 -25.86 -31.82 43.48
C THR A 181 -24.39 -32.08 43.80
N ARG A 182 -23.78 -33.06 43.12
CA ARG A 182 -22.36 -33.35 43.28
C ARG A 182 -22.00 -33.57 44.75
N VAL A 183 -22.85 -34.31 45.46
CA VAL A 183 -22.59 -34.58 46.86
C VAL A 183 -21.36 -35.46 47.02
N GLU A 184 -20.76 -35.40 48.21
CA GLU A 184 -19.54 -36.17 48.47
C GLU A 184 -19.77 -37.67 48.44
N GLN A 185 -21.02 -38.12 48.56
CA GLN A 185 -21.32 -39.54 48.55
C GLN A 185 -21.32 -40.14 47.15
N ARG A 186 -20.98 -39.35 46.12
CA ARG A 186 -20.82 -39.80 44.74
C ARG A 186 -22.12 -40.20 44.07
N THR A 187 -23.26 -39.95 44.69
CA THR A 187 -24.55 -40.15 44.04
C THR A 187 -24.94 -38.92 43.23
N ASP A 188 -24.02 -38.51 42.34
CA ASP A 188 -24.11 -37.23 41.66
C ASP A 188 -24.97 -37.34 40.42
N PHE A 189 -25.46 -36.19 39.96
CA PHE A 189 -26.30 -36.11 38.78
C PHE A 189 -26.47 -34.65 38.40
N ASP A 190 -26.84 -34.42 37.14
CA ASP A 190 -27.12 -33.09 36.64
C ASP A 190 -28.63 -32.85 36.60
N LYS A 191 -29.00 -31.57 36.56
CA LYS A 191 -30.40 -31.15 36.53
C LYS A 191 -30.51 -30.05 35.48
N LEU A 192 -30.80 -30.43 34.24
CA LEU A 192 -30.83 -29.48 33.14
C LEU A 192 -32.12 -28.67 33.20
N ILE A 193 -31.98 -27.37 33.40
CA ILE A 193 -33.09 -26.42 33.34
C ILE A 193 -32.92 -25.65 32.04
N LEU A 194 -33.69 -26.04 31.03
CA LEU A 194 -33.74 -25.35 29.75
C LEU A 194 -34.84 -24.30 29.79
N ASP A 195 -34.60 -23.17 29.11
CA ASP A 195 -35.55 -22.07 29.06
C ASP A 195 -35.71 -21.71 27.58
N VAL A 196 -36.94 -21.78 27.08
CA VAL A 196 -37.23 -21.59 25.67
C VAL A 196 -38.27 -20.50 25.52
N GLU A 197 -38.05 -19.59 24.58
CA GLU A 197 -38.98 -18.52 24.27
C GLU A 197 -39.17 -18.46 22.76
N THR A 198 -40.42 -18.49 22.33
CA THR A 198 -40.79 -18.46 20.92
C THR A 198 -41.52 -17.16 20.60
N LYS A 199 -41.59 -16.86 19.31
CA LYS A 199 -42.21 -15.61 18.83
C LYS A 199 -43.69 -15.82 18.49
N ASN A 200 -44.44 -16.42 19.42
CA ASN A 200 -45.89 -16.47 19.33
C ASN A 200 -46.41 -17.40 18.23
N SER A 201 -45.51 -17.94 17.41
CA SER A 201 -45.96 -18.82 16.34
C SER A 201 -46.37 -20.18 16.87
N ILE A 202 -45.60 -20.72 17.82
CA ILE A 202 -45.92 -21.99 18.47
C ILE A 202 -45.44 -21.92 19.91
N SER A 203 -46.21 -22.52 20.82
CA SER A 203 -45.81 -22.56 22.21
C SER A 203 -44.51 -23.35 22.35
N PRO A 204 -43.74 -23.09 23.40
CA PRO A 204 -42.45 -23.79 23.54
C PRO A 204 -42.59 -25.30 23.62
N ARG A 205 -43.74 -25.80 24.06
CA ARG A 205 -43.97 -27.24 24.08
C ARG A 205 -43.85 -27.82 22.67
N ASP A 206 -44.49 -27.17 21.70
CA ASP A 206 -44.45 -27.66 20.33
C ASP A 206 -43.03 -27.61 19.78
N ALA A 207 -42.30 -26.53 20.05
CA ALA A 207 -40.94 -26.42 19.54
C ALA A 207 -40.04 -27.50 20.12
N LEU A 208 -40.13 -27.72 21.44
CA LEU A 208 -39.29 -28.75 22.05
C LEU A 208 -39.69 -30.13 21.57
N ALA A 209 -40.99 -30.39 21.37
CA ALA A 209 -41.41 -31.67 20.83
C ALA A 209 -40.86 -31.89 19.44
N SER A 210 -40.87 -30.84 18.61
CA SER A 210 -40.32 -30.98 17.26
C SER A 210 -38.82 -31.23 17.30
N ALA A 211 -38.11 -30.54 18.20
CA ALA A 211 -36.68 -30.79 18.34
C ALA A 211 -36.41 -32.23 18.77
N GLY A 212 -37.19 -32.71 19.74
CA GLY A 212 -37.03 -34.09 20.17
C GLY A 212 -37.31 -35.08 19.06
N LYS A 213 -38.33 -34.81 18.24
CA LYS A 213 -38.62 -35.66 17.09
C LYS A 213 -37.43 -35.68 16.14
N THR A 214 -36.89 -34.50 15.83
CA THR A 214 -35.76 -34.43 14.90
C THR A 214 -34.57 -35.22 15.44
N LEU A 215 -34.30 -35.10 16.74
CA LEU A 215 -33.14 -35.78 17.30
C LEU A 215 -33.36 -37.29 17.40
N VAL A 216 -34.55 -37.71 17.84
CA VAL A 216 -34.84 -39.14 17.93
C VAL A 216 -34.67 -39.79 16.57
N GLU A 217 -35.25 -39.16 15.54
CA GLU A 217 -35.11 -39.70 14.20
C GLU A 217 -33.67 -39.64 13.72
N LEU A 218 -32.93 -38.58 14.02
CA LEU A 218 -31.56 -38.44 13.55
C LEU A 218 -30.67 -39.55 14.11
N PHE A 219 -30.75 -39.79 15.41
CA PHE A 219 -29.91 -40.79 16.05
C PHE A 219 -30.36 -42.20 15.77
N GLY A 220 -31.35 -42.39 14.91
CA GLY A 220 -31.72 -43.74 14.51
C GLY A 220 -30.56 -44.47 13.84
N LEU A 221 -29.73 -43.74 13.09
CA LEU A 221 -28.61 -44.36 12.41
C LEU A 221 -27.67 -45.04 13.39
N ALA A 222 -27.38 -44.37 14.52
CA ALA A 222 -26.48 -44.96 15.51
C ALA A 222 -27.07 -46.24 16.09
N ARG A 223 -28.35 -46.17 16.50
CA ARG A 223 -29.03 -47.36 16.99
C ARG A 223 -29.26 -48.38 15.88
N GLU A 224 -29.55 -47.91 14.66
CA GLU A 224 -29.84 -48.79 13.54
C GLU A 224 -28.53 -49.16 12.85
N LEU A 225 -27.81 -50.10 13.47
CA LEU A 225 -26.57 -50.59 12.91
C LEU A 225 -26.52 -52.11 12.89
N ASN A 226 -27.18 -52.75 13.86
CA ASN A 226 -27.19 -54.20 13.95
C ASN A 226 -28.54 -54.68 14.48
N MET B 1 -39.63 -32.50 7.90
CA MET B 1 -39.61 -32.43 6.41
C MET B 1 -38.62 -33.44 5.85
N LEU B 2 -38.85 -33.88 4.61
CA LEU B 2 -37.93 -34.80 3.97
C LEU B 2 -36.56 -34.17 3.85
N ILE B 3 -35.55 -34.84 4.43
CA ILE B 3 -34.19 -34.30 4.42
C ILE B 3 -33.67 -34.21 3.00
N SER B 4 -34.06 -35.13 2.13
CA SER B 4 -33.64 -35.26 0.74
C SER B 4 -32.24 -35.86 0.62
N GLN B 5 -31.56 -36.15 1.72
CA GLN B 5 -30.27 -36.83 1.66
C GLN B 5 -30.07 -37.53 3.01
N ARG B 6 -30.24 -38.84 3.01
CA ARG B 6 -30.12 -39.62 4.23
C ARG B 6 -28.66 -39.70 4.66
N PRO B 7 -28.32 -39.35 5.91
CA PRO B 7 -26.97 -39.66 6.39
C PRO B 7 -26.76 -41.15 6.51
N THR B 8 -25.52 -41.57 6.26
CA THR B 8 -25.09 -42.96 6.35
C THR B 8 -24.22 -43.14 7.58
N LEU B 9 -23.68 -44.35 7.72
CA LEU B 9 -22.74 -44.63 8.80
C LEU B 9 -21.84 -45.76 8.33
N SER B 10 -20.57 -45.45 8.10
CA SER B 10 -19.59 -46.46 7.74
C SER B 10 -18.45 -46.43 8.74
N GLU B 11 -17.64 -47.49 8.74
CA GLU B 11 -16.54 -47.61 9.67
C GLU B 11 -15.32 -48.17 8.97
N ASP B 12 -14.16 -47.99 9.62
CA ASP B 12 -12.90 -48.50 9.12
C ASP B 12 -12.13 -49.05 10.31
N VAL B 13 -12.06 -50.39 10.41
CA VAL B 13 -11.41 -51.01 11.55
C VAL B 13 -9.94 -50.63 11.58
N LEU B 14 -9.46 -50.24 12.75
CA LEU B 14 -8.05 -49.94 12.98
C LEU B 14 -7.36 -51.02 13.80
N THR B 15 -7.95 -51.42 14.91
CA THR B 15 -7.44 -52.52 15.73
C THR B 15 -8.62 -53.41 16.10
N ASP B 16 -8.35 -54.40 16.95
CA ASP B 16 -9.42 -55.28 17.40
C ASP B 16 -10.46 -54.50 18.21
N ASN B 17 -10.02 -53.53 19.02
CA ASN B 17 -10.91 -52.66 19.80
C ASN B 17 -10.53 -51.22 19.52
N ARG B 18 -11.03 -50.69 18.40
CA ARG B 18 -10.86 -49.30 17.99
C ARG B 18 -11.60 -49.15 16.67
N SER B 19 -12.03 -47.93 16.37
CA SER B 19 -12.72 -47.69 15.11
C SER B 19 -12.75 -46.20 14.82
N GLN B 20 -12.93 -45.89 13.52
CA GLN B 20 -13.09 -44.53 13.02
C GLN B 20 -14.42 -44.50 12.27
N PHE B 21 -15.49 -44.23 13.00
CA PHE B 21 -16.81 -44.14 12.40
C PHE B 21 -16.95 -42.83 11.62
N VAL B 22 -17.68 -42.89 10.52
CA VAL B 22 -17.95 -41.72 9.68
C VAL B 22 -19.45 -41.65 9.45
N ILE B 23 -20.02 -40.48 9.74
CA ILE B 23 -21.42 -40.17 9.49
C ILE B 23 -21.43 -39.01 8.50
N GLU B 24 -22.12 -39.22 7.37
CA GLU B 24 -22.07 -38.26 6.28
C GLU B 24 -23.29 -38.47 5.40
N PRO B 25 -23.87 -37.41 4.83
CA PRO B 25 -23.64 -35.98 5.05
C PRO B 25 -24.65 -35.42 6.04
N LEU B 26 -24.20 -34.98 7.20
CA LEU B 26 -25.13 -34.40 8.16
C LEU B 26 -25.42 -32.95 7.80
N GLU B 27 -26.56 -32.46 8.26
CA GLU B 27 -27.02 -31.14 7.89
C GLU B 27 -26.11 -30.08 8.50
N PRO B 28 -26.16 -28.86 7.98
CA PRO B 28 -25.34 -27.79 8.58
C PRO B 28 -26.05 -27.09 9.73
N GLY B 29 -25.44 -26.98 10.91
CA GLY B 29 -24.24 -27.63 11.41
C GLY B 29 -24.52 -28.84 12.28
N PHE B 30 -25.16 -29.87 11.72
CA PHE B 30 -25.47 -31.05 12.51
C PHE B 30 -24.27 -31.99 12.59
N GLY B 31 -23.09 -31.45 12.91
CA GLY B 31 -21.94 -32.27 13.21
C GLY B 31 -21.50 -32.09 14.65
N TYR B 32 -21.60 -30.86 15.14
CA TYR B 32 -21.24 -30.57 16.52
C TYR B 32 -22.40 -30.84 17.48
N THR B 33 -23.64 -30.67 17.02
CA THR B 33 -24.78 -30.87 17.90
C THR B 33 -24.84 -32.29 18.40
N LEU B 34 -24.53 -33.27 17.54
CA LEU B 34 -24.55 -34.67 17.92
C LEU B 34 -23.17 -35.26 18.20
N GLY B 35 -22.11 -34.67 17.66
CA GLY B 35 -20.79 -35.21 17.94
C GLY B 35 -20.47 -35.21 19.43
N ASN B 36 -20.68 -34.06 20.08
CA ASN B 36 -20.38 -33.98 21.51
C ASN B 36 -21.33 -34.86 22.32
N SER B 37 -22.60 -34.92 21.93
CA SER B 37 -23.56 -35.76 22.65
C SER B 37 -23.18 -37.22 22.56
N LEU B 38 -22.83 -37.68 21.35
CA LEU B 38 -22.40 -39.07 21.19
C LEU B 38 -21.13 -39.33 21.98
N ARG B 39 -20.19 -38.39 21.96
CA ARG B 39 -18.96 -38.56 22.74
C ARG B 39 -19.26 -38.72 24.22
N ARG B 40 -20.10 -37.84 24.76
CA ARG B 40 -20.40 -37.89 26.19
C ARG B 40 -21.15 -39.16 26.56
N THR B 41 -22.11 -39.57 25.72
CA THR B 41 -22.83 -40.81 26.01
C THR B 41 -21.91 -42.02 25.94
N LEU B 42 -21.04 -42.08 24.94
CA LEU B 42 -20.07 -43.16 24.88
C LEU B 42 -19.23 -43.19 26.15
N LEU B 43 -18.73 -42.03 26.58
CA LEU B 43 -17.84 -42.01 27.73
C LEU B 43 -18.56 -42.38 29.02
N SER B 44 -19.79 -41.89 29.21
CA SER B 44 -20.45 -41.99 30.50
C SER B 44 -21.93 -42.35 30.36
N SER B 45 -22.24 -43.30 29.48
CA SER B 45 -23.57 -43.87 29.46
C SER B 45 -23.60 -45.39 29.23
N ILE B 46 -22.46 -46.02 29.01
CA ILE B 46 -22.39 -47.47 28.79
C ILE B 46 -22.01 -48.11 30.12
N PRO B 47 -22.88 -48.90 30.75
CA PRO B 47 -22.52 -49.48 32.05
C PRO B 47 -21.35 -50.43 31.96
N GLY B 48 -20.60 -50.50 33.04
CA GLY B 48 -19.49 -51.42 33.14
C GLY B 48 -19.27 -51.78 34.59
N ALA B 49 -18.10 -52.38 34.87
CA ALA B 49 -17.75 -52.75 36.22
C ALA B 49 -16.26 -52.55 36.43
N ALA B 50 -15.86 -52.37 37.68
CA ALA B 50 -14.44 -52.21 38.00
C ALA B 50 -14.26 -52.26 39.52
N VAL B 51 -13.00 -52.15 39.94
CA VAL B 51 -12.62 -52.16 41.34
C VAL B 51 -12.97 -50.82 41.97
N THR B 52 -13.21 -50.85 43.27
CA THR B 52 -13.53 -49.66 44.05
C THR B 52 -12.68 -49.51 45.29
N SER B 53 -12.32 -50.61 45.95
CA SER B 53 -11.51 -50.55 47.16
C SER B 53 -10.75 -51.87 47.30
N ILE B 54 -9.60 -51.80 47.97
CA ILE B 54 -8.71 -52.95 48.11
C ILE B 54 -8.11 -52.94 49.52
N ARG B 55 -7.95 -54.13 50.09
CA ARG B 55 -7.24 -54.30 51.35
C ARG B 55 -6.12 -55.31 51.15
N ILE B 56 -4.90 -54.95 51.58
CA ILE B 56 -3.72 -55.78 51.41
C ILE B 56 -3.28 -56.26 52.78
N ASP B 57 -3.02 -57.56 52.90
CA ASP B 57 -2.49 -58.11 54.13
C ASP B 57 -1.05 -57.62 54.34
N GLY B 58 -0.70 -57.37 55.60
CA GLY B 58 0.64 -56.96 55.96
C GLY B 58 0.89 -55.47 55.92
N VAL B 59 -0.06 -54.68 55.43
CA VAL B 59 0.06 -53.22 55.37
C VAL B 59 -1.17 -52.61 56.01
N LEU B 60 -0.96 -51.74 57.01
CA LEU B 60 -2.07 -51.10 57.70
C LEU B 60 -1.85 -49.59 57.80
N HIS B 61 -0.60 -49.15 57.87
CA HIS B 61 -0.29 -47.73 58.01
C HIS B 61 0.75 -47.29 56.98
N GLU B 62 1.67 -48.18 56.62
CA GLU B 62 2.76 -47.86 55.70
C GLU B 62 2.23 -48.02 54.27
N PHE B 63 1.61 -46.96 53.75
CA PHE B 63 0.96 -47.01 52.45
C PHE B 63 1.94 -46.86 51.29
N THR B 64 3.24 -47.03 51.53
CA THR B 64 4.23 -46.87 50.47
C THR B 64 4.58 -48.21 49.82
N THR B 65 4.98 -49.20 50.62
CA THR B 65 5.44 -50.49 50.10
C THR B 65 4.74 -51.62 50.83
N VAL B 66 5.00 -52.84 50.35
CA VAL B 66 4.37 -54.07 50.83
C VAL B 66 5.49 -55.09 51.00
N PRO B 67 5.46 -55.97 52.00
CA PRO B 67 6.59 -56.88 52.16
C PRO B 67 6.52 -58.03 51.16
N GLY B 68 7.70 -58.54 50.81
CA GLY B 68 7.80 -59.69 49.93
C GLY B 68 7.48 -59.41 48.47
N VAL B 69 7.28 -58.15 48.09
CA VAL B 69 7.02 -57.79 46.70
C VAL B 69 8.05 -56.77 46.26
N LYS B 70 8.63 -56.98 45.07
CA LYS B 70 9.60 -56.04 44.53
C LYS B 70 8.97 -54.70 44.17
N GLU B 71 7.65 -54.65 44.03
CA GLU B 71 6.95 -53.43 43.67
C GLU B 71 6.62 -52.65 44.94
N ASP B 72 5.81 -51.61 44.81
CA ASP B 72 5.32 -50.82 45.93
C ASP B 72 3.80 -50.72 45.85
N VAL B 73 3.20 -50.05 46.85
CA VAL B 73 1.75 -49.97 46.92
C VAL B 73 1.21 -49.24 45.69
N THR B 74 1.84 -48.13 45.31
CA THR B 74 1.36 -47.36 44.16
C THR B 74 1.35 -48.22 42.90
N GLU B 75 2.40 -49.00 42.70
CA GLU B 75 2.46 -49.88 41.52
C GLU B 75 1.29 -50.86 41.52
N ILE B 76 1.00 -51.46 42.68
CA ILE B 76 -0.09 -52.43 42.75
C ILE B 76 -1.42 -51.76 42.44
N ILE B 77 -1.67 -50.59 43.03
CA ILE B 77 -2.95 -49.93 42.79
C ILE B 77 -3.08 -49.59 41.32
N LEU B 78 -2.00 -49.10 40.70
CA LEU B 78 -2.03 -48.80 39.28
C LEU B 78 -2.35 -50.04 38.47
N ASN B 79 -1.71 -51.17 38.80
CA ASN B 79 -1.94 -52.39 38.03
C ASN B 79 -3.38 -52.88 38.17
N LEU B 80 -3.90 -52.89 39.40
CA LEU B 80 -5.27 -53.36 39.60
C LEU B 80 -6.27 -52.45 38.90
N LYS B 81 -6.02 -51.14 38.92
CA LYS B 81 -6.99 -50.20 38.36
C LYS B 81 -7.23 -50.46 36.88
N SER B 82 -6.17 -50.74 36.13
CA SER B 82 -6.29 -51.04 34.70
C SER B 82 -6.61 -52.50 34.47
N LEU B 83 -7.69 -52.99 35.09
CA LEU B 83 -8.09 -54.38 35.03
C LEU B 83 -9.55 -54.44 34.59
N VAL B 84 -9.84 -55.22 33.55
CA VAL B 84 -11.16 -55.28 32.97
C VAL B 84 -11.98 -56.36 33.68
N VAL B 85 -13.20 -56.01 34.06
CA VAL B 85 -14.13 -56.93 34.71
C VAL B 85 -15.53 -56.66 34.21
N SER B 86 -16.32 -57.72 34.09
CA SER B 86 -17.73 -57.64 33.77
C SER B 86 -18.54 -58.37 34.83
N SER B 87 -19.64 -57.76 35.25
CA SER B 87 -20.44 -58.31 36.34
C SER B 87 -21.91 -57.97 36.10
N GLU B 88 -22.79 -58.70 36.80
CA GLU B 88 -24.22 -58.51 36.71
C GLU B 88 -24.86 -58.16 38.04
N GLU B 89 -24.25 -58.54 39.16
CA GLU B 89 -24.82 -58.21 40.46
C GLU B 89 -24.58 -56.75 40.78
N ASP B 90 -25.61 -56.10 41.35
CA ASP B 90 -25.54 -54.67 41.60
C ASP B 90 -24.76 -54.34 42.86
N GLU B 91 -24.91 -55.13 43.92
CA GLU B 91 -24.21 -54.85 45.17
C GLU B 91 -22.72 -55.12 45.01
N PRO B 92 -21.88 -54.48 45.83
CA PRO B 92 -20.42 -54.68 45.68
C PRO B 92 -20.00 -56.11 45.99
N VAL B 93 -19.51 -56.81 44.98
CA VAL B 93 -18.99 -58.17 45.17
C VAL B 93 -17.55 -58.09 45.65
N THR B 94 -17.12 -59.10 46.38
CA THR B 94 -15.75 -59.18 46.90
C THR B 94 -15.02 -60.33 46.23
N MET B 95 -13.74 -60.11 45.94
CA MET B 95 -12.91 -61.07 45.25
C MET B 95 -11.61 -61.25 46.02
N TYR B 96 -10.96 -62.39 45.81
CA TYR B 96 -9.82 -62.82 46.60
C TYR B 96 -8.62 -63.07 45.70
N LEU B 97 -7.43 -62.69 46.17
CA LEU B 97 -6.17 -62.96 45.49
C LEU B 97 -5.18 -63.45 46.54
N ARG B 98 -4.49 -64.54 46.24
CA ARG B 98 -3.53 -65.11 47.20
C ARG B 98 -2.50 -65.92 46.44
N LYS B 99 -1.23 -65.54 46.54
CA LYS B 99 -0.12 -66.26 45.95
C LYS B 99 0.99 -66.37 46.97
N GLN B 100 1.39 -67.60 47.28
CA GLN B 100 2.47 -67.87 48.22
C GLN B 100 3.74 -68.26 47.47
N GLY B 101 4.89 -67.80 47.98
CA GLY B 101 6.17 -68.15 47.42
C GLY B 101 6.65 -67.13 46.41
N PRO B 102 7.84 -67.36 45.85
CA PRO B 102 8.40 -66.44 44.85
C PRO B 102 7.75 -66.66 43.49
N GLY B 103 8.07 -65.74 42.57
CA GLY B 103 7.55 -65.81 41.22
C GLY B 103 6.91 -64.52 40.79
N GLU B 104 5.90 -64.61 39.91
CA GLU B 104 5.19 -63.45 39.42
C GLU B 104 3.69 -63.72 39.49
N VAL B 105 2.91 -62.65 39.66
CA VAL B 105 1.47 -62.74 39.84
C VAL B 105 0.79 -61.82 38.84
N THR B 106 -0.20 -62.37 38.12
CA THR B 106 -0.92 -61.69 37.06
C THR B 106 -2.40 -61.59 37.43
N ALA B 107 -3.21 -61.18 36.46
CA ALA B 107 -4.65 -61.13 36.63
C ALA B 107 -5.32 -62.50 36.51
N GLY B 108 -4.55 -63.56 36.28
CA GLY B 108 -5.12 -64.90 36.26
C GLY B 108 -5.27 -65.53 37.62
N ASP B 109 -4.58 -64.99 38.64
CA ASP B 109 -4.65 -65.58 39.97
C ASP B 109 -5.95 -65.23 40.69
N ILE B 110 -6.50 -64.04 40.46
CA ILE B 110 -7.73 -63.64 41.12
C ILE B 110 -8.83 -64.63 40.75
N VAL B 111 -9.44 -65.23 41.77
CA VAL B 111 -10.51 -66.21 41.56
C VAL B 111 -11.83 -65.45 41.40
N PRO B 112 -12.53 -65.57 40.27
CA PRO B 112 -13.82 -64.89 40.14
C PRO B 112 -14.95 -65.77 40.64
N PRO B 113 -15.79 -65.26 41.56
CA PRO B 113 -17.02 -66.01 41.89
C PRO B 113 -18.00 -66.01 40.74
N ALA B 114 -19.18 -66.60 40.96
CA ALA B 114 -20.18 -66.69 39.89
C ALA B 114 -20.62 -65.30 39.46
N GLY B 115 -20.75 -65.13 38.15
CA GLY B 115 -21.25 -63.89 37.58
C GLY B 115 -20.16 -62.94 37.14
N VAL B 116 -19.13 -62.78 37.95
CA VAL B 116 -18.02 -61.88 37.64
C VAL B 116 -17.01 -62.62 36.78
N THR B 117 -16.45 -61.91 35.80
CA THR B 117 -15.51 -62.50 34.87
C THR B 117 -14.40 -61.51 34.56
N VAL B 118 -13.25 -62.04 34.15
CA VAL B 118 -12.08 -61.25 33.78
C VAL B 118 -11.73 -61.58 32.33
N HIS B 119 -11.61 -60.55 31.50
CA HIS B 119 -11.35 -60.73 30.07
C HIS B 119 -9.87 -60.57 29.72
N ASN B 120 -8.98 -60.64 30.71
CA ASN B 120 -7.56 -60.57 30.44
C ASN B 120 -6.76 -61.21 31.57
N PRO B 121 -6.87 -62.53 31.77
CA PRO B 121 -6.13 -63.17 32.87
C PRO B 121 -4.63 -62.91 32.78
N GLY B 122 -4.08 -62.85 31.57
CA GLY B 122 -2.67 -62.62 31.38
C GLY B 122 -2.28 -61.16 31.43
N MET B 123 -2.25 -60.59 32.64
CA MET B 123 -1.79 -59.22 32.84
C MET B 123 -0.96 -59.20 34.11
N HIS B 124 0.33 -58.92 33.97
CA HIS B 124 1.22 -58.93 35.12
C HIS B 124 0.80 -57.86 36.11
N ILE B 125 0.73 -58.24 37.38
CA ILE B 125 0.37 -57.32 38.46
C ILE B 125 1.56 -57.06 39.37
N ALA B 126 2.27 -58.11 39.77
CA ALA B 126 3.37 -57.93 40.73
C ALA B 126 4.30 -59.13 40.66
N THR B 127 5.31 -59.11 41.54
CA THR B 127 6.26 -60.20 41.66
C THR B 127 6.58 -60.41 43.13
N LEU B 128 6.98 -61.64 43.46
CA LEU B 128 7.26 -62.05 44.83
C LEU B 128 8.61 -62.73 44.88
N ASN B 129 9.27 -62.63 46.03
CA ASN B 129 10.61 -63.17 46.19
C ASN B 129 10.83 -63.56 47.65
N ASP B 130 11.83 -64.41 47.87
CA ASP B 130 12.21 -64.84 49.21
C ASP B 130 11.03 -65.46 49.95
N LYS B 131 10.37 -66.41 49.29
CA LYS B 131 9.21 -67.09 49.86
C LYS B 131 8.11 -66.10 50.23
N GLY B 132 8.01 -64.99 49.48
CA GLY B 132 7.02 -63.98 49.80
C GLY B 132 5.62 -64.46 49.55
N LYS B 133 4.69 -63.94 50.35
CA LYS B 133 3.27 -64.25 50.23
C LYS B 133 2.49 -62.95 50.04
N LEU B 134 1.61 -62.95 49.04
CA LEU B 134 0.74 -61.82 48.76
C LEU B 134 -0.70 -62.27 48.93
N GLU B 135 -1.48 -61.49 49.68
CA GLU B 135 -2.89 -61.79 49.94
C GLU B 135 -3.65 -60.47 49.93
N VAL B 136 -4.54 -60.31 48.95
CA VAL B 136 -5.23 -59.04 48.71
C VAL B 136 -6.70 -59.32 48.39
N GLU B 137 -7.59 -58.58 49.05
CA GLU B 137 -9.03 -58.71 48.82
C GLU B 137 -9.52 -57.47 48.11
N LEU B 138 -10.23 -57.67 47.00
CA LEU B 138 -10.73 -56.59 46.15
C LEU B 138 -12.23 -56.45 46.30
N VAL B 139 -12.72 -55.25 46.05
CA VAL B 139 -14.15 -54.96 45.96
C VAL B 139 -14.42 -54.48 44.54
N VAL B 140 -15.37 -55.11 43.87
CA VAL B 140 -15.72 -54.77 42.49
C VAL B 140 -17.21 -54.49 42.43
N GLU B 141 -17.59 -53.51 41.62
CA GLU B 141 -19.00 -53.18 41.45
C GLU B 141 -19.22 -52.57 40.07
N ARG B 142 -20.48 -52.51 39.70
CA ARG B 142 -20.91 -52.00 38.39
C ARG B 142 -21.46 -50.59 38.52
N GLY B 143 -21.39 -49.86 37.40
CA GLY B 143 -21.87 -48.49 37.37
C GLY B 143 -21.53 -47.84 36.05
N ARG B 144 -21.52 -46.51 36.05
CA ARG B 144 -21.28 -45.71 34.86
C ARG B 144 -20.23 -44.66 35.13
N GLY B 145 -19.68 -44.10 34.05
CA GLY B 145 -18.82 -42.94 34.15
C GLY B 145 -17.47 -43.25 34.77
N TYR B 146 -16.95 -42.26 35.50
CA TYR B 146 -15.65 -42.36 36.16
C TYR B 146 -15.79 -41.75 37.55
N VAL B 147 -15.96 -42.60 38.56
CA VAL B 147 -16.13 -42.16 39.94
C VAL B 147 -14.75 -42.02 40.55
N PRO B 148 -14.37 -40.84 41.04
CA PRO B 148 -13.08 -40.72 41.74
C PRO B 148 -13.04 -41.57 43.00
N ALA B 149 -11.89 -41.62 43.66
CA ALA B 149 -11.77 -42.38 44.91
C ALA B 149 -12.78 -41.89 45.93
N VAL B 150 -13.73 -42.74 46.30
CA VAL B 150 -14.75 -42.36 47.27
C VAL B 150 -14.12 -42.21 48.63
N GLN B 151 -14.33 -41.06 49.27
CA GLN B 151 -13.81 -40.84 50.61
C GLN B 151 -14.39 -41.87 51.57
N ASN B 152 -13.57 -42.31 52.51
CA ASN B 152 -13.99 -43.29 53.51
C ASN B 152 -14.89 -42.60 54.52
N ARG B 153 -16.18 -42.52 54.16
CA ARG B 153 -17.15 -41.86 55.04
C ARG B 153 -17.25 -42.59 56.38
N ALA B 154 -17.28 -43.93 56.34
CA ALA B 154 -17.31 -44.70 57.57
C ALA B 154 -16.00 -44.52 58.33
N SER B 155 -16.11 -44.35 59.65
CA SER B 155 -14.92 -44.10 60.47
C SER B 155 -14.03 -45.33 60.52
N GLY B 156 -14.61 -46.51 60.74
CA GLY B 156 -13.83 -47.72 60.89
C GLY B 156 -14.46 -48.94 60.25
N ALA B 157 -15.31 -48.74 59.24
CA ALA B 157 -15.94 -49.88 58.58
C ALA B 157 -14.91 -50.77 57.92
N GLU B 158 -13.91 -50.17 57.26
CA GLU B 158 -12.85 -50.90 56.58
C GLU B 158 -11.51 -50.26 56.99
N ILE B 159 -10.95 -50.74 58.10
CA ILE B 159 -9.65 -50.24 58.54
C ILE B 159 -8.57 -50.61 57.52
N GLY B 160 -8.58 -51.86 57.07
CA GLY B 160 -7.57 -52.32 56.12
C GLY B 160 -7.87 -52.04 54.67
N ARG B 161 -9.07 -51.59 54.35
CA ARG B 161 -9.49 -51.35 52.98
C ARG B 161 -9.34 -49.88 52.64
N ILE B 162 -8.69 -49.60 51.52
CA ILE B 162 -8.51 -48.24 51.02
C ILE B 162 -9.29 -48.11 49.72
N PRO B 163 -9.98 -46.99 49.49
CA PRO B 163 -10.68 -46.79 48.22
C PRO B 163 -9.70 -46.35 47.13
N VAL B 164 -10.19 -46.36 45.89
CA VAL B 164 -9.36 -46.07 44.73
C VAL B 164 -10.24 -45.51 43.63
N ASP B 165 -9.65 -44.67 42.78
CA ASP B 165 -10.33 -44.25 41.56
C ASP B 165 -10.74 -45.47 40.76
N SER B 166 -11.81 -45.33 40.00
CA SER B 166 -12.41 -46.47 39.31
C SER B 166 -12.86 -46.05 37.92
N ILE B 167 -12.56 -46.88 36.93
CA ILE B 167 -12.91 -46.64 35.54
C ILE B 167 -14.06 -47.60 35.22
N TYR B 168 -15.29 -47.14 35.41
CA TYR B 168 -16.46 -47.96 35.12
C TYR B 168 -16.70 -48.10 33.63
N SER B 169 -16.42 -47.05 32.86
CA SER B 169 -16.82 -47.03 31.46
C SER B 169 -16.06 -48.08 30.66
N PRO B 170 -16.67 -48.63 29.61
CA PRO B 170 -15.95 -49.57 28.75
C PRO B 170 -15.11 -48.88 27.68
N VAL B 171 -15.54 -47.71 27.23
CA VAL B 171 -14.81 -46.97 26.21
C VAL B 171 -13.80 -46.07 26.89
N LEU B 172 -12.55 -46.14 26.44
CA LEU B 172 -11.48 -45.39 27.08
C LEU B 172 -11.28 -44.01 26.47
N LYS B 173 -11.40 -43.86 25.15
CA LYS B 173 -11.07 -42.57 24.54
C LYS B 173 -11.89 -42.37 23.29
N VAL B 174 -12.54 -41.21 23.19
CA VAL B 174 -13.31 -40.85 22.01
C VAL B 174 -12.92 -39.44 21.60
N THR B 175 -12.70 -39.25 20.30
CA THR B 175 -12.47 -37.94 19.74
C THR B 175 -13.35 -37.79 18.51
N TYR B 176 -13.58 -36.54 18.10
CA TYR B 176 -14.43 -36.32 16.94
C TYR B 176 -14.02 -35.04 16.22
N LYS B 177 -14.28 -35.00 14.92
CA LYS B 177 -14.06 -33.81 14.13
C LYS B 177 -15.11 -33.74 13.04
N VAL B 178 -15.16 -32.60 12.34
CA VAL B 178 -16.11 -32.39 11.27
C VAL B 178 -15.36 -31.84 10.06
N ASP B 179 -16.08 -31.73 8.95
CA ASP B 179 -15.53 -31.25 7.69
C ASP B 179 -16.61 -30.44 6.97
N ALA B 180 -16.30 -30.01 5.75
CA ALA B 180 -17.17 -29.16 4.95
C ALA B 180 -17.38 -29.80 3.58
N THR B 181 -17.74 -31.08 3.58
CA THR B 181 -17.78 -31.85 2.34
C THR B 181 -18.83 -31.29 1.39
N ARG B 182 -18.43 -31.09 0.13
CA ARG B 182 -19.33 -30.68 -0.94
C ARG B 182 -20.05 -29.39 -0.58
N VAL B 183 -19.25 -28.33 -0.47
CA VAL B 183 -19.78 -27.00 -0.12
C VAL B 183 -20.78 -26.54 -1.16
N GLU B 184 -20.48 -26.71 -2.45
CA GLU B 184 -21.25 -26.05 -3.50
C GLU B 184 -22.55 -26.81 -3.81
N GLN B 185 -22.42 -28.04 -4.33
CA GLN B 185 -23.62 -28.75 -4.74
C GLN B 185 -24.47 -29.16 -3.54
N ARG B 186 -23.83 -29.65 -2.47
CA ARG B 186 -24.54 -30.11 -1.29
C ARG B 186 -24.65 -29.05 -0.20
N THR B 187 -24.25 -27.81 -0.49
CA THR B 187 -24.50 -26.68 0.39
C THR B 187 -23.88 -26.88 1.77
N ASP B 188 -22.63 -27.38 1.79
CA ASP B 188 -21.84 -27.49 3.02
C ASP B 188 -22.57 -28.36 4.06
N PHE B 189 -22.68 -29.64 3.71
CA PHE B 189 -23.10 -30.65 4.68
C PHE B 189 -21.88 -31.15 5.44
N ASP B 190 -22.03 -31.28 6.75
CA ASP B 190 -20.93 -31.67 7.61
C ASP B 190 -20.74 -33.19 7.59
N LYS B 191 -19.52 -33.61 7.89
CA LYS B 191 -19.14 -35.03 7.92
C LYS B 191 -18.57 -35.29 9.30
N LEU B 192 -19.38 -35.87 10.18
CA LEU B 192 -18.86 -36.22 11.50
C LEU B 192 -17.93 -37.41 11.40
N ILE B 193 -16.77 -37.30 12.02
CA ILE B 193 -15.76 -38.35 12.02
C ILE B 193 -15.46 -38.63 13.50
N LEU B 194 -16.02 -39.73 14.01
CA LEU B 194 -15.74 -40.19 15.36
C LEU B 194 -14.58 -41.17 15.33
N ASP B 195 -13.76 -41.13 16.37
CA ASP B 195 -12.65 -42.08 16.55
C ASP B 195 -12.85 -42.58 17.97
N VAL B 196 -13.32 -43.82 18.10
CA VAL B 196 -13.68 -44.40 19.38
C VAL B 196 -12.75 -45.57 19.69
N GLU B 197 -12.29 -45.64 20.93
CA GLU B 197 -11.37 -46.66 21.39
C GLU B 197 -11.86 -47.20 22.72
N THR B 198 -12.07 -48.52 22.78
CA THR B 198 -12.77 -49.17 23.87
C THR B 198 -11.94 -50.31 24.43
N LYS B 199 -12.30 -50.71 25.65
CA LYS B 199 -11.73 -51.89 26.27
C LYS B 199 -12.23 -53.14 25.56
N ASN B 200 -11.52 -54.24 25.77
CA ASN B 200 -11.85 -55.49 25.07
C ASN B 200 -13.30 -55.88 25.32
N SER B 201 -13.83 -55.56 26.51
CA SER B 201 -15.15 -56.00 26.95
C SER B 201 -16.19 -55.91 25.84
N ILE B 202 -16.12 -54.89 25.00
CA ILE B 202 -17.05 -54.75 23.87
C ILE B 202 -16.32 -54.10 22.72
N SER B 203 -16.72 -54.48 21.50
CA SER B 203 -16.25 -53.81 20.31
C SER B 203 -16.85 -52.40 20.25
N PRO B 204 -16.18 -51.46 19.58
CA PRO B 204 -16.73 -50.10 19.51
C PRO B 204 -18.10 -50.02 18.83
N ARG B 205 -18.40 -50.96 17.92
CA ARG B 205 -19.71 -50.96 17.29
C ARG B 205 -20.81 -51.14 18.33
N ASP B 206 -20.61 -52.07 19.26
CA ASP B 206 -21.60 -52.27 20.32
C ASP B 206 -21.72 -51.05 21.21
N ALA B 207 -20.59 -50.40 21.51
CA ALA B 207 -20.63 -49.18 22.32
C ALA B 207 -21.43 -48.09 21.63
N LEU B 208 -21.23 -47.92 20.32
CA LEU B 208 -22.02 -46.92 19.60
C LEU B 208 -23.49 -47.29 19.58
N ALA B 209 -23.81 -48.58 19.45
CA ALA B 209 -25.20 -48.99 19.50
C ALA B 209 -25.84 -48.63 20.83
N SER B 210 -25.14 -48.90 21.93
CA SER B 210 -25.68 -48.56 23.25
C SER B 210 -25.80 -47.04 23.43
N ALA B 211 -24.82 -46.29 22.92
CA ALA B 211 -24.91 -44.84 22.98
C ALA B 211 -26.12 -44.33 22.23
N GLY B 212 -26.38 -44.90 21.05
CA GLY B 212 -27.58 -44.54 20.32
C GLY B 212 -28.84 -44.87 21.08
N LYS B 213 -28.87 -46.03 21.73
CA LYS B 213 -30.04 -46.41 22.52
C LYS B 213 -30.32 -45.37 23.61
N THR B 214 -29.30 -45.06 24.42
CA THR B 214 -29.53 -44.13 25.52
C THR B 214 -29.84 -42.72 25.00
N LEU B 215 -29.18 -42.31 23.91
CA LEU B 215 -29.47 -41.01 23.33
C LEU B 215 -30.90 -40.92 22.85
N VAL B 216 -31.39 -41.98 22.20
CA VAL B 216 -32.77 -41.98 21.72
C VAL B 216 -33.73 -41.94 22.90
N GLU B 217 -33.39 -42.62 23.99
CA GLU B 217 -34.23 -42.52 25.19
C GLU B 217 -34.28 -41.08 25.69
N LEU B 218 -33.11 -40.46 25.86
CA LEU B 218 -33.08 -39.12 26.46
C LEU B 218 -33.74 -38.09 25.56
N PHE B 219 -33.53 -38.18 24.24
CA PHE B 219 -34.11 -37.22 23.31
C PHE B 219 -35.55 -37.53 22.97
N GLY B 220 -36.03 -38.74 23.25
CA GLY B 220 -37.42 -39.08 23.05
C GLY B 220 -38.25 -38.70 24.26
N LEU B 221 -37.59 -38.53 25.40
CA LEU B 221 -38.24 -37.90 26.54
C LEU B 221 -38.80 -36.55 26.15
N ALA B 222 -38.09 -35.83 25.27
CA ALA B 222 -38.61 -34.60 24.68
C ALA B 222 -39.68 -34.88 23.64
N ARG B 223 -39.55 -35.97 22.88
CA ARG B 223 -40.52 -36.27 21.84
C ARG B 223 -41.87 -36.70 22.39
N GLU B 224 -41.92 -37.22 23.61
CA GLU B 224 -43.17 -37.67 24.20
C GLU B 224 -43.92 -36.55 24.89
N LEU B 225 -44.08 -35.43 24.19
CA LEU B 225 -44.92 -34.32 24.62
C LEU B 225 -46.00 -34.02 23.60
N ASN B 226 -45.65 -33.97 22.31
CA ASN B 226 -46.59 -33.70 21.23
C ASN B 226 -46.19 -34.64 20.10
N VAL B 227 -46.79 -35.83 20.10
CA VAL B 227 -46.41 -36.85 19.11
C VAL B 227 -46.77 -36.40 17.71
N GLU B 228 -47.89 -35.70 17.55
CA GLU B 228 -48.27 -35.19 16.24
C GLU B 228 -47.51 -33.91 15.93
N ALA B 229 -46.18 -33.97 16.02
CA ALA B 229 -45.30 -32.84 15.78
C ALA B 229 -44.84 -32.82 14.32
N GLU B 230 -44.08 -31.79 13.99
CA GLU B 230 -43.45 -31.65 12.69
C GLU B 230 -41.95 -31.49 12.90
N GLY B 231 -41.16 -32.20 12.10
CA GLY B 231 -39.71 -32.12 12.22
C GLY B 231 -39.06 -32.85 11.07
N ILE B 232 -37.73 -32.79 11.06
CA ILE B 232 -36.96 -33.47 10.03
C ILE B 232 -37.16 -34.97 10.16
N GLU B 233 -37.43 -35.64 9.04
CA GLU B 233 -37.47 -37.10 9.02
C GLU B 233 -36.62 -37.60 7.85
N ILE B 234 -35.72 -38.54 8.15
CA ILE B 234 -34.96 -39.17 7.07
C ILE B 234 -35.89 -40.01 6.20
N GLY B 235 -36.90 -40.63 6.82
CA GLY B 235 -37.88 -41.42 6.09
C GLY B 235 -37.43 -42.85 5.88
N SER C 25 -24.54 21.63 32.50
CA SER C 25 -25.59 21.51 31.50
C SER C 25 -25.25 20.42 30.49
N SER C 26 -25.75 19.22 30.74
CA SER C 26 -25.48 18.10 29.85
C SER C 26 -26.22 18.29 28.53
N SER C 27 -25.78 17.52 27.52
CA SER C 27 -26.41 17.50 26.21
C SER C 27 -26.11 18.77 25.42
N ASN C 28 -26.11 18.67 24.09
CA ASN C 28 -25.95 19.84 23.23
C ASN C 28 -27.33 20.49 23.08
N ASN C 29 -27.52 21.60 23.79
CA ASN C 29 -28.85 22.15 24.00
C ASN C 29 -29.31 23.06 22.86
N SER C 30 -28.40 23.75 22.18
CA SER C 30 -28.80 24.76 21.20
C SER C 30 -29.08 24.15 19.83
N VAL C 31 -29.91 23.11 19.82
CA VAL C 31 -30.45 22.53 18.59
C VAL C 31 -31.80 21.95 18.97
N PRO C 32 -32.87 22.24 18.23
CA PRO C 32 -34.22 22.02 18.78
C PRO C 32 -34.58 20.57 18.99
N GLY C 33 -34.44 19.74 17.95
CA GLY C 33 -34.84 18.35 18.04
C GLY C 33 -33.71 17.46 18.48
N ALA C 34 -32.95 17.91 19.46
CA ALA C 34 -31.81 17.15 19.94
C ALA C 34 -32.28 15.92 20.72
N PRO C 35 -31.88 14.70 20.34
CA PRO C 35 -32.08 13.58 21.26
C PRO C 35 -31.28 13.82 22.54
N ASN C 36 -31.87 13.48 23.67
CA ASN C 36 -31.30 13.81 24.97
C ASN C 36 -30.07 12.92 25.19
N ARG C 37 -28.98 13.28 24.50
CA ARG C 37 -27.73 12.53 24.55
C ARG C 37 -26.94 13.03 25.75
N VAL C 38 -27.23 12.47 26.93
CA VAL C 38 -26.54 12.89 28.14
C VAL C 38 -25.04 12.72 27.97
N SER C 39 -24.28 13.63 28.57
CA SER C 39 -22.85 13.72 28.35
C SER C 39 -22.10 13.70 29.67
N PHE C 40 -20.85 13.23 29.61
CA PHE C 40 -19.98 13.15 30.76
C PHE C 40 -19.11 14.39 30.94
N ALA C 41 -19.33 15.43 30.14
CA ALA C 41 -18.43 16.58 30.12
C ALA C 41 -18.38 17.25 31.49
N LYS C 42 -17.16 17.60 31.91
CA LYS C 42 -16.95 18.36 33.14
C LYS C 42 -16.76 19.85 32.89
N LEU C 43 -16.21 20.23 31.74
CA LEU C 43 -15.96 21.63 31.42
C LEU C 43 -17.04 22.15 30.48
N ARG C 44 -17.63 23.28 30.84
CA ARG C 44 -18.53 23.97 29.92
C ARG C 44 -17.75 24.49 28.72
N GLU C 45 -18.44 24.64 27.60
CA GLU C 45 -17.82 25.15 26.39
C GLU C 45 -18.24 26.60 26.20
N PRO C 46 -17.34 27.57 26.39
CA PRO C 46 -17.74 28.98 26.21
C PRO C 46 -18.21 29.30 24.81
N LEU C 47 -17.63 28.65 23.80
CA LEU C 47 -17.86 28.98 22.41
C LEU C 47 -18.41 27.75 21.70
N GLU C 48 -19.59 27.88 21.10
CA GLU C 48 -20.13 26.79 20.29
C GLU C 48 -19.31 26.62 19.02
N VAL C 49 -19.36 25.42 18.47
CA VAL C 49 -18.54 25.13 17.28
C VAL C 49 -18.98 26.04 16.14
N PRO C 50 -18.08 26.53 15.28
CA PRO C 50 -18.51 27.42 14.20
C PRO C 50 -19.24 26.70 13.08
N GLY C 51 -19.50 27.42 12.00
CA GLY C 51 -20.18 26.89 10.83
C GLY C 51 -19.23 26.08 9.96
N LEU C 52 -19.01 24.83 10.33
CA LEU C 52 -17.91 24.01 9.83
C LEU C 52 -17.66 24.16 8.33
N LEU C 53 -18.70 24.49 7.55
CA LEU C 53 -18.53 24.81 6.13
C LEU C 53 -18.47 26.31 5.89
N ASP C 54 -17.95 27.08 6.85
CA ASP C 54 -17.75 28.50 6.64
C ASP C 54 -16.47 28.77 5.85
N VAL C 55 -15.47 27.91 5.97
CA VAL C 55 -14.17 28.18 5.36
C VAL C 55 -14.27 28.29 3.85
N GLN C 56 -15.22 27.59 3.24
CA GLN C 56 -15.43 27.64 1.79
C GLN C 56 -16.52 28.62 1.39
N THR C 57 -17.63 28.64 2.12
CA THR C 57 -18.72 29.55 1.78
C THR C 57 -18.27 31.00 1.90
N ASP C 58 -17.58 31.34 3.00
CA ASP C 58 -17.09 32.70 3.17
C ASP C 58 -16.14 33.09 2.04
N SER C 59 -15.27 32.17 1.65
CA SER C 59 -14.28 32.48 0.61
C SER C 59 -14.96 32.73 -0.74
N PHE C 60 -15.85 31.83 -1.15
CA PHE C 60 -16.50 32.05 -2.44
C PHE C 60 -17.42 33.26 -2.40
N GLU C 61 -18.02 33.54 -1.25
CA GLU C 61 -18.82 34.75 -1.12
C GLU C 61 -17.94 35.99 -1.25
N TRP C 62 -16.72 35.93 -0.71
CA TRP C 62 -15.78 37.03 -0.93
C TRP C 62 -15.51 37.21 -2.41
N LEU C 63 -15.31 36.11 -3.13
CA LEU C 63 -15.10 36.22 -4.57
C LEU C 63 -16.29 36.87 -5.26
N ILE C 64 -17.50 36.44 -4.90
CA ILE C 64 -18.71 37.01 -5.50
C ILE C 64 -18.91 38.45 -5.04
N GLY C 65 -18.62 38.72 -3.78
CA GLY C 65 -19.02 39.97 -3.17
C GLY C 65 -20.39 39.94 -2.54
N SER C 66 -20.91 38.75 -2.24
CA SER C 66 -22.25 38.55 -1.70
C SER C 66 -22.53 39.49 -0.53
N PRO C 67 -23.80 39.81 -0.25
CA PRO C 67 -24.09 40.84 0.76
C PRO C 67 -23.58 40.49 2.15
N ARG C 68 -23.62 39.20 2.50
CA ARG C 68 -23.11 38.77 3.80
C ARG C 68 -21.67 39.22 3.97
N TRP C 69 -20.84 38.98 2.95
CA TRP C 69 -19.45 39.43 3.00
C TRP C 69 -19.37 40.93 3.14
N ARG C 70 -20.20 41.67 2.40
CA ARG C 70 -20.12 43.12 2.44
C ARG C 70 -20.38 43.64 3.85
N GLU C 71 -21.49 43.23 4.46
CA GLU C 71 -21.83 43.78 5.77
C GLU C 71 -20.91 43.24 6.86
N SER C 72 -20.47 41.99 6.75
CA SER C 72 -19.53 41.46 7.74
C SER C 72 -18.20 42.17 7.67
N ALA C 73 -17.68 42.38 6.46
CA ALA C 73 -16.46 43.15 6.29
C ALA C 73 -16.63 44.56 6.85
N ALA C 74 -17.79 45.18 6.60
CA ALA C 74 -18.07 46.47 7.21
C ALA C 74 -17.97 46.38 8.73
N GLU C 75 -18.45 45.28 9.31
CA GLU C 75 -18.31 45.08 10.75
C GLU C 75 -16.85 44.91 11.17
N ARG C 76 -15.98 44.44 10.28
CA ARG C 76 -14.61 44.07 10.65
C ARG C 76 -13.61 44.64 9.66
N GLY C 77 -13.65 45.95 9.43
CA GLY C 77 -12.75 46.56 8.45
C GLY C 77 -13.41 47.31 7.31
N ASP C 78 -14.49 48.01 7.62
CA ASP C 78 -15.25 48.78 6.63
C ASP C 78 -14.41 49.72 5.76
N VAL C 79 -13.16 49.97 6.15
CA VAL C 79 -12.33 50.90 5.38
C VAL C 79 -12.14 50.41 3.94
N ASN C 80 -11.96 49.10 3.76
CA ASN C 80 -11.57 48.53 2.47
C ASN C 80 -12.46 47.34 2.11
N PRO C 81 -13.74 47.58 1.79
CA PRO C 81 -14.60 46.51 1.31
C PRO C 81 -14.43 46.32 -0.20
N VAL C 82 -13.81 45.21 -0.58
CA VAL C 82 -13.60 44.91 -2.00
C VAL C 82 -13.66 43.40 -2.19
N GLY C 83 -14.45 42.96 -3.15
CA GLY C 83 -14.54 41.55 -3.46
C GLY C 83 -13.37 41.07 -4.30
N GLY C 84 -13.33 39.76 -4.53
CA GLY C 84 -12.23 39.20 -5.31
C GLY C 84 -12.21 39.70 -6.74
N LEU C 85 -13.35 39.62 -7.41
CA LEU C 85 -13.41 40.08 -8.80
C LEU C 85 -13.22 41.59 -8.89
N GLU C 86 -13.73 42.33 -7.90
CA GLU C 86 -13.50 43.77 -7.89
C GLU C 86 -12.01 44.07 -7.78
N GLU C 87 -11.31 43.36 -6.90
CA GLU C 87 -9.87 43.57 -6.77
C GLU C 87 -9.14 43.21 -8.06
N VAL C 88 -9.54 42.10 -8.70
CA VAL C 88 -8.88 41.70 -9.94
C VAL C 88 -9.07 42.78 -11.00
N LEU C 89 -10.30 43.26 -11.15
CA LEU C 89 -10.57 44.30 -12.15
C LEU C 89 -9.78 45.56 -11.86
N TYR C 90 -9.78 46.01 -10.59
CA TYR C 90 -9.10 47.25 -10.26
C TYR C 90 -7.61 47.14 -10.49
N GLU C 91 -7.01 46.01 -10.12
CA GLU C 91 -5.59 45.79 -10.44
C GLU C 91 -5.38 45.82 -11.93
N LEU C 92 -6.29 45.21 -12.70
CA LEU C 92 -6.10 45.06 -14.13
C LEU C 92 -6.28 46.40 -14.85
N SER C 93 -7.42 47.04 -14.65
CA SER C 93 -7.68 48.30 -15.30
C SER C 93 -6.74 49.38 -14.76
N PRO C 94 -6.39 50.39 -15.58
CA PRO C 94 -6.77 50.61 -16.98
C PRO C 94 -5.91 49.80 -17.96
N ILE C 95 -6.39 49.62 -19.18
CA ILE C 95 -5.65 48.94 -20.25
C ILE C 95 -5.44 49.97 -21.35
N GLU C 96 -4.20 50.41 -21.52
CA GLU C 96 -3.90 51.53 -22.41
C GLU C 96 -2.78 51.14 -23.36
N ASP C 97 -2.77 51.82 -24.50
CA ASP C 97 -1.72 51.63 -25.50
C ASP C 97 -0.41 52.25 -25.02
N PHE C 98 0.68 51.82 -25.65
CA PHE C 98 1.98 52.41 -25.34
C PHE C 98 2.00 53.89 -25.70
N SER C 99 1.39 54.25 -26.83
CA SER C 99 1.30 55.65 -27.22
C SER C 99 0.46 56.47 -26.24
N GLY C 100 -0.38 55.83 -25.44
CA GLY C 100 -1.19 56.54 -24.47
C GLY C 100 -2.37 57.29 -25.06
N SER C 101 -2.80 56.92 -26.27
CA SER C 101 -3.91 57.62 -26.91
C SER C 101 -5.28 57.16 -26.43
N MET C 102 -5.37 56.02 -25.75
CA MET C 102 -6.65 55.53 -25.24
C MET C 102 -6.38 54.66 -24.02
N SER C 103 -7.47 54.21 -23.40
CA SER C 103 -7.39 53.25 -22.30
C SER C 103 -8.71 52.51 -22.20
N LEU C 104 -8.67 51.36 -21.54
CA LEU C 104 -9.86 50.56 -21.28
C LEU C 104 -9.88 50.15 -19.82
N SER C 105 -11.08 50.14 -19.23
CA SER C 105 -11.25 49.87 -17.81
C SER C 105 -12.48 49.00 -17.61
N PHE C 106 -12.54 48.35 -16.45
CA PHE C 106 -13.65 47.48 -16.09
C PHE C 106 -14.19 47.88 -14.72
N SER C 107 -15.44 47.53 -14.47
CA SER C 107 -16.07 47.80 -13.18
C SER C 107 -17.41 47.06 -13.13
N ASP C 108 -18.08 47.17 -11.99
CA ASP C 108 -19.44 46.68 -11.81
C ASP C 108 -19.52 45.19 -12.11
N PRO C 109 -18.87 44.33 -11.32
CA PRO C 109 -19.03 42.88 -11.51
C PRO C 109 -20.35 42.40 -10.94
N ARG C 110 -21.27 42.00 -11.83
CA ARG C 110 -22.61 41.60 -11.47
C ARG C 110 -22.83 40.15 -11.85
N PHE C 111 -23.54 39.42 -11.00
CA PHE C 111 -23.86 38.01 -11.22
C PHE C 111 -25.37 37.85 -11.40
N ASP C 112 -25.77 37.23 -12.50
CA ASP C 112 -27.18 36.94 -12.72
C ASP C 112 -27.58 35.70 -11.92
N ASP C 113 -28.88 35.45 -11.88
CA ASP C 113 -29.38 34.25 -11.21
C ASP C 113 -28.94 33.01 -11.97
N VAL C 114 -28.77 31.91 -11.24
CA VAL C 114 -28.26 30.69 -11.84
C VAL C 114 -29.23 30.20 -12.91
N LYS C 115 -28.67 29.66 -14.00
CA LYS C 115 -29.48 29.30 -15.15
C LYS C 115 -30.46 28.17 -14.83
N ALA C 116 -30.01 27.17 -14.09
CA ALA C 116 -30.84 26.04 -13.71
C ALA C 116 -30.48 25.63 -12.29
N PRO C 117 -31.42 25.01 -11.57
CA PRO C 117 -31.16 24.70 -10.15
C PRO C 117 -30.14 23.59 -9.96
N VAL C 118 -29.88 23.23 -8.71
CA VAL C 118 -28.74 22.37 -8.40
C VAL C 118 -28.98 20.95 -8.91
N ASP C 119 -30.12 20.37 -8.56
CA ASP C 119 -30.38 18.97 -8.95
C ASP C 119 -30.53 18.85 -10.46
N GLU C 120 -31.19 19.82 -11.10
CA GLU C 120 -31.33 19.77 -12.55
C GLU C 120 -29.96 19.81 -13.22
N CYS C 121 -29.07 20.67 -12.75
CA CYS C 121 -27.73 20.75 -13.31
C CYS C 121 -26.96 19.47 -13.08
N LYS C 122 -27.10 18.86 -11.90
CA LYS C 122 -26.42 17.60 -11.62
C LYS C 122 -26.92 16.51 -12.56
N ASP C 123 -28.21 16.48 -12.84
CA ASP C 123 -28.78 15.40 -13.66
C ASP C 123 -28.40 15.55 -15.13
N LYS C 124 -28.52 16.76 -15.67
CA LYS C 124 -28.43 16.98 -17.11
C LYS C 124 -27.01 17.24 -17.59
N ASP C 125 -26.00 16.87 -16.81
CA ASP C 125 -24.59 17.06 -17.14
C ASP C 125 -24.22 18.54 -17.30
N MET C 126 -25.07 19.44 -16.82
CA MET C 126 -24.85 20.87 -16.97
C MET C 126 -24.01 21.40 -15.82
N THR C 127 -23.06 22.27 -16.13
CA THR C 127 -22.30 22.95 -15.10
C THR C 127 -23.18 23.97 -14.40
N TYR C 128 -23.18 23.94 -13.07
CA TYR C 128 -24.02 24.84 -12.28
C TYR C 128 -23.30 26.17 -12.17
N ALA C 129 -23.62 27.07 -13.10
CA ALA C 129 -22.94 28.35 -13.22
C ALA C 129 -23.99 29.46 -13.34
N ALA C 130 -23.49 30.70 -13.30
CA ALA C 130 -24.29 31.88 -13.54
C ALA C 130 -23.56 32.79 -14.50
N PRO C 131 -24.25 33.49 -15.40
CA PRO C 131 -23.55 34.44 -16.26
C PRO C 131 -22.91 35.56 -15.45
N LEU C 132 -21.78 36.04 -15.95
CA LEU C 132 -21.06 37.15 -15.35
C LEU C 132 -21.11 38.35 -16.31
N PHE C 133 -21.50 39.50 -15.77
CA PHE C 133 -21.57 40.73 -16.56
C PHE C 133 -20.70 41.79 -15.89
N VAL C 134 -19.80 42.38 -16.66
CA VAL C 134 -18.89 43.41 -16.19
C VAL C 134 -18.97 44.58 -17.15
N THR C 135 -19.12 45.78 -16.60
CA THR C 135 -19.26 46.98 -17.43
C THR C 135 -17.89 47.54 -17.79
N ALA C 136 -17.73 47.90 -19.05
CA ALA C 136 -16.47 48.41 -19.57
C ALA C 136 -16.50 49.94 -19.66
N GLU C 137 -15.32 50.51 -19.85
CA GLU C 137 -15.16 51.95 -20.06
C GLU C 137 -13.98 52.14 -20.98
N PHE C 138 -14.25 52.44 -22.26
CA PHE C 138 -13.20 52.60 -23.28
C PHE C 138 -13.03 54.11 -23.48
N ILE C 139 -12.05 54.67 -22.77
CA ILE C 139 -11.74 56.10 -22.77
C ILE C 139 -10.81 56.39 -23.93
N ASN C 140 -11.05 57.52 -24.60
CA ASN C 140 -10.16 58.02 -25.64
C ASN C 140 -9.51 59.31 -25.19
N ASN C 141 -8.27 59.53 -25.63
CA ASN C 141 -7.49 60.70 -25.27
C ASN C 141 -7.27 61.66 -26.43
N ASN C 142 -7.05 61.15 -27.63
CA ASN C 142 -6.76 62.03 -28.76
C ASN C 142 -7.94 62.93 -29.08
N THR C 143 -9.17 62.42 -28.95
CA THR C 143 -10.38 63.20 -29.18
C THR C 143 -11.23 63.37 -27.94
N GLY C 144 -11.37 62.32 -27.12
CA GLY C 144 -12.07 62.44 -25.87
C GLY C 144 -13.48 61.90 -25.91
N GLU C 145 -13.67 60.68 -25.42
CA GLU C 145 -14.98 60.08 -25.23
C GLU C 145 -14.79 58.77 -24.49
N ILE C 146 -15.78 58.39 -23.69
CA ILE C 146 -15.73 57.15 -22.92
C ILE C 146 -16.90 56.27 -23.33
N LYS C 147 -16.60 54.98 -23.51
CA LYS C 147 -17.52 54.01 -24.10
C LYS C 147 -17.83 52.95 -23.04
N SER C 148 -19.11 52.72 -22.74
CA SER C 148 -19.49 51.76 -21.71
C SER C 148 -20.56 50.79 -22.21
N GLN C 149 -20.44 49.53 -21.81
CA GLN C 149 -21.40 48.49 -22.15
C GLN C 149 -21.60 47.57 -20.95
N THR C 150 -22.30 46.46 -21.18
CA THR C 150 -22.39 45.35 -20.23
C THR C 150 -21.91 44.11 -20.97
N VAL C 151 -20.73 43.63 -20.60
CA VAL C 151 -20.01 42.60 -21.36
C VAL C 151 -20.26 41.24 -20.73
N PHE C 152 -20.77 40.31 -21.54
CA PHE C 152 -20.91 38.91 -21.14
C PHE C 152 -19.51 38.40 -20.84
N MET C 153 -19.30 37.86 -19.65
CA MET C 153 -17.98 37.42 -19.21
C MET C 153 -18.02 35.95 -18.77
N GLY C 154 -18.60 35.08 -19.59
CA GLY C 154 -18.60 33.66 -19.36
C GLY C 154 -19.56 33.21 -18.28
N ASP C 155 -19.86 31.91 -18.31
CA ASP C 155 -20.70 31.27 -17.29
C ASP C 155 -19.81 30.91 -16.12
N PHE C 156 -19.73 31.82 -15.16
CA PHE C 156 -18.88 31.59 -14.00
C PHE C 156 -19.49 30.48 -13.16
N PRO C 157 -18.78 29.38 -12.89
CA PRO C 157 -19.34 28.35 -12.02
C PRO C 157 -19.67 28.90 -10.64
N MET C 158 -20.78 28.43 -10.09
CA MET C 158 -21.36 28.98 -8.88
C MET C 158 -21.38 27.91 -7.79
N MET C 159 -20.93 28.28 -6.60
CA MET C 159 -20.89 27.35 -5.48
C MET C 159 -22.29 27.02 -5.01
N THR C 160 -22.50 25.76 -4.65
CA THR C 160 -23.80 25.32 -4.13
C THR C 160 -23.93 25.76 -2.68
N GLU C 161 -24.94 25.24 -1.97
CA GLU C 161 -25.21 25.66 -0.61
C GLU C 161 -24.28 25.02 0.41
N LYS C 162 -23.56 23.95 0.04
CA LYS C 162 -22.67 23.24 0.96
C LYS C 162 -21.21 23.61 0.76
N GLY C 163 -20.78 23.80 -0.49
CA GLY C 163 -19.39 24.05 -0.78
C GLY C 163 -18.87 23.29 -1.98
N THR C 164 -19.77 22.60 -2.68
CA THR C 164 -19.43 21.76 -3.82
C THR C 164 -19.89 22.45 -5.10
N PHE C 165 -18.99 22.55 -6.08
CA PHE C 165 -19.35 23.05 -7.41
C PHE C 165 -19.81 21.90 -8.27
N ILE C 166 -20.96 22.03 -8.91
CA ILE C 166 -21.42 21.01 -9.85
C ILE C 166 -20.87 21.35 -11.23
N ILE C 167 -19.82 20.63 -11.62
CA ILE C 167 -19.08 20.89 -12.85
C ILE C 167 -19.30 19.71 -13.79
N ASN C 168 -19.78 20.02 -14.99
CA ASN C 168 -20.06 19.02 -16.02
C ASN C 168 -20.78 17.81 -15.44
N GLY C 169 -21.80 18.08 -14.66
CA GLY C 169 -22.59 17.02 -14.05
C GLY C 169 -22.06 16.49 -12.74
N THR C 170 -20.75 16.29 -12.66
CA THR C 170 -20.16 15.75 -11.44
C THR C 170 -20.13 16.81 -10.35
N GLU C 171 -19.84 16.37 -9.13
CA GLU C 171 -19.69 17.24 -7.98
C GLU C 171 -18.21 17.32 -7.61
N ARG C 172 -17.69 18.53 -7.49
CA ARG C 172 -16.28 18.77 -7.23
C ARG C 172 -16.12 19.66 -6.01
N VAL C 173 -15.00 19.47 -5.32
CA VAL C 173 -14.62 20.28 -4.16
C VAL C 173 -13.26 20.87 -4.44
N VAL C 174 -13.13 22.17 -4.24
CA VAL C 174 -11.84 22.85 -4.40
C VAL C 174 -11.20 22.89 -3.03
N VAL C 175 -10.26 21.99 -2.79
CA VAL C 175 -9.63 21.89 -1.48
C VAL C 175 -8.73 23.08 -1.25
N SER C 176 -8.79 23.64 -0.04
CA SER C 176 -7.91 24.74 0.31
C SER C 176 -6.46 24.27 0.27
N GLN C 177 -5.56 25.16 -0.17
CA GLN C 177 -4.15 24.84 -0.31
C GLN C 177 -3.34 25.53 0.78
N LEU C 178 -2.20 24.95 1.11
CA LEU C 178 -1.23 25.56 2.02
C LEU C 178 -0.02 26.02 1.21
N VAL C 179 0.32 27.30 1.32
CA VAL C 179 1.41 27.90 0.57
C VAL C 179 2.25 28.71 1.55
N ARG C 180 3.51 28.95 1.16
CA ARG C 180 4.37 29.84 1.93
C ARG C 180 4.08 31.27 1.53
N SER C 181 3.68 32.09 2.50
CA SER C 181 3.28 33.45 2.20
C SER C 181 4.47 34.22 1.64
N PRO C 182 4.27 35.07 0.63
CA PRO C 182 5.38 35.90 0.14
C PRO C 182 5.85 36.85 1.21
N GLY C 183 7.14 37.16 1.17
CA GLY C 183 7.73 38.06 2.15
C GLY C 183 9.23 37.91 2.25
N VAL C 184 9.76 38.02 3.46
CA VAL C 184 11.19 37.94 3.73
C VAL C 184 11.41 36.85 4.76
N TYR C 185 12.35 35.93 4.46
CA TYR C 185 12.64 34.80 5.33
C TYR C 185 14.15 34.70 5.49
N PHE C 186 14.62 34.75 6.73
CA PHE C 186 16.04 34.62 7.05
C PHE C 186 16.29 33.25 7.64
N ASP C 187 17.31 32.56 7.13
CA ASP C 187 17.66 31.23 7.60
C ASP C 187 19.17 31.10 7.70
N GLU C 188 19.60 30.31 8.68
CA GLU C 188 21.02 30.05 8.92
C GLU C 188 21.35 28.62 8.54
N THR C 189 22.46 28.45 7.82
CA THR C 189 22.97 27.14 7.43
C THR C 189 24.36 26.95 8.05
N ILE C 190 24.54 25.85 8.75
CA ILE C 190 25.83 25.56 9.37
C ILE C 190 26.78 25.01 8.30
N ASP C 191 27.97 25.60 8.21
CA ASP C 191 28.97 25.17 7.25
C ASP C 191 29.77 24.05 7.89
N LYS C 192 29.48 22.81 7.47
CA LYS C 192 30.18 21.65 8.03
C LYS C 192 31.68 21.71 7.70
N SER C 193 32.02 22.10 6.48
CA SER C 193 33.41 22.17 6.06
C SER C 193 34.19 23.26 6.77
N THR C 194 33.52 24.21 7.43
CA THR C 194 34.18 25.31 8.10
C THR C 194 33.68 25.55 9.52
N ASP C 195 32.56 24.95 9.92
CA ASP C 195 31.98 25.18 11.24
C ASP C 195 31.70 26.67 11.46
N LYS C 196 31.22 27.34 10.42
CA LYS C 196 30.87 28.75 10.48
C LYS C 196 29.46 28.92 9.93
N THR C 197 28.54 29.40 10.77
CA THR C 197 27.18 29.62 10.33
C THR C 197 27.13 30.70 9.26
N LEU C 198 26.31 30.47 8.23
CA LEU C 198 26.07 31.46 7.17
C LEU C 198 24.59 31.81 7.21
N HIS C 199 24.30 33.10 7.27
CA HIS C 199 22.92 33.58 7.30
C HIS C 199 22.55 34.11 5.92
N SER C 200 21.36 33.74 5.45
CA SER C 200 20.90 34.15 4.13
C SER C 200 19.42 34.49 4.21
N VAL C 201 18.92 35.14 3.16
CA VAL C 201 17.53 35.52 3.04
C VAL C 201 17.00 35.06 1.69
N LYS C 202 15.68 35.00 1.59
CA LYS C 202 15.00 34.67 0.34
C LYS C 202 13.74 35.54 0.27
N VAL C 203 13.86 36.69 -0.38
CA VAL C 203 12.72 37.57 -0.61
C VAL C 203 11.89 36.99 -1.74
N ILE C 204 10.73 36.44 -1.41
CA ILE C 204 9.94 35.62 -2.31
C ILE C 204 8.61 36.32 -2.55
N PRO C 205 8.35 36.86 -3.76
CA PRO C 205 7.11 37.59 -4.00
C PRO C 205 5.99 36.66 -4.43
N SER C 206 4.87 37.22 -4.89
CA SER C 206 3.96 36.51 -5.77
C SER C 206 4.13 37.04 -7.19
N ARG C 207 4.33 36.12 -8.13
CA ARG C 207 4.47 36.42 -9.56
C ARG C 207 5.61 37.39 -9.84
N GLY C 208 6.68 37.31 -9.04
CA GLY C 208 7.83 38.16 -9.25
C GLY C 208 9.14 37.40 -9.36
N ALA C 209 10.26 38.12 -9.23
CA ALA C 209 11.58 37.55 -9.38
C ALA C 209 12.21 37.31 -8.01
N TRP C 210 12.74 36.12 -7.80
CA TRP C 210 13.46 35.83 -6.57
C TRP C 210 14.74 36.63 -6.50
N LEU C 211 15.28 36.73 -5.29
CA LEU C 211 16.56 37.40 -5.09
C LEU C 211 17.08 37.11 -3.69
N GLU C 212 18.38 36.81 -3.58
CA GLU C 212 18.99 36.42 -2.31
C GLU C 212 20.11 37.37 -1.89
N PHE C 213 20.15 37.66 -0.59
CA PHE C 213 21.17 38.47 0.11
C PHE C 213 21.84 37.53 1.09
N ASP C 214 22.83 36.79 0.63
CA ASP C 214 23.40 35.71 1.41
C ASP C 214 24.81 36.06 1.86
N VAL C 215 25.41 35.10 2.57
CA VAL C 215 26.81 35.16 2.98
C VAL C 215 27.48 33.86 2.56
N ASP C 216 28.64 33.96 1.91
CA ASP C 216 29.39 32.79 1.50
C ASP C 216 30.17 32.26 2.69
N LYS C 217 31.07 31.31 2.44
CA LYS C 217 31.94 30.81 3.50
C LYS C 217 32.82 31.92 4.06
N ARG C 218 33.20 32.88 3.23
CA ARG C 218 34.10 33.95 3.64
C ARG C 218 33.27 35.11 4.20
N ASP C 219 33.98 36.18 4.61
CA ASP C 219 33.34 37.34 5.20
C ASP C 219 32.91 38.33 4.12
N THR C 220 32.09 37.83 3.20
CA THR C 220 31.51 38.62 2.13
C THR C 220 29.98 38.48 2.18
N VAL C 221 29.32 39.05 1.18
CA VAL C 221 27.88 39.00 1.07
C VAL C 221 27.52 38.99 -0.42
N GLY C 222 26.66 38.06 -0.81
CA GLY C 222 26.29 37.89 -2.21
C GLY C 222 24.86 38.29 -2.51
N VAL C 223 24.65 38.78 -3.73
CA VAL C 223 23.33 39.13 -4.23
C VAL C 223 23.05 38.27 -5.45
N ARG C 224 21.89 37.65 -5.46
CA ARG C 224 21.38 36.99 -6.67
C ARG C 224 20.09 37.68 -7.07
N ILE C 225 20.01 38.03 -8.35
CA ILE C 225 18.79 38.57 -8.98
C ILE C 225 18.31 37.51 -9.94
N ASP C 226 17.09 37.02 -9.74
CA ASP C 226 16.57 35.90 -10.52
C ASP C 226 17.54 34.71 -10.50
N ARG C 227 18.29 34.58 -9.41
CA ARG C 227 19.22 33.46 -9.21
C ARG C 227 20.28 33.42 -10.31
N LYS C 228 21.13 34.44 -10.32
CA LYS C 228 22.16 34.60 -11.35
C LYS C 228 23.55 34.59 -10.71
N ARG C 229 24.09 33.38 -10.51
CA ARG C 229 25.49 33.15 -10.17
C ARG C 229 26.09 34.13 -9.16
N ARG C 230 25.34 34.41 -8.10
CA ARG C 230 25.79 35.30 -7.03
C ARG C 230 26.34 36.63 -7.54
N GLN C 231 26.64 37.53 -6.63
CA GLN C 231 27.44 38.71 -6.94
C GLN C 231 27.63 39.49 -5.65
N PRO C 232 28.80 40.08 -5.39
CA PRO C 232 28.91 41.01 -4.26
C PRO C 232 27.79 42.03 -4.23
N VAL C 233 27.26 42.30 -3.04
CA VAL C 233 26.08 43.14 -2.90
C VAL C 233 26.34 44.56 -3.40
N THR C 234 27.62 44.96 -3.43
CA THR C 234 27.96 46.36 -3.61
C THR C 234 27.49 46.89 -4.96
N VAL C 235 27.63 46.08 -6.00
CA VAL C 235 27.22 46.45 -7.35
C VAL C 235 25.78 46.92 -7.32
N LEU C 236 24.99 46.34 -6.42
CA LEU C 236 23.60 46.74 -6.21
C LEU C 236 23.48 48.04 -5.43
N LEU C 237 24.21 48.15 -4.32
CA LEU C 237 24.17 49.38 -3.52
C LEU C 237 24.51 50.58 -4.39
N LYS C 238 25.62 50.51 -5.14
CA LYS C 238 25.94 51.60 -6.04
C LYS C 238 24.94 51.72 -7.18
N ALA C 239 24.36 50.59 -7.62
CA ALA C 239 23.40 50.64 -8.72
C ALA C 239 22.17 51.44 -8.33
N LEU C 240 21.64 51.21 -7.12
CA LEU C 240 20.49 51.97 -6.66
C LEU C 240 20.81 53.45 -6.51
N GLY C 241 22.09 53.81 -6.44
CA GLY C 241 22.49 55.20 -6.38
C GLY C 241 23.05 55.57 -5.01
N TRP C 242 23.71 54.61 -4.36
CA TRP C 242 24.28 54.84 -3.04
C TRP C 242 25.80 54.92 -3.15
N THR C 243 26.36 56.05 -2.69
CA THR C 243 27.79 56.29 -2.82
C THR C 243 28.57 55.49 -1.76
N SER C 244 29.89 55.39 -2.00
CA SER C 244 30.75 54.65 -1.07
C SER C 244 30.73 55.28 0.31
N GLU C 245 30.87 56.61 0.38
CA GLU C 245 30.83 57.28 1.68
C GLU C 245 29.48 57.05 2.36
N GLN C 246 28.39 57.15 1.60
CA GLN C 246 27.07 56.98 2.20
C GLN C 246 26.81 55.51 2.54
N ILE C 247 27.34 54.58 1.74
CA ILE C 247 27.25 53.18 2.11
C ILE C 247 27.96 52.94 3.43
N VAL C 248 29.14 53.52 3.60
CA VAL C 248 29.87 53.41 4.87
C VAL C 248 29.04 54.03 5.99
N GLU C 249 28.41 55.18 5.72
CA GLU C 249 27.59 55.84 6.73
C GLU C 249 26.44 54.96 7.17
N ARG C 250 25.78 54.29 6.22
CA ARG C 250 24.67 53.43 6.59
C ARG C 250 25.14 52.22 7.38
N PHE C 251 26.25 51.61 6.97
CA PHE C 251 26.87 50.48 7.67
C PHE C 251 28.17 50.99 8.29
N GLY C 252 28.06 51.58 9.48
CA GLY C 252 29.22 52.12 10.17
C GLY C 252 29.62 51.32 11.39
N PHE C 253 29.14 50.08 11.47
CA PHE C 253 29.35 49.23 12.64
C PHE C 253 29.92 47.86 12.30
N SER C 254 29.54 47.29 11.15
CA SER C 254 29.94 45.93 10.83
C SER C 254 31.33 45.90 10.21
N GLU C 255 32.20 45.07 10.80
CA GLU C 255 33.52 44.85 10.20
C GLU C 255 33.39 44.22 8.82
N ILE C 256 32.39 43.34 8.65
CA ILE C 256 32.24 42.62 7.40
C ILE C 256 31.94 43.59 6.26
N MET C 257 31.16 44.63 6.54
CA MET C 257 30.75 45.55 5.48
C MET C 257 31.88 46.47 5.06
N ARG C 258 32.71 46.93 6.01
CA ARG C 258 33.90 47.68 5.62
C ARG C 258 34.87 46.78 4.85
N SER C 259 34.97 45.50 5.24
CA SER C 259 35.81 44.58 4.49
C SER C 259 35.32 44.44 3.05
N THR C 260 34.01 44.19 2.87
CA THR C 260 33.47 44.13 1.52
C THR C 260 33.75 45.43 0.78
N LEU C 261 33.48 46.57 1.42
CA LEU C 261 33.74 47.86 0.79
C LEU C 261 35.17 47.94 0.27
N GLU C 262 36.12 47.42 1.05
CA GLU C 262 37.49 47.32 0.54
C GLU C 262 37.58 46.37 -0.64
N LYS C 263 36.71 45.36 -0.70
CA LYS C 263 36.74 44.35 -1.75
C LYS C 263 35.71 44.58 -2.85
N ASP C 264 34.98 45.71 -2.84
CA ASP C 264 33.96 45.93 -3.88
C ASP C 264 34.53 45.79 -5.28
N ASN C 265 35.75 46.28 -5.51
CA ASN C 265 36.40 46.23 -6.81
C ASN C 265 35.47 46.71 -7.93
N THR C 266 34.71 47.77 -7.64
CA THR C 266 33.82 48.36 -8.63
C THR C 266 33.60 49.83 -8.27
N VAL C 267 33.92 50.72 -9.20
CA VAL C 267 33.75 52.15 -9.02
C VAL C 267 32.84 52.66 -10.14
N GLY C 268 31.82 53.43 -9.76
CA GLY C 268 30.88 53.95 -10.73
C GLY C 268 29.55 53.23 -10.70
N THR C 269 28.47 53.97 -10.43
CA THR C 269 27.15 53.37 -10.39
C THR C 269 26.76 52.79 -11.73
N ASP C 270 27.03 53.54 -12.81
CA ASP C 270 26.73 53.04 -14.15
C ASP C 270 27.55 51.81 -14.48
N GLU C 271 28.78 51.73 -13.97
CA GLU C 271 29.59 50.54 -14.19
C GLU C 271 28.92 49.31 -13.60
N ALA C 272 28.41 49.44 -12.37
CA ALA C 272 27.69 48.32 -11.76
C ALA C 272 26.42 48.01 -12.54
N LEU C 273 25.71 49.05 -12.99
CA LEU C 273 24.47 48.82 -13.73
C LEU C 273 24.73 48.03 -15.00
N LEU C 274 25.73 48.45 -15.78
CA LEU C 274 26.02 47.75 -17.04
C LEU C 274 26.60 46.36 -16.78
N ASP C 275 27.39 46.19 -15.70
CA ASP C 275 27.86 44.85 -15.37
C ASP C 275 26.70 43.93 -15.04
N ILE C 276 25.73 44.41 -14.26
CA ILE C 276 24.58 43.59 -13.92
C ILE C 276 23.75 43.31 -15.17
N TYR C 277 23.66 44.28 -16.08
CA TYR C 277 22.93 44.06 -17.32
C TYR C 277 23.58 42.96 -18.14
N ARG C 278 24.90 43.02 -18.30
CA ARG C 278 25.60 41.99 -19.04
C ARG C 278 25.41 40.63 -18.37
N LYS C 279 25.45 40.61 -17.03
CA LYS C 279 25.24 39.35 -16.31
C LYS C 279 23.85 38.78 -16.59
N LEU C 280 22.82 39.60 -16.38
CA LEU C 280 21.44 39.13 -16.57
C LEU C 280 21.09 38.97 -18.04
N ARG C 281 21.68 39.79 -18.91
CA ARG C 281 21.37 39.80 -20.34
C ARG C 281 22.66 39.68 -21.13
N PRO C 282 23.31 38.52 -21.08
CA PRO C 282 24.53 38.33 -21.88
C PRO C 282 24.24 38.50 -23.36
N GLY C 283 25.17 39.17 -24.05
CA GLY C 283 25.00 39.45 -25.46
C GLY C 283 24.17 40.67 -25.78
N GLU C 284 23.44 41.21 -24.81
CA GLU C 284 22.62 42.40 -25.02
C GLU C 284 23.48 43.64 -24.80
N PRO C 285 23.49 44.60 -25.73
CA PRO C 285 24.39 45.76 -25.58
C PRO C 285 24.00 46.61 -24.39
N PRO C 286 24.81 46.65 -23.33
CA PRO C 286 24.44 47.45 -22.17
C PRO C 286 24.48 48.94 -22.47
N THR C 287 23.60 49.67 -21.80
CA THR C 287 23.56 51.12 -21.92
C THR C 287 22.90 51.69 -20.66
N LYS C 288 23.16 52.97 -20.41
CA LYS C 288 22.77 53.57 -19.13
C LYS C 288 21.26 53.62 -18.96
N GLU C 289 20.55 54.17 -19.94
CA GLU C 289 19.10 54.32 -19.80
C GLU C 289 18.42 52.95 -19.72
N SER C 290 18.89 52.00 -20.51
CA SER C 290 18.30 50.66 -20.48
C SER C 290 18.44 50.03 -19.10
N ALA C 291 19.64 50.11 -18.51
CA ALA C 291 19.85 49.55 -17.18
C ALA C 291 19.02 50.28 -16.14
N GLN C 292 18.96 51.61 -16.24
CA GLN C 292 18.19 52.40 -15.28
C GLN C 292 16.72 51.98 -15.32
N THR C 293 16.17 51.78 -16.51
CA THR C 293 14.78 51.35 -16.62
C THR C 293 14.60 49.92 -16.14
N LEU C 294 15.52 49.02 -16.52
CA LEU C 294 15.35 47.61 -16.18
C LEU C 294 15.42 47.38 -14.68
N LEU C 295 16.55 47.72 -14.06
CA LEU C 295 16.74 47.40 -12.65
C LEU C 295 15.61 47.98 -11.81
N GLU C 296 15.07 49.14 -12.20
CA GLU C 296 13.91 49.69 -11.51
C GLU C 296 12.67 48.85 -11.78
N ASN C 297 12.42 48.50 -13.05
CA ASN C 297 11.21 47.77 -13.40
C ASN C 297 11.21 46.38 -12.80
N LEU C 298 12.38 45.76 -12.66
CA LEU C 298 12.43 44.42 -12.08
C LEU C 298 11.78 44.38 -10.71
N PHE C 299 12.02 45.39 -9.87
CA PHE C 299 11.65 45.34 -8.46
C PHE C 299 10.74 46.48 -7.98
N PHE C 300 10.49 47.50 -8.80
CA PHE C 300 9.75 48.67 -8.34
C PHE C 300 8.54 49.03 -9.20
N LYS C 301 8.40 48.45 -10.38
CA LYS C 301 7.17 48.59 -11.15
C LYS C 301 6.23 47.44 -10.81
N GLU C 302 5.00 47.77 -10.44
CA GLU C 302 4.05 46.76 -9.96
C GLU C 302 3.60 45.80 -11.05
N LYS C 303 3.93 46.07 -12.32
CA LYS C 303 3.41 45.24 -13.40
C LYS C 303 3.96 43.82 -13.32
N ARG C 304 5.28 43.67 -13.16
CA ARG C 304 5.91 42.36 -13.16
C ARG C 304 6.48 41.95 -11.80
N TYR C 305 6.44 42.81 -10.80
CA TYR C 305 6.87 42.46 -9.45
C TYR C 305 5.83 43.00 -8.48
N ASP C 306 5.01 42.11 -7.93
CA ASP C 306 3.97 42.52 -7.01
C ASP C 306 3.82 41.40 -5.99
N LEU C 307 4.44 41.56 -4.83
CA LEU C 307 4.08 40.78 -3.66
C LEU C 307 2.78 41.33 -3.10
N ALA C 308 1.81 40.46 -2.88
CA ALA C 308 0.45 40.90 -2.60
C ALA C 308 0.38 41.61 -1.25
N ARG C 309 -0.84 41.99 -0.89
CA ARG C 309 -1.04 42.74 0.35
C ARG C 309 -0.50 41.97 1.55
N VAL C 310 -0.68 40.65 1.55
CA VAL C 310 -0.12 39.82 2.61
C VAL C 310 1.40 39.96 2.63
N GLY C 311 2.02 39.97 1.45
CA GLY C 311 3.47 40.10 1.40
C GLY C 311 3.95 41.44 1.95
N ARG C 312 3.26 42.52 1.59
CA ARG C 312 3.66 43.83 2.09
C ARG C 312 3.48 43.89 3.61
N TYR C 313 2.38 43.35 4.13
CA TYR C 313 2.20 43.31 5.58
C TYR C 313 3.32 42.52 6.23
N LYS C 314 3.68 41.36 5.66
CA LYS C 314 4.73 40.55 6.25
C LYS C 314 6.06 41.30 6.26
N VAL C 315 6.41 41.95 5.15
CA VAL C 315 7.67 42.67 5.08
C VAL C 315 7.68 43.81 6.10
N ASN C 316 6.60 44.58 6.16
CA ASN C 316 6.54 45.70 7.11
C ASN C 316 6.67 45.20 8.54
N LYS C 317 5.97 44.11 8.88
CA LYS C 317 6.04 43.59 10.23
C LYS C 317 7.45 43.11 10.56
N LYS C 318 8.06 42.34 9.66
CA LYS C 318 9.38 41.79 9.94
C LYS C 318 10.42 42.89 10.07
N LEU C 319 10.30 43.96 9.29
CA LEU C 319 11.22 45.08 9.39
C LEU C 319 10.67 46.24 10.21
N GLY C 320 9.38 46.22 10.55
CA GLY C 320 8.82 47.28 11.37
C GLY C 320 8.94 48.66 10.75
N LEU C 321 8.79 48.76 9.44
CA LEU C 321 8.95 50.05 8.77
C LEU C 321 7.71 50.92 8.97
N HIS C 322 6.56 50.46 8.48
CA HIS C 322 5.33 51.22 8.53
C HIS C 322 4.34 50.53 9.47
N VAL C 323 3.81 51.28 10.43
CA VAL C 323 2.85 50.77 11.40
C VAL C 323 1.45 51.31 11.12
N GLY C 324 1.28 52.63 11.20
CA GLY C 324 -0.01 53.23 10.95
C GLY C 324 -0.33 53.47 9.48
N GLU C 325 0.66 53.39 8.61
CA GLU C 325 0.42 53.61 7.20
C GLU C 325 -0.49 52.51 6.66
N PRO C 326 -1.53 52.85 5.87
CA PRO C 326 -2.41 51.80 5.34
C PRO C 326 -1.68 50.91 4.36
N ILE C 327 -2.35 49.88 3.85
CA ILE C 327 -1.71 48.93 2.93
C ILE C 327 -1.68 49.58 1.55
N THR C 328 -0.54 50.19 1.22
CA THR C 328 -0.35 50.83 -0.07
C THR C 328 1.10 50.63 -0.49
N SER C 329 1.35 50.80 -1.79
CA SER C 329 2.67 50.60 -2.37
C SER C 329 3.15 49.17 -2.11
N SER C 330 2.41 48.21 -2.68
CA SER C 330 2.70 46.81 -2.46
C SER C 330 4.10 46.43 -2.95
N THR C 331 4.60 47.11 -3.98
CA THR C 331 5.91 46.79 -4.53
C THR C 331 7.01 47.16 -3.53
N LEU C 332 8.25 46.92 -3.92
CA LEU C 332 9.39 47.16 -3.04
C LEU C 332 9.77 48.64 -3.05
N THR C 333 10.65 49.00 -2.13
CA THR C 333 11.30 50.30 -2.13
C THR C 333 12.74 50.11 -1.65
N GLU C 334 13.62 51.01 -2.09
CA GLU C 334 15.03 50.89 -1.72
C GLU C 334 15.21 50.87 -0.21
N GLU C 335 14.37 51.59 0.52
CA GLU C 335 14.44 51.57 1.98
C GLU C 335 14.24 50.17 2.51
N ASP C 336 13.27 49.43 1.96
CA ASP C 336 13.03 48.06 2.40
C ASP C 336 14.23 47.17 2.10
N VAL C 337 14.85 47.35 0.92
CA VAL C 337 15.99 46.52 0.56
C VAL C 337 17.15 46.75 1.51
N VAL C 338 17.47 48.02 1.77
CA VAL C 338 18.59 48.29 2.67
C VAL C 338 18.25 47.88 4.09
N ALA C 339 16.98 47.97 4.49
CA ALA C 339 16.58 47.43 5.78
C ALA C 339 16.86 45.93 5.84
N THR C 340 16.54 45.22 4.77
CA THR C 340 16.82 43.79 4.72
C THR C 340 18.31 43.51 4.85
N ILE C 341 19.13 44.28 4.12
CA ILE C 341 20.58 44.06 4.17
C ILE C 341 21.11 44.29 5.58
N GLU C 342 20.73 45.42 6.19
CA GLU C 342 21.26 45.76 7.50
C GLU C 342 20.77 44.78 8.56
N TYR C 343 19.51 44.34 8.46
CA TYR C 343 19.02 43.33 9.37
C TYR C 343 19.79 42.02 9.20
N LEU C 344 20.07 41.65 7.95
CA LEU C 344 20.83 40.44 7.69
C LEU C 344 22.20 40.49 8.35
N VAL C 345 22.92 41.60 8.16
CA VAL C 345 24.27 41.69 8.71
C VAL C 345 24.23 41.77 10.23
N ARG C 346 23.23 42.48 10.78
CA ARG C 346 23.10 42.54 12.23
C ARG C 346 22.83 41.16 12.82
N LEU C 347 21.97 40.38 12.16
CA LEU C 347 21.74 39.00 12.60
C LEU C 347 23.02 38.20 12.51
N HIS C 348 23.78 38.38 11.43
CA HIS C 348 25.06 37.70 11.29
C HIS C 348 25.98 38.04 12.46
N GLU C 349 25.97 39.30 12.90
CA GLU C 349 26.75 39.68 14.07
C GLU C 349 26.27 38.94 15.30
N GLY C 350 24.96 38.85 15.50
CA GLY C 350 24.39 38.19 16.65
C GLY C 350 23.49 39.10 17.48
N GLN C 351 22.96 40.14 16.84
CA GLN C 351 22.09 41.08 17.53
C GLN C 351 20.76 40.42 17.92
N THR C 352 20.19 40.90 19.02
CA THR C 352 18.89 40.40 19.48
C THR C 352 17.75 41.25 18.95
N THR C 353 17.80 42.56 19.18
CA THR C 353 16.79 43.48 18.70
C THR C 353 17.47 44.61 17.94
N MET C 354 16.75 45.15 16.94
CA MET C 354 17.30 46.13 16.03
C MET C 354 16.28 47.24 15.83
N THR C 355 16.77 48.44 15.51
CA THR C 355 15.94 49.60 15.25
C THR C 355 16.29 50.16 13.88
N VAL C 356 15.27 50.35 13.04
CA VAL C 356 15.45 50.87 11.68
C VAL C 356 15.03 52.34 11.68
N PRO C 357 15.71 53.23 10.95
CA PRO C 357 15.23 54.61 10.86
C PRO C 357 13.84 54.66 10.25
N GLY C 358 13.00 55.54 10.79
CA GLY C 358 11.63 55.63 10.32
C GLY C 358 10.84 54.34 10.49
N GLY C 359 11.10 53.60 11.56
CA GLY C 359 10.42 52.35 11.81
C GLY C 359 10.62 51.82 13.20
N VAL C 360 9.59 51.17 13.75
CA VAL C 360 9.67 50.65 15.11
C VAL C 360 10.73 49.57 15.20
N GLU C 361 11.41 49.51 16.33
CA GLU C 361 12.41 48.46 16.54
C GLU C 361 11.73 47.10 16.59
N VAL C 362 12.40 46.10 16.01
CA VAL C 362 11.83 44.75 15.89
C VAL C 362 12.90 43.74 16.28
N PRO C 363 12.49 42.56 16.71
CA PRO C 363 13.48 41.54 17.08
C PRO C 363 14.23 41.01 15.87
N VAL C 364 15.46 40.57 16.11
CA VAL C 364 16.30 39.96 15.09
C VAL C 364 16.27 38.46 15.30
N GLU C 365 15.67 37.73 14.36
CA GLU C 365 15.48 36.30 14.52
C GLU C 365 15.36 35.65 13.14
N THR C 366 15.68 34.36 13.09
CA THR C 366 15.52 33.58 11.88
C THR C 366 14.06 33.17 11.71
N ASP C 367 13.62 33.10 10.46
CA ASP C 367 12.24 32.76 10.13
C ASP C 367 12.15 31.30 9.71
N ASP C 368 11.15 30.59 10.25
CA ASP C 368 10.91 29.20 9.90
C ASP C 368 9.79 29.14 8.87
N ILE C 369 9.98 28.29 7.85
CA ILE C 369 9.09 28.29 6.69
C ILE C 369 8.01 27.23 6.85
N ASP C 370 7.88 26.71 8.07
CA ASP C 370 6.77 25.82 8.41
C ASP C 370 5.87 26.37 9.51
N HIS C 371 6.36 27.33 10.28
CA HIS C 371 5.53 27.96 11.31
C HIS C 371 4.28 28.54 10.68
N PHE C 372 3.13 28.26 11.29
CA PHE C 372 1.86 28.65 10.67
C PHE C 372 1.64 30.14 10.64
N GLY C 373 2.55 30.94 11.19
CA GLY C 373 2.53 32.37 10.94
C GLY C 373 3.10 32.74 9.58
N ASN C 374 4.00 31.90 9.06
CA ASN C 374 4.62 32.10 7.76
C ASN C 374 4.05 31.17 6.69
N ARG C 375 2.97 30.46 6.98
CA ARG C 375 2.41 29.47 6.08
C ARG C 375 0.91 29.73 5.97
N ARG C 376 0.50 30.34 4.87
CA ARG C 376 -0.88 30.79 4.69
C ARG C 376 -1.68 29.79 3.90
N LEU C 377 -2.98 30.06 3.82
CA LEU C 377 -3.99 29.11 3.36
C LEU C 377 -4.76 29.74 2.21
N ARG C 378 -4.45 29.32 0.99
CA ARG C 378 -5.19 29.78 -0.18
C ARG C 378 -6.49 29.00 -0.26
N THR C 379 -7.57 29.62 0.21
CA THR C 379 -8.89 28.99 0.19
C THR C 379 -9.43 29.04 -1.24
N VAL C 380 -10.69 28.63 -1.41
CA VAL C 380 -11.27 28.50 -2.74
C VAL C 380 -11.29 29.84 -3.46
N GLY C 381 -11.72 30.89 -2.76
CA GLY C 381 -11.86 32.18 -3.40
C GLY C 381 -10.57 32.68 -3.99
N GLU C 382 -9.46 32.54 -3.26
CA GLU C 382 -8.18 33.04 -3.75
C GLU C 382 -7.70 32.23 -4.95
N LEU C 383 -7.94 30.92 -4.94
CA LEU C 383 -7.53 30.10 -6.09
C LEU C 383 -8.30 30.49 -7.34
N ILE C 384 -9.61 30.61 -7.24
CA ILE C 384 -10.38 31.00 -8.43
C ILE C 384 -10.01 32.42 -8.83
N GLN C 385 -9.70 33.29 -7.88
CA GLN C 385 -9.26 34.63 -8.24
C GLN C 385 -7.96 34.59 -9.02
N ASN C 386 -7.01 33.76 -8.61
CA ASN C 386 -5.76 33.65 -9.34
C ASN C 386 -5.98 33.13 -10.75
N GLN C 387 -6.85 32.13 -10.90
CA GLN C 387 -7.13 31.63 -12.25
C GLN C 387 -7.80 32.69 -13.11
N ILE C 388 -8.74 33.43 -12.54
CA ILE C 388 -9.40 34.50 -13.29
C ILE C 388 -8.38 35.57 -13.66
N ARG C 389 -7.43 35.85 -12.77
CA ARG C 389 -6.40 36.83 -13.07
C ARG C 389 -5.53 36.37 -14.23
N VAL C 390 -5.19 35.09 -14.27
CA VAL C 390 -4.40 34.57 -15.39
C VAL C 390 -5.18 34.71 -16.70
N GLY C 391 -6.44 34.28 -16.68
CA GLY C 391 -7.26 34.41 -17.88
C GLY C 391 -7.40 35.85 -18.32
N MET C 392 -7.60 36.76 -17.37
CA MET C 392 -7.75 38.17 -17.70
C MET C 392 -6.45 38.77 -18.20
N SER C 393 -5.31 38.31 -17.68
CA SER C 393 -4.04 38.78 -18.20
C SER C 393 -3.87 38.38 -19.66
N ARG C 394 -4.23 37.14 -19.98
CA ARG C 394 -4.21 36.73 -21.39
C ARG C 394 -5.16 37.58 -22.22
N MET C 395 -6.35 37.83 -21.69
CA MET C 395 -7.34 38.64 -22.40
C MET C 395 -6.84 40.06 -22.62
N GLU C 396 -6.16 40.63 -21.62
CA GLU C 396 -5.58 41.95 -21.75
C GLU C 396 -4.48 41.97 -22.80
N ARG C 397 -3.63 40.95 -22.82
CA ARG C 397 -2.66 40.82 -23.90
C ARG C 397 -3.36 40.90 -25.25
N VAL C 398 -4.40 40.09 -25.42
CA VAL C 398 -5.10 40.04 -26.71
C VAL C 398 -5.71 41.40 -27.05
N VAL C 399 -6.36 42.03 -26.08
CA VAL C 399 -7.07 43.28 -26.37
C VAL C 399 -6.07 44.39 -26.72
N ARG C 400 -4.98 44.49 -25.97
CA ARG C 400 -4.00 45.53 -26.28
C ARG C 400 -3.36 45.29 -27.64
N GLU C 401 -3.13 44.02 -28.01
CA GLU C 401 -2.55 43.75 -29.32
C GLU C 401 -3.52 44.12 -30.43
N ARG C 402 -4.80 43.75 -30.28
CA ARG C 402 -5.74 44.07 -31.34
C ARG C 402 -6.13 45.54 -31.37
N MET C 403 -5.80 46.30 -30.31
CA MET C 403 -6.06 47.73 -30.34
C MET C 403 -5.29 48.39 -31.48
N THR C 404 -4.00 48.04 -31.64
CA THR C 404 -3.21 48.64 -32.72
C THR C 404 -3.87 48.44 -34.08
N THR C 405 -4.23 47.19 -34.38
CA THR C 405 -4.75 46.87 -35.71
C THR C 405 -6.06 47.59 -35.99
N GLN C 406 -6.95 47.64 -35.01
CA GLN C 406 -8.24 48.29 -35.20
C GLN C 406 -8.07 49.80 -35.24
N ASP C 407 -8.75 50.44 -36.19
CA ASP C 407 -8.71 51.89 -36.29
C ASP C 407 -9.49 52.54 -35.15
N VAL C 408 -8.99 53.67 -34.68
CA VAL C 408 -9.63 54.35 -33.55
C VAL C 408 -10.91 55.02 -34.01
N GLU C 409 -11.80 55.28 -33.05
CA GLU C 409 -13.09 55.93 -33.29
C GLU C 409 -14.00 55.10 -34.19
N ALA C 410 -13.73 53.79 -34.31
CA ALA C 410 -14.54 52.94 -35.16
C ALA C 410 -14.80 51.56 -34.54
N ILE C 411 -14.36 51.32 -33.30
CA ILE C 411 -14.55 50.03 -32.65
C ILE C 411 -15.07 50.24 -31.24
N THR C 412 -15.61 49.16 -30.67
CA THR C 412 -16.27 49.19 -29.38
C THR C 412 -15.69 48.14 -28.46
N PRO C 413 -15.78 48.34 -27.13
CA PRO C 413 -15.29 47.31 -26.21
C PRO C 413 -15.92 45.94 -26.43
N GLN C 414 -17.19 45.90 -26.82
CA GLN C 414 -17.80 44.61 -27.16
C GLN C 414 -17.03 43.91 -28.28
N THR C 415 -16.48 44.69 -29.21
CA THR C 415 -15.66 44.14 -30.29
C THR C 415 -14.20 43.95 -29.90
N LEU C 416 -13.77 44.53 -28.77
CA LEU C 416 -12.39 44.41 -28.33
C LEU C 416 -12.18 43.22 -27.41
N ILE C 417 -13.12 42.96 -26.50
CA ILE C 417 -12.95 41.94 -25.48
C ILE C 417 -13.24 40.58 -26.08
N ASN C 418 -12.27 39.68 -26.03
CA ASN C 418 -12.43 38.30 -26.46
C ASN C 418 -12.45 37.42 -25.22
N ILE C 419 -13.59 36.79 -24.93
CA ILE C 419 -13.81 36.11 -23.67
C ILE C 419 -13.43 34.65 -23.72
N ARG C 420 -12.93 34.15 -24.84
CA ARG C 420 -12.56 32.74 -24.93
C ARG C 420 -11.44 32.36 -23.96
N PRO C 421 -10.34 33.12 -23.84
CA PRO C 421 -9.30 32.71 -22.90
C PRO C 421 -9.77 32.65 -21.45
N VAL C 422 -10.64 33.56 -21.01
CA VAL C 422 -11.06 33.57 -19.62
C VAL C 422 -11.91 32.34 -19.31
N VAL C 423 -12.89 32.05 -20.17
CA VAL C 423 -13.72 30.87 -19.95
C VAL C 423 -12.88 29.61 -20.07
N ALA C 424 -11.89 29.60 -20.96
CA ALA C 424 -10.99 28.46 -21.04
C ALA C 424 -10.22 28.27 -19.74
N ALA C 425 -9.72 29.36 -19.16
CA ALA C 425 -9.00 29.24 -17.90
C ALA C 425 -9.90 28.71 -16.80
N ILE C 426 -11.13 29.21 -16.73
CA ILE C 426 -12.07 28.72 -15.72
C ILE C 426 -12.31 27.23 -15.91
N LYS C 427 -12.57 26.81 -17.15
CA LYS C 427 -12.87 25.41 -17.42
C LYS C 427 -11.69 24.52 -17.06
N GLU C 428 -10.48 24.91 -17.46
CA GLU C 428 -9.31 24.10 -17.17
C GLU C 428 -8.91 24.16 -15.70
N PHE C 429 -9.40 25.13 -14.94
CA PHE C 429 -9.25 25.02 -13.49
C PHE C 429 -10.22 24.03 -12.90
N PHE C 430 -11.53 24.28 -13.08
CA PHE C 430 -12.52 23.44 -12.43
C PHE C 430 -12.40 21.99 -12.90
N GLY C 431 -12.27 21.78 -14.20
CA GLY C 431 -11.94 20.48 -14.73
C GLY C 431 -10.44 20.29 -14.82
N THR C 432 -10.02 19.04 -14.71
CA THR C 432 -8.61 18.63 -14.88
C THR C 432 -7.64 19.61 -14.21
N SER C 433 -7.78 19.72 -12.89
CA SER C 433 -6.82 20.45 -12.06
C SER C 433 -6.50 19.62 -10.84
N GLN C 434 -5.43 19.99 -10.14
CA GLN C 434 -4.98 19.18 -9.02
C GLN C 434 -5.68 19.55 -7.72
N LEU C 435 -6.53 20.58 -7.70
CA LEU C 435 -7.26 20.95 -6.51
C LEU C 435 -8.77 20.95 -6.69
N SER C 436 -9.27 20.95 -7.93
CA SER C 436 -10.71 20.78 -8.18
C SER C 436 -11.03 19.28 -8.09
N GLN C 437 -10.85 18.74 -6.89
CA GLN C 437 -10.91 17.30 -6.71
C GLN C 437 -12.32 16.77 -6.85
N PHE C 438 -12.43 15.57 -7.39
CA PHE C 438 -13.70 14.86 -7.43
C PHE C 438 -14.23 14.71 -6.01
N MET C 439 -15.52 14.97 -5.84
CA MET C 439 -16.12 14.96 -4.51
C MET C 439 -16.05 13.56 -3.91
N ASP C 440 -15.53 13.47 -2.69
CA ASP C 440 -15.39 12.20 -1.98
C ASP C 440 -16.55 12.06 -1.01
N GLN C 441 -17.72 11.73 -1.56
CA GLN C 441 -18.91 11.54 -0.75
C GLN C 441 -19.42 10.12 -0.94
N ASN C 442 -19.29 9.32 0.11
CA ASN C 442 -20.07 8.10 0.28
C ASN C 442 -20.88 8.11 1.56
N ASN C 443 -20.47 8.86 2.57
CA ASN C 443 -21.24 9.15 3.76
C ASN C 443 -21.08 10.63 4.05
N PRO C 444 -22.00 11.23 4.82
CA PRO C 444 -21.89 12.67 5.08
C PRO C 444 -20.55 13.08 5.69
N LEU C 445 -19.95 12.25 6.52
CA LEU C 445 -18.69 12.63 7.14
C LEU C 445 -17.59 12.79 6.10
N SER C 446 -17.52 11.89 5.12
CA SER C 446 -16.50 12.02 4.10
C SER C 446 -16.69 13.29 3.27
N GLY C 447 -17.93 13.60 2.90
CA GLY C 447 -18.19 14.84 2.20
C GLY C 447 -17.81 16.06 3.01
N LEU C 448 -18.13 16.05 4.29
CA LEU C 448 -17.77 17.18 5.16
C LEU C 448 -16.26 17.31 5.29
N THR C 449 -15.55 16.19 5.40
CA THR C 449 -14.11 16.24 5.64
C THR C 449 -13.33 16.56 4.38
N HIS C 450 -13.83 16.21 3.20
CA HIS C 450 -13.15 16.63 1.98
C HIS C 450 -13.12 18.15 1.90
N LYS C 451 -14.23 18.80 2.20
CA LYS C 451 -14.19 20.21 2.52
C LYS C 451 -13.51 20.37 3.88
N ARG C 452 -12.93 21.55 4.10
CA ARG C 452 -12.09 21.85 5.26
C ARG C 452 -10.73 21.18 5.17
N ARG C 453 -10.48 20.35 4.16
CA ARG C 453 -9.18 19.73 4.00
C ARG C 453 -8.16 20.77 3.55
N LEU C 454 -6.92 20.61 4.01
CA LEU C 454 -5.81 21.48 3.66
C LEU C 454 -4.79 20.62 2.92
N SER C 455 -4.72 20.77 1.61
CA SER C 455 -3.77 20.03 0.80
C SER C 455 -2.53 20.89 0.60
N ALA C 456 -1.39 20.42 1.10
CA ALA C 456 -0.14 21.17 0.99
C ALA C 456 0.50 21.07 -0.38
N LEU C 457 -0.11 20.37 -1.33
CA LEU C 457 0.48 20.13 -2.63
C LEU C 457 -0.46 20.58 -3.74
N GLY C 458 0.13 21.01 -4.85
CA GLY C 458 -0.59 21.56 -5.97
C GLY C 458 0.25 22.57 -6.70
N PRO C 459 -0.27 23.18 -7.77
CA PRO C 459 0.41 24.33 -8.36
C PRO C 459 0.83 25.33 -7.30
N GLY C 460 2.08 25.79 -7.41
CA GLY C 460 2.61 26.72 -6.43
C GLY C 460 2.99 26.09 -5.11
N GLY C 461 2.96 24.77 -5.00
CA GLY C 461 3.32 24.10 -3.77
C GLY C 461 4.15 22.86 -4.05
N LEU C 462 4.78 22.37 -2.99
CA LEU C 462 5.66 21.21 -3.12
C LEU C 462 4.86 19.97 -3.49
N SER C 463 5.50 19.10 -4.27
CA SER C 463 4.91 17.83 -4.67
C SER C 463 5.50 16.71 -3.82
N ARG C 464 4.99 15.49 -4.01
CA ARG C 464 5.39 14.36 -3.17
C ARG C 464 6.89 14.10 -3.28
N GLU C 465 7.40 13.99 -4.50
CA GLU C 465 8.83 13.74 -4.68
C GLU C 465 9.65 14.89 -4.12
N ARG C 466 9.23 16.13 -4.38
CA ARG C 466 9.89 17.30 -3.81
C ARG C 466 9.64 17.41 -2.31
N ALA C 467 8.64 16.73 -1.77
CA ALA C 467 8.33 16.85 -0.36
C ALA C 467 9.37 16.11 0.48
N GLY C 468 9.92 16.79 1.46
CA GLY C 468 10.95 16.23 2.31
C GLY C 468 10.36 15.51 3.49
N LEU C 469 11.14 15.44 4.56
CA LEU C 469 10.76 14.70 5.76
C LEU C 469 10.73 15.63 6.98
N GLU C 470 10.55 16.92 6.75
CA GLU C 470 10.40 17.90 7.82
C GLU C 470 9.12 18.70 7.61
N VAL C 471 8.75 18.93 6.34
CA VAL C 471 7.49 19.60 6.05
C VAL C 471 6.30 18.75 6.44
N ARG C 472 6.49 17.44 6.59
CA ARG C 472 5.40 16.52 6.92
C ARG C 472 5.20 16.35 8.42
N ASP C 473 6.04 16.94 9.25
CA ASP C 473 5.93 16.74 10.69
C ASP C 473 4.76 17.53 11.25
N VAL C 474 4.64 17.54 12.58
CA VAL C 474 3.63 18.30 13.29
C VAL C 474 4.34 19.44 14.00
N HIS C 475 4.35 20.61 13.38
CA HIS C 475 4.93 21.78 14.00
C HIS C 475 4.11 22.16 15.24
N PRO C 476 4.74 22.70 16.29
CA PRO C 476 3.96 23.11 17.47
C PRO C 476 2.91 24.16 17.16
N SER C 477 2.99 24.84 16.02
CA SER C 477 1.99 25.83 15.65
C SER C 477 0.74 25.21 15.02
N HIS C 478 0.70 23.89 14.85
CA HIS C 478 -0.49 23.23 14.34
C HIS C 478 -1.60 23.15 15.37
N TYR C 479 -1.30 23.43 16.64
CA TYR C 479 -2.30 23.31 17.69
C TYR C 479 -3.44 24.29 17.47
N GLY C 480 -4.63 23.76 17.22
CA GLY C 480 -5.81 24.57 17.02
C GLY C 480 -6.01 25.08 15.61
N ARG C 481 -5.10 24.74 14.69
CA ARG C 481 -5.20 25.20 13.30
C ARG C 481 -5.13 24.07 12.29
N MET C 482 -4.70 22.88 12.67
CA MET C 482 -4.60 21.76 11.75
C MET C 482 -4.50 20.49 12.58
N CYS C 483 -5.41 19.55 12.36
CA CYS C 483 -5.48 18.39 13.23
C CYS C 483 -4.20 17.55 13.10
N PRO C 484 -3.55 17.20 14.21
CA PRO C 484 -2.35 16.35 14.10
C PRO C 484 -2.66 14.87 13.94
N ILE C 485 -3.90 14.45 14.13
CA ILE C 485 -4.25 13.04 14.06
C ILE C 485 -4.70 12.70 12.65
N GLU C 486 -5.79 13.32 12.20
CA GLU C 486 -6.35 12.98 10.89
C GLU C 486 -5.40 13.37 9.79
N THR C 487 -5.08 12.42 8.92
CA THR C 487 -4.28 12.65 7.72
C THR C 487 -4.20 11.35 6.93
N PRO C 488 -4.03 11.40 5.61
CA PRO C 488 -3.83 10.15 4.87
C PRO C 488 -2.56 9.46 5.33
N GLU C 489 -2.59 8.12 5.28
CA GLU C 489 -1.44 7.32 5.69
C GLU C 489 -0.67 6.75 4.52
N GLY C 490 -1.03 7.08 3.29
CA GLY C 490 -0.30 6.64 2.13
C GLY C 490 0.94 7.47 1.91
N PRO C 491 1.28 7.78 0.65
CA PRO C 491 2.36 8.74 0.41
C PRO C 491 1.89 10.18 0.46
N ASN C 492 1.10 10.51 1.47
CA ASN C 492 0.58 11.88 1.62
C ASN C 492 0.61 12.34 3.07
N ILE C 493 1.36 11.67 3.94
CA ILE C 493 1.33 12.01 5.36
C ILE C 493 1.82 13.43 5.54
N GLY C 494 1.08 14.21 6.32
CA GLY C 494 1.47 15.56 6.64
C GLY C 494 1.08 16.58 5.58
N LEU C 495 1.25 16.21 4.30
CA LEU C 495 0.92 17.14 3.24
C LEU C 495 -0.56 17.46 3.22
N ILE C 496 -1.41 16.46 3.46
CA ILE C 496 -2.85 16.62 3.47
C ILE C 496 -3.33 16.52 4.91
N GLY C 497 -4.01 17.56 5.38
CA GLY C 497 -4.57 17.56 6.73
C GLY C 497 -5.96 18.14 6.74
N SER C 498 -6.47 18.49 7.92
CA SER C 498 -7.79 19.10 8.01
C SER C 498 -7.80 20.16 9.11
N LEU C 499 -8.68 21.14 8.95
CA LEU C 499 -8.81 22.20 9.93
C LEU C 499 -9.36 21.68 11.24
N SER C 500 -8.91 22.27 12.34
CA SER C 500 -9.51 21.97 13.62
C SER C 500 -10.96 22.43 13.65
N VAL C 501 -11.67 22.03 14.69
CA VAL C 501 -13.10 22.33 14.76
C VAL C 501 -13.32 23.84 14.89
N TYR C 502 -12.57 24.51 15.77
CA TYR C 502 -12.81 25.91 16.07
C TYR C 502 -12.02 26.87 15.19
N ALA C 503 -11.13 26.35 14.34
CA ALA C 503 -10.24 27.24 13.57
C ALA C 503 -11.03 28.04 12.55
N ARG C 504 -10.63 29.30 12.38
CA ARG C 504 -11.21 30.19 11.38
C ARG C 504 -10.07 30.84 10.60
N VAL C 505 -10.32 31.12 9.34
CA VAL C 505 -9.30 31.64 8.43
C VAL C 505 -9.29 33.15 8.51
N ASN C 506 -8.10 33.72 8.73
CA ASN C 506 -7.94 35.16 8.75
C ASN C 506 -8.21 35.74 7.36
N PRO C 507 -8.55 37.03 7.27
CA PRO C 507 -8.76 37.61 5.94
C PRO C 507 -7.55 37.51 5.03
N PHE C 508 -6.34 37.58 5.58
CA PHE C 508 -5.14 37.49 4.75
C PHE C 508 -4.86 36.06 4.31
N GLY C 509 -5.24 35.07 5.11
CA GLY C 509 -5.02 33.69 4.74
C GLY C 509 -4.59 32.82 5.91
N PHE C 510 -4.00 33.43 6.93
CA PHE C 510 -3.53 32.66 8.08
C PHE C 510 -4.73 32.03 8.80
N ILE C 511 -4.44 31.00 9.60
CA ILE C 511 -5.46 30.22 10.27
C ILE C 511 -5.52 30.69 11.72
N GLU C 512 -6.63 31.33 12.09
CA GLU C 512 -6.81 31.83 13.44
C GLU C 512 -7.37 30.74 14.35
N THR C 513 -7.37 31.04 15.65
CA THR C 513 -7.88 30.13 16.66
C THR C 513 -8.44 30.99 17.78
N PRO C 514 -9.62 30.67 18.32
CA PRO C 514 -10.15 31.46 19.42
C PRO C 514 -9.44 31.15 20.73
N TYR C 515 -9.45 32.14 21.62
CA TYR C 515 -8.84 31.98 22.93
C TYR C 515 -9.59 32.84 23.93
N ARG C 516 -9.69 32.33 25.16
CA ARG C 516 -10.29 33.06 26.27
C ARG C 516 -9.18 33.86 26.95
N LYS C 517 -9.24 35.18 26.83
CA LYS C 517 -8.23 36.02 27.46
C LYS C 517 -8.44 36.02 28.97
N VAL C 518 -7.35 35.82 29.71
CA VAL C 518 -7.37 35.86 31.16
C VAL C 518 -6.79 37.20 31.61
N VAL C 519 -7.50 37.87 32.51
CA VAL C 519 -7.12 39.19 32.99
C VAL C 519 -7.12 39.15 34.52
N ASP C 520 -6.01 39.58 35.12
CA ASP C 520 -5.89 39.65 36.58
C ASP C 520 -6.16 38.31 37.23
N GLY C 521 -5.81 37.22 36.54
CA GLY C 521 -6.06 35.88 37.05
C GLY C 521 -7.48 35.40 36.88
N VAL C 522 -8.34 36.17 36.20
CA VAL C 522 -9.73 35.80 35.96
C VAL C 522 -9.86 35.36 34.52
N VAL C 523 -10.34 34.14 34.30
CA VAL C 523 -10.54 33.62 32.96
C VAL C 523 -11.86 34.14 32.43
N SER C 524 -11.82 35.32 31.80
CA SER C 524 -13.04 35.89 31.24
C SER C 524 -13.53 35.04 30.07
N ASP C 525 -14.69 35.42 29.54
CA ASP C 525 -15.27 34.77 28.38
C ASP C 525 -15.15 35.62 27.12
N GLU C 526 -14.24 36.59 27.13
CA GLU C 526 -14.04 37.47 25.98
C GLU C 526 -13.18 36.71 24.97
N ILE C 527 -13.85 35.99 24.07
CA ILE C 527 -13.16 35.24 23.03
C ILE C 527 -12.46 36.21 22.10
N VAL C 528 -11.20 35.93 21.79
CA VAL C 528 -10.45 36.70 20.81
C VAL C 528 -9.67 35.72 19.92
N TYR C 529 -9.64 36.00 18.62
CA TYR C 529 -9.01 35.10 17.67
C TYR C 529 -7.56 35.51 17.43
N LEU C 530 -6.65 34.56 17.56
CA LEU C 530 -5.22 34.79 17.40
C LEU C 530 -4.68 33.91 16.29
N THR C 531 -3.75 34.44 15.51
CA THR C 531 -3.00 33.64 14.56
C THR C 531 -1.79 33.04 15.30
N ALA C 532 -0.89 32.38 14.56
CA ALA C 532 0.27 31.79 15.19
C ALA C 532 1.18 32.84 15.80
N ASP C 533 1.33 33.99 15.13
CA ASP C 533 2.24 35.02 15.62
C ASP C 533 1.79 35.55 16.98
N GLU C 534 0.52 35.92 17.10
CA GLU C 534 0.02 36.38 18.39
C GLU C 534 0.05 35.24 19.41
N GLU C 535 -0.22 34.01 18.98
CA GLU C 535 -0.21 32.88 19.90
C GLU C 535 1.15 32.74 20.57
N ASP C 536 2.22 32.72 19.77
CA ASP C 536 3.55 32.53 20.33
C ASP C 536 4.12 33.81 20.92
N ARG C 537 3.58 34.98 20.58
CA ARG C 537 3.99 36.21 21.25
C ARG C 537 3.59 36.17 22.72
N HIS C 538 2.36 35.74 23.00
CA HIS C 538 1.84 35.63 24.35
C HIS C 538 1.97 34.18 24.81
N VAL C 539 1.47 33.92 26.02
CA VAL C 539 1.64 32.62 26.68
C VAL C 539 0.25 32.04 26.95
N VAL C 540 0.08 30.77 26.61
CA VAL C 540 -1.24 30.13 26.54
C VAL C 540 -1.28 28.95 27.49
N ALA C 541 -2.35 28.86 28.27
CA ALA C 541 -2.55 27.75 29.19
C ALA C 541 -3.39 26.65 28.56
N GLN C 542 -3.40 25.50 29.21
CA GLN C 542 -4.09 24.32 28.68
C GLN C 542 -5.60 24.46 28.84
N ALA C 543 -6.32 23.70 28.01
CA ALA C 543 -7.78 23.83 27.98
C ALA C 543 -8.41 23.35 29.27
N ASN C 544 -7.98 22.20 29.79
CA ASN C 544 -8.59 21.59 30.96
C ASN C 544 -7.80 21.98 32.21
N SER C 545 -8.05 23.20 32.68
CA SER C 545 -7.49 23.70 33.91
C SER C 545 -8.60 23.94 34.92
N PRO C 546 -8.40 23.62 36.20
CA PRO C 546 -9.49 23.76 37.18
C PRO C 546 -9.72 25.21 37.65
N ILE C 547 -10.55 25.92 36.90
CA ILE C 547 -11.02 27.22 37.38
C ILE C 547 -12.01 27.01 38.52
N ASP C 548 -11.97 27.91 39.51
CA ASP C 548 -12.81 27.79 40.69
C ASP C 548 -14.19 28.41 40.47
N ALA C 549 -14.85 28.05 39.37
CA ALA C 549 -16.17 28.53 39.03
C ALA C 549 -16.25 30.06 38.90
N ASP C 550 -15.09 30.74 38.93
CA ASP C 550 -15.08 32.19 38.81
C ASP C 550 -13.94 32.71 37.93
N GLY C 551 -13.12 31.83 37.35
CA GLY C 551 -12.02 32.24 36.51
C GLY C 551 -10.65 32.19 37.16
N ARG C 552 -10.54 31.69 38.38
CA ARG C 552 -9.27 31.56 39.09
C ARG C 552 -8.89 30.09 39.18
N PHE C 553 -7.64 29.78 38.86
CA PHE C 553 -7.18 28.40 38.88
C PHE C 553 -7.03 27.91 40.32
N VAL C 554 -7.05 26.58 40.49
CA VAL C 554 -6.81 25.99 41.80
C VAL C 554 -5.32 26.05 42.15
N GLU C 555 -4.51 25.35 41.39
CA GLU C 555 -3.09 25.20 41.67
C GLU C 555 -2.32 26.35 41.06
N PRO C 556 -1.16 26.71 41.62
CA PRO C 556 -0.37 27.77 41.01
C PRO C 556 0.19 27.35 39.67
N ARG C 557 0.85 26.19 39.64
CA ARG C 557 1.49 25.70 38.44
C ARG C 557 0.43 25.10 37.51
N VAL C 558 0.30 25.67 36.32
CA VAL C 558 -0.53 25.12 35.27
C VAL C 558 0.35 24.87 34.05
N LEU C 559 -0.03 23.87 33.26
CA LEU C 559 0.72 23.51 32.07
C LEU C 559 0.48 24.55 30.98
N VAL C 560 1.55 25.20 30.56
CA VAL C 560 1.48 26.35 29.65
C VAL C 560 2.33 26.07 28.43
N ARG C 561 1.85 26.53 27.28
CA ARG C 561 2.62 26.51 26.04
C ARG C 561 3.34 27.83 25.87
N ARG C 562 4.66 27.78 25.76
CA ARG C 562 5.47 28.98 25.68
C ARG C 562 5.61 29.42 24.22
N LYS C 563 6.53 30.35 23.97
CA LYS C 563 6.63 30.95 22.64
C LYS C 563 7.00 29.91 21.58
N ALA C 564 8.16 29.26 21.75
CA ALA C 564 8.72 28.42 20.70
C ALA C 564 8.18 27.00 20.73
N GLY C 565 6.97 26.80 21.23
CA GLY C 565 6.36 25.49 21.29
C GLY C 565 6.66 24.70 22.54
N GLU C 566 7.46 25.25 23.45
CA GLU C 566 7.78 24.55 24.68
C GLU C 566 6.55 24.44 25.57
N VAL C 567 6.49 23.35 26.33
CA VAL C 567 5.46 23.12 27.33
C VAL C 567 6.13 23.09 28.70
N GLU C 568 5.63 23.91 29.62
CA GLU C 568 6.25 24.04 30.94
C GLU C 568 5.15 24.23 31.97
N TYR C 569 5.55 24.48 33.21
CA TYR C 569 4.63 24.77 34.30
C TYR C 569 4.86 26.20 34.77
N VAL C 570 3.79 26.96 34.90
CA VAL C 570 3.93 28.36 35.31
C VAL C 570 2.93 28.69 36.42
N PRO C 571 3.29 29.54 37.38
CA PRO C 571 2.28 30.01 38.34
C PRO C 571 1.17 30.77 37.64
N SER C 572 0.00 30.79 38.28
CA SER C 572 -1.18 31.42 37.70
C SER C 572 -1.13 32.95 37.87
N SER C 573 -0.04 33.52 37.41
CA SER C 573 0.16 34.97 37.37
C SER C 573 0.61 35.44 35.99
N GLU C 574 1.41 34.65 35.28
CA GLU C 574 1.90 35.00 33.96
C GLU C 574 1.02 34.47 32.84
N VAL C 575 0.09 33.55 33.15
CA VAL C 575 -0.79 33.01 32.13
C VAL C 575 -1.59 34.14 31.50
N ASP C 576 -1.56 34.22 30.17
CA ASP C 576 -2.21 35.32 29.45
C ASP C 576 -3.36 34.88 28.57
N TYR C 577 -3.42 33.61 28.19
CA TYR C 577 -4.50 33.14 27.32
C TYR C 577 -4.79 31.68 27.63
N MET C 578 -6.00 31.25 27.29
CA MET C 578 -6.45 29.90 27.58
C MET C 578 -7.23 29.36 26.38
N ASP C 579 -7.07 28.06 26.13
CA ASP C 579 -7.83 27.42 25.08
C ASP C 579 -9.32 27.48 25.40
N VAL C 580 -10.14 27.62 24.35
CA VAL C 580 -11.58 27.72 24.56
C VAL C 580 -12.10 26.45 25.22
N SER C 581 -11.58 25.30 24.81
CA SER C 581 -12.05 24.02 25.31
C SER C 581 -11.11 22.93 24.80
N PRO C 582 -11.15 21.75 25.39
CA PRO C 582 -10.47 20.60 24.78
C PRO C 582 -11.05 20.34 23.40
N ARG C 583 -10.46 19.37 22.71
CA ARG C 583 -10.83 19.06 21.32
C ARG C 583 -10.77 20.29 20.43
N GLN C 584 -10.01 21.31 20.83
CA GLN C 584 -9.69 22.42 19.94
C GLN C 584 -8.63 22.01 18.93
N MET C 585 -7.85 20.98 19.22
CA MET C 585 -6.79 20.53 18.32
C MET C 585 -7.31 19.58 17.25
N VAL C 586 -8.33 18.78 17.58
CA VAL C 586 -8.78 17.74 16.67
C VAL C 586 -9.71 18.33 15.60
N SER C 587 -9.90 17.57 14.53
CA SER C 587 -10.81 17.94 13.46
C SER C 587 -12.18 17.31 13.70
N VAL C 588 -13.08 17.46 12.74
CA VAL C 588 -14.43 16.91 12.91
C VAL C 588 -14.39 15.40 12.88
N ALA C 589 -13.61 14.81 11.97
CA ALA C 589 -13.57 13.36 11.86
C ALA C 589 -13.01 12.74 13.13
N THR C 590 -11.93 13.31 13.68
CA THR C 590 -11.31 12.73 14.87
C THR C 590 -12.11 13.06 16.14
N ALA C 591 -12.86 14.15 16.15
CA ALA C 591 -13.63 14.50 17.33
C ALA C 591 -14.71 13.47 17.64
N MET C 592 -15.05 12.61 16.67
CA MET C 592 -16.11 11.62 16.83
C MET C 592 -15.60 10.29 17.38
N ILE C 593 -14.31 10.20 17.74
CA ILE C 593 -13.75 8.98 18.30
C ILE C 593 -13.88 9.07 19.82
N PRO C 594 -14.73 8.25 20.45
CA PRO C 594 -14.82 8.32 21.91
C PRO C 594 -13.56 7.77 22.55
N PHE C 595 -13.25 8.29 23.74
CA PHE C 595 -12.06 7.89 24.47
C PHE C 595 -10.82 8.07 23.61
N LEU C 596 -10.75 9.19 22.90
CA LEU C 596 -9.59 9.45 22.04
C LEU C 596 -8.32 9.60 22.86
N GLU C 597 -8.41 10.14 24.07
CA GLU C 597 -7.21 10.38 24.86
C GLU C 597 -6.61 9.09 25.41
N HIS C 598 -7.26 7.95 25.22
CA HIS C 598 -6.69 6.66 25.57
C HIS C 598 -6.08 5.93 24.37
N ASP C 599 -6.50 6.26 23.16
CA ASP C 599 -5.94 5.65 21.97
C ASP C 599 -4.56 6.23 21.67
N ASP C 600 -3.82 5.54 20.81
CA ASP C 600 -2.52 6.02 20.35
C ASP C 600 -2.69 6.80 19.06
N ALA C 601 -1.67 7.60 18.73
CA ALA C 601 -1.77 8.47 17.56
C ALA C 601 -1.89 7.65 16.28
N ASN C 602 -1.18 6.52 16.19
CA ASN C 602 -1.28 5.68 14.99
C ASN C 602 -2.71 5.16 14.83
N ARG C 603 -3.26 4.55 15.88
CA ARG C 603 -4.58 3.96 15.76
C ARG C 603 -5.67 5.01 15.76
N ALA C 604 -5.48 6.14 16.44
CA ALA C 604 -6.42 7.25 16.30
C ALA C 604 -6.43 7.76 14.86
N LEU C 605 -5.26 7.87 14.25
CA LEU C 605 -5.18 8.28 12.85
C LEU C 605 -5.91 7.29 11.95
N MET C 606 -5.70 6.00 12.18
CA MET C 606 -6.38 4.99 11.39
C MET C 606 -7.89 5.07 11.56
N GLY C 607 -8.35 5.26 12.80
CA GLY C 607 -9.79 5.38 13.02
C GLY C 607 -10.38 6.61 12.36
N ALA C 608 -9.67 7.74 12.44
CA ALA C 608 -10.14 8.95 11.78
C ALA C 608 -10.20 8.76 10.27
N ASN C 609 -9.22 8.06 9.70
CA ASN C 609 -9.25 7.82 8.26
C ASN C 609 -10.36 6.87 7.88
N MET C 610 -10.66 5.89 8.73
CA MET C 610 -11.66 4.89 8.40
C MET C 610 -13.08 5.37 8.63
N GLN C 611 -13.27 6.37 9.48
CA GLN C 611 -14.61 6.91 9.67
C GLN C 611 -15.15 7.55 8.39
N ARG C 612 -14.29 7.86 7.43
CA ARG C 612 -14.68 8.46 6.18
C ARG C 612 -14.97 7.43 5.09
N GLN C 613 -14.92 6.14 5.42
CA GLN C 613 -15.07 5.08 4.44
C GLN C 613 -16.29 4.19 4.65
N ALA C 614 -17.03 4.37 5.74
CA ALA C 614 -18.20 3.54 5.97
C ALA C 614 -19.24 3.77 4.89
N VAL C 615 -19.81 2.67 4.40
CA VAL C 615 -20.92 2.75 3.46
C VAL C 615 -22.18 3.06 4.26
N PRO C 616 -23.16 3.77 3.70
CA PRO C 616 -24.43 3.95 4.42
C PRO C 616 -25.25 2.67 4.41
N LEU C 617 -25.60 2.20 5.60
CA LEU C 617 -26.40 0.98 5.75
C LEU C 617 -27.84 1.30 5.41
N VAL C 618 -28.74 0.35 5.66
CA VAL C 618 -30.16 0.57 5.41
C VAL C 618 -30.87 1.16 6.62
N ARG C 619 -30.41 0.84 7.84
CA ARG C 619 -31.05 1.30 9.06
C ARG C 619 -30.29 2.46 9.72
N SER C 620 -28.98 2.32 9.89
CA SER C 620 -28.13 3.38 10.44
C SER C 620 -28.56 3.75 11.86
N GLU C 621 -28.39 2.79 12.76
CA GLU C 621 -28.63 3.03 14.17
C GLU C 621 -27.57 3.97 14.74
N ALA C 622 -28.01 4.87 15.62
CA ALA C 622 -27.09 5.80 16.25
C ALA C 622 -26.18 5.06 17.24
N PRO C 623 -25.02 5.62 17.54
CA PRO C 623 -24.11 4.96 18.49
C PRO C 623 -24.59 5.10 19.92
N LEU C 624 -24.47 4.01 20.68
CA LEU C 624 -24.76 4.08 22.11
C LEU C 624 -23.76 4.99 22.82
N VAL C 625 -22.49 4.87 22.47
CA VAL C 625 -21.43 5.72 23.00
C VAL C 625 -20.90 6.55 21.85
N GLY C 626 -20.87 7.86 22.03
CA GLY C 626 -20.43 8.77 20.99
C GLY C 626 -19.93 10.06 21.58
N THR C 627 -20.16 11.15 20.87
CA THR C 627 -19.68 12.46 21.26
C THR C 627 -20.71 13.51 20.87
N GLY C 628 -20.55 14.71 21.42
CA GLY C 628 -21.41 15.80 21.01
C GLY C 628 -21.19 16.26 19.59
N MET C 629 -20.13 15.76 18.93
CA MET C 629 -19.82 16.19 17.58
C MET C 629 -20.69 15.51 16.53
N GLU C 630 -21.33 14.39 16.85
CA GLU C 630 -22.14 13.71 15.85
C GLU C 630 -23.25 14.62 15.33
N LEU C 631 -23.97 15.28 16.23
CA LEU C 631 -25.14 16.05 15.83
C LEU C 631 -24.75 17.23 14.95
N ARG C 632 -23.78 18.03 15.40
CA ARG C 632 -23.34 19.18 14.61
C ARG C 632 -22.71 18.73 13.30
N ALA C 633 -21.88 17.69 13.33
CA ALA C 633 -21.28 17.16 12.12
C ALA C 633 -22.31 16.63 11.15
N ALA C 634 -23.50 16.27 11.64
CA ALA C 634 -24.57 15.82 10.75
C ALA C 634 -25.34 16.98 10.15
N ILE C 635 -25.79 17.95 10.95
CA ILE C 635 -26.61 19.02 10.37
C ILE C 635 -25.77 19.92 9.48
N ASP C 636 -24.47 20.05 9.76
CA ASP C 636 -23.60 20.86 8.91
C ASP C 636 -23.12 20.12 7.67
N ALA C 637 -23.22 18.79 7.65
CA ALA C 637 -22.84 18.04 6.45
C ALA C 637 -23.74 18.38 5.27
N GLY C 638 -24.96 18.85 5.53
CA GLY C 638 -25.84 19.36 4.52
C GLY C 638 -26.95 18.43 4.10
N ASP C 639 -26.69 17.13 4.04
CA ASP C 639 -27.71 16.21 3.51
C ASP C 639 -28.92 16.12 4.42
N VAL C 640 -28.72 16.29 5.73
CA VAL C 640 -29.84 16.30 6.65
C VAL C 640 -30.71 17.51 6.32
N VAL C 641 -31.94 17.25 5.90
CA VAL C 641 -32.84 18.31 5.46
C VAL C 641 -33.35 19.05 6.69
N VAL C 642 -33.19 20.37 6.69
CA VAL C 642 -33.46 21.20 7.85
C VAL C 642 -34.41 22.32 7.46
N ALA C 643 -35.37 22.61 8.34
CA ALA C 643 -36.31 23.69 8.09
C ALA C 643 -35.64 25.03 8.35
N GLU C 644 -35.67 25.91 7.36
CA GLU C 644 -35.03 27.22 7.51
C GLU C 644 -35.85 28.13 8.42
N GLU C 645 -37.17 28.08 8.32
CA GLU C 645 -38.07 28.87 9.15
C GLU C 645 -39.05 27.94 9.84
N SER C 646 -39.40 28.28 11.08
CA SER C 646 -40.28 27.45 11.87
C SER C 646 -41.66 27.34 11.20
N GLY C 647 -42.48 26.44 11.75
CA GLY C 647 -43.82 26.28 11.23
C GLY C 647 -44.47 25.03 11.81
N VAL C 648 -45.58 24.66 11.20
CA VAL C 648 -46.33 23.45 11.55
C VAL C 648 -46.35 22.53 10.35
N ILE C 649 -46.05 21.25 10.56
CA ILE C 649 -46.09 20.29 9.47
C ILE C 649 -47.50 20.20 8.94
N GLU C 650 -47.64 20.30 7.61
CA GLU C 650 -48.92 20.15 6.95
C GLU C 650 -49.10 18.76 6.36
N GLU C 651 -48.13 18.30 5.58
CA GLU C 651 -48.20 17.00 4.94
C GLU C 651 -46.86 16.31 5.00
N VAL C 652 -46.88 14.99 5.07
CA VAL C 652 -45.65 14.19 5.09
C VAL C 652 -45.85 12.98 4.19
N SER C 653 -44.83 12.68 3.40
CA SER C 653 -44.81 11.50 2.56
C SER C 653 -43.36 11.14 2.28
N ALA C 654 -43.16 9.99 1.65
CA ALA C 654 -41.80 9.55 1.36
C ALA C 654 -41.08 10.52 0.43
N ASP C 655 -41.82 11.19 -0.45
CA ASP C 655 -41.20 12.04 -1.46
C ASP C 655 -41.10 13.51 -1.06
N TYR C 656 -42.05 14.01 -0.26
CA TYR C 656 -42.05 15.41 0.13
C TYR C 656 -42.43 15.55 1.59
N ILE C 657 -42.01 16.67 2.18
CA ILE C 657 -42.48 17.11 3.49
C ILE C 657 -42.92 18.56 3.33
N THR C 658 -44.22 18.80 3.43
CA THR C 658 -44.78 20.13 3.23
C THR C 658 -45.06 20.76 4.58
N VAL C 659 -44.29 21.80 4.91
CA VAL C 659 -44.44 22.55 6.15
C VAL C 659 -45.22 23.84 5.87
N MET C 660 -46.07 24.17 6.83
CA MET C 660 -46.77 25.45 6.89
C MET C 660 -46.05 26.36 7.87
N HIS C 661 -45.67 27.55 7.42
CA HIS C 661 -44.94 28.48 8.26
C HIS C 661 -45.93 29.24 9.15
N ASP C 662 -45.43 30.20 9.92
CA ASP C 662 -46.30 30.96 10.81
C ASP C 662 -47.16 31.96 10.04
N ASN C 663 -46.68 32.44 8.89
CA ASN C 663 -47.33 33.53 8.15
C ASN C 663 -47.45 33.15 6.68
N GLY C 664 -48.56 32.50 6.32
CA GLY C 664 -48.98 32.39 4.93
C GLY C 664 -48.19 31.42 4.06
N THR C 665 -46.87 31.54 4.07
CA THR C 665 -46.05 30.80 3.11
C THR C 665 -45.98 29.32 3.47
N ARG C 666 -46.05 28.47 2.46
CA ARG C 666 -45.88 27.03 2.63
C ARG C 666 -44.73 26.56 1.77
N ARG C 667 -44.01 25.54 2.24
CA ARG C 667 -42.81 25.05 1.55
C ARG C 667 -42.80 23.53 1.58
N THR C 668 -42.70 22.93 0.40
CA THR C 668 -42.70 21.48 0.22
C THR C 668 -41.27 21.03 -0.05
N TYR C 669 -40.55 20.66 1.00
CA TYR C 669 -39.21 20.12 0.85
C TYR C 669 -39.27 18.82 0.06
N ARG C 670 -38.53 18.78 -1.05
CA ARG C 670 -38.51 17.63 -1.93
C ARG C 670 -37.45 16.66 -1.42
N MET C 671 -37.87 15.48 -0.99
CA MET C 671 -36.93 14.48 -0.51
C MET C 671 -36.12 13.92 -1.68
N ARG C 672 -34.92 13.46 -1.37
CA ARG C 672 -34.01 12.85 -2.35
C ARG C 672 -33.92 11.37 -2.03
N LYS C 673 -34.65 10.55 -2.80
CA LYS C 673 -34.77 9.13 -2.56
C LYS C 673 -33.97 8.36 -3.59
N PHE C 674 -33.09 7.47 -3.12
CA PHE C 674 -32.34 6.54 -3.98
C PHE C 674 -31.57 7.30 -5.06
N ALA C 675 -30.75 8.24 -4.62
CA ALA C 675 -29.86 8.98 -5.51
C ALA C 675 -28.46 8.44 -5.38
N ARG C 676 -27.82 8.15 -6.51
CA ARG C 676 -26.48 7.58 -6.51
C ARG C 676 -25.48 8.65 -6.11
N SER C 677 -24.68 8.37 -5.09
CA SER C 677 -23.60 9.26 -4.72
C SER C 677 -22.42 9.07 -5.67
N ASN C 678 -21.40 9.93 -5.51
CA ASN C 678 -20.29 9.91 -6.45
C ASN C 678 -19.52 8.59 -6.41
N HIS C 679 -19.54 7.90 -5.28
CA HIS C 679 -18.80 6.66 -5.11
C HIS C 679 -19.70 5.43 -5.12
N GLY C 680 -20.93 5.57 -5.61
CA GLY C 680 -21.80 4.43 -5.82
C GLY C 680 -22.74 4.09 -4.68
N THR C 681 -22.68 4.80 -3.55
CA THR C 681 -23.54 4.51 -2.43
C THR C 681 -24.90 5.16 -2.62
N CYS C 682 -25.82 4.89 -1.70
CA CYS C 682 -27.17 5.45 -1.75
C CYS C 682 -27.23 6.75 -0.96
N ALA C 683 -28.28 7.53 -1.25
CA ALA C 683 -28.45 8.87 -0.71
C ALA C 683 -29.88 9.08 -0.25
N ASN C 684 -30.45 8.06 0.40
CA ASN C 684 -31.84 8.12 0.82
C ASN C 684 -32.03 9.14 1.92
N GLN C 685 -33.14 9.88 1.85
CA GLN C 685 -33.58 10.76 2.93
C GLN C 685 -34.99 10.33 3.32
N CYS C 686 -35.20 10.09 4.62
CA CYS C 686 -36.49 9.67 5.13
C CYS C 686 -37.01 10.69 6.14
N PRO C 687 -38.29 11.07 6.06
CA PRO C 687 -38.83 12.01 7.05
C PRO C 687 -38.86 11.39 8.44
N ILE C 688 -38.73 12.25 9.45
CA ILE C 688 -38.80 11.82 10.85
C ILE C 688 -39.80 12.68 11.60
N VAL C 689 -40.82 13.18 10.89
CA VAL C 689 -41.86 14.01 11.48
C VAL C 689 -43.21 13.52 10.96
N ASP C 690 -44.27 13.93 11.65
CA ASP C 690 -45.63 13.56 11.30
C ASP C 690 -46.45 14.82 11.03
N ALA C 691 -47.71 14.61 10.62
CA ALA C 691 -48.54 15.71 10.16
C ALA C 691 -48.82 16.74 11.26
N GLY C 692 -48.77 16.34 12.52
CA GLY C 692 -49.17 17.23 13.60
C GLY C 692 -48.02 17.97 14.26
N ASP C 693 -46.79 17.58 13.95
CA ASP C 693 -45.63 18.16 14.62
C ASP C 693 -45.44 19.62 14.23
N ARG C 694 -44.95 20.41 15.17
CA ARG C 694 -44.46 21.77 14.91
C ARG C 694 -42.95 21.76 15.02
N VAL C 695 -42.29 22.44 14.10
CA VAL C 695 -40.85 22.35 13.92
C VAL C 695 -40.26 23.74 13.97
N GLU C 696 -39.27 23.93 14.84
CA GLU C 696 -38.61 25.22 14.96
C GLU C 696 -37.58 25.39 13.84
N ALA C 697 -37.25 26.64 13.56
CA ALA C 697 -36.26 26.93 12.53
C ALA C 697 -34.94 26.27 12.89
N GLY C 698 -34.31 25.64 11.90
CA GLY C 698 -33.07 24.94 12.12
C GLY C 698 -33.22 23.52 12.65
N GLN C 699 -34.44 23.00 12.70
CA GLN C 699 -34.66 21.64 13.19
C GLN C 699 -34.45 20.62 12.08
N VAL C 700 -33.99 19.44 12.48
CA VAL C 700 -33.78 18.35 11.52
C VAL C 700 -35.13 17.79 11.10
N ILE C 701 -35.58 18.16 9.91
CA ILE C 701 -36.86 17.70 9.41
C ILE C 701 -36.79 16.29 8.84
N ALA C 702 -35.64 15.88 8.31
CA ALA C 702 -35.50 14.57 7.70
C ALA C 702 -34.06 14.13 7.81
N ASP C 703 -33.84 12.82 7.73
CA ASP C 703 -32.52 12.24 7.87
C ASP C 703 -31.86 12.06 6.51
N GLY C 704 -30.58 11.69 6.56
CA GLY C 704 -29.81 11.42 5.37
C GLY C 704 -29.40 9.96 5.33
N PRO C 705 -28.29 9.65 4.64
CA PRO C 705 -27.86 8.25 4.56
C PRO C 705 -27.48 7.66 5.91
N CYS C 706 -26.56 8.31 6.61
CA CYS C 706 -25.97 7.76 7.82
C CYS C 706 -26.38 8.51 9.08
N THR C 707 -27.53 9.18 9.06
CA THR C 707 -27.99 9.97 10.18
C THR C 707 -29.25 9.35 10.78
N ASP C 708 -29.32 9.35 12.11
CA ASP C 708 -30.41 8.72 12.85
C ASP C 708 -31.04 9.79 13.75
N ASP C 709 -32.18 10.32 13.33
CA ASP C 709 -32.88 11.37 14.07
C ASP C 709 -31.95 12.55 14.34
N GLY C 710 -31.18 12.93 13.33
CA GLY C 710 -30.39 14.14 13.39
C GLY C 710 -28.89 13.92 13.51
N GLU C 711 -28.48 12.94 14.28
CA GLU C 711 -27.07 12.76 14.60
C GLU C 711 -26.42 11.71 13.70
N MET C 712 -25.11 11.85 13.56
CA MET C 712 -24.35 10.96 12.68
C MET C 712 -24.42 9.52 13.18
N ALA C 713 -24.64 8.59 12.26
CA ALA C 713 -24.73 7.16 12.57
C ALA C 713 -24.06 6.39 11.42
N LEU C 714 -22.76 6.14 11.57
CA LEU C 714 -21.97 5.52 10.52
C LEU C 714 -22.01 4.00 10.53
N GLY C 715 -22.57 3.40 11.57
CA GLY C 715 -22.49 1.97 11.74
C GLY C 715 -23.44 1.51 12.80
N LYS C 716 -23.26 0.28 13.26
CA LYS C 716 -24.18 -0.34 14.18
C LYS C 716 -23.46 -0.81 15.44
N ASN C 717 -24.20 -0.86 16.54
CA ASN C 717 -23.70 -1.37 17.81
C ASN C 717 -23.98 -2.87 17.85
N LEU C 718 -22.92 -3.67 17.89
CA LEU C 718 -23.03 -5.11 18.00
C LEU C 718 -22.43 -5.59 19.31
N LEU C 719 -22.98 -6.70 19.81
CA LEU C 719 -22.40 -7.33 20.98
C LEU C 719 -21.06 -7.94 20.62
N VAL C 720 -20.03 -7.54 21.34
CA VAL C 720 -18.64 -7.90 21.07
C VAL C 720 -18.10 -8.70 22.23
N ALA C 721 -17.37 -9.77 21.91
CA ALA C 721 -16.59 -10.52 22.87
C ALA C 721 -15.12 -10.43 22.46
N ILE C 722 -14.24 -10.46 23.45
CA ILE C 722 -12.84 -10.11 23.25
C ILE C 722 -11.96 -11.33 23.53
N MET C 723 -12.44 -12.51 23.15
CA MET C 723 -11.68 -13.74 23.29
C MET C 723 -11.23 -14.26 21.94
N PRO C 724 -10.14 -15.04 21.89
CA PRO C 724 -9.73 -15.70 20.64
C PRO C 724 -10.53 -16.98 20.42
N TRP C 725 -11.42 -16.97 19.44
CA TRP C 725 -12.37 -18.07 19.25
C TRP C 725 -11.92 -18.96 18.10
N GLU C 726 -11.25 -20.06 18.44
CA GLU C 726 -10.97 -21.14 17.49
C GLU C 726 -10.21 -20.63 16.27
N GLY C 727 -9.43 -19.57 16.44
CA GLY C 727 -8.55 -19.11 15.39
C GLY C 727 -9.22 -18.57 14.15
N HIS C 728 -10.55 -18.61 14.05
CA HIS C 728 -11.20 -17.99 12.91
C HIS C 728 -11.05 -16.47 12.96
N ASN C 729 -11.02 -15.89 14.17
CA ASN C 729 -10.72 -14.48 14.35
C ASN C 729 -9.25 -14.31 14.71
N TYR C 730 -8.38 -14.78 13.83
CA TYR C 730 -6.95 -14.82 14.06
C TYR C 730 -6.27 -13.68 13.32
N GLU C 731 -5.54 -12.85 14.06
CA GLU C 731 -4.73 -11.76 13.49
C GLU C 731 -5.59 -10.81 12.67
N ASP C 732 -6.47 -10.11 13.39
CA ASP C 732 -7.35 -9.05 12.91
C ASP C 732 -8.58 -9.58 12.20
N ALA C 733 -8.70 -10.88 11.97
CA ALA C 733 -9.94 -11.41 11.41
C ALA C 733 -11.05 -11.30 12.44
N ILE C 734 -12.27 -11.04 11.95
CA ILE C 734 -13.45 -10.90 12.78
C ILE C 734 -14.44 -11.96 12.36
N ILE C 735 -15.15 -12.54 13.33
CA ILE C 735 -16.17 -13.54 13.04
C ILE C 735 -17.52 -12.99 13.49
N LEU C 736 -18.45 -12.87 12.55
CA LEU C 736 -19.79 -12.36 12.82
C LEU C 736 -20.76 -13.51 13.05
N SER C 737 -21.95 -13.15 13.54
CA SER C 737 -23.04 -14.09 13.66
C SER C 737 -23.95 -13.97 12.45
N ASN C 738 -24.59 -15.09 12.10
CA ASN C 738 -25.49 -15.09 10.96
C ASN C 738 -26.68 -14.16 11.17
N ARG C 739 -26.95 -13.75 12.40
CA ARG C 739 -28.00 -12.77 12.64
C ARG C 739 -27.76 -11.51 11.81
N LEU C 740 -26.51 -11.03 11.76
CA LEU C 740 -26.20 -9.86 10.98
C LEU C 740 -26.54 -10.03 9.51
N VAL C 741 -26.62 -11.27 9.04
CA VAL C 741 -27.12 -11.54 7.69
C VAL C 741 -28.63 -11.77 7.70
N GLU C 742 -29.14 -12.45 8.72
CA GLU C 742 -30.57 -12.72 8.78
C GLU C 742 -31.36 -11.43 8.96
N GLU C 743 -30.97 -10.61 9.92
CA GLU C 743 -31.72 -9.41 10.29
C GLU C 743 -31.25 -8.17 9.55
N ASP C 744 -30.34 -8.31 8.59
CA ASP C 744 -29.87 -7.18 7.79
C ASP C 744 -29.30 -6.07 8.68
N VAL C 745 -28.53 -6.47 9.69
CA VAL C 745 -27.86 -5.47 10.53
C VAL C 745 -26.84 -4.70 9.73
N LEU C 746 -26.03 -5.40 8.94
CA LEU C 746 -24.99 -4.80 8.11
C LEU C 746 -25.24 -5.18 6.65
N THR C 747 -26.07 -4.39 5.98
CA THR C 747 -26.29 -4.53 4.55
C THR C 747 -26.44 -3.15 3.95
N SER C 748 -25.93 -2.96 2.74
CA SER C 748 -25.89 -1.65 2.11
C SER C 748 -26.37 -1.76 0.67
N ILE C 749 -27.07 -0.71 0.22
CA ILE C 749 -27.53 -0.63 -1.16
C ILE C 749 -26.44 0.07 -1.97
N HIS C 750 -25.98 -0.58 -3.03
CA HIS C 750 -24.97 0.00 -3.92
C HIS C 750 -25.57 0.14 -5.31
N ILE C 751 -25.52 1.35 -5.84
CA ILE C 751 -26.08 1.68 -7.15
C ILE C 751 -24.91 1.90 -8.11
N GLU C 752 -24.85 1.09 -9.14
CA GLU C 752 -23.87 1.26 -10.22
C GLU C 752 -24.55 1.86 -11.44
N GLU C 753 -23.79 2.63 -12.20
CA GLU C 753 -24.30 3.39 -13.33
C GLU C 753 -23.58 2.94 -14.60
N HIS C 754 -24.35 2.62 -15.63
CA HIS C 754 -23.79 2.25 -16.93
C HIS C 754 -24.28 3.22 -18.00
N GLU C 755 -23.46 3.39 -19.03
CA GLU C 755 -23.64 4.42 -20.02
C GLU C 755 -23.38 3.85 -21.40
N ILE C 756 -24.21 4.23 -22.37
CA ILE C 756 -23.95 3.93 -23.77
C ILE C 756 -24.49 5.07 -24.62
N ASP C 757 -23.79 5.35 -25.70
CA ASP C 757 -24.13 6.42 -26.62
C ASP C 757 -24.16 5.88 -28.03
N ALA C 758 -25.24 6.17 -28.75
CA ALA C 758 -25.32 5.90 -30.18
C ALA C 758 -24.89 7.16 -30.90
N ARG C 759 -23.97 7.02 -31.85
CA ARG C 759 -23.30 8.17 -32.46
C ARG C 759 -23.31 8.03 -33.98
N ASP C 760 -23.18 9.16 -34.65
CA ASP C 760 -23.09 9.15 -36.12
C ASP C 760 -21.75 8.56 -36.53
N THR C 761 -21.80 7.40 -37.18
CA THR C 761 -20.60 6.71 -37.63
C THR C 761 -20.30 7.09 -39.08
N LYS C 762 -19.09 6.74 -39.53
CA LYS C 762 -18.69 7.02 -40.90
C LYS C 762 -19.70 6.46 -41.89
N LEU C 763 -20.16 5.23 -41.67
CA LEU C 763 -21.08 4.58 -42.59
C LEU C 763 -22.52 5.07 -42.45
N GLY C 764 -22.81 5.86 -41.42
CA GLY C 764 -24.17 6.32 -41.20
C GLY C 764 -24.40 6.71 -39.75
N ALA C 765 -25.45 6.17 -39.15
CA ALA C 765 -25.78 6.43 -37.75
C ALA C 765 -25.88 5.11 -37.00
N GLU C 766 -25.77 5.20 -35.68
CA GLU C 766 -25.93 4.06 -34.79
C GLU C 766 -27.31 4.14 -34.15
N GLU C 767 -28.03 3.02 -34.15
CA GLU C 767 -29.39 2.96 -33.65
C GLU C 767 -29.50 1.88 -32.59
N ILE C 768 -30.40 2.11 -31.64
CA ILE C 768 -30.69 1.16 -30.58
C ILE C 768 -32.10 0.65 -30.80
N THR C 769 -32.22 -0.66 -31.02
CA THR C 769 -33.50 -1.26 -31.36
C THR C 769 -33.57 -2.65 -30.75
N ARG C 770 -34.81 -3.12 -30.58
CA ARG C 770 -35.00 -4.51 -30.17
C ARG C 770 -34.56 -5.48 -31.26
N ASP C 771 -34.62 -5.04 -32.53
CA ASP C 771 -34.14 -5.85 -33.64
C ASP C 771 -32.61 -5.86 -33.62
N ILE C 772 -32.03 -7.05 -33.50
CA ILE C 772 -30.60 -7.20 -33.28
C ILE C 772 -30.10 -8.44 -34.00
N PRO C 773 -28.84 -8.42 -34.50
CA PRO C 773 -28.29 -9.62 -35.14
C PRO C 773 -28.41 -10.87 -34.28
N ASN C 774 -28.10 -12.03 -34.88
CA ASN C 774 -28.46 -13.33 -34.34
C ASN C 774 -28.19 -13.48 -32.84
N ILE C 775 -29.26 -13.68 -32.08
CA ILE C 775 -29.18 -14.01 -30.66
C ILE C 775 -30.49 -14.66 -30.27
N SER C 776 -30.40 -15.66 -29.40
CA SER C 776 -31.61 -16.34 -28.91
C SER C 776 -32.61 -15.32 -28.37
N ASP C 777 -33.89 -15.55 -28.68
CA ASP C 777 -34.92 -14.56 -28.41
C ASP C 777 -35.18 -14.36 -26.93
N GLU C 778 -34.80 -15.32 -26.07
CA GLU C 778 -35.16 -15.20 -24.66
C GLU C 778 -34.51 -13.97 -24.02
N VAL C 779 -33.31 -13.58 -24.47
CA VAL C 779 -32.68 -12.40 -23.90
C VAL C 779 -33.49 -11.16 -24.24
N LEU C 780 -34.20 -11.16 -25.38
CA LEU C 780 -35.08 -10.05 -25.71
C LEU C 780 -36.29 -9.96 -24.80
N ALA C 781 -36.55 -10.99 -23.99
CA ALA C 781 -37.72 -10.97 -23.14
C ALA C 781 -37.70 -9.77 -22.20
N ASP C 782 -36.54 -9.49 -21.60
CA ASP C 782 -36.47 -8.38 -20.65
C ASP C 782 -36.45 -7.03 -21.34
N LEU C 783 -35.85 -6.94 -22.53
CA LEU C 783 -35.80 -5.67 -23.24
C LEU C 783 -37.20 -5.22 -23.62
N ASP C 784 -37.41 -3.91 -23.63
CA ASP C 784 -38.67 -3.34 -24.04
C ASP C 784 -38.67 -3.17 -25.56
N GLU C 785 -39.71 -2.51 -26.09
CA GLU C 785 -39.83 -2.37 -27.53
C GLU C 785 -38.73 -1.51 -28.14
N ARG C 786 -38.06 -0.66 -27.35
CA ARG C 786 -37.11 0.29 -27.90
C ARG C 786 -35.73 0.14 -27.24
N GLY C 787 -35.25 -1.09 -27.10
CA GLY C 787 -33.90 -1.29 -26.60
C GLY C 787 -33.81 -1.44 -25.10
N ILE C 788 -33.57 -0.31 -24.42
CA ILE C 788 -33.25 -0.32 -23.00
C ILE C 788 -34.21 -1.22 -22.22
N VAL C 789 -33.69 -1.86 -21.19
CA VAL C 789 -34.44 -2.83 -20.40
C VAL C 789 -35.51 -2.11 -19.60
N ARG C 790 -36.43 -2.89 -19.02
CA ARG C 790 -37.57 -2.37 -18.28
C ARG C 790 -37.21 -2.18 -16.81
N ILE C 791 -37.92 -1.24 -16.17
CA ILE C 791 -37.68 -0.95 -14.77
C ILE C 791 -37.93 -2.19 -13.93
N GLY C 792 -37.15 -2.35 -12.87
CA GLY C 792 -37.37 -3.43 -11.93
C GLY C 792 -36.97 -4.80 -12.42
N ALA C 793 -36.21 -4.88 -13.50
CA ALA C 793 -35.81 -6.16 -14.07
C ALA C 793 -34.45 -6.56 -13.52
N GLU C 794 -34.39 -7.75 -12.92
CA GLU C 794 -33.11 -8.27 -12.45
C GLU C 794 -32.22 -8.60 -13.63
N VAL C 795 -30.93 -8.31 -13.49
CA VAL C 795 -29.94 -8.60 -14.51
C VAL C 795 -28.75 -9.29 -13.85
N ARG C 796 -27.95 -9.96 -14.67
CA ARG C 796 -26.77 -10.67 -14.22
C ARG C 796 -25.64 -10.42 -15.22
N ASP C 797 -24.49 -11.06 -14.97
CA ASP C 797 -23.36 -10.93 -15.88
C ASP C 797 -23.74 -11.42 -17.26
N GLY C 798 -23.44 -10.62 -18.27
CA GLY C 798 -23.68 -10.98 -19.65
C GLY C 798 -25.06 -10.65 -20.17
N ASP C 799 -25.95 -10.13 -19.35
CA ASP C 799 -27.28 -9.76 -19.82
C ASP C 799 -27.22 -8.45 -20.61
N ILE C 800 -28.22 -8.27 -21.46
CA ILE C 800 -28.32 -7.08 -22.30
C ILE C 800 -29.04 -5.99 -21.52
N LEU C 801 -28.45 -4.80 -21.48
CA LEU C 801 -29.08 -3.62 -20.90
C LEU C 801 -29.61 -2.67 -21.94
N VAL C 802 -28.89 -2.50 -23.05
CA VAL C 802 -29.31 -1.61 -24.13
C VAL C 802 -29.04 -2.28 -25.46
N GLY C 803 -30.07 -2.83 -26.08
CA GLY C 803 -29.92 -3.44 -27.39
C GLY C 803 -29.46 -2.43 -28.41
N LYS C 804 -28.20 -2.56 -28.85
CA LYS C 804 -27.58 -1.61 -29.75
C LYS C 804 -26.94 -2.34 -30.91
N VAL C 805 -27.02 -1.73 -32.09
CA VAL C 805 -26.36 -2.25 -33.28
C VAL C 805 -25.69 -1.08 -33.99
N THR C 806 -24.64 -1.39 -34.75
CA THR C 806 -23.91 -0.41 -35.53
C THR C 806 -23.68 -1.01 -36.90
N PRO C 807 -23.56 -0.19 -37.95
CA PRO C 807 -23.28 -0.75 -39.27
C PRO C 807 -22.06 -1.66 -39.23
N LYS C 808 -22.23 -2.92 -39.64
CA LYS C 808 -21.17 -3.90 -39.50
C LYS C 808 -19.91 -3.42 -40.20
N GLY C 809 -20.07 -2.75 -41.33
CA GLY C 809 -18.98 -2.28 -42.14
C GLY C 809 -19.27 -2.57 -43.59
N GLU C 810 -18.30 -2.27 -44.45
CA GLU C 810 -18.41 -2.68 -45.84
C GLU C 810 -18.36 -4.21 -45.91
N THR C 811 -19.36 -4.79 -46.57
CA THR C 811 -19.50 -6.23 -46.66
C THR C 811 -19.70 -6.62 -48.11
N GLU C 812 -19.35 -7.88 -48.42
CA GLU C 812 -19.42 -8.39 -49.77
C GLU C 812 -20.55 -9.42 -49.87
N LEU C 813 -21.52 -9.14 -50.73
CA LEU C 813 -22.59 -10.07 -51.03
C LEU C 813 -22.05 -11.20 -51.92
N THR C 814 -22.71 -12.35 -51.88
CA THR C 814 -22.38 -13.36 -52.87
C THR C 814 -22.81 -12.85 -54.24
N PRO C 815 -22.06 -13.14 -55.30
CA PRO C 815 -22.33 -12.48 -56.59
C PRO C 815 -23.77 -12.65 -57.06
N GLU C 816 -24.34 -13.85 -56.89
CA GLU C 816 -25.75 -14.03 -57.19
C GLU C 816 -26.61 -13.22 -56.23
N GLU C 817 -26.29 -13.25 -54.94
CA GLU C 817 -27.02 -12.44 -53.98
C GLU C 817 -26.89 -10.97 -54.33
N ARG C 818 -25.70 -10.56 -54.77
CA ARG C 818 -25.48 -9.14 -55.08
C ARG C 818 -26.30 -8.70 -56.28
N LEU C 819 -26.34 -9.51 -57.34
CA LEU C 819 -27.15 -9.12 -58.50
C LEU C 819 -28.63 -9.12 -58.16
N LEU C 820 -29.08 -10.12 -57.40
CA LEU C 820 -30.48 -10.14 -56.98
C LEU C 820 -30.81 -8.90 -56.14
N ARG C 821 -29.88 -8.47 -55.28
CA ARG C 821 -30.15 -7.33 -54.43
C ARG C 821 -30.13 -6.02 -55.22
N ALA C 822 -29.25 -5.93 -56.22
CA ALA C 822 -29.30 -4.79 -57.12
C ALA C 822 -30.64 -4.72 -57.83
N ILE C 823 -31.17 -5.87 -58.24
CA ILE C 823 -32.51 -5.89 -58.81
C ILE C 823 -33.53 -5.42 -57.77
N PHE C 824 -33.41 -5.90 -56.53
CA PHE C 824 -34.34 -5.51 -55.48
C PHE C 824 -34.25 -4.03 -55.18
N GLY C 825 -33.04 -3.46 -55.22
CA GLY C 825 -32.78 -2.20 -54.58
C GLY C 825 -32.65 -2.32 -53.07
N GLU C 826 -32.53 -3.54 -52.55
CA GLU C 826 -32.56 -3.77 -51.12
C GLU C 826 -31.32 -3.21 -50.44
N LYS C 827 -31.51 -2.75 -49.21
CA LYS C 827 -30.38 -2.36 -48.38
C LYS C 827 -29.57 -3.58 -47.94
N ALA C 828 -28.31 -3.34 -47.59
CA ALA C 828 -27.49 -4.42 -47.05
C ALA C 828 -28.06 -4.94 -45.74
N ARG C 829 -28.54 -4.05 -44.88
CA ARG C 829 -29.18 -4.43 -43.62
C ARG C 829 -28.24 -5.28 -42.76
N GLU C 830 -26.95 -4.95 -42.81
CA GLU C 830 -25.93 -5.79 -42.21
C GLU C 830 -25.85 -5.65 -40.69
N VAL C 831 -25.42 -4.46 -40.24
CA VAL C 831 -25.17 -4.13 -38.83
C VAL C 831 -24.39 -5.20 -38.07
N ARG C 832 -23.79 -4.80 -36.94
CA ARG C 832 -23.08 -5.72 -36.06
C ARG C 832 -23.50 -5.41 -34.64
N ASP C 833 -23.93 -6.43 -33.89
CA ASP C 833 -24.48 -6.22 -32.57
C ASP C 833 -23.37 -5.85 -31.60
N THR C 834 -23.53 -4.72 -30.91
CA THR C 834 -22.61 -4.30 -29.85
C THR C 834 -23.45 -3.54 -28.82
N SER C 835 -23.91 -4.25 -27.80
CA SER C 835 -24.86 -3.73 -26.82
C SER C 835 -24.21 -3.59 -25.46
N LEU C 836 -24.74 -2.68 -24.66
CA LEU C 836 -24.28 -2.51 -23.29
C LEU C 836 -24.61 -3.75 -22.49
N LYS C 837 -23.57 -4.47 -22.05
CA LYS C 837 -23.71 -5.59 -21.14
C LYS C 837 -22.95 -5.28 -19.86
N VAL C 838 -23.48 -5.72 -18.73
CA VAL C 838 -22.88 -5.41 -17.44
C VAL C 838 -21.53 -6.09 -17.34
N PRO C 839 -20.56 -5.52 -16.62
CA PRO C 839 -19.29 -6.22 -16.42
C PRO C 839 -19.50 -7.52 -15.66
N HIS C 840 -18.51 -8.39 -15.73
CA HIS C 840 -18.57 -9.63 -14.96
C HIS C 840 -18.66 -9.31 -13.48
N GLY C 841 -19.38 -10.17 -12.76
CA GLY C 841 -19.60 -9.95 -11.34
C GLY C 841 -20.46 -8.74 -11.03
N GLU C 842 -21.56 -8.56 -11.75
CA GLU C 842 -22.52 -7.52 -11.46
C GLU C 842 -23.93 -8.08 -11.66
N SER C 843 -24.85 -7.66 -10.79
CA SER C 843 -26.23 -8.13 -10.87
C SER C 843 -27.07 -7.26 -9.95
N GLY C 844 -28.38 -7.28 -10.20
CA GLY C 844 -29.30 -6.57 -9.32
C GLY C 844 -30.43 -5.89 -10.06
N LYS C 845 -31.36 -5.30 -9.32
CA LYS C 845 -32.51 -4.64 -9.93
C LYS C 845 -32.06 -3.43 -10.74
N VAL C 846 -32.88 -3.07 -11.73
CA VAL C 846 -32.67 -1.87 -12.53
C VAL C 846 -33.55 -0.77 -11.96
N ILE C 847 -32.94 0.35 -11.57
CA ILE C 847 -33.70 1.44 -10.96
C ILE C 847 -34.27 2.36 -12.03
N GLY C 848 -33.39 3.00 -12.79
CA GLY C 848 -33.83 4.07 -13.66
C GLY C 848 -33.16 4.08 -15.02
N ILE C 849 -33.94 4.39 -16.04
CA ILE C 849 -33.45 4.56 -17.39
C ILE C 849 -33.61 6.04 -17.75
N ARG C 850 -32.49 6.73 -17.93
CA ARG C 850 -32.49 8.13 -18.30
C ARG C 850 -32.03 8.26 -19.74
N VAL C 851 -32.92 8.73 -20.62
CA VAL C 851 -32.68 8.76 -22.05
C VAL C 851 -32.52 10.21 -22.49
N PHE C 852 -31.49 10.47 -23.31
CA PHE C 852 -31.25 11.78 -23.89
C PHE C 852 -31.12 11.62 -25.40
N SER C 853 -31.89 12.42 -26.15
CA SER C 853 -31.85 12.36 -27.60
C SER C 853 -31.79 13.78 -28.15
N ARG C 854 -31.23 13.90 -29.36
CA ARG C 854 -31.30 15.16 -30.08
C ARG C 854 -32.75 15.50 -30.45
N GLU C 855 -33.60 14.48 -30.60
CA GLU C 855 -35.01 14.73 -30.91
C GLU C 855 -35.71 15.47 -29.79
N ASP C 856 -35.25 15.30 -28.56
CA ASP C 856 -35.84 15.97 -27.40
C ASP C 856 -35.19 17.33 -27.13
N GLU C 857 -34.25 17.76 -27.97
CA GLU C 857 -33.60 19.05 -27.83
C GLU C 857 -32.88 19.16 -26.49
N ASP C 858 -31.87 18.30 -26.35
CA ASP C 858 -30.97 18.31 -25.20
C ASP C 858 -29.56 18.63 -25.69
N GLU C 859 -28.66 18.82 -24.73
CA GLU C 859 -27.26 19.10 -25.03
C GLU C 859 -26.47 17.80 -24.92
N LEU C 860 -25.93 17.35 -26.04
CA LEU C 860 -25.14 16.13 -26.14
C LEU C 860 -23.81 16.47 -26.79
N PRO C 861 -22.79 15.65 -26.57
CA PRO C 861 -21.52 15.87 -27.30
C PRO C 861 -21.74 15.75 -28.79
N ALA C 862 -21.00 16.55 -29.55
CA ALA C 862 -21.13 16.54 -31.00
C ALA C 862 -20.86 15.15 -31.54
N GLY C 863 -21.69 14.74 -32.51
CA GLY C 863 -21.58 13.43 -33.11
C GLY C 863 -22.33 12.33 -32.39
N VAL C 864 -23.00 12.64 -31.28
CA VAL C 864 -23.76 11.65 -30.53
C VAL C 864 -25.24 11.95 -30.69
N ASN C 865 -26.00 10.99 -31.20
CA ASN C 865 -27.44 11.12 -31.38
C ASN C 865 -28.20 10.76 -30.11
N GLU C 866 -27.87 9.60 -29.52
CA GLU C 866 -28.55 9.08 -28.35
C GLU C 866 -27.55 8.84 -27.22
N LEU C 867 -28.00 9.04 -25.99
CA LEU C 867 -27.19 8.78 -24.80
C LEU C 867 -28.12 8.35 -23.68
N VAL C 868 -27.98 7.11 -23.23
CA VAL C 868 -28.89 6.53 -22.25
C VAL C 868 -28.08 6.02 -21.06
N ARG C 869 -28.55 6.35 -19.86
CA ARG C 869 -27.99 5.90 -18.60
C ARG C 869 -28.91 4.85 -17.99
N VAL C 870 -28.31 3.79 -17.44
CA VAL C 870 -29.04 2.75 -16.73
C VAL C 870 -28.44 2.60 -15.34
N TYR C 871 -29.29 2.64 -14.33
CA TYR C 871 -28.86 2.45 -12.95
C TYR C 871 -29.22 1.03 -12.52
N VAL C 872 -28.27 0.34 -11.92
CA VAL C 872 -28.47 -1.02 -11.43
C VAL C 872 -28.07 -1.05 -9.96
N ALA C 873 -29.00 -1.46 -9.10
CA ALA C 873 -28.75 -1.52 -7.67
C ALA C 873 -28.65 -2.96 -7.20
N GLN C 874 -27.91 -3.16 -6.12
CA GLN C 874 -27.73 -4.46 -5.52
C GLN C 874 -27.64 -4.28 -4.01
N LYS C 875 -28.38 -5.09 -3.27
CA LYS C 875 -28.37 -5.05 -1.82
C LYS C 875 -27.25 -5.97 -1.35
N ARG C 876 -26.04 -5.42 -1.27
CA ARG C 876 -24.90 -6.21 -0.84
C ARG C 876 -25.02 -6.54 0.63
N LYS C 877 -25.13 -7.82 0.94
CA LYS C 877 -25.11 -8.28 2.32
C LYS C 877 -23.69 -8.21 2.85
N ILE C 878 -23.48 -8.70 4.06
CA ILE C 878 -22.14 -8.85 4.62
C ILE C 878 -21.71 -10.29 4.39
N SER C 879 -20.50 -10.47 3.86
CA SER C 879 -20.02 -11.79 3.45
C SER C 879 -18.60 -11.96 3.95
N ASP C 880 -18.03 -13.13 3.68
CA ASP C 880 -16.65 -13.40 4.09
C ASP C 880 -15.70 -12.46 3.38
N GLY C 881 -14.79 -11.86 4.14
CA GLY C 881 -13.77 -10.99 3.61
C GLY C 881 -14.11 -9.52 3.61
N ASP C 882 -15.39 -9.16 3.73
CA ASP C 882 -15.75 -7.76 3.80
C ASP C 882 -15.11 -7.10 5.01
N LYS C 883 -14.58 -5.89 4.80
CA LYS C 883 -13.80 -5.22 5.83
C LYS C 883 -14.71 -4.54 6.83
N LEU C 884 -14.45 -4.78 8.12
CA LEU C 884 -15.18 -4.15 9.22
C LEU C 884 -14.16 -3.49 10.13
N ALA C 885 -14.52 -2.32 10.66
CA ALA C 885 -13.61 -1.60 11.53
C ALA C 885 -14.41 -0.73 12.50
N GLY C 886 -13.98 -0.71 13.75
CA GLY C 886 -14.56 0.18 14.73
C GLY C 886 -14.13 1.61 14.51
N ARG C 887 -14.06 2.40 15.57
CA ARG C 887 -13.64 3.79 15.48
C ARG C 887 -12.22 4.02 15.95
N HIS C 888 -11.58 3.04 16.58
CA HIS C 888 -10.28 3.20 17.19
C HIS C 888 -9.19 2.43 16.44
N GLY C 889 -9.38 2.24 15.13
CA GLY C 889 -8.39 1.52 14.35
C GLY C 889 -8.29 0.06 14.75
N ASN C 890 -9.37 -0.69 14.56
CA ASN C 890 -9.39 -2.13 14.75
C ASN C 890 -9.90 -2.80 13.49
N LYS C 891 -9.36 -2.37 12.36
CA LYS C 891 -9.77 -2.90 11.07
C LYS C 891 -9.60 -4.41 11.02
N GLY C 892 -10.36 -5.04 10.12
CA GLY C 892 -10.29 -6.48 9.95
C GLY C 892 -11.32 -7.00 8.97
N VAL C 893 -10.94 -7.99 8.18
CA VAL C 893 -11.87 -8.65 7.28
C VAL C 893 -12.65 -9.69 8.08
N ILE C 894 -13.71 -10.23 7.49
CA ILE C 894 -14.59 -11.18 8.15
C ILE C 894 -14.13 -12.58 7.78
N GLY C 895 -13.47 -13.26 8.72
CA GLY C 895 -12.95 -14.59 8.47
C GLY C 895 -14.05 -15.62 8.28
N LYS C 896 -15.07 -15.61 9.12
CA LYS C 896 -16.13 -16.61 9.06
C LYS C 896 -17.39 -16.05 9.70
N ILE C 897 -18.53 -16.43 9.15
CA ILE C 897 -19.83 -16.01 9.67
C ILE C 897 -20.54 -17.23 10.23
N LEU C 898 -20.37 -17.49 11.53
CA LEU C 898 -20.92 -18.68 12.13
C LEU C 898 -22.44 -18.59 12.20
N PRO C 899 -23.13 -19.74 12.18
CA PRO C 899 -24.57 -19.71 12.45
C PRO C 899 -24.86 -19.17 13.84
N VAL C 900 -26.12 -18.77 14.04
CA VAL C 900 -26.50 -18.19 15.33
C VAL C 900 -26.36 -19.23 16.44
N GLU C 901 -26.63 -20.50 16.13
CA GLU C 901 -26.65 -21.53 17.17
C GLU C 901 -25.27 -21.74 17.78
N ASP C 902 -24.24 -21.79 16.96
CA ASP C 902 -22.88 -22.06 17.44
C ASP C 902 -22.12 -20.75 17.66
N MET C 903 -22.69 -19.92 18.53
CA MET C 903 -22.05 -18.69 18.95
C MET C 903 -22.08 -18.58 20.47
N PRO C 904 -21.04 -18.04 21.09
CA PRO C 904 -21.07 -17.87 22.55
C PRO C 904 -22.27 -17.04 22.96
N PHE C 905 -22.97 -17.50 23.99
CA PHE C 905 -24.17 -16.84 24.46
C PHE C 905 -24.09 -16.66 25.97
N LEU C 906 -24.49 -15.48 26.43
CA LEU C 906 -24.50 -15.19 27.86
C LEU C 906 -25.51 -16.11 28.55
N ALA C 907 -25.55 -16.01 29.89
CA ALA C 907 -26.55 -16.78 30.63
C ALA C 907 -27.95 -16.44 30.19
N ASP C 908 -28.18 -15.21 29.72
CA ASP C 908 -29.49 -14.84 29.21
C ASP C 908 -29.83 -15.59 27.92
N GLY C 909 -28.82 -16.04 27.19
CA GLY C 909 -29.04 -16.71 25.93
C GLY C 909 -28.85 -15.85 24.70
N THR C 910 -28.40 -14.61 24.85
CA THR C 910 -28.16 -13.75 23.70
C THR C 910 -26.79 -14.08 23.11
N PRO C 911 -26.70 -14.49 21.84
CA PRO C 911 -25.39 -14.74 21.25
C PRO C 911 -24.59 -13.46 21.10
N VAL C 912 -23.27 -13.60 21.16
CA VAL C 912 -22.38 -12.48 20.85
C VAL C 912 -22.33 -12.31 19.35
N ASP C 913 -22.61 -11.09 18.88
CA ASP C 913 -22.73 -10.86 17.45
C ASP C 913 -21.39 -10.90 16.74
N ILE C 914 -20.32 -10.49 17.41
CA ILE C 914 -18.98 -10.52 16.82
C ILE C 914 -17.97 -10.88 17.91
N ILE C 915 -16.86 -11.47 17.49
CA ILE C 915 -15.80 -11.87 18.39
C ILE C 915 -14.49 -11.31 17.84
N LEU C 916 -13.81 -10.51 18.65
CA LEU C 916 -12.54 -9.89 18.26
C LEU C 916 -11.39 -10.59 18.99
N ASN C 917 -10.26 -10.72 18.31
CA ASN C 917 -9.09 -11.31 18.94
C ASN C 917 -8.59 -10.40 20.05
N THR C 918 -8.04 -11.03 21.09
CA THR C 918 -7.52 -10.29 22.24
C THR C 918 -6.05 -9.94 22.11
N HIS C 919 -5.33 -10.57 21.18
CA HIS C 919 -3.91 -10.28 21.02
C HIS C 919 -3.67 -8.99 20.24
N GLY C 920 -4.68 -8.48 19.55
CA GLY C 920 -4.51 -7.25 18.80
C GLY C 920 -4.66 -5.98 19.62
N VAL C 921 -5.22 -6.08 20.82
CA VAL C 921 -5.46 -4.90 21.66
C VAL C 921 -4.18 -4.43 22.34
N PRO C 922 -3.53 -5.24 23.17
CA PRO C 922 -2.46 -4.69 24.01
C PRO C 922 -1.27 -4.13 23.24
N ARG C 923 -0.92 -4.72 22.11
CA ARG C 923 0.28 -4.34 21.39
C ARG C 923 0.06 -3.17 20.44
N ARG C 924 -1.15 -2.63 20.36
CA ARG C 924 -1.43 -1.44 19.56
C ARG C 924 -1.73 -0.21 20.40
N MET C 925 -1.85 -0.36 21.72
CA MET C 925 -2.09 0.77 22.62
C MET C 925 -3.28 1.58 22.15
N ASN C 926 -4.35 0.89 21.77
CA ASN C 926 -5.60 1.54 21.42
C ASN C 926 -6.65 1.16 22.43
N ILE C 927 -6.33 1.25 23.71
CA ILE C 927 -7.26 0.75 24.72
C ILE C 927 -8.30 1.85 24.91
N GLY C 928 -9.16 1.99 23.92
CA GLY C 928 -10.39 2.73 24.00
C GLY C 928 -11.52 1.87 23.48
N GLN C 929 -11.17 0.87 22.68
CA GLN C 929 -12.15 -0.12 22.26
C GLN C 929 -12.65 -0.91 23.46
N ILE C 930 -11.78 -1.19 24.42
CA ILE C 930 -12.21 -1.86 25.64
C ILE C 930 -13.08 -0.94 26.48
N LEU C 931 -12.67 0.31 26.64
CA LEU C 931 -13.48 1.24 27.41
C LEU C 931 -14.79 1.56 26.69
N GLU C 932 -14.76 1.66 25.36
CA GLU C 932 -16.00 1.81 24.62
C GLU C 932 -16.89 0.60 24.81
N THR C 933 -16.31 -0.60 24.84
CA THR C 933 -17.09 -1.81 25.09
C THR C 933 -17.76 -1.74 26.45
N HIS C 934 -17.00 -1.37 27.48
CA HIS C 934 -17.56 -1.31 28.83
C HIS C 934 -18.67 -0.28 28.92
N LEU C 935 -18.43 0.93 28.41
CA LEU C 935 -19.46 1.96 28.48
C LEU C 935 -20.65 1.61 27.60
N GLY C 936 -20.43 0.87 26.52
CA GLY C 936 -21.55 0.44 25.70
C GLY C 936 -22.43 -0.54 26.43
N TRP C 937 -21.83 -1.49 27.16
CA TRP C 937 -22.65 -2.37 27.98
C TRP C 937 -23.38 -1.58 29.05
N CYS C 938 -22.70 -0.63 29.70
CA CYS C 938 -23.36 0.17 30.73
C CYS C 938 -24.55 0.92 30.15
N ALA C 939 -24.42 1.43 28.92
CA ALA C 939 -25.51 2.18 28.32
C ALA C 939 -26.64 1.27 27.89
N HIS C 940 -26.32 0.09 27.34
CA HIS C 940 -27.38 -0.80 26.87
C HIS C 940 -28.22 -1.32 28.04
N SER C 941 -27.57 -1.70 29.13
CA SER C 941 -28.27 -2.22 30.30
C SER C 941 -28.69 -1.11 31.26
N GLY C 942 -28.34 0.14 30.99
CA GLY C 942 -28.66 1.21 31.90
C GLY C 942 -27.89 1.06 33.20
N TRP C 943 -28.20 1.94 34.14
CA TRP C 943 -27.60 1.87 35.47
C TRP C 943 -28.37 2.78 36.41
N LYS C 944 -28.05 2.64 37.70
CA LYS C 944 -28.65 3.50 38.72
C LYS C 944 -27.70 3.53 39.91
N VAL C 945 -26.99 4.64 40.09
CA VAL C 945 -26.10 4.78 41.23
C VAL C 945 -26.93 4.87 42.50
N ASP C 946 -26.53 4.10 43.52
CA ASP C 946 -27.27 4.05 44.77
C ASP C 946 -27.03 5.35 45.54
N ALA C 947 -27.94 6.30 45.38
CA ALA C 947 -27.88 7.55 46.14
C ALA C 947 -28.69 7.45 47.43
N ALA C 948 -28.44 6.38 48.20
CA ALA C 948 -29.09 6.22 49.48
C ALA C 948 -28.32 6.94 50.58
N LYS C 949 -27.00 6.93 50.50
CA LYS C 949 -26.12 7.61 51.45
C LYS C 949 -25.32 8.64 50.64
N GLY C 950 -25.91 9.82 50.46
CA GLY C 950 -25.28 10.81 49.60
C GLY C 950 -25.06 10.24 48.22
N VAL C 951 -23.83 10.36 47.73
CA VAL C 951 -23.42 9.74 46.47
C VAL C 951 -22.03 9.15 46.63
N PRO C 952 -21.69 8.15 45.83
CA PRO C 952 -20.33 7.59 45.90
C PRO C 952 -19.30 8.64 45.53
N ASP C 953 -18.11 8.51 46.13
CA ASP C 953 -17.04 9.48 45.88
C ASP C 953 -16.70 9.56 44.40
N TRP C 954 -16.62 8.41 43.73
CA TRP C 954 -16.31 8.41 42.30
C TRP C 954 -17.37 9.12 41.49
N ALA C 955 -18.59 9.24 42.01
CA ALA C 955 -19.67 9.95 41.35
C ALA C 955 -19.80 11.40 41.81
N ALA C 956 -18.88 11.87 42.64
CA ALA C 956 -18.98 13.24 43.15
C ALA C 956 -18.95 14.25 42.00
N ARG C 957 -18.06 14.04 41.04
CA ARG C 957 -17.95 14.92 39.89
C ARG C 957 -18.85 14.51 38.73
N LEU C 958 -19.56 13.40 38.86
CA LEU C 958 -20.47 12.99 37.80
C LEU C 958 -21.60 14.00 37.67
N PRO C 959 -21.94 14.45 36.46
CA PRO C 959 -23.09 15.35 36.32
C PRO C 959 -24.37 14.70 36.81
N ASP C 960 -25.30 15.53 37.26
CA ASP C 960 -26.62 15.03 37.60
C ASP C 960 -27.28 14.41 36.38
N GLU C 961 -28.42 13.76 36.62
CA GLU C 961 -29.12 12.94 35.63
C GLU C 961 -28.15 12.05 34.85
N LEU C 962 -27.07 11.61 35.51
CA LEU C 962 -26.28 10.47 35.08
C LEU C 962 -26.23 9.39 36.14
N LEU C 963 -26.64 9.68 37.36
CA LEU C 963 -26.72 8.66 38.39
C LEU C 963 -27.75 7.60 38.07
N GLU C 964 -28.64 7.85 37.10
CA GLU C 964 -29.56 6.85 36.59
C GLU C 964 -29.61 6.95 35.08
N ALA C 965 -29.91 5.82 34.44
CA ALA C 965 -30.02 5.78 32.98
C ALA C 965 -30.77 4.51 32.61
N GLN C 966 -31.85 4.66 31.84
CA GLN C 966 -32.66 3.54 31.43
C GLN C 966 -31.94 2.74 30.35
N PRO C 967 -32.38 1.51 30.08
CA PRO C 967 -31.73 0.72 29.03
C PRO C 967 -31.77 1.44 27.68
N ASN C 968 -30.71 1.21 26.90
CA ASN C 968 -30.53 1.87 25.60
C ASN C 968 -30.43 3.39 25.76
N ALA C 969 -29.84 3.82 26.87
CA ALA C 969 -29.65 5.25 27.14
C ALA C 969 -28.36 5.70 26.45
N ILE C 970 -28.51 6.33 25.28
CA ILE C 970 -27.35 6.87 24.58
C ILE C 970 -26.65 7.89 25.46
N VAL C 971 -25.32 7.87 25.45
CA VAL C 971 -24.51 8.81 26.22
C VAL C 971 -23.47 9.41 25.29
N SER C 972 -22.57 10.23 25.84
CA SER C 972 -21.52 10.84 25.04
C SER C 972 -20.35 11.18 25.94
N THR C 973 -19.15 10.85 25.49
CA THR C 973 -17.92 11.24 26.16
C THR C 973 -17.14 12.17 25.25
N PRO C 974 -17.06 13.48 25.53
CA PRO C 974 -16.26 14.36 24.66
C PRO C 974 -14.83 13.86 24.55
N VAL C 975 -14.08 14.49 23.65
CA VAL C 975 -12.85 13.88 23.17
C VAL C 975 -11.83 13.79 24.29
N PHE C 976 -11.36 14.94 24.79
CA PHE C 976 -10.34 14.97 25.82
C PHE C 976 -10.90 15.30 27.20
N ASP C 977 -12.22 15.37 27.33
CA ASP C 977 -12.87 15.47 28.64
C ASP C 977 -14.09 14.54 28.56
N GLY C 978 -13.95 13.35 29.13
CA GLY C 978 -15.03 12.39 29.11
C GLY C 978 -15.01 11.47 30.31
N ALA C 979 -15.61 10.30 30.17
CA ALA C 979 -15.70 9.36 31.27
C ALA C 979 -14.32 8.91 31.71
N GLN C 980 -14.03 9.07 32.98
CA GLN C 980 -12.77 8.61 33.54
C GLN C 980 -12.82 7.10 33.77
N GLU C 981 -11.66 6.52 34.10
CA GLU C 981 -11.62 5.11 34.44
C GLU C 981 -12.43 4.84 35.71
N ALA C 982 -12.33 5.71 36.70
CA ALA C 982 -13.08 5.52 37.93
C ALA C 982 -14.58 5.54 37.67
N GLU C 983 -15.04 6.45 36.82
CA GLU C 983 -16.46 6.49 36.49
C GLU C 983 -16.90 5.21 35.79
N LEU C 984 -16.06 4.67 34.91
CA LEU C 984 -16.41 3.42 34.24
C LEU C 984 -16.52 2.28 35.25
N GLN C 985 -15.56 2.19 36.18
CA GLN C 985 -15.64 1.16 37.20
C GLN C 985 -16.91 1.31 38.02
N GLY C 986 -17.24 2.53 38.42
CA GLY C 986 -18.45 2.75 39.19
C GLY C 986 -19.70 2.37 38.43
N LEU C 987 -19.79 2.79 37.16
CA LEU C 987 -20.97 2.49 36.36
C LEU C 987 -21.10 0.99 36.12
N LEU C 988 -19.98 0.27 36.02
CA LEU C 988 -20.07 -1.18 35.91
C LEU C 988 -20.46 -1.83 37.23
N SER C 989 -20.17 -1.18 38.36
CA SER C 989 -20.61 -1.73 39.64
C SER C 989 -22.13 -1.81 39.71
N CYS C 990 -22.82 -0.76 39.25
CA CYS C 990 -24.29 -0.72 39.23
C CYS C 990 -24.74 -0.79 37.78
N THR C 991 -25.22 -1.97 37.38
CA THR C 991 -25.53 -2.28 35.98
C THR C 991 -26.88 -3.00 35.91
N LEU C 992 -27.92 -2.36 36.46
CA LEU C 992 -29.18 -2.98 36.89
C LEU C 992 -29.64 -4.15 36.03
N PRO C 993 -30.15 -5.23 36.65
CA PRO C 993 -30.44 -6.45 35.89
C PRO C 993 -31.41 -6.23 34.74
N ASN C 994 -31.22 -7.02 33.68
CA ASN C 994 -32.03 -6.88 32.48
C ASN C 994 -33.50 -7.16 32.75
N ARG C 995 -33.84 -8.43 33.03
CA ARG C 995 -35.24 -8.82 33.20
C ARG C 995 -35.45 -9.62 34.48
N ASP C 996 -34.49 -10.48 34.81
CA ASP C 996 -34.54 -11.30 36.02
C ASP C 996 -33.53 -10.75 37.02
N GLY C 997 -33.34 -11.46 38.13
CA GLY C 997 -32.31 -11.09 39.06
C GLY C 997 -31.00 -11.71 38.62
N ASP C 998 -30.21 -10.93 37.88
CA ASP C 998 -29.00 -11.44 37.26
C ASP C 998 -28.18 -10.29 36.69
N VAL C 999 -26.89 -10.26 37.01
CA VAL C 999 -25.96 -9.30 36.43
C VAL C 999 -25.09 -10.07 35.46
N LEU C 1000 -25.37 -9.94 34.17
CA LEU C 1000 -24.63 -10.70 33.17
C LEU C 1000 -23.15 -10.34 33.19
N VAL C 1001 -22.83 -9.06 33.37
CA VAL C 1001 -21.47 -8.55 33.32
C VAL C 1001 -21.14 -8.01 34.70
N ASP C 1002 -20.20 -8.64 35.38
CA ASP C 1002 -19.85 -8.24 36.74
C ASP C 1002 -19.05 -6.94 36.73
N ALA C 1003 -18.59 -6.53 37.91
CA ALA C 1003 -17.96 -5.22 38.06
C ALA C 1003 -16.67 -5.10 37.25
N ASP C 1004 -16.06 -6.21 36.85
CA ASP C 1004 -14.83 -6.16 36.08
C ASP C 1004 -15.08 -5.95 34.59
N GLY C 1005 -16.33 -5.85 34.17
CA GLY C 1005 -16.65 -5.71 32.76
C GLY C 1005 -16.68 -7.02 32.00
N LYS C 1006 -16.36 -8.12 32.65
CA LYS C 1006 -16.32 -9.44 32.02
C LYS C 1006 -17.58 -10.23 32.35
N ALA C 1007 -17.76 -11.34 31.66
CA ALA C 1007 -18.98 -12.12 31.77
C ALA C 1007 -18.66 -13.60 31.64
N MET C 1008 -19.59 -14.43 32.12
CA MET C 1008 -19.49 -15.88 32.01
C MET C 1008 -20.18 -16.30 30.71
N LEU C 1009 -19.40 -16.77 29.75
CA LEU C 1009 -19.92 -17.09 28.43
C LEU C 1009 -20.03 -18.61 28.26
N PHE C 1010 -21.15 -19.04 27.67
CA PHE C 1010 -21.40 -20.45 27.38
C PHE C 1010 -20.98 -20.74 25.95
N ASP C 1011 -20.11 -21.72 25.77
CA ASP C 1011 -19.66 -22.07 24.43
C ASP C 1011 -20.83 -22.56 23.59
N GLY C 1012 -20.82 -22.19 22.30
CA GLY C 1012 -21.92 -22.55 21.44
C GLY C 1012 -21.86 -23.99 20.95
N ARG C 1013 -20.67 -24.57 20.84
CA ARG C 1013 -20.49 -25.91 20.28
C ARG C 1013 -20.32 -26.97 21.37
N SER C 1014 -19.30 -26.84 22.20
CA SER C 1014 -19.04 -27.83 23.23
C SER C 1014 -20.13 -27.81 24.31
N GLY C 1015 -20.83 -26.70 24.46
CA GLY C 1015 -21.88 -26.56 25.45
C GLY C 1015 -21.39 -26.09 26.80
N GLU C 1016 -20.25 -26.60 27.24
CA GLU C 1016 -19.73 -26.23 28.54
C GLU C 1016 -19.24 -24.79 28.52
N PRO C 1017 -19.25 -24.10 29.65
CA PRO C 1017 -18.81 -22.71 29.68
C PRO C 1017 -17.30 -22.60 29.54
N PHE C 1018 -16.86 -21.46 29.02
CA PHE C 1018 -15.43 -21.20 28.98
C PHE C 1018 -14.89 -21.06 30.41
N PRO C 1019 -13.76 -21.68 30.73
CA PRO C 1019 -13.37 -21.79 32.14
C PRO C 1019 -13.13 -20.45 32.82
N TYR C 1020 -12.94 -19.37 32.07
CA TYR C 1020 -12.73 -18.05 32.64
C TYR C 1020 -13.69 -17.06 32.04
N PRO C 1021 -14.03 -15.99 32.76
CA PRO C 1021 -14.97 -15.01 32.21
C PRO C 1021 -14.37 -14.27 31.03
N VAL C 1022 -15.26 -13.80 30.16
CA VAL C 1022 -14.88 -13.12 28.92
C VAL C 1022 -15.37 -11.69 28.97
N THR C 1023 -14.60 -10.78 28.35
CA THR C 1023 -14.99 -9.39 28.24
C THR C 1023 -16.06 -9.26 27.17
N VAL C 1024 -17.26 -8.87 27.56
CA VAL C 1024 -18.37 -8.69 26.64
C VAL C 1024 -18.88 -7.27 26.76
N GLY C 1025 -19.37 -6.73 25.66
CA GLY C 1025 -20.04 -5.45 25.71
C GLY C 1025 -20.65 -5.11 24.37
N TYR C 1026 -20.96 -3.84 24.19
CA TYR C 1026 -21.49 -3.35 22.92
C TYR C 1026 -20.48 -2.42 22.29
N MET C 1027 -20.10 -2.70 21.05
CA MET C 1027 -19.15 -1.88 20.33
C MET C 1027 -19.78 -1.36 19.05
N TYR C 1028 -19.49 -0.11 18.73
CA TYR C 1028 -19.98 0.53 17.53
C TYR C 1028 -19.00 0.22 16.41
N ILE C 1029 -19.34 -0.76 15.57
CA ILE C 1029 -18.50 -1.12 14.44
C ILE C 1029 -19.26 -0.77 13.16
N MET C 1030 -18.50 -0.67 12.07
CA MET C 1030 -18.96 -0.05 10.84
C MET C 1030 -18.62 -0.98 9.68
N LYS C 1031 -19.18 -0.66 8.52
CA LYS C 1031 -18.96 -1.45 7.31
C LYS C 1031 -18.18 -0.60 6.32
N LEU C 1032 -16.87 -0.84 6.25
CA LEU C 1032 -16.02 -0.07 5.36
C LEU C 1032 -16.33 -0.40 3.90
N HIS C 1033 -15.94 0.52 3.03
CA HIS C 1033 -16.18 0.37 1.59
C HIS C 1033 -15.02 -0.36 0.92
N HIS C 1034 -14.73 -1.55 1.43
CA HIS C 1034 -13.74 -2.46 0.88
C HIS C 1034 -14.33 -3.84 0.73
N LEU C 1035 -15.51 -3.90 0.15
CA LEU C 1035 -16.26 -5.15 0.05
C LEU C 1035 -15.58 -6.10 -0.93
N VAL C 1036 -15.76 -7.40 -0.69
CA VAL C 1036 -15.06 -8.41 -1.48
C VAL C 1036 -15.57 -8.42 -2.92
N ASP C 1037 -16.88 -8.26 -3.11
CA ASP C 1037 -17.44 -8.35 -4.45
C ASP C 1037 -16.78 -7.34 -5.39
N ASP C 1038 -16.28 -6.23 -4.85
CA ASP C 1038 -15.55 -5.27 -5.64
C ASP C 1038 -14.08 -5.62 -5.83
N LYS C 1039 -13.57 -6.61 -5.10
CA LYS C 1039 -12.15 -6.93 -5.09
C LYS C 1039 -11.80 -8.20 -5.86
N ILE C 1040 -12.62 -9.24 -5.79
CA ILE C 1040 -12.27 -10.51 -6.41
C ILE C 1040 -12.15 -10.34 -7.91
N HIS C 1041 -11.19 -11.04 -8.51
CA HIS C 1041 -11.00 -11.01 -9.94
C HIS C 1041 -10.33 -12.29 -10.40
N ALA C 1042 -10.65 -12.72 -11.62
CA ALA C 1042 -10.07 -13.91 -12.21
C ALA C 1042 -10.02 -13.74 -13.73
N ARG C 1043 -8.89 -14.10 -14.32
CA ARG C 1043 -8.70 -14.02 -15.76
C ARG C 1043 -8.04 -15.29 -16.28
N SER C 1044 -8.51 -15.75 -17.44
CA SER C 1044 -7.84 -16.83 -18.18
C SER C 1044 -7.58 -16.40 -19.61
N THR C 1045 -8.37 -15.45 -20.12
CA THR C 1045 -8.16 -14.90 -21.45
C THR C 1045 -8.99 -13.62 -21.58
N GLY C 1046 -8.38 -12.59 -22.14
CA GLY C 1046 -9.02 -11.30 -22.27
C GLY C 1046 -8.36 -10.45 -23.33
N PRO C 1047 -8.64 -9.15 -23.31
CA PRO C 1047 -8.01 -8.26 -24.30
C PRO C 1047 -6.51 -8.12 -24.06
N TYR C 1048 -5.81 -7.74 -25.11
CA TYR C 1048 -4.36 -7.61 -25.09
C TYR C 1048 -3.96 -6.21 -25.52
N SER C 1049 -2.82 -5.74 -25.01
CA SER C 1049 -2.28 -4.48 -25.43
C SER C 1049 -1.75 -4.59 -26.85
N MET C 1050 -2.13 -3.65 -27.71
CA MET C 1050 -1.70 -3.71 -29.10
C MET C 1050 -0.24 -3.31 -29.26
N ILE C 1051 0.24 -2.41 -28.41
CA ILE C 1051 1.62 -1.95 -28.54
C ILE C 1051 2.58 -3.08 -28.22
N THR C 1052 2.52 -3.58 -27.00
CA THR C 1052 3.16 -4.82 -26.60
C THR C 1052 2.06 -5.83 -26.27
N GLN C 1053 2.22 -7.07 -26.73
CA GLN C 1053 1.13 -8.02 -26.70
C GLN C 1053 0.94 -8.67 -25.33
N GLN C 1054 1.42 -8.04 -24.27
CA GLN C 1054 1.12 -8.51 -22.93
C GLN C 1054 -0.38 -8.37 -22.67
N PRO C 1055 -0.92 -9.15 -21.72
CA PRO C 1055 -2.33 -8.99 -21.37
C PRO C 1055 -2.59 -7.61 -20.78
N LEU C 1056 -3.83 -7.15 -20.96
CA LEU C 1056 -4.23 -5.86 -20.42
C LEU C 1056 -4.15 -5.89 -18.90
N GLY C 1057 -4.46 -4.77 -18.26
CA GLY C 1057 -4.32 -4.66 -16.82
C GLY C 1057 -5.55 -4.03 -16.19
N GLY C 1058 -5.83 -4.48 -14.97
CA GLY C 1058 -6.89 -3.94 -14.16
C GLY C 1058 -8.14 -4.80 -14.15
N LYS C 1059 -9.01 -4.52 -13.19
CA LYS C 1059 -10.28 -5.21 -13.08
C LYS C 1059 -11.35 -4.62 -13.99
N ALA C 1060 -11.25 -3.35 -14.36
CA ALA C 1060 -12.24 -2.75 -15.24
C ALA C 1060 -12.32 -3.51 -16.55
N GLN C 1061 -11.18 -3.71 -17.21
CA GLN C 1061 -11.07 -4.68 -18.28
C GLN C 1061 -10.88 -6.04 -17.62
N PHE C 1062 -10.59 -7.08 -18.40
CA PHE C 1062 -10.32 -8.36 -17.77
C PHE C 1062 -9.01 -8.28 -17.01
N GLY C 1063 -7.91 -8.10 -17.72
CA GLY C 1063 -6.65 -7.83 -17.06
C GLY C 1063 -6.08 -9.03 -16.33
N GLY C 1064 -4.76 -9.13 -16.28
CA GLY C 1064 -4.08 -10.21 -15.58
C GLY C 1064 -3.15 -9.65 -14.53
N GLN C 1065 -3.00 -10.38 -13.42
CA GLN C 1065 -2.21 -9.89 -12.31
C GLN C 1065 -0.75 -9.79 -12.71
N ARG C 1066 -0.14 -8.64 -12.42
CA ARG C 1066 1.24 -8.41 -12.82
C ARG C 1066 2.18 -9.37 -12.11
N PHE C 1067 3.19 -9.83 -12.85
CA PHE C 1067 4.25 -10.67 -12.30
C PHE C 1067 5.54 -9.84 -12.39
N GLY C 1068 5.76 -9.02 -11.38
CA GLY C 1068 6.79 -8.00 -11.44
C GLY C 1068 8.19 -8.57 -11.36
N GLU C 1069 9.14 -7.64 -11.20
CA GLU C 1069 10.54 -8.04 -11.09
C GLU C 1069 10.79 -8.88 -9.84
N MET C 1070 10.20 -8.48 -8.71
CA MET C 1070 10.44 -9.18 -7.46
C MET C 1070 9.92 -10.60 -7.51
N GLU C 1071 8.75 -10.79 -8.13
CA GLU C 1071 8.21 -12.15 -8.25
C GLU C 1071 9.12 -13.02 -9.09
N CYS C 1072 9.66 -12.48 -10.19
CA CYS C 1072 10.61 -13.24 -11.00
C CYS C 1072 11.87 -13.55 -10.21
N TRP C 1073 12.31 -12.63 -9.35
CA TRP C 1073 13.46 -12.93 -8.49
C TRP C 1073 13.14 -14.10 -7.57
N ALA C 1074 11.94 -14.12 -7.00
CA ALA C 1074 11.56 -15.24 -6.15
C ALA C 1074 11.56 -16.55 -6.93
N MET C 1075 11.00 -16.54 -8.14
CA MET C 1075 10.98 -17.74 -8.96
C MET C 1075 12.40 -18.22 -9.26
N GLN C 1076 13.29 -17.29 -9.63
CA GLN C 1076 14.68 -17.67 -9.87
C GLN C 1076 15.32 -18.24 -8.62
N ALA C 1077 14.99 -17.68 -7.44
CA ALA C 1077 15.52 -18.20 -6.20
C ALA C 1077 15.08 -19.65 -5.99
N TYR C 1078 13.81 -19.95 -6.26
CA TYR C 1078 13.36 -21.33 -6.15
C TYR C 1078 14.12 -22.25 -7.09
N GLY C 1079 14.52 -21.74 -8.26
CA GLY C 1079 15.10 -22.57 -9.29
C GLY C 1079 14.11 -23.10 -10.29
N ALA C 1080 12.89 -22.58 -10.31
CA ALA C 1080 11.84 -23.07 -11.20
C ALA C 1080 11.99 -22.36 -12.54
N ALA C 1081 12.77 -22.96 -13.44
CA ALA C 1081 12.98 -22.36 -14.75
C ALA C 1081 11.75 -22.46 -15.61
N TYR C 1082 11.12 -23.64 -15.65
CA TYR C 1082 10.01 -23.86 -16.56
C TYR C 1082 8.79 -23.03 -16.19
N THR C 1083 8.50 -22.90 -14.89
CA THR C 1083 7.36 -22.08 -14.49
C THR C 1083 7.59 -20.61 -14.86
N LEU C 1084 8.83 -20.13 -14.69
CA LEU C 1084 9.14 -18.76 -15.08
C LEU C 1084 8.97 -18.58 -16.58
N GLN C 1085 9.45 -19.55 -17.37
CA GLN C 1085 9.26 -19.48 -18.82
C GLN C 1085 7.77 -19.48 -19.17
N GLU C 1086 6.98 -20.29 -18.46
CA GLU C 1086 5.55 -20.32 -18.70
C GLU C 1086 4.92 -18.95 -18.42
N LEU C 1087 5.27 -18.35 -17.28
CA LEU C 1087 4.65 -17.10 -16.88
C LEU C 1087 5.08 -15.95 -17.78
N LEU C 1088 6.26 -16.04 -18.39
CA LEU C 1088 6.78 -14.91 -19.15
C LEU C 1088 6.70 -15.09 -20.66
N THR C 1089 6.39 -16.28 -21.18
CA THR C 1089 6.46 -16.53 -22.61
C THR C 1089 5.10 -16.82 -23.24
N ILE C 1090 4.40 -17.87 -22.81
CA ILE C 1090 3.18 -18.29 -23.49
C ILE C 1090 1.92 -17.89 -22.73
N LYS C 1091 2.05 -17.40 -21.51
CA LYS C 1091 0.92 -16.82 -20.81
C LYS C 1091 0.75 -15.34 -21.12
N SER C 1092 1.80 -14.66 -21.58
CA SER C 1092 1.76 -13.21 -21.77
C SER C 1092 1.96 -12.79 -23.23
N ASP C 1093 3.09 -13.14 -23.86
CA ASP C 1093 3.52 -12.47 -25.08
C ASP C 1093 3.68 -13.34 -26.30
N ASP C 1094 3.76 -14.66 -26.15
CA ASP C 1094 3.99 -15.52 -27.32
C ASP C 1094 2.71 -15.53 -28.13
N THR C 1095 2.56 -14.49 -28.96
CA THR C 1095 1.33 -14.31 -29.74
C THR C 1095 1.01 -15.55 -30.57
N VAL C 1096 2.04 -16.23 -31.08
CA VAL C 1096 1.80 -17.48 -31.79
C VAL C 1096 1.64 -18.66 -30.84
N GLY C 1097 2.01 -18.49 -29.57
CA GLY C 1097 1.96 -19.59 -28.62
C GLY C 1097 0.70 -19.65 -27.79
N ARG C 1098 0.08 -18.51 -27.51
CA ARG C 1098 -1.12 -18.50 -26.68
C ARG C 1098 -2.24 -19.30 -27.31
N VAL C 1099 -2.46 -19.13 -28.62
CA VAL C 1099 -3.53 -19.87 -29.28
C VAL C 1099 -3.25 -21.36 -29.22
N LYS C 1100 -1.99 -21.74 -29.47
CA LYS C 1100 -1.63 -23.15 -29.42
C LYS C 1100 -1.86 -23.72 -28.03
N VAL C 1101 -1.58 -22.94 -26.98
CA VAL C 1101 -1.78 -23.41 -25.61
C VAL C 1101 -3.26 -23.61 -25.34
N TYR C 1102 -4.08 -22.64 -25.76
CA TYR C 1102 -5.53 -22.80 -25.61
C TYR C 1102 -6.01 -24.08 -26.28
N GLU C 1103 -5.59 -24.30 -27.53
CA GLU C 1103 -6.03 -25.49 -28.25
C GLU C 1103 -5.52 -26.75 -27.59
N ALA C 1104 -4.28 -26.74 -27.11
CA ALA C 1104 -3.72 -27.93 -26.49
C ALA C 1104 -4.47 -28.31 -25.22
N ILE C 1105 -4.77 -27.32 -24.37
CA ILE C 1105 -5.50 -27.62 -23.15
C ILE C 1105 -6.92 -28.08 -23.48
N VAL C 1106 -7.58 -27.44 -24.45
CA VAL C 1106 -8.92 -27.85 -24.82
C VAL C 1106 -8.92 -29.28 -25.32
N LYS C 1107 -7.95 -29.63 -26.17
CA LYS C 1107 -7.87 -30.97 -26.73
C LYS C 1107 -7.19 -31.96 -25.80
N GLY C 1108 -6.52 -31.48 -24.74
CA GLY C 1108 -5.85 -32.35 -23.81
C GLY C 1108 -4.47 -32.79 -24.22
N GLU C 1109 -3.90 -32.23 -25.29
CA GLU C 1109 -2.56 -32.62 -25.70
C GLU C 1109 -1.52 -32.04 -24.76
N ASN C 1110 -0.27 -32.40 -25.01
CA ASN C 1110 0.86 -31.84 -24.28
C ASN C 1110 1.04 -30.37 -24.61
N ILE C 1111 1.49 -29.61 -23.63
CA ILE C 1111 1.71 -28.17 -23.83
C ILE C 1111 2.80 -27.98 -24.87
N PRO C 1112 2.64 -27.07 -25.84
CA PRO C 1112 3.71 -26.80 -26.79
C PRO C 1112 4.85 -26.03 -26.13
N GLU C 1113 6.02 -26.12 -26.74
CA GLU C 1113 7.18 -25.42 -26.21
C GLU C 1113 7.04 -23.92 -26.46
N PRO C 1114 7.44 -23.08 -25.50
CA PRO C 1114 7.34 -21.63 -25.71
C PRO C 1114 8.24 -21.16 -26.84
N GLY C 1115 7.83 -20.04 -27.44
CA GLY C 1115 8.62 -19.39 -28.48
C GLY C 1115 9.42 -18.22 -27.93
N ILE C 1116 9.33 -17.08 -28.59
CA ILE C 1116 10.08 -15.88 -28.23
C ILE C 1116 9.07 -14.78 -27.91
N PRO C 1117 9.21 -14.08 -26.79
CA PRO C 1117 8.19 -13.07 -26.44
C PRO C 1117 8.15 -11.93 -27.44
N GLU C 1118 6.93 -11.45 -27.72
CA GLU C 1118 6.76 -10.32 -28.63
C GLU C 1118 7.40 -9.05 -28.08
N SER C 1119 7.41 -8.89 -26.75
CA SER C 1119 7.96 -7.68 -26.17
C SER C 1119 9.46 -7.56 -26.44
N PHE C 1120 10.16 -8.69 -26.48
CA PHE C 1120 11.57 -8.65 -26.83
C PHE C 1120 11.75 -8.20 -28.27
N LYS C 1121 10.87 -8.64 -29.17
CA LYS C 1121 10.92 -8.15 -30.54
C LYS C 1121 10.67 -6.65 -30.61
N VAL C 1122 9.75 -6.14 -29.78
CA VAL C 1122 9.52 -4.71 -29.73
C VAL C 1122 10.79 -4.00 -29.28
N LEU C 1123 11.45 -4.52 -28.26
CA LEU C 1123 12.72 -3.93 -27.81
C LEU C 1123 13.73 -3.93 -28.94
N LEU C 1124 13.81 -5.03 -29.69
CA LEU C 1124 14.75 -5.12 -30.79
C LEU C 1124 14.45 -4.05 -31.85
N LYS C 1125 13.19 -3.90 -32.22
CA LYS C 1125 12.84 -2.91 -33.24
C LYS C 1125 13.14 -1.51 -32.77
N GLU C 1126 12.93 -1.23 -31.48
CA GLU C 1126 13.21 0.10 -30.97
C GLU C 1126 14.72 0.38 -30.93
N LEU C 1127 15.51 -0.59 -30.48
CA LEU C 1127 16.96 -0.43 -30.54
C LEU C 1127 17.42 -0.19 -31.98
N GLN C 1128 16.85 -0.92 -32.93
CA GLN C 1128 17.18 -0.68 -34.33
C GLN C 1128 16.76 0.72 -34.76
N SER C 1129 15.61 1.20 -34.26
CA SER C 1129 15.14 2.52 -34.60
C SER C 1129 16.01 3.63 -34.02
N LEU C 1130 16.86 3.33 -33.05
CA LEU C 1130 17.79 4.31 -32.52
C LEU C 1130 19.15 4.26 -33.22
N CYS C 1131 19.22 3.73 -34.43
CA CYS C 1131 20.49 3.60 -35.15
C CYS C 1131 21.50 2.80 -34.34
N LEU C 1132 21.04 1.68 -33.79
CA LEU C 1132 21.89 0.70 -33.13
C LEU C 1132 21.69 -0.62 -33.86
N ASN C 1133 22.71 -1.05 -34.60
CA ASN C 1133 22.57 -2.28 -35.38
C ASN C 1133 22.58 -3.47 -34.43
N VAL C 1134 21.40 -3.90 -33.98
CA VAL C 1134 21.25 -5.07 -33.15
C VAL C 1134 20.89 -6.24 -34.04
N GLU C 1135 21.82 -7.18 -34.21
CA GLU C 1135 21.57 -8.38 -34.98
C GLU C 1135 21.75 -9.59 -34.08
N VAL C 1136 21.11 -10.70 -34.46
CA VAL C 1136 21.12 -11.94 -33.68
C VAL C 1136 22.04 -12.91 -34.40
N LEU C 1137 23.02 -13.44 -33.69
CA LEU C 1137 23.93 -14.42 -34.24
C LEU C 1137 23.47 -15.81 -33.81
N SER C 1138 23.00 -16.61 -34.77
CA SER C 1138 22.60 -17.97 -34.47
C SER C 1138 23.77 -18.82 -34.01
N SER C 1139 25.00 -18.42 -34.31
CA SER C 1139 26.18 -19.17 -33.91
C SER C 1139 27.44 -18.33 -34.15
N GLY D 8 22.25 -13.29 -39.12
CA GLY D 8 21.78 -14.53 -38.46
C GLY D 8 20.30 -14.79 -38.64
N ALA D 9 19.60 -15.06 -37.53
CA ALA D 9 18.19 -15.39 -37.61
C ALA D 9 17.35 -14.19 -38.04
N MET D 10 16.30 -14.47 -38.79
CA MET D 10 15.29 -13.49 -39.15
C MET D 10 13.93 -13.79 -38.55
N LEU D 11 13.59 -15.07 -38.36
CA LEU D 11 12.37 -15.45 -37.66
C LEU D 11 12.52 -15.39 -36.15
N ASP D 12 13.74 -15.19 -35.64
CA ASP D 12 14.01 -15.08 -34.21
C ASP D 12 13.37 -16.23 -33.44
N VAL D 13 13.76 -17.45 -33.79
CA VAL D 13 13.38 -18.62 -33.01
C VAL D 13 14.29 -18.66 -31.80
N ASN D 14 13.95 -19.50 -30.81
CA ASN D 14 14.73 -19.52 -29.58
C ASN D 14 16.10 -20.16 -29.75
N PHE D 15 16.53 -20.48 -30.97
CA PHE D 15 17.89 -20.94 -31.21
C PHE D 15 18.83 -19.74 -31.36
N PHE D 16 18.80 -18.89 -30.35
CA PHE D 16 19.67 -17.74 -30.19
C PHE D 16 21.05 -18.23 -29.75
N ASP D 17 22.11 -17.45 -30.00
CA ASP D 17 23.37 -17.74 -29.34
C ASP D 17 24.07 -16.46 -28.85
N GLU D 18 23.78 -15.33 -29.47
CA GLU D 18 24.52 -14.11 -29.18
C GLU D 18 23.72 -12.91 -29.66
N LEU D 19 23.80 -11.82 -28.91
CA LEU D 19 23.10 -10.57 -29.24
C LEU D 19 24.12 -9.44 -29.23
N ARG D 20 24.45 -8.93 -30.42
CA ARG D 20 25.43 -7.87 -30.57
C ARG D 20 24.74 -6.56 -30.89
N ILE D 21 25.31 -5.47 -30.38
CA ILE D 21 24.84 -4.12 -30.66
C ILE D 21 26.05 -3.30 -31.10
N GLY D 22 25.91 -2.57 -32.22
CA GLY D 22 27.02 -1.80 -32.73
C GLY D 22 26.53 -0.58 -33.48
N LEU D 23 27.48 0.30 -33.79
CA LEU D 23 27.17 1.54 -34.49
C LEU D 23 26.61 1.24 -35.88
N ALA D 24 25.36 1.64 -36.11
CA ALA D 24 24.73 1.45 -37.40
C ALA D 24 25.09 2.57 -38.35
N THR D 25 25.50 2.22 -39.56
CA THR D 25 25.82 3.21 -40.58
C THR D 25 24.64 3.40 -41.53
N ALA D 26 24.71 4.47 -42.33
CA ALA D 26 23.60 4.81 -43.21
C ALA D 26 23.26 3.66 -44.15
N GLU D 27 24.27 2.89 -44.58
CA GLU D 27 24.01 1.75 -45.46
C GLU D 27 23.04 0.77 -44.80
N ASP D 28 23.28 0.44 -43.53
CA ASP D 28 22.37 -0.47 -42.85
C ASP D 28 20.99 0.15 -42.73
N ILE D 29 20.93 1.46 -42.47
CA ILE D 29 19.64 2.12 -42.30
C ILE D 29 18.81 1.97 -43.58
N ARG D 30 19.40 2.30 -44.73
CA ARG D 30 18.66 2.15 -45.98
C ARG D 30 18.47 0.68 -46.35
N GLN D 31 19.25 -0.23 -45.77
CA GLN D 31 19.01 -1.64 -45.99
C GLN D 31 17.76 -2.14 -45.27
N TRP D 32 17.60 -1.74 -44.00
CA TRP D 32 16.48 -2.24 -43.21
C TRP D 32 15.14 -1.82 -43.81
N SER D 33 15.03 -0.57 -44.21
CA SER D 33 13.74 -0.01 -44.59
C SER D 33 13.18 -0.72 -45.82
N TYR D 34 11.87 -0.96 -45.81
CA TYR D 34 11.15 -1.45 -46.96
C TYR D 34 10.61 -0.32 -47.82
N GLY D 35 10.91 0.93 -47.47
CA GLY D 35 10.57 2.07 -48.28
C GLY D 35 11.24 3.31 -47.73
N GLU D 36 10.72 4.46 -48.15
CA GLU D 36 11.27 5.75 -47.74
C GLU D 36 10.11 6.70 -47.51
N VAL D 37 9.92 7.12 -46.26
CA VAL D 37 8.90 8.11 -45.96
C VAL D 37 9.43 9.49 -46.33
N LYS D 38 8.63 10.25 -47.08
CA LYS D 38 9.03 11.59 -47.50
C LYS D 38 7.98 12.66 -47.23
N LYS D 39 6.73 12.29 -46.93
CA LYS D 39 5.68 13.25 -46.67
C LYS D 39 5.23 13.13 -45.21
N PRO D 40 4.90 14.26 -44.56
CA PRO D 40 4.44 14.19 -43.16
C PRO D 40 2.94 13.89 -43.04
N GLU D 41 2.52 12.78 -43.64
CA GLU D 41 1.12 12.38 -43.68
C GLU D 41 0.96 11.02 -43.02
N THR D 42 -0.09 10.88 -42.21
CA THR D 42 -0.35 9.64 -41.49
C THR D 42 -1.64 8.96 -41.94
N ILE D 43 -2.78 9.65 -41.85
CA ILE D 43 -4.07 9.06 -42.15
C ILE D 43 -4.92 10.09 -42.89
N ASN D 44 -5.63 9.64 -43.90
CA ASN D 44 -6.52 10.53 -44.65
C ASN D 44 -7.63 11.06 -43.73
N TYR D 45 -8.03 12.29 -43.99
CA TYR D 45 -9.02 12.95 -43.13
C TYR D 45 -10.35 12.21 -43.16
N ARG D 46 -10.86 11.92 -44.35
CA ARG D 46 -12.23 11.45 -44.52
C ARG D 46 -12.34 9.93 -44.45
N THR D 47 -11.63 9.23 -45.34
CA THR D 47 -11.70 7.77 -45.37
C THR D 47 -10.84 7.12 -44.30
N LEU D 48 -10.09 7.91 -43.52
CA LEU D 48 -9.26 7.41 -42.43
C LEU D 48 -8.37 6.25 -42.89
N LYS D 49 -7.78 6.42 -44.06
CA LYS D 49 -6.93 5.39 -44.62
C LYS D 49 -5.47 5.83 -44.60
N PRO D 50 -4.53 4.90 -44.39
CA PRO D 50 -3.11 5.29 -44.40
C PRO D 50 -2.72 6.07 -45.65
N GLU D 51 -2.14 7.25 -45.44
CA GLU D 51 -1.78 8.12 -46.54
C GLU D 51 -0.60 7.52 -47.32
N LYS D 52 -0.64 7.70 -48.64
CA LYS D 52 0.42 7.20 -49.49
C LYS D 52 1.67 8.04 -49.32
N ASP D 53 2.84 7.37 -49.33
CA ASP D 53 4.13 8.02 -49.13
C ASP D 53 4.26 8.67 -47.77
N GLY D 54 3.36 8.34 -46.84
CA GLY D 54 3.33 8.94 -45.53
C GLY D 54 3.98 8.08 -44.47
N LEU D 55 3.64 8.36 -43.22
CA LEU D 55 4.19 7.62 -42.09
C LEU D 55 3.45 6.31 -41.84
N PHE D 56 2.38 6.02 -42.59
CA PHE D 56 1.63 4.77 -42.43
C PHE D 56 1.39 4.07 -43.77
N CYS D 57 2.00 4.53 -44.85
CA CYS D 57 1.65 4.01 -46.17
C CYS D 57 1.90 2.51 -46.25
N GLU D 58 1.00 1.81 -46.93
CA GLU D 58 1.08 0.35 -47.00
C GLU D 58 2.33 -0.09 -47.75
N LYS D 59 2.69 0.62 -48.81
CA LYS D 59 3.87 0.25 -49.58
C LYS D 59 5.12 0.24 -48.70
N ILE D 60 5.19 1.14 -47.72
CA ILE D 60 6.39 1.24 -46.90
C ILE D 60 6.38 0.20 -45.79
N PHE D 61 5.21 -0.01 -45.16
CA PHE D 61 5.11 -0.82 -43.96
C PHE D 61 4.27 -2.08 -44.12
N GLY D 62 3.36 -2.11 -45.09
CA GLY D 62 2.53 -3.27 -45.31
C GLY D 62 1.06 -2.96 -45.16
N PRO D 63 0.20 -3.93 -45.47
CA PRO D 63 -1.24 -3.66 -45.52
C PRO D 63 -1.86 -3.63 -44.12
N THR D 64 -2.84 -2.74 -43.95
CA THR D 64 -3.60 -2.69 -42.72
C THR D 64 -4.62 -3.81 -42.62
N ARG D 65 -4.96 -4.43 -43.74
CA ARG D 65 -5.89 -5.56 -43.78
C ARG D 65 -5.17 -6.78 -44.35
N ASP D 66 -5.46 -7.94 -43.78
CA ASP D 66 -4.77 -9.16 -44.17
C ASP D 66 -5.12 -9.51 -45.62
N TRP D 67 -4.10 -9.56 -46.47
CA TRP D 67 -4.27 -9.89 -47.89
C TRP D 67 -5.22 -8.92 -48.58
N GLU D 68 -4.94 -7.63 -48.43
CA GLU D 68 -5.70 -6.59 -49.12
C GLU D 68 -4.77 -5.43 -49.43
N CYS D 69 -4.63 -5.12 -50.71
CA CYS D 69 -3.81 -4.00 -51.13
C CYS D 69 -4.59 -2.70 -51.06
N TYR D 70 -3.90 -1.59 -51.33
CA TYR D 70 -4.54 -0.28 -51.20
C TYR D 70 -5.70 -0.13 -52.18
N CYS D 71 -5.52 -0.55 -53.43
CA CYS D 71 -6.62 -0.50 -54.39
C CYS D 71 -7.56 -1.69 -54.28
N GLY D 72 -7.24 -2.67 -53.44
CA GLY D 72 -8.14 -3.78 -53.24
C GLY D 72 -8.23 -4.73 -54.40
N LYS D 73 -7.24 -4.74 -55.29
CA LYS D 73 -7.29 -5.63 -56.45
C LYS D 73 -7.21 -7.10 -56.05
N TYR D 74 -6.68 -7.40 -54.87
CA TYR D 74 -6.64 -8.75 -54.33
C TYR D 74 -7.13 -8.71 -52.89
N LYS D 75 -7.91 -9.73 -52.50
CA LYS D 75 -8.55 -9.72 -51.20
C LYS D 75 -8.48 -11.08 -50.52
N ARG D 76 -7.89 -12.08 -51.17
CA ARG D 76 -8.04 -13.46 -50.74
C ARG D 76 -6.67 -14.09 -50.49
N VAL D 77 -6.70 -15.20 -49.76
CA VAL D 77 -5.48 -15.91 -49.38
C VAL D 77 -4.76 -16.46 -50.61
N ARG D 78 -5.51 -16.71 -51.69
CA ARG D 78 -4.89 -17.26 -52.90
C ARG D 78 -3.78 -16.36 -53.42
N PHE D 79 -3.87 -15.06 -53.17
CA PHE D 79 -2.82 -14.10 -53.54
C PHE D 79 -2.02 -13.77 -52.29
N LYS D 80 -0.84 -14.38 -52.17
CA LYS D 80 0.06 -14.10 -51.07
C LYS D 80 1.48 -14.05 -51.61
N GLY D 81 2.28 -13.11 -51.09
CA GLY D 81 3.67 -13.00 -51.49
C GLY D 81 3.90 -12.29 -52.80
N ILE D 82 2.86 -11.73 -53.42
CA ILE D 82 2.99 -11.00 -54.67
C ILE D 82 2.60 -9.54 -54.43
N ILE D 83 3.00 -8.68 -55.36
CA ILE D 83 2.85 -7.24 -55.23
C ILE D 83 1.87 -6.75 -56.28
N CYS D 84 0.93 -5.91 -55.87
CA CYS D 84 0.03 -5.26 -56.81
C CYS D 84 0.84 -4.39 -57.78
N GLU D 85 0.52 -4.51 -59.07
CA GLU D 85 1.25 -3.75 -60.08
C GLU D 85 0.70 -2.34 -60.28
N ARG D 86 -0.43 -2.01 -59.65
CA ARG D 86 -1.02 -0.68 -59.78
C ARG D 86 -0.76 0.17 -58.54
N CYS D 87 -1.15 -0.31 -57.37
CA CYS D 87 -0.94 0.42 -56.13
C CYS D 87 0.40 0.12 -55.48
N GLY D 88 1.06 -0.97 -55.85
CA GLY D 88 2.39 -1.27 -55.36
C GLY D 88 2.44 -1.85 -53.97
N VAL D 89 1.30 -2.14 -53.35
CA VAL D 89 1.27 -2.71 -52.02
C VAL D 89 1.46 -4.22 -52.12
N GLU D 90 2.25 -4.77 -51.20
CA GLU D 90 2.51 -6.20 -51.15
C GLU D 90 1.44 -6.86 -50.30
N VAL D 91 0.63 -7.72 -50.91
CA VAL D 91 -0.50 -8.34 -50.22
C VAL D 91 0.03 -9.43 -49.31
N THR D 92 -0.24 -9.31 -48.01
CA THR D 92 0.21 -10.28 -47.02
C THR D 92 -0.53 -9.99 -45.71
N ARG D 93 -0.09 -10.66 -44.65
CA ARG D 93 -0.71 -10.49 -43.35
C ARG D 93 -0.41 -9.10 -42.81
N ALA D 94 -1.37 -8.51 -42.09
CA ALA D 94 -1.19 -7.18 -41.53
C ALA D 94 -0.09 -7.14 -40.49
N LYS D 95 0.28 -8.28 -39.90
CA LYS D 95 1.28 -8.30 -38.84
C LYS D 95 2.62 -7.76 -39.33
N VAL D 96 2.88 -7.76 -40.63
CA VAL D 96 4.14 -7.23 -41.14
C VAL D 96 4.28 -5.74 -40.86
N ARG D 97 3.17 -5.07 -40.49
CA ARG D 97 3.27 -3.68 -40.07
C ARG D 97 4.01 -3.51 -38.76
N ARG D 98 4.27 -4.60 -38.03
CA ARG D 98 4.98 -4.54 -36.77
C ARG D 98 6.50 -4.61 -36.92
N GLU D 99 7.01 -5.00 -38.09
CA GLU D 99 8.43 -5.29 -38.25
C GLU D 99 9.07 -4.45 -39.35
N ARG D 100 8.32 -4.19 -40.43
CA ARG D 100 8.89 -3.47 -41.56
C ARG D 100 9.10 -2.00 -41.19
N MET D 101 10.35 -1.56 -41.25
CA MET D 101 10.73 -0.20 -40.88
C MET D 101 10.82 0.69 -42.11
N GLY D 102 10.98 1.99 -41.86
CA GLY D 102 11.19 2.96 -42.90
C GLY D 102 12.50 3.69 -42.70
N HIS D 103 12.76 4.66 -43.59
CA HIS D 103 13.90 5.53 -43.41
C HIS D 103 13.62 6.89 -44.02
N ILE D 104 14.21 7.91 -43.44
CA ILE D 104 14.13 9.29 -43.92
C ILE D 104 15.49 9.65 -44.50
N GLU D 105 15.50 10.10 -45.75
CA GLU D 105 16.71 10.53 -46.42
C GLU D 105 16.92 12.00 -46.11
N LEU D 106 17.73 12.26 -45.08
CA LEU D 106 17.97 13.64 -44.68
C LEU D 106 18.70 14.40 -45.77
N ALA D 107 18.32 15.66 -45.96
CA ALA D 107 18.97 16.49 -46.97
C ALA D 107 20.45 16.69 -46.65
N ALA D 108 20.77 16.92 -45.39
CA ALA D 108 22.12 17.17 -44.93
C ALA D 108 22.46 16.22 -43.80
N PRO D 109 23.75 15.96 -43.56
CA PRO D 109 24.13 15.08 -42.45
C PRO D 109 23.71 15.67 -41.11
N VAL D 110 23.48 14.77 -40.15
CA VAL D 110 23.13 15.14 -38.78
C VAL D 110 23.94 14.29 -37.83
N THR D 111 24.04 14.73 -36.59
CA THR D 111 24.84 14.06 -35.56
C THR D 111 23.95 13.38 -34.54
N HIS D 112 24.35 12.19 -34.11
CA HIS D 112 23.64 11.46 -33.08
C HIS D 112 23.94 12.05 -31.71
N ILE D 113 22.91 12.27 -30.91
CA ILE D 113 23.10 12.99 -29.65
C ILE D 113 23.86 12.13 -28.65
N TRP D 114 23.61 10.83 -28.65
CA TRP D 114 24.22 9.97 -27.63
C TRP D 114 25.73 10.10 -27.65
N TYR D 115 26.32 10.09 -28.84
CA TYR D 115 27.77 10.12 -28.98
C TYR D 115 28.35 11.52 -28.89
N PHE D 116 27.51 12.56 -28.91
CA PHE D 116 27.98 13.94 -28.80
C PHE D 116 27.80 14.50 -27.39
N LYS D 117 26.57 14.52 -26.89
CA LYS D 117 26.27 15.24 -25.65
C LYS D 117 26.41 14.38 -24.40
N GLY D 118 26.22 13.07 -24.51
CA GLY D 118 26.35 12.22 -23.35
C GLY D 118 27.73 12.28 -22.74
N VAL D 119 27.83 12.82 -21.53
CA VAL D 119 29.15 13.00 -20.90
C VAL D 119 29.71 11.64 -20.50
N PRO D 120 30.98 11.34 -20.80
CA PRO D 120 31.95 12.12 -21.58
C PRO D 120 31.61 12.06 -23.07
N SER D 121 31.77 13.16 -23.80
CA SER D 121 31.40 13.18 -25.22
C SER D 121 32.33 12.26 -26.00
N ARG D 122 31.81 11.10 -26.42
CA ARG D 122 32.64 10.16 -27.16
C ARG D 122 33.10 10.75 -28.47
N LEU D 123 32.22 11.50 -29.15
CA LEU D 123 32.63 12.16 -30.38
C LEU D 123 33.76 13.14 -30.13
N GLY D 124 33.65 13.92 -29.05
CA GLY D 124 34.72 14.86 -28.72
C GLY D 124 36.03 14.15 -28.42
N TYR D 125 35.96 13.05 -27.66
CA TYR D 125 37.17 12.28 -27.36
C TYR D 125 37.79 11.73 -28.63
N LEU D 126 36.96 11.24 -29.55
CA LEU D 126 37.49 10.72 -30.81
C LEU D 126 38.17 11.83 -31.61
N LEU D 127 37.58 13.03 -31.63
CA LEU D 127 38.15 14.16 -32.34
C LEU D 127 38.92 15.11 -31.44
N ASP D 128 39.13 14.75 -30.17
CA ASP D 128 39.92 15.57 -29.25
C ASP D 128 39.36 16.99 -29.16
N LEU D 129 38.04 17.10 -29.06
CA LEU D 129 37.35 18.38 -29.01
C LEU D 129 36.58 18.47 -27.70
N ALA D 130 36.69 19.61 -27.02
CA ALA D 130 35.91 19.83 -25.82
C ALA D 130 34.43 19.96 -26.19
N PRO D 131 33.53 19.65 -25.26
CA PRO D 131 32.10 19.63 -25.63
C PRO D 131 31.54 20.97 -26.04
N LYS D 132 32.07 22.07 -25.49
CA LYS D 132 31.52 23.39 -25.82
C LYS D 132 31.84 23.77 -27.26
N ASP D 133 33.10 23.63 -27.65
CA ASP D 133 33.47 23.92 -29.03
C ASP D 133 32.79 22.95 -29.99
N LEU D 134 32.61 21.69 -29.56
CA LEU D 134 31.90 20.72 -30.38
C LEU D 134 30.46 21.17 -30.61
N GLU D 135 29.79 21.62 -29.55
CA GLU D 135 28.42 22.12 -29.70
C GLU D 135 28.38 23.33 -30.62
N LYS D 136 29.32 24.25 -30.45
CA LYS D 136 29.36 25.43 -31.31
C LYS D 136 29.55 25.03 -32.77
N ILE D 137 30.43 24.05 -33.01
CA ILE D 137 30.69 23.60 -34.38
C ILE D 137 29.43 23.00 -34.98
N ILE D 138 28.81 22.07 -34.25
CA ILE D 138 27.67 21.34 -34.81
C ILE D 138 26.46 22.25 -34.96
N TYR D 139 26.27 23.17 -34.02
CA TYR D 139 25.09 24.03 -34.01
C TYR D 139 25.33 25.34 -34.75
N PHE D 140 26.22 25.33 -35.73
CA PHE D 140 26.33 26.40 -36.72
C PHE D 140 26.63 27.74 -36.06
N ALA D 141 27.58 27.72 -35.12
CA ALA D 141 28.03 28.92 -34.45
C ALA D 141 29.38 29.42 -34.94
N ALA D 142 30.15 28.60 -35.66
CA ALA D 142 31.47 29.00 -36.10
C ALA D 142 32.07 27.88 -36.95
N TYR D 143 33.10 28.24 -37.73
CA TYR D 143 33.65 27.36 -38.74
C TYR D 143 34.71 26.44 -38.16
N VAL D 144 35.13 25.47 -38.97
CA VAL D 144 36.15 24.49 -38.62
C VAL D 144 37.03 24.23 -39.82
N ILE D 145 38.30 23.96 -39.57
CA ILE D 145 39.29 23.69 -40.60
C ILE D 145 39.45 22.18 -40.67
N THR D 146 38.94 21.57 -41.74
CA THR D 146 39.00 20.12 -41.86
C THR D 146 40.39 19.65 -42.27
N SER D 147 40.92 20.21 -43.35
CA SER D 147 42.26 19.89 -43.82
C SER D 147 42.86 21.15 -44.43
N VAL D 148 44.01 21.56 -43.90
CA VAL D 148 44.78 22.66 -44.47
C VAL D 148 45.85 22.06 -45.37
N ASP D 149 45.91 22.52 -46.62
CA ASP D 149 46.89 22.02 -47.57
C ASP D 149 48.25 22.59 -47.17
N GLU D 150 48.85 21.95 -46.15
CA GLU D 150 50.13 22.44 -45.67
C GLU D 150 51.18 22.41 -46.76
N GLU D 151 51.09 21.47 -47.71
CA GLU D 151 52.04 21.45 -48.82
C GLU D 151 52.18 22.88 -49.39
N MET D 152 51.09 23.33 -49.99
CA MET D 152 51.09 24.69 -50.55
C MET D 152 51.54 25.60 -49.43
N ARG D 153 50.98 25.36 -48.24
CA ARG D 153 51.34 26.19 -47.08
C ARG D 153 52.85 26.36 -47.11
N HIS D 154 53.61 25.27 -47.00
CA HIS D 154 55.09 25.39 -46.89
C HIS D 154 55.64 26.44 -47.86
N ASN D 155 55.48 26.21 -49.16
CA ASN D 155 56.07 27.13 -50.16
C ASN D 155 55.52 28.54 -50.02
N GLU D 156 54.20 28.71 -50.13
CA GLU D 156 53.65 30.09 -50.12
C GLU D 156 54.17 30.84 -48.90
N LEU D 157 54.54 30.09 -47.87
CA LEU D 157 55.03 30.68 -46.60
C LEU D 157 55.93 31.89 -46.83
N SER D 158 56.40 32.12 -48.06
CA SER D 158 57.15 33.34 -48.30
C SER D 158 56.49 34.21 -49.36
N THR D 159 55.94 33.57 -50.40
CA THR D 159 55.33 34.35 -51.48
C THR D 159 54.07 35.08 -51.00
N LEU D 160 53.16 34.35 -50.34
CA LEU D 160 51.96 34.99 -49.79
C LEU D 160 52.35 36.04 -48.76
N GLU D 161 53.37 35.77 -47.94
CA GLU D 161 53.80 36.73 -46.95
C GLU D 161 54.38 37.98 -47.60
N ALA D 162 55.09 37.82 -48.72
CA ALA D 162 55.65 38.97 -49.41
C ALA D 162 54.54 39.85 -49.98
N GLU D 163 53.55 39.23 -50.61
CA GLU D 163 52.42 40.01 -51.09
C GLU D 163 51.68 40.68 -49.93
N MET D 164 51.48 39.93 -48.84
CA MET D 164 50.88 40.50 -47.63
C MET D 164 51.70 41.66 -47.09
N ALA D 165 53.03 41.55 -47.18
CA ALA D 165 53.90 42.62 -46.73
C ALA D 165 53.74 43.85 -47.60
N VAL D 166 53.55 43.65 -48.89
CA VAL D 166 53.18 44.77 -49.76
C VAL D 166 51.90 45.42 -49.25
N GLU D 167 50.94 44.60 -48.83
CA GLU D 167 49.72 45.17 -48.25
C GLU D 167 50.04 46.02 -47.02
N ARG D 168 50.89 45.50 -46.14
CA ARG D 168 51.30 46.25 -44.95
C ARG D 168 51.91 47.59 -45.33
N LYS D 169 52.85 47.58 -46.29
CA LYS D 169 53.52 48.81 -46.69
C LYS D 169 52.51 49.79 -47.28
N ALA D 170 51.61 49.31 -48.13
CA ALA D 170 50.65 50.21 -48.77
C ALA D 170 49.73 50.85 -47.74
N VAL D 171 49.24 50.06 -46.78
CA VAL D 171 48.33 50.64 -45.80
C VAL D 171 49.06 51.58 -44.86
N GLU D 172 50.33 51.28 -44.54
CA GLU D 172 51.10 52.20 -43.71
C GLU D 172 51.39 53.50 -44.45
N ASP D 173 51.64 53.43 -45.76
CA ASP D 173 51.77 54.64 -46.55
C ASP D 173 50.48 55.44 -46.56
N GLN D 174 49.34 54.76 -46.67
CA GLN D 174 48.06 55.45 -46.53
C GLN D 174 47.96 56.14 -45.18
N ARG D 175 48.39 55.45 -44.12
CA ARG D 175 48.36 56.05 -42.78
C ARG D 175 49.18 57.34 -42.74
N ASP D 176 50.44 57.27 -43.20
CA ASP D 176 51.29 58.45 -43.07
C ASP D 176 50.86 59.56 -44.02
N GLY D 177 50.20 59.22 -45.13
CA GLY D 177 49.58 60.25 -45.95
C GLY D 177 48.45 60.95 -45.23
N GLU D 178 47.62 60.19 -44.52
CA GLU D 178 46.59 60.80 -43.69
C GLU D 178 47.23 61.70 -42.63
N LEU D 179 48.32 61.25 -42.03
CA LEU D 179 48.99 62.04 -41.00
C LEU D 179 49.59 63.32 -41.59
N GLU D 180 50.11 63.24 -42.81
CA GLU D 180 50.64 64.44 -43.46
C GLU D 180 49.52 65.43 -43.78
N ALA D 181 48.38 64.93 -44.27
CA ALA D 181 47.24 65.81 -44.47
C ALA D 181 46.80 66.43 -43.15
N ARG D 182 46.86 65.66 -42.08
CA ARG D 182 46.51 66.18 -40.76
C ARG D 182 47.46 67.29 -40.34
N ALA D 183 48.76 67.10 -40.55
CA ALA D 183 49.73 68.13 -40.20
C ALA D 183 49.50 69.39 -41.03
N GLN D 184 49.17 69.22 -42.31
CA GLN D 184 48.87 70.38 -43.15
C GLN D 184 47.65 71.13 -42.64
N LYS D 185 46.58 70.41 -42.30
CA LYS D 185 45.40 71.06 -41.74
C LYS D 185 45.70 71.68 -40.39
N LEU D 186 46.66 71.12 -39.66
CA LEU D 186 47.05 71.72 -38.38
C LEU D 186 47.79 73.04 -38.61
N GLU D 187 48.66 73.10 -39.61
CA GLU D 187 49.29 74.37 -39.98
C GLU D 187 48.24 75.36 -40.45
N ALA D 188 47.21 74.88 -41.13
CA ALA D 188 46.06 75.73 -41.43
C ALA D 188 45.51 76.33 -40.15
N ASP D 189 45.03 75.47 -39.24
CA ASP D 189 44.59 75.90 -37.92
C ASP D 189 45.51 76.95 -37.33
N LEU D 190 46.82 76.69 -37.37
CA LEU D 190 47.80 77.63 -36.85
C LEU D 190 47.54 79.01 -37.43
N ALA D 191 47.75 79.16 -38.74
CA ALA D 191 47.71 80.50 -39.33
C ALA D 191 46.32 81.12 -39.20
N GLU D 192 45.29 80.34 -39.52
CA GLU D 192 43.91 80.78 -39.42
C GLU D 192 43.62 81.40 -38.06
N LEU D 193 43.83 80.64 -36.99
CA LEU D 193 43.50 81.12 -35.65
C LEU D 193 44.42 82.26 -35.22
N GLU D 194 45.72 82.18 -35.57
CA GLU D 194 46.64 83.25 -35.21
C GLU D 194 46.15 84.56 -35.78
N ALA D 195 45.52 84.52 -36.97
CA ALA D 195 44.97 85.72 -37.58
C ALA D 195 43.50 85.92 -37.23
N GLU D 196 42.67 84.90 -37.44
CA GLU D 196 41.25 85.00 -37.11
C GLU D 196 41.08 85.44 -35.66
N GLY D 197 40.19 86.41 -35.45
CA GLY D 197 39.96 86.93 -34.12
C GLY D 197 39.63 85.82 -33.15
N ALA D 198 40.56 85.55 -32.23
CA ALA D 198 40.48 84.40 -31.35
C ALA D 198 41.12 84.74 -30.02
N LYS D 199 40.87 83.88 -29.04
CA LYS D 199 41.48 83.97 -27.72
C LYS D 199 42.73 83.11 -27.68
N ALA D 200 43.63 83.43 -26.75
CA ALA D 200 44.83 82.62 -26.56
C ALA D 200 44.47 81.15 -26.44
N ASP D 201 43.71 80.81 -25.40
CA ASP D 201 43.32 79.42 -25.23
C ASP D 201 42.52 78.90 -26.43
N ALA D 202 41.87 79.78 -27.19
CA ALA D 202 41.12 79.32 -28.35
C ALA D 202 42.05 78.68 -29.37
N ARG D 203 43.13 79.37 -29.74
CA ARG D 203 44.08 78.77 -30.68
C ARG D 203 44.81 77.60 -30.03
N ARG D 204 45.06 77.66 -28.72
CA ARG D 204 45.60 76.49 -28.04
C ARG D 204 44.71 75.28 -28.29
N LYS D 205 43.39 75.45 -28.16
CA LYS D 205 42.48 74.31 -28.26
C LYS D 205 42.26 73.88 -29.71
N VAL D 206 42.34 74.80 -30.68
CA VAL D 206 42.26 74.33 -32.07
C VAL D 206 43.50 73.49 -32.40
N ARG D 207 44.66 73.90 -31.89
CA ARG D 207 45.84 73.05 -32.02
C ARG D 207 45.62 71.70 -31.35
N ASP D 208 45.04 71.71 -30.15
CA ASP D 208 44.80 70.46 -29.42
C ASP D 208 43.84 69.55 -30.19
N GLY D 209 42.80 70.14 -30.80
CA GLY D 209 41.86 69.34 -31.57
C GLY D 209 42.48 68.73 -32.80
N GLY D 210 43.34 69.49 -33.49
CA GLY D 210 44.07 68.90 -34.61
C GLY D 210 44.99 67.79 -34.17
N GLU D 211 45.64 67.95 -33.02
CA GLU D 211 46.46 66.87 -32.47
C GLU D 211 45.60 65.63 -32.19
N ARG D 212 44.41 65.84 -31.63
CA ARG D 212 43.51 64.72 -31.37
C ARG D 212 43.09 64.04 -32.66
N GLU D 213 42.87 64.82 -33.72
CA GLU D 213 42.54 64.24 -35.01
C GLU D 213 43.69 63.39 -35.54
N MET D 214 44.93 63.88 -35.40
CA MET D 214 46.09 63.06 -35.72
C MET D 214 46.05 61.76 -34.93
N ARG D 215 45.75 61.87 -33.63
CA ARG D 215 45.77 60.70 -32.77
C ARG D 215 44.76 59.65 -33.23
N GLN D 216 43.54 60.09 -33.54
CA GLN D 216 42.53 59.12 -33.96
C GLN D 216 42.86 58.53 -35.33
N ILE D 217 43.47 59.33 -36.22
CA ILE D 217 43.87 58.78 -37.52
C ILE D 217 44.92 57.68 -37.33
N ARG D 218 45.98 57.98 -36.60
CA ARG D 218 47.03 56.98 -36.42
C ARG D 218 46.52 55.79 -35.63
N ASP D 219 45.55 56.01 -34.73
CA ASP D 219 44.96 54.88 -34.03
C ASP D 219 44.21 53.97 -34.98
N ARG D 220 43.32 54.52 -35.82
CA ARG D 220 42.66 53.70 -36.83
C ARG D 220 43.67 52.92 -37.65
N ALA D 221 44.78 53.57 -38.02
CA ALA D 221 45.83 52.87 -38.75
C ALA D 221 46.35 51.68 -37.95
N GLN D 222 46.56 51.88 -36.65
CA GLN D 222 47.03 50.79 -35.80
C GLN D 222 46.00 49.66 -35.76
N ARG D 223 44.72 49.99 -35.69
CA ARG D 223 43.70 48.94 -35.60
C ARG D 223 43.63 48.12 -36.89
N GLU D 224 43.71 48.79 -38.04
CA GLU D 224 43.70 48.02 -39.29
C GLU D 224 44.99 47.20 -39.44
N LEU D 225 46.11 47.72 -38.94
CA LEU D 225 47.32 46.90 -38.89
C LEU D 225 47.10 45.67 -38.03
N ASP D 226 46.41 45.84 -36.91
CA ASP D 226 46.07 44.69 -36.06
C ASP D 226 45.23 43.69 -36.83
N ARG D 227 44.26 44.19 -37.61
CA ARG D 227 43.41 43.28 -38.38
C ARG D 227 44.25 42.49 -39.38
N LEU D 228 45.18 43.16 -40.05
CA LEU D 228 46.12 42.46 -40.93
C LEU D 228 46.86 41.36 -40.17
N GLU D 229 47.41 41.71 -39.00
CA GLU D 229 48.10 40.73 -38.19
C GLU D 229 47.21 39.55 -37.88
N ASP D 230 45.92 39.80 -37.62
CA ASP D 230 45.02 38.67 -37.37
C ASP D 230 44.95 37.75 -38.59
N ILE D 231 44.84 38.33 -39.79
CA ILE D 231 44.78 37.48 -40.97
C ILE D 231 46.01 36.59 -41.05
N TRP D 232 47.19 37.20 -40.87
CA TRP D 232 48.40 36.39 -41.05
C TRP D 232 48.57 35.37 -39.93
N SER D 233 48.20 35.73 -38.71
CA SER D 233 48.30 34.79 -37.60
C SER D 233 47.40 33.59 -37.85
N THR D 234 46.17 33.83 -38.35
CA THR D 234 45.29 32.72 -38.64
C THR D 234 45.86 31.82 -39.74
N PHE D 235 46.28 32.41 -40.87
CA PHE D 235 46.76 31.58 -41.96
C PHE D 235 48.01 30.81 -41.55
N THR D 236 48.94 31.46 -40.86
CA THR D 236 50.14 30.77 -40.40
C THR D 236 49.78 29.65 -39.43
N LYS D 237 48.89 29.93 -38.48
CA LYS D 237 48.45 28.96 -37.48
C LYS D 237 47.12 28.33 -37.85
N LEU D 238 46.87 28.13 -39.14
CA LEU D 238 45.65 27.47 -39.60
C LEU D 238 45.81 25.95 -39.49
N ALA D 239 46.01 25.49 -38.25
CA ALA D 239 46.13 24.07 -38.01
C ALA D 239 44.76 23.41 -38.16
N PRO D 240 44.70 22.18 -38.68
CA PRO D 240 43.41 21.53 -38.89
C PRO D 240 42.79 21.13 -37.55
N LYS D 241 41.52 20.75 -37.62
CA LYS D 241 40.79 20.31 -36.44
C LYS D 241 40.76 21.42 -35.38
N GLN D 242 40.49 22.64 -35.84
CA GLN D 242 40.44 23.81 -34.98
C GLN D 242 39.18 24.60 -35.29
N LEU D 243 38.73 25.36 -34.29
CA LEU D 243 37.51 26.16 -34.37
C LEU D 243 37.86 27.62 -34.61
N ILE D 244 37.24 28.23 -35.61
CA ILE D 244 37.46 29.63 -35.97
C ILE D 244 36.15 30.39 -35.76
N VAL D 245 36.15 31.28 -34.78
CA VAL D 245 35.04 32.16 -34.45
C VAL D 245 35.08 33.39 -35.37
N ASP D 246 34.07 34.25 -35.27
CA ASP D 246 34.02 35.50 -36.05
C ASP D 246 33.85 35.25 -37.54
N GLU D 247 32.65 34.80 -37.92
CA GLU D 247 32.26 34.55 -39.30
C GLU D 247 32.85 35.55 -40.29
N ASN D 248 32.84 36.84 -39.95
CA ASN D 248 33.48 37.84 -40.80
C ASN D 248 34.95 37.48 -41.04
N LEU D 249 35.64 37.08 -39.98
CA LEU D 249 37.03 36.63 -40.10
C LEU D 249 37.14 35.51 -41.14
N TYR D 250 36.30 34.49 -41.01
CA TYR D 250 36.36 33.36 -41.92
C TYR D 250 36.09 33.78 -43.36
N ARG D 251 35.09 34.64 -43.57
CA ARG D 251 34.82 35.13 -44.92
C ARG D 251 36.04 35.82 -45.49
N GLU D 252 36.70 36.65 -44.67
CA GLU D 252 37.93 37.30 -45.11
C GLU D 252 38.95 36.26 -45.57
N LEU D 253 39.16 35.22 -44.75
CA LEU D 253 40.14 34.21 -45.13
C LEU D 253 39.79 33.53 -46.44
N VAL D 254 38.54 33.07 -46.58
CA VAL D 254 38.20 32.28 -47.76
C VAL D 254 38.25 33.13 -49.01
N ASP D 255 37.80 34.39 -48.93
CA ASP D 255 37.89 35.23 -50.13
C ASP D 255 39.34 35.55 -50.46
N ARG D 256 40.19 35.70 -49.44
CA ARG D 256 41.61 35.96 -49.69
C ARG D 256 42.41 34.69 -49.88
N TYR D 257 41.98 33.59 -49.25
CA TYR D 257 42.74 32.34 -49.25
C TYR D 257 41.80 31.16 -49.48
N GLY D 258 40.96 31.26 -50.51
CA GLY D 258 40.00 30.19 -50.78
C GLY D 258 40.66 28.84 -50.95
N GLU D 259 41.84 28.80 -51.54
CA GLU D 259 42.59 27.57 -51.69
C GLU D 259 43.44 27.34 -50.43
N TYR D 260 44.35 26.37 -50.49
CA TYR D 260 45.33 26.07 -49.45
C TYR D 260 44.73 25.38 -48.23
N PHE D 261 43.42 25.22 -48.17
CA PHE D 261 42.78 24.60 -47.01
C PHE D 261 41.34 24.27 -47.35
N THR D 262 40.70 23.56 -46.43
CA THR D 262 39.30 23.22 -46.51
C THR D 262 38.64 23.60 -45.19
N GLY D 263 37.53 24.32 -45.26
CA GLY D 263 36.77 24.66 -44.08
C GLY D 263 35.29 24.44 -44.27
N ALA D 264 34.61 24.21 -43.16
CA ALA D 264 33.22 23.78 -43.19
C ALA D 264 32.58 24.12 -41.84
N MET D 265 31.28 23.83 -41.74
CA MET D 265 30.57 24.04 -40.47
C MET D 265 29.28 23.24 -40.48
N GLY D 266 29.06 22.43 -39.45
CA GLY D 266 27.87 21.64 -39.28
C GLY D 266 28.20 20.19 -39.07
N ALA D 267 27.19 19.34 -39.18
CA ALA D 267 27.42 17.90 -39.05
C ALA D 267 28.32 17.38 -40.15
N GLU D 268 28.15 17.89 -41.37
CA GLU D 268 28.98 17.44 -42.48
C GLU D 268 30.45 17.76 -42.25
N SER D 269 30.74 18.84 -41.53
CA SER D 269 32.13 19.12 -41.18
C SER D 269 32.68 18.03 -40.26
N ILE D 270 31.87 17.57 -39.30
CA ILE D 270 32.28 16.47 -38.44
C ILE D 270 32.50 15.21 -39.28
N GLN D 271 31.61 14.98 -40.24
CA GLN D 271 31.78 13.84 -41.14
C GLN D 271 33.12 13.92 -41.86
N LYS D 272 33.43 15.09 -42.40
CA LYS D 272 34.69 15.24 -43.13
C LYS D 272 35.88 15.03 -42.20
N LEU D 273 35.81 15.58 -40.99
CA LEU D 273 36.88 15.35 -40.02
C LEU D 273 37.06 13.85 -39.76
N ILE D 274 35.96 13.11 -39.65
CA ILE D 274 36.04 11.68 -39.40
C ILE D 274 36.69 10.97 -40.59
N GLU D 275 36.31 11.34 -41.80
CA GLU D 275 36.90 10.68 -42.98
C GLU D 275 38.40 10.91 -43.05
N ASN D 276 38.83 12.17 -42.98
CA ASN D 276 40.25 12.52 -43.08
C ASN D 276 40.88 12.45 -41.70
N PHE D 277 40.89 11.24 -41.15
CA PHE D 277 41.36 11.02 -39.79
C PHE D 277 41.84 9.58 -39.67
N ASP D 278 43.11 9.39 -39.36
CA ASP D 278 43.71 8.06 -39.25
C ASP D 278 43.56 7.55 -37.82
N ILE D 279 42.91 6.39 -37.68
CA ILE D 279 42.75 5.80 -36.34
C ILE D 279 44.08 5.28 -35.83
N ASP D 280 44.85 4.60 -36.67
CA ASP D 280 46.08 3.97 -36.23
C ASP D 280 47.10 5.00 -35.76
N ALA D 281 47.22 6.12 -36.48
CA ALA D 281 48.20 7.14 -36.12
C ALA D 281 47.92 7.70 -34.73
N GLU D 282 46.66 8.09 -34.48
CA GLU D 282 46.32 8.63 -33.17
C GLU D 282 46.42 7.57 -32.09
N ALA D 283 46.09 6.32 -32.41
CA ALA D 283 46.23 5.24 -31.45
C ALA D 283 47.70 5.08 -31.04
N GLU D 284 48.60 5.11 -32.01
CA GLU D 284 50.03 5.02 -31.69
C GLU D 284 50.49 6.23 -30.89
N SER D 285 49.99 7.42 -31.23
CA SER D 285 50.34 8.61 -30.46
C SER D 285 49.91 8.48 -29.01
N LEU D 286 48.71 7.96 -28.79
CA LEU D 286 48.21 7.81 -27.43
C LEU D 286 48.97 6.71 -26.68
N ARG D 287 49.36 5.65 -27.39
CA ARG D 287 50.22 4.65 -26.77
C ARG D 287 51.54 5.26 -26.33
N ASP D 288 52.11 6.12 -27.17
CA ASP D 288 53.33 6.83 -26.79
C ASP D 288 53.11 7.69 -25.55
N VAL D 289 51.99 8.41 -25.52
CA VAL D 289 51.73 9.31 -24.41
C VAL D 289 51.56 8.53 -23.11
N ILE D 290 50.80 7.43 -23.15
CA ILE D 290 50.60 6.62 -21.95
C ILE D 290 51.91 5.97 -21.52
N ARG D 291 52.77 5.59 -22.48
CA ARG D 291 54.02 4.94 -22.13
C ARG D 291 55.06 5.91 -21.60
N ASN D 292 55.01 7.18 -22.01
CA ASN D 292 56.04 8.17 -21.67
C ASN D 292 55.52 9.31 -20.82
N GLY D 293 54.34 9.84 -21.12
CA GLY D 293 53.83 11.01 -20.43
C GLY D 293 53.58 10.74 -18.96
N LYS D 294 52.80 11.64 -18.35
CA LYS D 294 52.46 11.50 -16.94
C LYS D 294 51.43 12.56 -16.58
N GLY D 295 50.65 12.26 -15.55
CA GLY D 295 49.82 13.28 -14.92
C GLY D 295 48.47 13.48 -15.61
N GLN D 296 48.04 14.74 -15.62
CA GLN D 296 46.74 15.07 -16.21
C GLN D 296 46.73 14.69 -17.70
N LYS D 297 47.82 15.01 -18.39
CA LYS D 297 47.95 14.59 -19.78
C LYS D 297 47.78 13.09 -19.90
N LYS D 298 48.41 12.34 -19.00
CA LYS D 298 48.33 10.88 -19.06
C LYS D 298 46.90 10.39 -18.84
N LEU D 299 46.16 11.01 -17.93
CA LEU D 299 44.81 10.53 -17.63
C LEU D 299 43.86 10.82 -18.79
N ARG D 300 43.89 12.06 -19.30
CA ARG D 300 43.09 12.36 -20.49
C ARG D 300 43.48 11.45 -21.64
N ALA D 301 44.78 11.14 -21.76
CA ALA D 301 45.23 10.22 -22.78
C ALA D 301 44.62 8.84 -22.59
N LEU D 302 44.54 8.38 -21.34
CA LEU D 302 43.97 7.07 -21.06
C LEU D 302 42.51 7.01 -21.50
N LYS D 303 41.75 8.05 -21.20
CA LYS D 303 40.34 8.04 -21.62
C LYS D 303 40.21 8.08 -23.14
N ARG D 304 40.95 8.99 -23.79
CA ARG D 304 40.91 9.04 -25.25
C ARG D 304 41.31 7.72 -25.86
N LEU D 305 42.24 7.00 -25.21
CA LEU D 305 42.59 5.65 -25.65
C LEU D 305 41.41 4.71 -25.49
N LYS D 306 40.76 4.76 -24.34
CA LYS D 306 39.56 3.96 -24.08
C LYS D 306 38.61 4.05 -25.27
N VAL D 307 38.51 5.22 -25.89
CA VAL D 307 37.61 5.35 -27.04
C VAL D 307 38.24 4.90 -28.35
N VAL D 308 39.39 5.50 -28.71
CA VAL D 308 39.97 5.27 -30.02
C VAL D 308 40.34 3.80 -30.19
N ALA D 309 40.80 3.15 -29.13
CA ALA D 309 41.08 1.72 -29.21
C ALA D 309 39.81 0.92 -29.45
N ALA D 310 38.71 1.32 -28.79
CA ALA D 310 37.44 0.64 -29.04
C ALA D 310 37.08 0.71 -30.51
N PHE D 311 37.38 1.83 -31.15
CA PHE D 311 37.12 1.92 -32.59
C PHE D 311 38.16 1.18 -33.42
N GLN D 312 39.41 1.15 -32.97
CA GLN D 312 40.47 0.48 -33.73
C GLN D 312 40.27 -1.03 -33.77
N GLN D 313 40.04 -1.64 -32.60
CA GLN D 313 39.90 -3.09 -32.54
C GLN D 313 38.70 -3.56 -33.35
N SER D 314 37.59 -2.84 -33.27
CA SER D 314 36.39 -3.24 -33.99
C SER D 314 36.54 -2.93 -35.48
N GLY D 315 35.80 -3.68 -36.28
CA GLY D 315 35.79 -3.50 -37.73
C GLY D 315 34.82 -2.45 -38.22
N ASN D 316 34.18 -1.71 -37.31
CA ASN D 316 33.20 -0.70 -37.68
C ASN D 316 33.82 0.68 -37.58
N SER D 317 33.62 1.49 -38.61
CA SER D 317 34.15 2.85 -38.60
C SER D 317 33.27 3.75 -37.74
N PRO D 318 33.81 4.83 -37.20
CA PRO D 318 33.00 5.75 -36.39
C PRO D 318 32.03 6.58 -37.19
N MET D 319 32.02 6.45 -38.52
CA MET D 319 31.19 7.30 -39.37
C MET D 319 29.71 7.14 -39.05
N GLY D 320 29.32 6.06 -38.37
CA GLY D 320 27.93 5.90 -37.98
C GLY D 320 27.45 6.98 -37.04
N MET D 321 28.35 7.73 -36.41
CA MET D 321 27.92 8.81 -35.53
C MET D 321 27.13 9.86 -36.30
N VAL D 322 27.57 10.20 -37.50
CA VAL D 322 26.86 11.14 -38.37
C VAL D 322 25.91 10.36 -39.26
N LEU D 323 24.67 10.82 -39.35
CA LEU D 323 23.57 10.06 -39.96
C LEU D 323 23.17 10.69 -41.28
N ASP D 324 23.29 9.93 -42.35
CA ASP D 324 22.72 10.34 -43.64
C ASP D 324 21.23 10.06 -43.70
N ALA D 325 20.80 8.93 -43.11
CA ALA D 325 19.41 8.52 -43.09
C ALA D 325 19.00 8.19 -41.66
N VAL D 326 17.73 8.40 -41.35
CA VAL D 326 17.19 8.20 -40.01
C VAL D 326 16.12 7.10 -40.09
N PRO D 327 16.25 6.00 -39.37
CA PRO D 327 15.23 4.94 -39.48
C PRO D 327 13.92 5.37 -38.85
N VAL D 328 12.85 4.71 -39.28
CA VAL D 328 11.49 4.97 -38.83
C VAL D 328 10.94 3.68 -38.26
N ILE D 329 10.62 3.70 -36.97
CA ILE D 329 10.08 2.55 -36.25
C ILE D 329 8.73 2.21 -36.88
N PRO D 330 8.33 0.93 -36.96
CA PRO D 330 7.09 0.59 -37.66
C PRO D 330 5.89 1.25 -37.01
N PRO D 331 4.80 1.45 -37.75
CA PRO D 331 3.68 2.21 -37.20
C PRO D 331 2.95 1.51 -36.08
N GLU D 332 2.91 0.18 -36.09
CA GLU D 332 2.17 -0.54 -35.06
C GLU D 332 2.80 -0.37 -33.69
N LEU D 333 4.10 -0.11 -33.62
CA LEU D 333 4.74 0.20 -32.35
C LEU D 333 4.57 1.66 -31.94
N ARG D 334 4.01 2.48 -32.81
CA ARG D 334 3.64 3.86 -32.49
C ARG D 334 2.21 4.12 -32.95
N PRO D 335 1.24 3.37 -32.43
CA PRO D 335 -0.11 3.44 -32.96
C PRO D 335 -0.81 4.74 -32.61
N MET D 336 -1.79 5.10 -33.43
CA MET D 336 -2.62 6.28 -33.23
C MET D 336 -4.03 5.79 -32.88
N VAL D 337 -4.27 5.59 -31.59
CA VAL D 337 -5.60 5.25 -31.12
C VAL D 337 -6.48 6.50 -31.17
N GLN D 338 -7.73 6.30 -31.58
CA GLN D 338 -8.67 7.41 -31.75
C GLN D 338 -9.61 7.46 -30.56
N LEU D 339 -9.63 8.60 -29.88
CA LEU D 339 -10.55 8.81 -28.78
C LEU D 339 -11.91 9.28 -29.31
N ASP D 340 -12.95 9.05 -28.51
CA ASP D 340 -14.28 9.48 -28.90
C ASP D 340 -14.32 10.99 -29.11
N GLY D 341 -15.04 11.41 -30.15
CA GLY D 341 -15.10 12.81 -30.52
C GLY D 341 -14.23 13.20 -31.69
N GLY D 342 -13.57 12.25 -32.34
CA GLY D 342 -12.76 12.51 -33.52
C GLY D 342 -11.34 12.96 -33.23
N ARG D 343 -10.97 13.17 -31.97
CA ARG D 343 -9.64 13.60 -31.61
C ARG D 343 -8.76 12.37 -31.38
N PHE D 344 -7.67 12.29 -32.15
CA PHE D 344 -6.75 11.17 -32.03
C PHE D 344 -5.79 11.41 -30.86
N ALA D 345 -5.64 10.40 -30.00
CA ALA D 345 -4.72 10.50 -28.89
C ALA D 345 -3.30 10.62 -29.41
N THR D 346 -2.51 11.45 -28.74
CA THR D 346 -1.13 11.72 -29.18
C THR D 346 -0.28 10.47 -28.99
N SER D 347 0.14 9.85 -30.09
CA SER D 347 1.07 8.73 -30.00
C SER D 347 2.44 9.17 -29.52
N ASP D 348 2.75 10.46 -29.61
CA ASP D 348 3.92 11.12 -29.03
C ASP D 348 5.19 10.84 -29.81
N LEU D 349 5.17 9.96 -30.81
CA LEU D 349 6.29 9.76 -31.73
C LEU D 349 5.99 10.28 -33.13
N ASN D 350 4.76 10.10 -33.61
CA ASN D 350 4.42 10.52 -34.96
C ASN D 350 4.60 12.02 -35.13
N ASP D 351 4.45 12.78 -34.05
CA ASP D 351 4.63 14.22 -34.13
C ASP D 351 6.11 14.58 -34.26
N LEU D 352 7.00 13.88 -33.54
CA LEU D 352 8.43 14.12 -33.73
C LEU D 352 8.86 13.75 -35.14
N TYR D 353 8.36 12.63 -35.65
CA TYR D 353 8.66 12.25 -37.03
C TYR D 353 8.10 13.27 -38.01
N ARG D 354 6.91 13.80 -37.73
CA ARG D 354 6.36 14.85 -38.58
C ARG D 354 7.26 16.09 -38.58
N ARG D 355 7.78 16.45 -37.40
CA ARG D 355 8.68 17.59 -37.31
C ARG D 355 9.93 17.35 -38.14
N VAL D 356 10.53 16.16 -38.01
CA VAL D 356 11.74 15.86 -38.77
C VAL D 356 11.44 15.90 -40.26
N ILE D 357 10.31 15.32 -40.69
CA ILE D 357 9.96 15.30 -42.10
C ILE D 357 9.76 16.72 -42.62
N ASN D 358 9.05 17.55 -41.84
CA ASN D 358 8.81 18.92 -42.28
C ASN D 358 10.12 19.69 -42.42
N ARG D 359 11.01 19.55 -41.45
CA ARG D 359 12.28 20.27 -41.52
C ARG D 359 13.12 19.77 -42.70
N ASN D 360 13.13 18.45 -42.92
CA ASN D 360 13.88 17.91 -44.05
C ASN D 360 13.32 18.42 -45.38
N ASN D 361 12.00 18.43 -45.51
CA ASN D 361 11.39 18.94 -46.75
C ASN D 361 11.71 20.41 -46.95
N ARG D 362 11.64 21.20 -45.88
CA ARG D 362 11.95 22.62 -46.00
C ARG D 362 13.41 22.83 -46.40
N LEU D 363 14.33 22.05 -45.83
CA LEU D 363 15.73 22.16 -46.23
C LEU D 363 15.91 21.77 -47.70
N LYS D 364 15.24 20.71 -48.14
CA LYS D 364 15.34 20.31 -49.54
C LYS D 364 14.87 21.43 -50.46
N ARG D 365 13.69 22.01 -50.16
CA ARG D 365 13.17 23.07 -51.01
C ARG D 365 14.03 24.32 -50.94
N LEU D 366 14.65 24.59 -49.78
CA LEU D 366 15.55 25.74 -49.69
C LEU D 366 16.77 25.56 -50.58
N ILE D 367 17.38 24.37 -50.58
CA ILE D 367 18.53 24.16 -51.44
C ILE D 367 18.12 24.16 -52.90
N ASP D 368 16.92 23.67 -53.21
CA ASP D 368 16.45 23.70 -54.59
C ASP D 368 16.22 25.13 -55.06
N LEU D 369 15.54 25.94 -54.24
CA LEU D 369 15.23 27.31 -54.63
C LEU D 369 16.50 28.14 -54.78
N GLY D 370 17.43 28.00 -53.84
CA GLY D 370 18.66 28.77 -53.84
C GLY D 370 18.59 29.91 -52.83
N ALA D 371 19.14 29.70 -51.65
CA ALA D 371 18.99 30.59 -50.51
C ALA D 371 20.37 30.93 -49.97
N PRO D 372 20.49 32.04 -49.24
CA PRO D 372 21.82 32.44 -48.76
C PRO D 372 22.29 31.49 -47.66
N GLU D 373 23.58 31.63 -47.32
CA GLU D 373 24.20 30.71 -46.37
C GLU D 373 23.51 30.80 -45.01
N ILE D 374 23.11 32.00 -44.60
CA ILE D 374 22.54 32.17 -43.27
C ILE D 374 21.26 31.36 -43.12
N ILE D 375 20.34 31.51 -44.08
CA ILE D 375 19.04 30.86 -43.95
C ILE D 375 19.18 29.34 -44.05
N VAL D 376 19.97 28.86 -45.01
CA VAL D 376 20.10 27.42 -45.18
C VAL D 376 20.82 26.80 -43.99
N ASN D 377 21.82 27.49 -43.43
CA ASN D 377 22.49 26.97 -42.24
C ASN D 377 21.57 26.98 -41.03
N ASN D 378 20.74 28.01 -40.88
CA ASN D 378 19.76 28.00 -39.82
C ASN D 378 18.81 26.81 -39.98
N GLU D 379 18.40 26.54 -41.21
CA GLU D 379 17.55 25.38 -41.48
C GLU D 379 18.25 24.09 -41.10
N LYS D 380 19.53 23.96 -41.44
CA LYS D 380 20.26 22.75 -41.09
C LYS D 380 20.32 22.60 -39.57
N ARG D 381 20.50 23.71 -38.85
CA ARG D 381 20.50 23.66 -37.40
C ARG D 381 19.14 23.20 -36.86
N MET D 382 18.05 23.69 -37.44
CA MET D 382 16.72 23.27 -36.99
C MET D 382 16.48 21.79 -37.28
N LEU D 383 16.92 21.30 -38.44
CA LEU D 383 16.82 19.87 -38.71
C LEU D 383 17.63 19.07 -37.70
N GLN D 384 18.84 19.54 -37.39
CA GLN D 384 19.63 18.91 -36.34
C GLN D 384 18.83 18.82 -35.05
N GLU D 385 18.23 19.93 -34.63
CA GLU D 385 17.48 19.93 -33.38
C GLU D 385 16.29 18.99 -33.44
N SER D 386 15.63 18.90 -34.59
CA SER D 386 14.47 18.02 -34.70
C SER D 386 14.87 16.56 -34.56
N VAL D 387 15.88 16.12 -35.31
CA VAL D 387 16.37 14.75 -35.16
C VAL D 387 16.87 14.55 -33.74
N ASP D 388 17.42 15.60 -33.13
CA ASP D 388 17.92 15.54 -31.77
C ASP D 388 16.80 15.19 -30.81
N ALA D 389 15.70 15.94 -30.88
CA ALA D 389 14.55 15.66 -30.04
C ALA D 389 13.99 14.28 -30.31
N LEU D 390 14.02 13.86 -31.58
CA LEU D 390 13.50 12.53 -31.91
C LEU D 390 14.26 11.44 -31.18
N PHE D 391 15.59 11.52 -31.22
CA PHE D 391 16.40 10.44 -30.62
C PHE D 391 16.44 10.53 -29.10
N ASP D 392 16.53 11.73 -28.54
CA ASP D 392 16.68 11.90 -27.10
C ASP D 392 16.12 13.27 -26.73
N ASN D 393 14.88 13.28 -26.24
CA ASN D 393 14.23 14.55 -25.95
C ASN D 393 14.81 15.19 -24.70
N GLY D 394 15.05 16.49 -24.76
CA GLY D 394 15.45 17.26 -23.60
C GLY D 394 16.88 17.03 -23.15
N ARG D 395 17.64 16.21 -23.87
CA ARG D 395 19.02 15.97 -23.49
C ARG D 395 19.87 17.23 -23.64
N ARG D 396 19.68 17.97 -24.74
CA ARG D 396 20.39 19.22 -24.98
C ARG D 396 19.37 20.32 -25.21
N GLY D 397 19.52 21.43 -24.50
CA GLY D 397 18.60 22.53 -24.65
C GLY D 397 17.25 22.22 -24.04
N ARG D 398 16.31 23.13 -24.29
CA ARG D 398 14.96 22.95 -23.78
C ARG D 398 14.31 21.75 -24.48
N PRO D 399 13.55 20.93 -23.74
CA PRO D 399 12.87 19.81 -24.39
C PRO D 399 11.80 20.31 -25.34
N VAL D 400 11.51 19.50 -26.36
CA VAL D 400 10.48 19.85 -27.33
C VAL D 400 9.14 19.70 -26.63
N THR D 401 8.54 20.83 -26.26
CA THR D 401 7.30 20.82 -25.50
C THR D 401 6.14 20.31 -26.35
N GLY D 402 5.16 19.70 -25.69
CA GLY D 402 3.97 19.24 -26.35
C GLY D 402 2.74 19.98 -25.85
N PRO D 403 1.56 19.45 -26.16
CA PRO D 403 0.33 20.12 -25.71
C PRO D 403 0.25 20.15 -24.19
N GLY D 404 -0.24 21.27 -23.67
CA GLY D 404 -0.40 21.42 -22.24
C GLY D 404 0.91 21.38 -21.48
N ASN D 405 1.97 21.95 -22.04
CA ASN D 405 3.27 22.00 -21.40
C ASN D 405 3.75 20.60 -21.01
N ARG D 406 3.52 19.64 -21.90
CA ARG D 406 3.94 18.26 -21.69
C ARG D 406 5.13 17.97 -22.60
N PRO D 407 6.34 17.75 -22.08
CA PRO D 407 7.44 17.34 -22.96
C PRO D 407 7.13 16.01 -23.60
N LEU D 408 7.56 15.85 -24.84
CA LEU D 408 7.27 14.66 -25.61
C LEU D 408 8.16 13.51 -25.16
N LYS D 409 7.82 12.31 -25.61
CA LYS D 409 8.52 11.09 -25.22
C LYS D 409 9.29 10.57 -26.43
N SER D 410 10.61 10.77 -26.41
CA SER D 410 11.46 10.33 -27.49
C SER D 410 11.72 8.83 -27.38
N LEU D 411 12.41 8.28 -28.39
CA LEU D 411 12.68 6.85 -28.40
C LEU D 411 13.46 6.41 -27.18
N SER D 412 14.33 7.27 -26.65
CA SER D 412 15.14 6.90 -25.50
C SER D 412 14.27 6.70 -24.26
N ASP D 413 13.28 7.58 -24.05
CA ASP D 413 12.41 7.45 -22.89
C ASP D 413 11.65 6.14 -22.88
N LEU D 414 11.52 5.48 -24.04
CA LEU D 414 10.92 4.16 -24.09
C LEU D 414 11.85 3.08 -23.55
N LEU D 415 13.12 3.40 -23.31
CA LEU D 415 14.07 2.52 -22.66
C LEU D 415 14.45 2.99 -21.27
N LYS D 416 14.98 4.21 -21.18
CA LYS D 416 15.47 4.73 -19.91
C LYS D 416 14.31 4.96 -18.96
N GLY D 417 14.54 4.64 -17.69
CA GLY D 417 13.58 4.92 -16.65
C GLY D 417 12.84 3.67 -16.19
N LYS D 418 12.17 3.80 -15.05
CA LYS D 418 11.44 2.69 -14.46
C LYS D 418 10.26 2.25 -15.31
N GLN D 419 9.81 3.08 -16.25
CA GLN D 419 8.68 2.76 -17.11
C GLN D 419 9.10 2.30 -18.50
N GLY D 420 10.39 2.04 -18.71
CA GLY D 420 10.87 1.62 -20.01
C GLY D 420 10.56 0.16 -20.28
N ARG D 421 10.92 -0.28 -21.49
CA ARG D 421 10.67 -1.67 -21.86
C ARG D 421 11.41 -2.62 -20.94
N PHE D 422 12.67 -2.30 -20.60
CA PHE D 422 13.46 -3.21 -19.79
C PHE D 422 12.82 -3.43 -18.42
N ARG D 423 12.52 -2.34 -17.71
CA ARG D 423 12.05 -2.45 -16.35
C ARG D 423 10.59 -2.85 -16.26
N GLN D 424 9.76 -2.39 -17.19
CA GLN D 424 8.31 -2.49 -17.04
C GLN D 424 7.70 -3.62 -17.85
N ASN D 425 8.24 -3.96 -19.02
CA ASN D 425 7.57 -4.86 -19.94
C ASN D 425 8.38 -6.09 -20.33
N LEU D 426 9.58 -6.28 -19.78
CA LEU D 426 10.38 -7.46 -20.08
C LEU D 426 10.74 -8.26 -18.85
N LEU D 427 11.23 -7.61 -17.79
CA LEU D 427 11.52 -8.35 -16.56
C LEU D 427 10.24 -8.81 -15.87
N GLY D 428 9.25 -7.93 -15.77
CA GLY D 428 7.99 -8.27 -15.17
C GLY D 428 6.82 -7.87 -16.03
N LYS D 429 6.02 -8.85 -16.45
CA LYS D 429 4.92 -8.63 -17.38
C LYS D 429 3.66 -9.26 -16.85
N ARG D 430 2.52 -8.73 -17.29
CA ARG D 430 1.24 -9.29 -16.90
C ARG D 430 1.10 -10.71 -17.46
N VAL D 431 0.33 -11.54 -16.76
CA VAL D 431 0.19 -12.94 -17.12
C VAL D 431 -1.30 -13.28 -17.19
N ASP D 432 -1.62 -14.25 -18.05
CA ASP D 432 -2.97 -14.80 -18.12
C ASP D 432 -3.14 -15.86 -17.05
N TYR D 433 -4.34 -16.43 -16.97
CA TYR D 433 -4.65 -17.49 -16.00
C TYR D 433 -4.27 -17.05 -14.59
N SER D 434 -4.77 -15.88 -14.19
CA SER D 434 -4.48 -15.36 -12.87
C SER D 434 -5.70 -14.62 -12.35
N GLY D 435 -5.76 -14.50 -11.03
CA GLY D 435 -6.82 -13.77 -10.35
C GLY D 435 -6.29 -13.21 -9.06
N ARG D 436 -7.15 -12.56 -8.30
CA ARG D 436 -6.77 -12.05 -6.99
C ARG D 436 -8.00 -11.93 -6.11
N SER D 437 -7.76 -11.91 -4.81
CA SER D 437 -8.86 -11.72 -3.88
C SER D 437 -8.34 -11.40 -2.49
N VAL D 438 -9.22 -10.89 -1.65
CA VAL D 438 -8.90 -10.64 -0.25
C VAL D 438 -8.77 -11.98 0.47
N ILE D 439 -7.81 -12.08 1.36
CA ILE D 439 -7.48 -13.33 2.04
C ILE D 439 -8.12 -13.35 3.41
N VAL D 440 -8.59 -14.53 3.83
CA VAL D 440 -9.12 -14.74 5.16
C VAL D 440 -8.51 -16.01 5.74
N VAL D 441 -8.53 -16.10 7.07
CA VAL D 441 -7.88 -17.19 7.77
C VAL D 441 -8.72 -18.45 7.64
N GLY D 442 -8.04 -19.56 7.33
CA GLY D 442 -8.69 -20.82 7.00
C GLY D 442 -8.33 -21.93 7.96
N PRO D 443 -8.41 -21.66 9.27
CA PRO D 443 -7.76 -22.53 10.27
C PRO D 443 -8.02 -24.01 10.13
N GLN D 444 -9.12 -24.40 9.47
CA GLN D 444 -9.40 -25.81 9.27
C GLN D 444 -8.64 -26.42 8.09
N LEU D 445 -7.99 -25.59 7.27
CA LEU D 445 -7.22 -26.11 6.15
C LEU D 445 -5.96 -26.81 6.64
N LYS D 446 -5.39 -27.64 5.76
CA LYS D 446 -4.09 -28.24 6.02
C LYS D 446 -2.99 -27.38 5.40
N LEU D 447 -1.75 -27.63 5.85
CA LEU D 447 -0.67 -26.71 5.52
C LEU D 447 -0.39 -26.64 4.02
N HIS D 448 -0.85 -27.63 3.25
CA HIS D 448 -0.62 -27.65 1.80
C HIS D 448 -1.88 -27.30 1.02
N GLN D 449 -2.85 -26.66 1.67
CA GLN D 449 -4.15 -26.40 1.07
C GLN D 449 -4.46 -24.91 1.11
N CYS D 450 -5.24 -24.46 0.14
CA CYS D 450 -5.77 -23.10 0.15
C CYS D 450 -7.18 -23.11 -0.41
N GLY D 451 -8.07 -22.38 0.24
CA GLY D 451 -9.39 -22.17 -0.31
C GLY D 451 -9.32 -21.37 -1.59
N LEU D 452 -10.35 -21.51 -2.39
CA LEU D 452 -10.42 -20.82 -3.66
C LEU D 452 -11.89 -20.65 -4.00
N PRO D 453 -12.40 -19.42 -4.14
CA PRO D 453 -13.82 -19.28 -4.47
C PRO D 453 -14.13 -19.90 -5.81
N LYS D 454 -15.31 -20.52 -5.90
CA LYS D 454 -15.70 -21.19 -7.14
C LYS D 454 -15.78 -20.21 -8.30
N LEU D 455 -16.12 -18.95 -8.02
CA LEU D 455 -16.20 -17.95 -9.09
C LEU D 455 -14.84 -17.68 -9.70
N MET D 456 -13.77 -17.83 -8.92
CA MET D 456 -12.41 -17.67 -9.43
C MET D 456 -11.89 -18.95 -10.07
N ALA D 457 -12.16 -20.11 -9.45
CA ALA D 457 -11.70 -21.36 -10.01
C ALA D 457 -12.36 -21.67 -11.35
N LEU D 458 -13.61 -21.27 -11.52
CA LEU D 458 -14.28 -21.51 -12.80
C LEU D 458 -13.60 -20.73 -13.92
N GLU D 459 -13.23 -19.47 -13.65
CA GLU D 459 -12.60 -18.67 -14.69
C GLU D 459 -11.16 -19.10 -14.93
N LEU D 460 -10.41 -19.41 -13.86
CA LEU D 460 -9.03 -19.86 -14.05
C LEU D 460 -8.98 -21.15 -14.85
N PHE D 461 -9.76 -22.14 -14.45
CA PHE D 461 -9.70 -23.47 -15.05
C PHE D 461 -10.67 -23.62 -16.22
N LYS D 462 -11.05 -22.53 -16.88
CA LYS D 462 -12.09 -22.61 -17.89
C LYS D 462 -11.78 -23.62 -18.99
N PRO D 463 -10.60 -23.61 -19.62
CA PRO D 463 -10.34 -24.61 -20.67
C PRO D 463 -10.35 -26.04 -20.15
N PHE D 464 -9.85 -26.25 -18.93
CA PHE D 464 -9.83 -27.60 -18.37
C PHE D 464 -11.25 -28.13 -18.19
N VAL D 465 -12.12 -27.31 -17.59
CA VAL D 465 -13.50 -27.74 -17.39
C VAL D 465 -14.20 -27.92 -18.73
N MET D 466 -13.87 -27.08 -19.71
CA MET D 466 -14.42 -27.25 -21.05
C MET D 466 -14.10 -28.64 -21.58
N LYS D 467 -12.82 -29.00 -21.56
CA LYS D 467 -12.43 -30.32 -22.06
C LYS D 467 -13.12 -31.42 -21.28
N ARG D 468 -13.14 -31.30 -19.95
CA ARG D 468 -13.67 -32.38 -19.13
C ARG D 468 -15.15 -32.60 -19.39
N LEU D 469 -15.93 -31.53 -19.49
CA LEU D 469 -17.37 -31.72 -19.72
C LEU D 469 -17.68 -32.04 -21.18
N VAL D 470 -16.84 -31.63 -22.13
CA VAL D 470 -17.03 -32.09 -23.49
C VAL D 470 -16.80 -33.59 -23.56
N ASP D 471 -15.88 -34.12 -22.77
CA ASP D 471 -15.68 -35.57 -22.74
C ASP D 471 -16.89 -36.29 -22.15
N LEU D 472 -17.71 -35.59 -21.36
CA LEU D 472 -18.83 -36.22 -20.64
C LEU D 472 -20.17 -36.01 -21.33
N ASN D 473 -20.18 -35.53 -22.58
CA ASN D 473 -21.39 -35.40 -23.39
C ASN D 473 -22.26 -34.25 -22.87
N HIS D 474 -21.89 -33.63 -21.75
CA HIS D 474 -22.74 -32.59 -21.18
C HIS D 474 -22.91 -31.43 -22.16
N ALA D 475 -21.92 -31.19 -23.01
CA ALA D 475 -22.03 -30.24 -24.10
C ALA D 475 -21.56 -30.93 -25.37
N GLN D 476 -22.31 -30.74 -26.46
CA GLN D 476 -22.02 -31.47 -27.69
C GLN D 476 -20.65 -31.11 -28.23
N ASN D 477 -20.39 -29.81 -28.41
CA ASN D 477 -19.15 -29.32 -28.98
C ASN D 477 -18.55 -28.27 -28.06
N ILE D 478 -17.36 -27.76 -28.45
CA ILE D 478 -16.62 -26.86 -27.58
C ILE D 478 -17.34 -25.52 -27.44
N LYS D 479 -17.97 -25.04 -28.51
CA LYS D 479 -18.69 -23.77 -28.44
C LYS D 479 -19.88 -23.86 -27.49
N SER D 480 -20.61 -24.97 -27.55
CA SER D 480 -21.70 -25.17 -26.60
C SER D 480 -21.18 -25.22 -25.17
N ALA D 481 -20.03 -25.86 -24.96
CA ALA D 481 -19.41 -25.88 -23.65
C ALA D 481 -19.05 -24.48 -23.19
N LYS D 482 -18.54 -23.66 -24.12
CA LYS D 482 -18.21 -22.28 -23.79
C LYS D 482 -19.43 -21.51 -23.34
N ARG D 483 -20.53 -21.63 -24.09
CA ARG D 483 -21.77 -20.96 -23.68
C ARG D 483 -22.24 -21.47 -22.33
N MET D 484 -22.17 -22.78 -22.11
CA MET D 484 -22.60 -23.37 -20.84
C MET D 484 -21.82 -22.78 -19.67
N VAL D 485 -20.50 -22.78 -19.78
CA VAL D 485 -19.68 -22.29 -18.68
C VAL D 485 -19.88 -20.80 -18.49
N GLU D 486 -20.05 -20.05 -19.58
CA GLU D 486 -20.26 -18.61 -19.45
C GLU D 486 -21.57 -18.32 -18.72
N ARG D 487 -22.61 -19.10 -18.98
CA ARG D 487 -23.86 -18.95 -18.26
C ARG D 487 -23.88 -19.73 -16.95
N GLN D 488 -22.87 -20.57 -16.69
CA GLN D 488 -22.72 -21.27 -15.42
C GLN D 488 -23.93 -22.16 -15.12
N ARG D 489 -24.12 -23.16 -16.00
CA ARG D 489 -25.11 -24.18 -15.74
C ARG D 489 -24.67 -25.01 -14.53
N PRO D 490 -25.61 -25.68 -13.86
CA PRO D 490 -25.28 -26.25 -12.54
C PRO D 490 -24.19 -27.31 -12.58
N GLN D 491 -24.30 -28.30 -13.48
CA GLN D 491 -23.35 -29.40 -13.47
C GLN D 491 -21.91 -28.94 -13.65
N VAL D 492 -21.71 -27.75 -14.22
CA VAL D 492 -20.36 -27.20 -14.32
C VAL D 492 -19.62 -27.33 -13.00
N TRP D 493 -20.30 -26.95 -11.90
CA TRP D 493 -19.62 -27.00 -10.61
C TRP D 493 -19.06 -28.39 -10.34
N ASP D 494 -19.87 -29.43 -10.53
CA ASP D 494 -19.36 -30.79 -10.39
C ASP D 494 -18.05 -30.93 -11.15
N VAL D 495 -18.09 -30.74 -12.46
CA VAL D 495 -16.90 -31.02 -13.26
C VAL D 495 -15.75 -30.16 -12.78
N LEU D 496 -16.03 -28.93 -12.33
CA LEU D 496 -14.95 -28.08 -11.86
C LEU D 496 -14.16 -28.77 -10.76
N GLU D 497 -14.86 -29.23 -9.72
CA GLU D 497 -14.16 -29.94 -8.65
C GLU D 497 -13.34 -31.07 -9.24
N GLU D 498 -13.94 -31.84 -10.15
CA GLU D 498 -13.27 -32.99 -10.73
C GLU D 498 -11.91 -32.60 -11.28
N VAL D 499 -11.84 -31.48 -12.00
CA VAL D 499 -10.56 -31.08 -12.59
C VAL D 499 -9.66 -30.47 -11.53
N ILE D 500 -10.24 -29.67 -10.63
CA ILE D 500 -9.38 -28.88 -9.75
C ILE D 500 -8.60 -29.75 -8.78
N ALA D 501 -9.06 -30.98 -8.54
CA ALA D 501 -8.37 -31.86 -7.63
C ALA D 501 -6.98 -32.18 -8.15
N GLU D 502 -5.98 -32.05 -7.28
CA GLU D 502 -4.58 -32.35 -7.61
C GLU D 502 -4.11 -31.47 -8.78
N HIS D 503 -4.13 -30.16 -8.52
CA HIS D 503 -3.67 -29.18 -9.49
C HIS D 503 -3.20 -27.93 -8.77
N PRO D 504 -1.90 -27.77 -8.53
CA PRO D 504 -1.43 -26.70 -7.67
C PRO D 504 -1.68 -25.31 -8.28
N VAL D 505 -1.76 -24.32 -7.40
CA VAL D 505 -1.86 -22.92 -7.82
C VAL D 505 -0.92 -22.10 -6.95
N LEU D 506 -0.24 -21.14 -7.57
CA LEU D 506 0.73 -20.32 -6.87
C LEU D 506 0.06 -19.09 -6.27
N LEU D 507 0.26 -18.88 -4.98
CA LEU D 507 -0.24 -17.69 -4.28
C LEU D 507 0.92 -16.75 -4.04
N ASN D 508 0.69 -15.47 -4.30
CA ASN D 508 1.70 -14.43 -4.18
C ASN D 508 1.10 -13.20 -3.52
N ARG D 509 1.90 -12.51 -2.73
CA ARG D 509 1.48 -11.27 -2.07
C ARG D 509 2.58 -10.23 -2.25
N ALA D 510 2.29 -9.19 -3.02
CA ALA D 510 3.23 -8.09 -3.17
C ALA D 510 3.26 -7.26 -1.89
N PRO D 511 4.44 -6.84 -1.42
CA PRO D 511 5.78 -7.02 -2.00
C PRO D 511 6.32 -8.43 -1.80
N THR D 512 6.96 -9.00 -2.83
CA THR D 512 7.55 -10.34 -2.73
C THR D 512 8.97 -10.18 -2.19
N LEU D 513 9.04 -9.90 -0.89
CA LEU D 513 10.32 -9.52 -0.29
C LEU D 513 11.35 -10.64 -0.41
N HIS D 514 10.95 -11.89 -0.20
CA HIS D 514 11.88 -13.00 -0.19
C HIS D 514 11.26 -14.18 -0.93
N ARG D 515 12.00 -15.30 -0.94
CA ARG D 515 11.62 -16.43 -1.78
C ARG D 515 10.27 -17.00 -1.39
N LEU D 516 9.97 -17.03 -0.10
CA LEU D 516 8.72 -17.61 0.38
C LEU D 516 7.51 -16.73 0.10
N GLY D 517 7.69 -15.55 -0.52
CA GLY D 517 6.56 -14.72 -0.84
C GLY D 517 5.58 -15.41 -1.76
N ILE D 518 6.08 -16.23 -2.69
CA ILE D 518 5.27 -16.98 -3.63
C ILE D 518 5.38 -18.46 -3.27
N GLN D 519 4.23 -19.10 -3.03
CA GLN D 519 4.22 -20.50 -2.66
C GLN D 519 3.08 -21.22 -3.35
N ALA D 520 3.26 -22.51 -3.60
CA ALA D 520 2.27 -23.31 -4.30
C ALA D 520 1.38 -24.04 -3.30
N PHE D 521 0.06 -23.85 -3.43
CA PHE D 521 -0.92 -24.48 -2.58
C PHE D 521 -1.84 -25.35 -3.42
N GLU D 522 -2.32 -26.43 -2.81
CA GLU D 522 -3.36 -27.24 -3.44
C GLU D 522 -4.69 -26.52 -3.29
N PRO D 523 -5.38 -26.18 -4.37
CA PRO D 523 -6.63 -25.41 -4.25
C PRO D 523 -7.78 -26.31 -3.83
N MET D 524 -8.83 -25.67 -3.31
CA MET D 524 -10.11 -26.36 -3.22
C MET D 524 -11.24 -25.35 -3.18
N LEU D 525 -12.35 -25.73 -3.79
CA LEU D 525 -13.50 -24.84 -3.87
C LEU D 525 -14.02 -24.49 -2.48
N VAL D 526 -14.29 -23.21 -2.27
CA VAL D 526 -14.78 -22.71 -1.00
C VAL D 526 -15.86 -21.68 -1.28
N GLU D 527 -16.97 -21.76 -0.55
CA GLU D 527 -18.03 -20.78 -0.70
C GLU D 527 -17.54 -19.41 -0.23
N GLY D 528 -18.11 -18.37 -0.81
CA GLY D 528 -17.66 -17.02 -0.57
C GLY D 528 -16.80 -16.49 -1.69
N LYS D 529 -16.08 -15.41 -1.39
CA LYS D 529 -15.25 -14.76 -2.39
C LYS D 529 -13.87 -14.37 -1.85
N ALA D 530 -13.40 -15.05 -0.81
CA ALA D 530 -12.10 -14.76 -0.21
C ALA D 530 -11.23 -16.02 -0.23
N ILE D 531 -9.96 -15.84 -0.58
CA ILE D 531 -9.02 -16.95 -0.63
C ILE D 531 -8.68 -17.34 0.81
N GLN D 532 -9.24 -18.46 1.28
CA GLN D 532 -8.94 -18.92 2.62
C GLN D 532 -7.49 -19.39 2.69
N LEU D 533 -6.69 -18.72 3.50
CA LEU D 533 -5.26 -18.97 3.60
C LEU D 533 -4.92 -19.63 4.92
N HIS D 534 -4.04 -20.62 4.87
CA HIS D 534 -3.64 -21.31 6.10
C HIS D 534 -2.92 -20.35 7.02
N PRO D 535 -3.26 -20.32 8.32
CA PRO D 535 -2.62 -19.32 9.20
C PRO D 535 -1.12 -19.46 9.31
N LEU D 536 -0.59 -20.68 9.32
CA LEU D 536 0.83 -20.86 9.61
C LEU D 536 1.73 -20.29 8.52
N VAL D 537 1.23 -20.10 7.31
CA VAL D 537 2.04 -19.49 6.25
C VAL D 537 2.06 -17.97 6.33
N CYS D 538 1.28 -17.38 7.22
CA CYS D 538 1.20 -15.92 7.28
C CYS D 538 2.58 -15.30 7.46
N GLU D 539 3.35 -15.80 8.42
CA GLU D 539 4.67 -15.23 8.68
C GLU D 539 5.55 -15.32 7.45
N ALA D 540 5.35 -16.33 6.59
CA ALA D 540 6.10 -16.41 5.35
C ALA D 540 5.68 -15.30 4.41
N PHE D 541 4.38 -15.07 4.26
CA PHE D 541 3.88 -14.03 3.38
C PHE D 541 3.92 -12.65 4.01
N ASN D 542 4.20 -12.55 5.32
CA ASN D 542 4.02 -11.30 6.04
C ASN D 542 2.59 -10.81 5.89
N ALA D 543 1.64 -11.74 5.85
CA ALA D 543 0.25 -11.45 5.54
C ALA D 543 -0.57 -11.47 6.82
N ASP D 544 -1.24 -10.35 7.09
CA ASP D 544 -2.26 -10.26 8.11
C ASP D 544 -3.60 -10.04 7.41
N PHE D 545 -4.68 -10.44 8.07
CA PHE D 545 -5.98 -10.46 7.44
C PHE D 545 -6.76 -9.16 7.61
N ASP D 546 -6.08 -8.04 7.82
CA ASP D 546 -6.76 -6.75 7.92
C ASP D 546 -6.81 -6.05 6.57
N GLY D 547 -7.31 -6.77 5.57
CA GLY D 547 -7.60 -6.21 4.27
C GLY D 547 -6.61 -6.55 3.17
N ASP D 548 -5.64 -7.43 3.42
CA ASP D 548 -4.68 -7.78 2.38
C ASP D 548 -5.40 -8.40 1.18
N GLN D 549 -4.67 -8.47 0.07
CA GLN D 549 -5.10 -9.20 -1.11
C GLN D 549 -3.95 -10.05 -1.61
N MET D 550 -4.29 -11.14 -2.29
CA MET D 550 -3.28 -12.03 -2.84
C MET D 550 -3.68 -12.44 -4.24
N ALA D 551 -2.67 -12.71 -5.06
CA ALA D 551 -2.84 -13.09 -6.45
C ALA D 551 -2.57 -14.57 -6.61
N VAL D 552 -3.38 -15.22 -7.45
CA VAL D 552 -3.32 -16.65 -7.69
C VAL D 552 -2.99 -16.85 -9.16
N HIS D 553 -1.93 -17.60 -9.43
CA HIS D 553 -1.53 -18.00 -10.77
C HIS D 553 -1.71 -19.50 -10.93
N LEU D 554 -1.93 -19.94 -12.15
CA LEU D 554 -2.20 -21.34 -12.47
C LEU D 554 -1.11 -21.89 -13.37
N PRO D 555 -0.20 -22.74 -12.90
CA PRO D 555 0.71 -23.42 -13.82
C PRO D 555 -0.05 -24.34 -14.75
N LEU D 556 0.46 -24.47 -15.98
CA LEU D 556 -0.21 -25.24 -17.02
C LEU D 556 0.56 -26.48 -17.42
N SER D 557 1.83 -26.34 -17.82
CA SER D 557 2.57 -27.47 -18.34
C SER D 557 2.94 -28.43 -17.21
N ALA D 558 3.26 -29.66 -17.61
CA ALA D 558 3.63 -30.67 -16.63
C ALA D 558 4.87 -30.26 -15.85
N GLU D 559 5.81 -29.58 -16.51
CA GLU D 559 6.97 -29.06 -15.80
C GLU D 559 6.55 -28.03 -14.76
N ALA D 560 5.64 -27.13 -15.13
CA ALA D 560 5.20 -26.11 -14.18
C ALA D 560 4.46 -26.73 -13.00
N GLN D 561 3.59 -27.71 -13.26
CA GLN D 561 2.89 -28.37 -12.18
C GLN D 561 3.85 -29.11 -11.26
N ALA D 562 4.84 -29.79 -11.86
CA ALA D 562 5.82 -30.50 -11.05
C ALA D 562 6.62 -29.53 -10.19
N GLU D 563 7.00 -28.38 -10.75
CA GLU D 563 7.72 -27.39 -9.97
C GLU D 563 6.87 -26.86 -8.82
N ALA D 564 5.60 -26.58 -9.08
CA ALA D 564 4.73 -26.10 -8.02
C ALA D 564 4.57 -27.15 -6.92
N ARG D 565 4.48 -28.43 -7.31
CA ARG D 565 4.27 -29.48 -6.33
C ARG D 565 5.52 -29.78 -5.51
N ILE D 566 6.69 -29.67 -6.13
CA ILE D 566 7.92 -30.18 -5.53
C ILE D 566 8.73 -29.04 -4.93
N LEU D 567 9.11 -28.07 -5.78
CA LEU D 567 9.97 -26.99 -5.32
C LEU D 567 9.24 -26.06 -4.37
N MET D 568 8.00 -25.67 -4.71
CA MET D 568 7.36 -24.53 -4.09
C MET D 568 6.21 -24.89 -3.16
N LEU D 569 5.87 -26.16 -3.01
CA LEU D 569 4.74 -26.50 -2.17
C LEU D 569 4.96 -26.00 -0.74
N SER D 570 3.90 -25.49 -0.13
CA SER D 570 4.04 -24.81 1.15
C SER D 570 4.56 -25.77 2.22
N SER D 571 4.08 -27.01 2.22
CA SER D 571 4.55 -27.98 3.20
C SER D 571 6.03 -28.31 3.02
N ASN D 572 6.59 -28.06 1.84
CA ASN D 572 8.01 -28.28 1.59
C ASN D 572 8.86 -27.06 1.93
N ASN D 573 8.26 -25.96 2.37
CA ASN D 573 8.96 -24.73 2.70
C ASN D 573 8.59 -24.33 4.11
N ILE D 574 9.30 -24.89 5.09
CA ILE D 574 9.06 -24.59 6.50
C ILE D 574 10.09 -23.61 7.02
N LEU D 575 11.37 -23.89 6.80
CA LEU D 575 12.44 -23.03 7.28
C LEU D 575 12.69 -21.88 6.31
N SER D 576 13.09 -20.75 6.86
CA SER D 576 13.43 -19.61 6.04
C SER D 576 14.70 -19.93 5.25
N PRO D 577 14.88 -19.30 4.07
CA PRO D 577 16.15 -19.47 3.35
C PRO D 577 17.27 -18.59 3.85
N ALA D 578 17.00 -17.71 4.81
CA ALA D 578 17.98 -16.73 5.25
C ALA D 578 18.88 -17.27 6.36
N SER D 579 18.29 -17.67 7.49
CA SER D 579 19.05 -18.15 8.64
C SER D 579 18.61 -19.52 9.11
N GLY D 580 17.63 -20.14 8.48
CA GLY D 580 17.21 -21.47 8.83
C GLY D 580 16.20 -21.58 9.95
N ARG D 581 15.88 -20.47 10.60
CA ARG D 581 14.86 -20.50 11.65
C ARG D 581 13.50 -20.80 11.04
N PRO D 582 12.64 -21.53 11.73
CA PRO D 582 11.35 -21.91 11.14
C PRO D 582 10.45 -20.71 10.95
N LEU D 583 9.59 -20.80 9.93
CA LEU D 583 8.60 -19.77 9.65
C LEU D 583 7.17 -20.30 9.59
N ALA D 584 6.97 -21.61 9.58
CA ALA D 584 5.64 -22.20 9.61
C ALA D 584 5.19 -22.55 11.01
N MET D 585 5.94 -22.15 12.03
CA MET D 585 5.61 -22.49 13.40
C MET D 585 4.38 -21.73 13.89
N PRO D 586 3.75 -22.21 14.95
CA PRO D 586 2.65 -21.45 15.55
C PRO D 586 3.10 -20.09 16.06
N ARG D 587 2.23 -19.10 15.91
CA ARG D 587 2.52 -17.74 16.36
C ARG D 587 1.22 -17.07 16.80
N LEU D 588 1.34 -16.12 17.73
CA LEU D 588 0.20 -15.37 18.26
C LEU D 588 -0.77 -16.28 19.00
N ASP D 589 -1.97 -16.51 18.44
CA ASP D 589 -2.99 -17.26 19.17
C ASP D 589 -2.52 -18.66 19.50
N MET D 590 -1.84 -19.31 18.54
CA MET D 590 -1.36 -20.67 18.77
C MET D 590 -0.33 -20.71 19.90
N VAL D 591 0.59 -19.74 19.91
CA VAL D 591 1.60 -19.71 20.96
C VAL D 591 0.95 -19.49 22.32
N THR D 592 -0.01 -18.57 22.39
CA THR D 592 -0.71 -18.34 23.66
C THR D 592 -1.44 -19.60 24.12
N GLY D 593 -2.12 -20.28 23.19
CA GLY D 593 -2.84 -21.48 23.56
C GLY D 593 -1.91 -22.57 24.07
N LEU D 594 -0.80 -22.79 23.38
CA LEU D 594 0.13 -23.83 23.81
C LEU D 594 0.83 -23.45 25.12
N TYR D 595 1.13 -22.16 25.30
CA TYR D 595 1.73 -21.73 26.55
C TYR D 595 0.78 -21.93 27.72
N TYR D 596 -0.52 -21.66 27.50
CA TYR D 596 -1.51 -21.96 28.53
C TYR D 596 -1.63 -23.45 28.75
N LEU D 597 -1.49 -24.24 27.68
CA LEU D 597 -1.66 -25.69 27.79
C LEU D 597 -0.54 -26.31 28.62
N THR D 598 0.70 -25.99 28.30
CA THR D 598 1.84 -26.67 28.90
C THR D 598 2.35 -26.00 30.17
N THR D 599 1.84 -24.83 30.53
CA THR D 599 2.26 -24.21 31.77
C THR D 599 1.69 -24.96 32.96
N GLU D 600 2.44 -24.94 34.07
CA GLU D 600 2.07 -25.64 35.29
C GLU D 600 1.74 -24.60 36.35
N VAL D 601 0.57 -24.72 36.95
CA VAL D 601 0.10 -23.81 37.99
C VAL D 601 0.10 -24.57 39.31
N PRO D 602 1.01 -24.29 40.24
CA PRO D 602 0.98 -24.99 41.53
C PRO D 602 -0.27 -24.62 42.32
N GLY D 603 -0.69 -25.54 43.18
CA GLY D 603 -1.91 -25.34 43.95
C GLY D 603 -3.16 -25.32 43.10
N ASP D 604 -3.28 -26.22 42.14
CA ASP D 604 -4.45 -26.34 41.28
C ASP D 604 -5.14 -27.66 41.54
N THR D 605 -6.45 -27.71 41.24
CA THR D 605 -7.22 -28.91 41.53
C THR D 605 -6.67 -30.09 40.75
N GLY D 606 -6.65 -31.26 41.40
CA GLY D 606 -6.05 -32.43 40.83
C GLY D 606 -4.55 -32.55 41.05
N GLU D 607 -3.97 -31.65 41.83
CA GLU D 607 -2.53 -31.67 42.03
C GLU D 607 -2.10 -32.94 42.73
N TYR D 608 -0.89 -33.40 42.41
CA TYR D 608 -0.31 -34.58 43.05
C TYR D 608 0.21 -34.16 44.42
N GLN D 609 -0.56 -34.47 45.46
CA GLN D 609 -0.14 -34.20 46.83
C GLN D 609 0.46 -35.46 47.41
N PRO D 610 1.72 -35.47 47.85
CA PRO D 610 2.37 -36.72 48.27
C PRO D 610 2.13 -37.12 49.72
N ALA D 611 1.19 -36.49 50.42
CA ALA D 611 0.95 -36.84 51.81
C ALA D 611 0.52 -38.30 51.93
N SER D 612 1.10 -39.00 52.91
CA SER D 612 0.87 -40.42 53.11
C SER D 612 0.48 -40.66 54.56
N GLY D 613 0.31 -41.92 54.90
CA GLY D 613 -0.11 -42.32 56.25
C GLY D 613 -1.60 -42.30 56.44
N ASP D 614 -2.26 -41.24 55.99
CA ASP D 614 -3.72 -41.13 56.11
C ASP D 614 -4.43 -41.69 54.88
N HIS D 615 -3.88 -41.47 53.68
CA HIS D 615 -4.43 -42.05 52.47
C HIS D 615 -3.42 -41.89 51.33
N PRO D 616 -3.63 -42.57 50.19
CA PRO D 616 -2.64 -42.49 49.11
C PRO D 616 -2.48 -41.09 48.54
N GLU D 617 -1.60 -40.95 47.54
CA GLU D 617 -1.28 -39.63 47.02
C GLU D 617 -2.46 -39.01 46.28
N THR D 618 -3.31 -39.83 45.66
CA THR D 618 -4.52 -39.35 44.98
C THR D 618 -4.18 -38.36 43.86
N GLY D 619 -3.03 -38.54 43.22
CA GLY D 619 -2.64 -37.70 42.10
C GLY D 619 -2.26 -38.50 40.88
N VAL D 620 -1.95 -39.78 41.07
CA VAL D 620 -1.48 -40.61 39.96
C VAL D 620 -2.65 -40.99 39.07
N TYR D 621 -2.34 -41.30 37.80
CA TYR D 621 -3.33 -41.73 36.84
C TYR D 621 -2.75 -42.86 36.00
N SER D 622 -3.63 -43.79 35.61
CA SER D 622 -3.17 -44.99 34.93
C SER D 622 -2.74 -44.70 33.49
N SER D 623 -3.39 -43.76 32.83
CA SER D 623 -3.12 -43.49 31.42
C SER D 623 -3.62 -42.10 31.09
N PRO D 624 -3.15 -41.52 29.99
CA PRO D 624 -3.72 -40.23 29.56
C PRO D 624 -5.20 -40.31 29.28
N ALA D 625 -5.72 -41.50 28.93
CA ALA D 625 -7.15 -41.66 28.76
C ALA D 625 -7.89 -41.39 30.06
N GLU D 626 -7.41 -41.99 31.16
CA GLU D 626 -8.04 -41.76 32.45
C GLU D 626 -7.91 -40.30 32.86
N ALA D 627 -6.77 -39.68 32.59
CA ALA D 627 -6.59 -38.29 32.99
C ALA D 627 -7.50 -37.35 32.20
N ILE D 628 -7.64 -37.58 30.89
CA ILE D 628 -8.57 -36.75 30.12
C ILE D 628 -10.00 -37.01 30.57
N MET D 629 -10.32 -38.25 30.94
CA MET D 629 -11.64 -38.53 31.49
C MET D 629 -11.89 -37.74 32.76
N ALA D 630 -10.91 -37.72 33.66
CA ALA D 630 -11.04 -36.96 34.90
C ALA D 630 -11.05 -35.46 34.64
N ALA D 631 -10.46 -35.00 33.53
CA ALA D 631 -10.48 -33.58 33.21
C ALA D 631 -11.81 -33.16 32.61
N ASP D 632 -12.43 -34.04 31.82
CA ASP D 632 -13.75 -33.72 31.28
C ASP D 632 -14.75 -33.51 32.42
N ARG D 633 -14.69 -34.36 33.43
CA ARG D 633 -15.33 -34.05 34.69
C ARG D 633 -14.51 -32.97 35.41
N GLY D 634 -15.20 -32.15 36.21
CA GLY D 634 -14.53 -31.06 36.88
C GLY D 634 -13.72 -31.50 38.08
N VAL D 635 -12.68 -32.30 37.85
CA VAL D 635 -11.86 -32.82 38.94
C VAL D 635 -10.40 -32.43 38.73
N LEU D 636 -9.85 -32.79 37.57
CA LEU D 636 -8.44 -32.57 37.27
C LEU D 636 -8.31 -31.40 36.32
N SER D 637 -7.58 -30.37 36.74
CA SER D 637 -7.28 -29.25 35.86
C SER D 637 -6.17 -29.63 34.90
N VAL D 638 -6.26 -29.14 33.66
CA VAL D 638 -5.30 -29.50 32.64
C VAL D 638 -3.89 -29.04 32.99
N ARG D 639 -3.76 -28.09 33.92
CA ARG D 639 -2.47 -27.52 34.30
C ARG D 639 -2.11 -27.86 35.73
N ALA D 640 -2.37 -29.10 36.15
CA ALA D 640 -2.11 -29.56 37.50
C ALA D 640 -1.00 -30.60 37.49
N LYS D 641 -0.12 -30.54 38.47
CA LYS D 641 1.01 -31.46 38.56
C LYS D 641 0.51 -32.84 38.99
N ILE D 642 0.45 -33.77 38.03
CA ILE D 642 0.03 -35.14 38.28
C ILE D 642 1.18 -36.08 37.94
N LYS D 643 0.97 -37.38 38.13
CA LYS D 643 1.92 -38.41 37.76
C LYS D 643 1.20 -39.42 36.89
N VAL D 644 1.51 -39.45 35.60
CA VAL D 644 0.86 -40.34 34.66
C VAL D 644 1.75 -41.55 34.42
N ARG D 645 1.14 -42.63 33.96
CA ARG D 645 1.86 -43.84 33.56
C ARG D 645 1.76 -43.93 32.03
N LEU D 646 2.72 -43.31 31.35
CA LEU D 646 2.67 -43.20 29.91
C LEU D 646 3.34 -44.40 29.27
N THR D 647 2.75 -44.90 28.18
CA THR D 647 3.27 -46.08 27.52
C THR D 647 3.34 -45.92 26.00
N GLN D 648 3.20 -44.70 25.48
CA GLN D 648 3.30 -44.46 24.05
C GLN D 648 4.09 -43.19 23.75
N LEU D 649 5.01 -42.83 24.65
CA LEU D 649 5.81 -41.62 24.49
C LEU D 649 7.21 -41.90 25.02
N ARG D 650 8.22 -41.57 24.23
CA ARG D 650 9.58 -41.81 24.66
C ARG D 650 9.89 -40.95 25.88
N PRO D 651 10.48 -41.52 26.94
CA PRO D 651 10.79 -40.73 28.12
C PRO D 651 11.88 -39.72 27.84
N PRO D 652 12.10 -38.76 28.74
CA PRO D 652 13.25 -37.89 28.59
C PRO D 652 14.54 -38.72 28.62
N VAL D 653 15.58 -38.17 27.99
CA VAL D 653 16.79 -38.94 27.75
C VAL D 653 17.34 -39.50 29.06
N GLU D 654 17.33 -38.70 30.13
CA GLU D 654 17.83 -39.19 31.41
C GLU D 654 17.01 -40.36 31.91
N ILE D 655 15.69 -40.27 31.84
CA ILE D 655 14.84 -41.38 32.24
C ILE D 655 15.05 -42.57 31.31
N GLU D 656 15.25 -42.30 30.02
CA GLU D 656 15.50 -43.39 29.08
C GLU D 656 16.72 -44.19 29.47
N ALA D 657 17.82 -43.51 29.81
CA ALA D 657 19.01 -44.21 30.24
C ALA D 657 18.82 -44.86 31.60
N GLU D 658 18.05 -44.23 32.49
CA GLU D 658 17.90 -44.76 33.84
C GLU D 658 17.11 -46.06 33.85
N LEU D 659 15.99 -46.11 33.13
CA LEU D 659 15.09 -47.26 33.19
C LEU D 659 15.43 -48.30 32.14
N PHE D 660 15.35 -47.93 30.86
CA PHE D 660 15.59 -48.90 29.79
C PHE D 660 17.07 -49.10 29.50
N GLY D 661 17.87 -48.05 29.66
CA GLY D 661 19.30 -48.16 29.43
C GLY D 661 19.72 -47.87 27.99
N HIS D 662 19.43 -48.80 27.07
CA HIS D 662 19.99 -48.73 25.73
C HIS D 662 18.95 -48.54 24.64
N SER D 663 17.98 -49.45 24.51
CA SER D 663 17.11 -49.49 23.33
C SER D 663 15.67 -49.80 23.73
N GLY D 664 15.17 -49.12 24.76
CA GLY D 664 13.78 -49.28 25.14
C GLY D 664 12.84 -48.89 24.02
N TRP D 665 12.14 -49.86 23.45
CA TRP D 665 11.17 -49.57 22.40
C TRP D 665 9.88 -49.11 23.07
N GLN D 666 9.57 -47.83 22.91
CA GLN D 666 8.65 -47.08 23.75
C GLN D 666 7.17 -47.35 23.52
N PRO D 667 6.71 -47.52 22.28
CA PRO D 667 5.26 -47.69 22.07
C PRO D 667 4.66 -48.83 22.86
N GLY D 668 5.44 -49.85 23.21
CA GLY D 668 4.94 -50.94 24.00
C GLY D 668 5.18 -50.78 25.49
N ASP D 669 6.36 -50.34 25.87
CA ASP D 669 6.74 -50.28 27.27
C ASP D 669 5.90 -49.23 28.00
N ALA D 670 6.13 -49.12 29.31
CA ALA D 670 5.43 -48.16 30.14
C ALA D 670 6.41 -47.56 31.15
N TRP D 671 6.15 -46.30 31.52
CA TRP D 671 7.03 -45.57 32.43
C TRP D 671 6.22 -44.48 33.11
N MET D 672 6.54 -44.23 34.37
CA MET D 672 5.89 -43.16 35.12
C MET D 672 6.53 -41.82 34.80
N ALA D 673 5.73 -40.76 34.90
CA ALA D 673 6.18 -39.42 34.54
C ALA D 673 5.43 -38.40 35.38
N GLU D 674 6.15 -37.60 36.15
CA GLU D 674 5.55 -36.46 36.83
C GLU D 674 5.49 -35.30 35.85
N THR D 675 4.28 -34.86 35.53
CA THR D 675 4.06 -33.90 34.46
C THR D 675 2.72 -33.24 34.70
N THR D 676 2.20 -32.56 33.68
CA THR D 676 0.84 -32.06 33.69
C THR D 676 0.13 -32.58 32.45
N LEU D 677 -1.16 -32.88 32.59
CA LEU D 677 -1.89 -33.44 31.47
C LEU D 677 -1.86 -32.53 30.25
N GLY D 678 -1.67 -31.22 30.44
CA GLY D 678 -1.44 -30.35 29.31
C GLY D 678 -0.19 -30.76 28.53
N ARG D 679 0.91 -31.00 29.25
CA ARG D 679 2.14 -31.42 28.59
C ARG D 679 1.98 -32.78 27.94
N VAL D 680 1.29 -33.70 28.61
CA VAL D 680 1.07 -35.02 28.03
C VAL D 680 0.27 -34.90 26.73
N MET D 681 -0.79 -34.09 26.75
CA MET D 681 -1.58 -33.91 25.54
C MET D 681 -0.78 -33.24 24.44
N PHE D 682 0.07 -32.29 24.81
CA PHE D 682 0.93 -31.66 23.81
C PHE D 682 1.84 -32.70 23.15
N ASN D 683 2.48 -33.53 23.96
CA ASN D 683 3.46 -34.48 23.42
C ASN D 683 2.84 -35.51 22.49
N GLU D 684 1.51 -35.66 22.50
CA GLU D 684 0.87 -36.50 21.49
C GLU D 684 0.87 -35.85 20.12
N LEU D 685 1.09 -34.54 20.06
CA LEU D 685 1.16 -33.85 18.78
C LEU D 685 2.50 -34.11 18.09
N LEU D 686 3.57 -34.23 18.87
CA LEU D 686 4.89 -34.46 18.32
C LEU D 686 4.99 -35.87 17.74
N PRO D 687 5.97 -36.11 16.87
CA PRO D 687 6.15 -37.46 16.32
C PRO D 687 6.34 -38.48 17.42
N LEU D 688 6.23 -39.76 17.03
CA LEU D 688 6.27 -40.84 18.00
C LEU D 688 7.62 -40.91 18.71
N GLY D 689 8.71 -40.81 17.95
CA GLY D 689 10.03 -41.01 18.52
C GLY D 689 10.57 -39.85 19.32
N TYR D 690 9.97 -38.68 19.23
CA TYR D 690 10.53 -37.51 19.90
C TYR D 690 10.47 -37.71 21.42
N PRO D 691 11.57 -37.47 22.14
CA PRO D 691 11.54 -37.64 23.59
C PRO D 691 10.54 -36.70 24.25
N PHE D 692 9.98 -37.14 25.36
CA PHE D 692 9.11 -36.28 26.16
C PHE D 692 9.85 -35.01 26.54
N VAL D 693 9.20 -33.86 26.34
CA VAL D 693 9.87 -32.58 26.48
C VAL D 693 9.70 -32.07 27.92
N ASN D 694 8.46 -31.90 28.36
CA ASN D 694 8.17 -31.47 29.73
C ASN D 694 8.80 -30.11 30.03
N LYS D 695 8.35 -29.09 29.31
CA LYS D 695 8.76 -27.72 29.56
C LYS D 695 7.62 -26.78 29.20
N GLN D 696 7.60 -25.61 29.84
CA GLN D 696 6.62 -24.59 29.52
C GLN D 696 6.91 -24.06 28.12
N MET D 697 5.91 -24.09 27.25
CA MET D 697 6.14 -23.86 25.82
C MET D 697 6.12 -22.37 25.50
N HIS D 698 7.20 -21.71 25.94
CA HIS D 698 7.52 -20.40 25.42
C HIS D 698 7.75 -20.51 23.92
N LYS D 699 7.72 -19.37 23.23
CA LYS D 699 7.92 -19.38 21.78
C LYS D 699 9.30 -19.92 21.43
N LYS D 700 10.32 -19.54 22.21
CA LYS D 700 11.67 -20.03 21.94
C LYS D 700 11.75 -21.54 22.06
N VAL D 701 11.05 -22.12 23.03
CA VAL D 701 11.06 -23.56 23.20
C VAL D 701 10.45 -24.24 21.98
N GLN D 702 9.34 -23.70 21.48
CA GLN D 702 8.75 -24.25 20.27
C GLN D 702 9.69 -24.09 19.09
N ALA D 703 10.45 -23.00 19.04
CA ALA D 703 11.41 -22.83 17.96
C ALA D 703 12.48 -23.91 18.01
N ALA D 704 13.01 -24.18 19.21
CA ALA D 704 14.00 -25.25 19.34
C ALA D 704 13.40 -26.59 18.93
N ILE D 705 12.16 -26.85 19.35
CA ILE D 705 11.53 -28.14 19.05
C ILE D 705 11.35 -28.31 17.53
N ILE D 706 10.84 -27.27 16.87
CA ILE D 706 10.59 -27.39 15.44
C ILE D 706 11.90 -27.42 14.67
N ASN D 707 12.94 -26.74 15.16
CA ASN D 707 14.25 -26.87 14.53
C ASN D 707 14.76 -28.30 14.62
N ASP D 708 14.63 -28.92 15.80
CA ASP D 708 15.04 -30.31 15.93
C ASP D 708 14.25 -31.21 15.01
N LEU D 709 12.93 -30.98 14.92
CA LEU D 709 12.11 -31.79 14.01
C LEU D 709 12.54 -31.62 12.57
N ALA D 710 12.81 -30.37 12.16
CA ALA D 710 13.22 -30.12 10.78
C ALA D 710 14.55 -30.81 10.48
N GLU D 711 15.48 -30.78 11.43
CA GLU D 711 16.79 -31.36 11.18
C GLU D 711 16.74 -32.88 11.16
N ARG D 712 16.05 -33.49 12.13
CA ARG D 712 16.16 -34.92 12.36
C ARG D 712 15.07 -35.76 11.70
N TYR D 713 14.03 -35.15 11.16
CA TYR D 713 12.88 -35.87 10.63
C TYR D 713 12.56 -35.41 9.22
N PRO D 714 11.86 -36.23 8.45
CA PRO D 714 11.48 -35.81 7.10
C PRO D 714 10.52 -34.63 7.13
N MET D 715 10.54 -33.86 6.04
CA MET D 715 9.75 -32.64 5.99
C MET D 715 8.26 -32.92 6.12
N ILE D 716 7.81 -34.09 5.66
CA ILE D 716 6.39 -34.42 5.77
C ILE D 716 5.99 -34.54 7.24
N VAL D 717 6.83 -35.19 8.05
CA VAL D 717 6.53 -35.33 9.47
C VAL D 717 6.49 -33.96 10.12
N VAL D 718 7.42 -33.07 9.76
CA VAL D 718 7.43 -31.73 10.34
C VAL D 718 6.16 -30.98 9.96
N ALA D 719 5.73 -31.08 8.71
CA ALA D 719 4.52 -30.40 8.29
C ALA D 719 3.31 -30.91 9.07
N GLN D 720 3.20 -32.23 9.23
CA GLN D 720 2.06 -32.78 9.97
C GLN D 720 2.11 -32.37 11.43
N THR D 721 3.29 -32.39 12.04
CA THR D 721 3.41 -31.97 13.44
C THR D 721 3.03 -30.51 13.59
N VAL D 722 3.44 -29.67 12.65
CA VAL D 722 3.11 -28.25 12.72
C VAL D 722 1.61 -28.05 12.60
N ASP D 723 0.95 -28.80 11.71
CA ASP D 723 -0.49 -28.69 11.57
C ASP D 723 -1.20 -29.10 12.86
N LYS D 724 -0.78 -30.21 13.46
CA LYS D 724 -1.41 -30.65 14.70
C LYS D 724 -1.15 -29.65 15.83
N LEU D 725 0.04 -29.06 15.86
CA LEU D 725 0.33 -28.02 16.84
C LEU D 725 -0.58 -26.83 16.64
N LYS D 726 -0.84 -26.45 15.39
CA LYS D 726 -1.76 -25.36 15.12
C LYS D 726 -3.14 -25.67 15.66
N ASP D 727 -3.64 -26.88 15.40
CA ASP D 727 -4.99 -27.23 15.86
C ASP D 727 -5.07 -27.18 17.37
N ALA D 728 -4.11 -27.81 18.06
CA ALA D 728 -4.13 -27.80 19.52
C ALA D 728 -3.99 -26.38 20.05
N GLY D 729 -3.14 -25.57 19.42
CA GLY D 729 -2.93 -24.22 19.89
C GLY D 729 -4.19 -23.38 19.80
N PHE D 730 -4.90 -23.45 18.67
CA PHE D 730 -6.16 -22.72 18.57
C PHE D 730 -7.16 -23.23 19.60
N TYR D 731 -7.32 -24.55 19.69
CA TYR D 731 -8.34 -25.11 20.57
C TYR D 731 -8.11 -24.68 22.01
N TRP D 732 -6.86 -24.71 22.46
CA TRP D 732 -6.55 -24.33 23.83
C TRP D 732 -6.28 -22.84 24.01
N ALA D 733 -6.23 -22.08 22.92
CA ALA D 733 -6.26 -20.63 23.03
C ALA D 733 -7.66 -20.14 23.33
N THR D 734 -8.68 -20.77 22.72
CA THR D 734 -10.05 -20.39 23.03
C THR D 734 -10.36 -20.63 24.51
N ARG D 735 -9.97 -21.79 25.04
CA ARG D 735 -10.22 -22.11 26.43
C ARG D 735 -9.29 -21.39 27.38
N SER D 736 -8.23 -20.76 26.88
CA SER D 736 -7.27 -20.08 27.76
C SER D 736 -7.92 -18.95 28.53
N GLY D 737 -9.06 -18.44 28.07
CA GLY D 737 -9.71 -17.34 28.78
C GLY D 737 -8.86 -16.10 28.86
N VAL D 738 -8.00 -15.88 27.88
CA VAL D 738 -7.16 -14.68 27.87
C VAL D 738 -7.96 -13.55 27.25
N THR D 739 -8.30 -12.55 28.06
CA THR D 739 -9.06 -11.40 27.62
C THR D 739 -8.46 -10.16 28.24
N VAL D 740 -8.63 -9.02 27.57
CA VAL D 740 -8.15 -7.75 28.05
C VAL D 740 -9.35 -6.93 28.49
N SER D 741 -9.28 -6.39 29.71
CA SER D 741 -10.36 -5.57 30.25
C SER D 741 -9.76 -4.48 31.13
N MET D 742 -10.55 -3.44 31.35
CA MET D 742 -10.11 -2.34 32.20
C MET D 742 -9.63 -2.84 33.55
N ALA D 743 -10.31 -3.85 34.10
CA ALA D 743 -9.93 -4.36 35.42
C ALA D 743 -8.55 -5.01 35.39
N ASP D 744 -8.19 -5.66 34.28
CA ASP D 744 -6.94 -6.40 34.20
C ASP D 744 -5.75 -5.54 33.79
N VAL D 745 -5.97 -4.30 33.39
CA VAL D 745 -4.86 -3.38 33.10
C VAL D 745 -4.56 -2.67 34.42
N LEU D 746 -3.78 -3.33 35.25
CA LEU D 746 -3.48 -2.81 36.57
C LEU D 746 -2.52 -1.63 36.47
N VAL D 747 -2.70 -0.67 37.37
CA VAL D 747 -1.81 0.50 37.44
C VAL D 747 -0.90 0.32 38.66
N PRO D 748 0.32 0.85 38.65
CA PRO D 748 1.20 0.68 39.80
C PRO D 748 0.77 1.56 40.95
N PRO D 749 0.53 0.99 42.13
CA PRO D 749 0.00 1.80 43.23
C PRO D 749 0.94 2.89 43.71
N ARG D 750 2.25 2.74 43.48
CA ARG D 750 3.24 3.68 44.00
C ARG D 750 3.58 4.78 43.00
N LYS D 751 2.71 5.04 42.01
CA LYS D 751 3.04 6.01 40.98
C LYS D 751 3.23 7.40 41.56
N LYS D 752 2.34 7.81 42.48
CA LYS D 752 2.33 9.19 42.95
C LYS D 752 3.62 9.54 43.68
N GLU D 753 4.09 8.66 44.57
CA GLU D 753 5.27 8.99 45.37
C GLU D 753 6.49 9.19 44.49
N ILE D 754 6.72 8.27 43.56
CA ILE D 754 7.90 8.36 42.71
C ILE D 754 7.78 9.53 41.75
N LEU D 755 6.57 9.76 41.23
CA LEU D 755 6.36 10.91 40.38
C LEU D 755 6.69 12.20 41.11
N ASP D 756 6.26 12.32 42.37
CA ASP D 756 6.59 13.50 43.16
C ASP D 756 8.08 13.61 43.40
N HIS D 757 8.75 12.49 43.69
CA HIS D 757 10.20 12.51 43.89
C HIS D 757 10.90 13.09 42.66
N TYR D 758 10.60 12.53 41.49
CA TYR D 758 11.32 12.97 40.30
C TYR D 758 10.87 14.35 39.84
N GLU D 759 9.63 14.74 40.13
CA GLU D 759 9.21 16.11 39.88
C GLU D 759 9.97 17.08 40.76
N GLU D 760 10.23 16.70 42.01
CA GLU D 760 11.06 17.53 42.88
C GLU D 760 12.47 17.65 42.32
N ARG D 761 13.04 16.55 41.84
CA ARG D 761 14.37 16.62 41.24
C ARG D 761 14.37 17.53 40.00
N ALA D 762 13.36 17.41 39.15
CA ALA D 762 13.25 18.27 37.99
C ALA D 762 13.11 19.73 38.39
N ASP D 763 12.32 20.00 39.43
CA ASP D 763 12.17 21.36 39.93
C ASP D 763 13.51 21.89 40.41
N LYS D 764 14.29 21.06 41.09
CA LYS D 764 15.62 21.51 41.54
C LYS D 764 16.50 21.84 40.36
N VAL D 765 16.48 21.01 39.31
CA VAL D 765 17.30 21.26 38.14
C VAL D 765 16.88 22.57 37.48
N GLU D 766 15.58 22.79 37.32
CA GLU D 766 15.11 24.05 36.74
C GLU D 766 15.48 25.23 37.61
N LYS D 767 15.39 25.07 38.93
CA LYS D 767 15.73 26.15 39.85
C LYS D 767 17.17 26.56 39.69
N GLN D 768 18.08 25.59 39.63
CA GLN D 768 19.49 25.94 39.47
C GLN D 768 19.79 26.42 38.05
N PHE D 769 19.00 26.02 37.06
CA PHE D 769 19.15 26.60 35.73
C PHE D 769 18.78 28.09 35.75
N GLN D 770 17.68 28.44 36.41
CA GLN D 770 17.26 29.84 36.46
C GLN D 770 18.26 30.71 37.20
N ARG D 771 19.10 30.12 38.05
CA ARG D 771 20.16 30.85 38.73
C ARG D 771 21.45 30.88 37.93
N GLY D 772 21.44 30.39 36.70
CA GLY D 772 22.62 30.41 35.86
C GLY D 772 23.63 29.33 36.16
N ALA D 773 23.23 28.27 36.88
CA ALA D 773 24.18 27.20 37.19
C ALA D 773 24.63 26.47 35.94
N LEU D 774 23.80 26.43 34.90
CA LEU D 774 24.17 25.72 33.68
C LEU D 774 23.35 26.26 32.52
N ASN D 775 23.83 25.97 31.31
CA ASN D 775 23.17 26.41 30.09
C ASN D 775 21.95 25.55 29.81
N HIS D 776 21.22 25.91 28.75
CA HIS D 776 19.96 25.23 28.46
C HIS D 776 20.18 23.81 27.94
N ASP D 777 21.26 23.59 27.19
CA ASP D 777 21.55 22.23 26.72
C ASP D 777 21.77 21.29 27.89
N GLU D 778 22.56 21.73 28.88
CA GLU D 778 22.85 20.87 30.01
C GLU D 778 21.61 20.59 30.84
N ARG D 779 20.72 21.58 30.99
CA ARG D 779 19.51 21.36 31.79
C ARG D 779 18.52 20.46 31.04
N ASN D 780 18.46 20.59 29.72
CA ASN D 780 17.67 19.63 28.94
C ASN D 780 18.23 18.23 29.12
N GLU D 781 19.56 18.09 29.10
CA GLU D 781 20.17 16.79 29.34
C GLU D 781 19.77 16.26 30.71
N ALA D 782 19.84 17.11 31.74
CA ALA D 782 19.56 16.65 33.09
C ALA D 782 18.11 16.20 33.23
N LEU D 783 17.18 16.98 32.68
CA LEU D 783 15.77 16.56 32.70
C LEU D 783 15.59 15.23 31.98
N VAL D 784 16.20 15.10 30.80
CA VAL D 784 16.06 13.86 30.05
C VAL D 784 16.61 12.69 30.85
N GLU D 785 17.75 12.87 31.50
CA GLU D 785 18.35 11.78 32.27
C GLU D 785 17.48 11.37 33.44
N ILE D 786 17.04 12.35 34.24
CA ILE D 786 16.27 12.00 35.42
C ILE D 786 14.93 11.39 35.03
N TRP D 787 14.32 11.87 33.93
CA TRP D 787 13.05 11.31 33.52
C TRP D 787 13.21 9.93 32.87
N LYS D 788 14.32 9.68 32.18
CA LYS D 788 14.59 8.33 31.71
C LYS D 788 14.74 7.36 32.88
N GLU D 789 15.46 7.80 33.92
CA GLU D 789 15.59 6.97 35.11
C GLU D 789 14.22 6.74 35.76
N ALA D 790 13.40 7.79 35.82
CA ALA D 790 12.07 7.66 36.42
C ALA D 790 11.21 6.67 35.63
N THR D 791 11.23 6.77 34.30
CA THR D 791 10.43 5.86 33.49
C THR D 791 10.91 4.42 33.64
N ASP D 792 12.22 4.22 33.68
CA ASP D 792 12.73 2.86 33.91
C ASP D 792 12.27 2.34 35.27
N GLU D 793 12.31 3.19 36.31
CA GLU D 793 11.85 2.75 37.61
C GLU D 793 10.38 2.40 37.58
N VAL D 794 9.57 3.21 36.91
CA VAL D 794 8.13 2.95 36.85
C VAL D 794 7.87 1.64 36.13
N GLY D 795 8.61 1.37 35.06
CA GLY D 795 8.50 0.07 34.42
C GLY D 795 8.84 -1.07 35.37
N GLN D 796 9.90 -0.90 36.16
CA GLN D 796 10.26 -1.92 37.14
C GLN D 796 9.14 -2.15 38.15
N ALA D 797 8.58 -1.06 38.67
CA ALA D 797 7.51 -1.18 39.67
C ALA D 797 6.28 -1.84 39.09
N LEU D 798 5.92 -1.47 37.86
CA LEU D 798 4.81 -2.13 37.19
C LEU D 798 5.08 -3.62 37.02
N ARG D 799 6.30 -3.98 36.60
CA ARG D 799 6.65 -5.38 36.41
C ARG D 799 6.53 -6.15 37.71
N GLU D 800 6.99 -5.57 38.82
CA GLU D 800 6.94 -6.28 40.09
C GLU D 800 5.53 -6.36 40.65
N HIS D 801 4.70 -5.35 40.38
CA HIS D 801 3.34 -5.36 40.89
C HIS D 801 2.43 -6.30 40.12
N TYR D 802 2.65 -6.46 38.82
CA TYR D 802 1.77 -7.27 38.00
C TYR D 802 1.79 -8.72 38.49
N PRO D 803 0.63 -9.39 38.58
CA PRO D 803 0.65 -10.83 38.87
C PRO D 803 1.26 -11.64 37.76
N ASP D 804 1.31 -12.96 37.92
CA ASP D 804 1.92 -13.82 36.92
C ASP D 804 0.96 -14.18 35.80
N ASP D 805 -0.29 -14.50 36.13
CA ASP D 805 -1.25 -15.02 35.18
C ASP D 805 -2.14 -13.95 34.58
N ASN D 806 -1.74 -12.68 34.67
CA ASN D 806 -2.53 -11.62 34.06
C ASN D 806 -2.56 -11.80 32.55
N PRO D 807 -3.67 -11.43 31.88
CA PRO D 807 -3.70 -11.61 30.42
C PRO D 807 -2.64 -10.83 29.68
N ILE D 808 -2.42 -9.56 30.03
CA ILE D 808 -1.43 -8.77 29.31
C ILE D 808 -0.02 -9.31 29.57
N ILE D 809 0.32 -9.54 30.83
CA ILE D 809 1.64 -10.05 31.16
C ILE D 809 1.82 -11.44 30.59
N THR D 810 0.74 -12.25 30.58
CA THR D 810 0.84 -13.58 30.00
C THR D 810 1.09 -13.51 28.49
N ILE D 811 0.40 -12.62 27.79
CA ILE D 811 0.59 -12.50 26.35
C ILE D 811 2.03 -12.08 26.04
N VAL D 812 2.52 -11.08 26.76
CA VAL D 812 3.87 -10.60 26.47
C VAL D 812 4.91 -11.66 26.83
N ASP D 813 4.74 -12.34 27.97
CA ASP D 813 5.74 -13.29 28.45
C ASP D 813 5.67 -14.65 27.76
N SER D 814 4.60 -14.94 27.03
CA SER D 814 4.54 -16.18 26.26
C SER D 814 5.24 -16.05 24.92
N GLY D 815 5.80 -14.89 24.60
CA GLY D 815 6.44 -14.68 23.33
C GLY D 815 5.49 -14.49 22.17
N ALA D 816 4.19 -14.50 22.41
CA ALA D 816 3.22 -14.35 21.32
C ALA D 816 3.38 -13.00 20.64
N THR D 817 3.16 -11.91 21.39
CA THR D 817 3.15 -10.58 20.81
C THR D 817 3.75 -9.59 21.79
N GLY D 818 4.12 -8.43 21.26
CA GLY D 818 4.43 -7.27 22.07
C GLY D 818 5.67 -7.40 22.93
N ASN D 819 6.13 -6.25 23.43
CA ASN D 819 7.23 -6.17 24.38
C ASN D 819 6.74 -5.40 25.60
N PHE D 820 7.49 -5.51 26.69
CA PHE D 820 7.03 -4.92 27.95
C PHE D 820 6.95 -3.41 27.89
N THR D 821 7.64 -2.75 26.95
CA THR D 821 7.55 -1.30 26.87
C THR D 821 6.13 -0.86 26.52
N GLN D 822 5.45 -1.62 25.65
CA GLN D 822 4.08 -1.29 25.32
C GLN D 822 3.16 -1.45 26.51
N THR D 823 3.42 -2.44 27.37
CA THR D 823 2.65 -2.56 28.61
C THR D 823 2.95 -1.40 29.55
N ARG D 824 4.21 -0.97 29.61
CA ARG D 824 4.57 0.15 30.47
C ARG D 824 3.86 1.42 30.04
N THR D 825 3.84 1.69 28.73
CA THR D 825 3.09 2.85 28.24
C THR D 825 1.60 2.66 28.47
N LEU D 826 1.09 1.44 28.28
CA LEU D 826 -0.33 1.18 28.48
C LEU D 826 -0.73 1.43 29.92
N ALA D 827 0.06 0.94 30.87
CA ALA D 827 -0.15 1.22 32.29
C ALA D 827 1.19 1.59 32.89
N GLY D 828 1.25 2.74 33.55
CA GLY D 828 2.52 3.34 33.91
C GLY D 828 2.61 4.74 33.35
N MET D 829 3.48 4.95 32.36
CA MET D 829 3.56 6.25 31.74
C MET D 829 4.24 6.13 30.37
N LYS D 830 3.89 7.06 29.49
CA LYS D 830 4.48 7.07 28.15
C LYS D 830 5.99 7.30 28.22
N GLY D 831 6.43 8.17 29.13
CA GLY D 831 7.84 8.50 29.22
C GLY D 831 8.21 9.67 28.33
N LEU D 832 9.49 9.74 27.99
CA LEU D 832 9.97 10.80 27.12
C LEU D 832 9.38 10.63 25.72
N VAL D 833 9.20 11.76 25.02
CA VAL D 833 8.68 11.77 23.67
C VAL D 833 9.59 12.63 22.81
N THR D 834 9.80 12.21 21.57
CA THR D 834 10.76 12.87 20.69
C THR D 834 10.12 14.06 19.99
N ASN D 835 10.90 15.13 19.86
CA ASN D 835 10.54 16.26 19.02
C ASN D 835 10.73 15.86 17.55
N PRO D 836 10.18 16.65 16.62
CA PRO D 836 10.32 16.27 15.21
C PRO D 836 11.77 16.17 14.75
N LYS D 837 12.65 16.98 15.33
CA LYS D 837 14.06 16.93 14.97
C LYS D 837 14.75 15.67 15.50
N GLY D 838 14.15 15.00 16.48
CA GLY D 838 14.74 13.82 17.09
C GLY D 838 15.14 14.02 18.53
N GLU D 839 15.26 15.25 19.00
CA GLU D 839 15.54 15.50 20.40
C GLU D 839 14.33 15.10 21.25
N PHE D 840 14.56 15.00 22.56
CA PHE D 840 13.53 14.61 23.50
C PHE D 840 12.86 15.84 24.09
N ILE D 841 11.54 15.84 24.12
CA ILE D 841 10.79 16.87 24.84
C ILE D 841 11.02 16.61 26.33
N PRO D 842 11.62 17.54 27.08
CA PRO D 842 11.96 17.22 28.48
C PRO D 842 10.82 17.36 29.46
N ARG D 843 9.56 17.40 29.01
CA ARG D 843 8.46 17.67 29.95
C ARG D 843 8.44 16.66 31.08
N PRO D 844 8.18 15.35 30.85
CA PRO D 844 7.73 14.63 29.65
C PRO D 844 6.26 14.26 29.79
N VAL D 845 5.69 13.45 28.89
CA VAL D 845 4.38 12.87 29.15
C VAL D 845 4.46 11.99 30.38
N LYS D 846 3.43 12.06 31.24
CA LYS D 846 3.43 11.32 32.48
C LYS D 846 2.13 10.55 32.74
N SER D 847 1.23 10.48 31.77
CA SER D 847 -0.04 9.80 31.92
C SER D 847 -0.09 8.56 31.04
N SER D 848 -0.43 7.43 31.63
CA SER D 848 -0.60 6.19 30.87
C SER D 848 -1.85 6.26 30.00
N PHE D 849 -1.84 5.48 28.92
CA PHE D 849 -3.00 5.49 28.02
C PHE D 849 -4.25 5.00 28.73
N ARG D 850 -4.11 4.16 29.76
CA ARG D 850 -5.27 3.81 30.58
C ARG D 850 -5.77 5.03 31.34
N GLU D 851 -4.86 5.72 32.03
CA GLU D 851 -5.24 6.92 32.77
C GLU D 851 -5.72 8.03 31.84
N GLY D 852 -5.31 7.98 30.58
CA GLY D 852 -5.75 8.97 29.61
C GLY D 852 -4.83 10.16 29.53
N LEU D 853 -4.23 10.38 28.38
CA LEU D 853 -3.38 11.55 28.18
C LEU D 853 -4.23 12.82 28.18
N THR D 854 -3.56 13.95 28.36
CA THR D 854 -4.20 15.25 28.25
C THR D 854 -4.00 15.78 26.83
N VAL D 855 -4.47 17.00 26.58
CA VAL D 855 -4.43 17.54 25.23
C VAL D 855 -2.99 17.75 24.78
N LEU D 856 -2.17 18.40 25.62
CA LEU D 856 -0.82 18.72 25.19
C LEU D 856 0.06 17.48 25.13
N GLU D 857 -0.12 16.55 26.06
CA GLU D 857 0.65 15.31 26.01
C GLU D 857 0.33 14.52 24.74
N TYR D 858 -0.95 14.48 24.36
CA TYR D 858 -1.33 13.84 23.11
C TYR D 858 -0.70 14.55 21.91
N PHE D 859 -0.72 15.88 21.93
CA PHE D 859 -0.11 16.63 20.85
C PHE D 859 1.37 16.30 20.73
N ILE D 860 2.06 16.19 21.87
CA ILE D 860 3.48 15.85 21.85
C ILE D 860 3.69 14.46 21.28
N ASN D 861 2.81 13.51 21.62
CA ASN D 861 2.93 12.16 21.11
C ASN D 861 2.77 12.11 19.58
N THR D 862 1.90 12.97 19.04
CA THR D 862 1.69 12.96 17.59
C THR D 862 2.99 13.19 16.83
N HIS D 863 3.91 13.99 17.39
CA HIS D 863 5.19 14.22 16.74
C HIS D 863 5.86 12.89 16.39
N GLY D 864 6.15 12.09 17.40
CA GLY D 864 6.80 10.81 17.18
C GLY D 864 5.99 9.91 16.28
N ALA D 865 4.66 9.90 16.44
CA ALA D 865 3.86 9.00 15.61
C ALA D 865 4.01 9.31 14.12
N ARG D 866 3.77 10.58 13.74
CA ARG D 866 3.85 10.93 12.33
C ARG D 866 5.27 10.78 11.81
N LYS D 867 6.26 11.10 12.64
CA LYS D 867 7.64 10.94 12.22
C LYS D 867 7.93 9.48 11.90
N GLY D 868 7.47 8.57 12.75
CA GLY D 868 7.65 7.15 12.48
C GLY D 868 7.02 6.74 11.18
N LEU D 869 5.80 7.20 10.91
CA LEU D 869 5.12 6.77 9.68
C LEU D 869 5.89 7.23 8.43
N ALA D 870 6.26 8.51 8.38
CA ALA D 870 6.95 9.01 7.20
C ALA D 870 8.30 8.32 7.03
N ASP D 871 9.04 8.15 8.14
CA ASP D 871 10.29 7.41 8.10
C ASP D 871 10.07 6.02 7.52
N THR D 872 8.98 5.36 7.93
CA THR D 872 8.71 4.01 7.46
C THR D 872 8.59 3.98 5.95
N ALA D 873 7.82 4.92 5.38
CA ALA D 873 7.64 4.92 3.93
C ALA D 873 8.97 5.13 3.20
N LEU D 874 9.73 6.15 3.62
CA LEU D 874 10.98 6.43 2.92
C LEU D 874 11.96 5.27 3.06
N ARG D 875 12.03 4.66 4.25
CA ARG D 875 12.94 3.53 4.44
C ARG D 875 12.52 2.34 3.59
N THR D 876 11.21 2.13 3.42
CA THR D 876 10.77 1.06 2.55
C THR D 876 11.30 1.28 1.13
N ALA D 877 11.17 2.51 0.63
CA ALA D 877 11.70 2.78 -0.71
C ALA D 877 13.20 2.52 -0.80
N ASP D 878 13.96 2.99 0.19
CA ASP D 878 15.41 2.82 0.14
C ASP D 878 15.80 1.34 0.19
N SER D 879 15.20 0.58 1.10
CA SER D 879 15.52 -0.84 1.19
C SER D 879 15.14 -1.58 -0.08
N GLY D 880 14.05 -1.18 -0.74
CA GLY D 880 13.74 -1.75 -2.03
C GLY D 880 14.84 -1.52 -3.04
N TYR D 881 15.36 -0.29 -3.09
CA TYR D 881 16.44 0.00 -4.02
C TYR D 881 17.68 -0.85 -3.69
N LEU D 882 18.01 -0.97 -2.41
CA LEU D 882 19.19 -1.76 -2.03
C LEU D 882 19.01 -3.22 -2.42
N THR D 883 17.81 -3.77 -2.20
CA THR D 883 17.56 -5.15 -2.60
C THR D 883 17.74 -5.32 -4.09
N ARG D 884 17.23 -4.37 -4.89
CA ARG D 884 17.41 -4.47 -6.33
C ARG D 884 18.89 -4.48 -6.70
N ARG D 885 19.66 -3.58 -6.09
CA ARG D 885 21.08 -3.52 -6.42
C ARG D 885 21.80 -4.82 -6.05
N LEU D 886 21.52 -5.37 -4.88
CA LEU D 886 22.16 -6.61 -4.48
C LEU D 886 21.78 -7.76 -5.41
N VAL D 887 20.49 -7.87 -5.74
CA VAL D 887 20.04 -8.94 -6.62
C VAL D 887 20.72 -8.83 -7.97
N ASP D 888 20.92 -7.60 -8.46
CA ASP D 888 21.56 -7.44 -9.77
C ASP D 888 23.07 -7.60 -9.72
N VAL D 889 23.70 -7.40 -8.56
CA VAL D 889 25.15 -7.59 -8.46
C VAL D 889 25.54 -9.03 -8.16
N SER D 890 24.63 -9.86 -7.67
CA SER D 890 25.02 -11.21 -7.29
C SER D 890 24.17 -12.32 -7.91
N GLN D 891 23.34 -12.05 -8.92
CA GLN D 891 22.48 -13.10 -9.44
C GLN D 891 23.27 -14.22 -10.09
N ASP D 892 24.40 -13.90 -10.75
CA ASP D 892 25.14 -14.87 -11.53
C ASP D 892 26.02 -15.78 -10.69
N VAL D 893 25.79 -15.88 -9.38
CA VAL D 893 26.51 -16.80 -8.51
C VAL D 893 25.57 -17.97 -8.24
N ILE D 894 25.84 -19.10 -8.87
CA ILE D 894 25.04 -20.32 -8.69
C ILE D 894 25.98 -21.49 -8.54
N VAL D 895 25.54 -22.48 -7.76
CA VAL D 895 26.37 -23.66 -7.53
C VAL D 895 26.53 -24.43 -8.83
N ARG D 896 27.76 -24.86 -9.10
CA ARG D 896 28.09 -25.56 -10.34
C ARG D 896 28.79 -26.89 -10.11
N GLU D 897 29.68 -26.97 -9.12
CA GLU D 897 30.48 -28.15 -8.86
C GLU D 897 30.21 -28.66 -7.46
N HIS D 898 30.22 -29.98 -7.29
CA HIS D 898 30.02 -30.55 -5.97
C HIS D 898 31.14 -30.15 -5.03
N ASP D 899 32.38 -30.11 -5.53
CA ASP D 899 33.52 -29.77 -4.69
C ASP D 899 34.71 -29.39 -5.57
N CYS D 900 35.29 -28.22 -5.31
CA CYS D 900 36.52 -27.82 -5.99
C CYS D 900 37.76 -28.41 -5.34
N GLN D 901 37.64 -28.99 -4.15
CA GLN D 901 38.75 -29.61 -3.43
C GLN D 901 39.87 -28.62 -3.12
N THR D 902 39.58 -27.33 -3.13
CA THR D 902 40.59 -26.35 -2.77
C THR D 902 40.95 -26.50 -1.29
N GLU D 903 42.25 -26.44 -1.01
CA GLU D 903 42.71 -26.54 0.37
C GLU D 903 42.53 -25.24 1.15
N ARG D 904 42.23 -24.14 0.47
CA ARG D 904 42.03 -22.87 1.16
C ARG D 904 40.70 -22.86 1.91
N GLY D 905 40.59 -21.93 2.85
CA GLY D 905 39.39 -21.79 3.64
C GLY D 905 39.52 -20.70 4.67
N ILE D 906 38.42 -20.01 4.97
CA ILE D 906 38.45 -18.96 5.97
C ILE D 906 38.54 -19.56 7.36
N VAL D 907 38.88 -18.73 8.34
CA VAL D 907 38.95 -19.14 9.73
C VAL D 907 37.74 -18.55 10.47
N VAL D 908 37.30 -19.27 11.51
CA VAL D 908 36.20 -18.83 12.35
C VAL D 908 36.64 -18.98 13.81
N GLU D 909 36.34 -17.94 14.60
CA GLU D 909 36.78 -17.88 15.99
C GLU D 909 36.21 -19.03 16.80
N LEU D 910 34.89 -19.10 16.90
CA LEU D 910 34.22 -20.23 17.55
C LEU D 910 34.63 -20.35 19.02
N ALA D 911 34.11 -19.39 19.81
CA ALA D 911 34.23 -19.42 21.27
C ALA D 911 35.64 -19.20 21.79
N GLU D 912 36.16 -17.98 21.58
CA GLU D 912 37.48 -17.59 22.07
C GLU D 912 37.68 -17.83 23.56
N ARG D 913 38.94 -17.80 23.99
CA ARG D 913 39.28 -17.99 25.40
C ARG D 913 38.86 -16.81 26.24
N ALA D 914 38.69 -17.04 27.54
CA ALA D 914 38.38 -16.02 28.52
C ALA D 914 39.60 -15.70 29.37
N PRO D 915 39.65 -14.52 30.00
CA PRO D 915 40.83 -14.20 30.82
C PRO D 915 41.05 -15.18 31.96
N ASP D 916 40.00 -15.50 32.73
CA ASP D 916 40.17 -16.49 33.78
C ASP D 916 40.49 -17.86 33.23
N GLY D 917 40.07 -18.14 31.99
CA GLY D 917 40.35 -19.39 31.33
C GLY D 917 39.15 -20.31 31.34
N THR D 918 38.38 -20.26 30.27
CA THR D 918 37.14 -21.01 30.10
C THR D 918 36.81 -21.02 28.61
N LEU D 919 35.73 -21.69 28.26
CA LEU D 919 35.19 -21.66 26.89
C LEU D 919 33.83 -20.96 26.96
N ILE D 920 33.87 -19.63 26.91
CA ILE D 920 32.65 -18.85 26.77
C ILE D 920 32.27 -18.80 25.29
N ARG D 921 31.10 -19.34 24.97
CA ARG D 921 30.71 -19.44 23.58
C ARG D 921 30.55 -18.06 22.96
N ASP D 922 31.10 -17.88 21.77
CA ASP D 922 30.91 -16.63 21.05
C ASP D 922 29.40 -16.44 20.83
N PRO D 923 28.84 -15.29 21.18
CA PRO D 923 27.38 -15.15 21.10
C PRO D 923 26.83 -15.36 19.71
N TYR D 924 27.56 -14.89 18.69
CA TYR D 924 27.07 -14.89 17.31
C TYR D 924 27.72 -16.06 16.56
N ILE D 925 27.20 -17.26 16.83
CA ILE D 925 27.72 -18.48 16.24
C ILE D 925 26.73 -19.11 15.26
N GLU D 926 25.43 -18.84 15.40
CA GLU D 926 24.45 -19.40 14.48
C GLU D 926 24.68 -18.89 13.07
N THR D 927 25.34 -17.74 12.92
CA THR D 927 25.55 -17.13 11.61
C THR D 927 26.90 -17.49 11.00
N SER D 928 27.94 -17.60 11.81
CA SER D 928 29.29 -17.74 11.30
C SER D 928 29.71 -19.21 11.16
N ALA D 929 29.71 -19.95 12.26
CA ALA D 929 30.26 -21.31 12.26
C ALA D 929 29.27 -22.35 11.77
N TYR D 930 27.99 -22.22 12.14
CA TYR D 930 27.00 -23.21 11.73
C TYR D 930 26.89 -23.24 10.21
N ALA D 931 26.46 -24.39 9.69
CA ALA D 931 26.11 -24.55 8.29
C ALA D 931 27.30 -24.23 7.38
N ARG D 932 28.48 -24.74 7.73
CA ARG D 932 29.67 -24.61 6.91
C ARG D 932 30.43 -25.92 6.93
N THR D 933 31.20 -26.17 5.87
CA THR D 933 31.98 -27.39 5.75
C THR D 933 33.43 -27.11 6.13
N LEU D 934 33.99 -27.96 7.00
CA LEU D 934 35.37 -27.78 7.43
C LEU D 934 36.32 -27.89 6.25
N GLY D 935 37.33 -27.03 6.23
CA GLY D 935 38.37 -27.08 5.22
C GLY D 935 39.54 -27.93 5.66
N THR D 936 39.83 -27.88 6.96
CA THR D 936 40.88 -28.71 7.55
C THR D 936 40.37 -29.32 8.84
N ASP D 937 40.98 -30.43 9.22
CA ASP D 937 40.53 -31.17 10.39
C ASP D 937 40.85 -30.42 11.68
N ALA D 938 40.19 -30.82 12.75
CA ALA D 938 40.36 -30.24 14.08
C ALA D 938 41.09 -31.22 14.98
N VAL D 939 42.08 -30.72 15.72
CA VAL D 939 42.86 -31.52 16.65
C VAL D 939 43.05 -30.75 17.95
N ASP D 940 43.29 -31.49 19.03
CA ASP D 940 43.52 -30.92 20.35
C ASP D 940 44.85 -31.41 20.89
N GLU D 941 45.76 -30.48 21.18
CA GLU D 941 47.08 -30.81 21.72
C GLU D 941 47.78 -31.84 20.83
N ALA D 942 47.60 -31.70 19.53
CA ALA D 942 48.15 -32.64 18.56
C ALA D 942 47.70 -34.06 18.84
N GLY D 943 46.48 -34.21 19.34
CA GLY D 943 45.92 -35.51 19.67
C GLY D 943 45.10 -36.09 18.54
N ASN D 944 44.12 -36.91 18.90
CA ASN D 944 43.25 -37.52 17.91
C ASN D 944 42.43 -36.45 17.19
N VAL D 945 42.11 -36.72 15.92
CA VAL D 945 41.27 -35.81 15.16
C VAL D 945 39.88 -35.78 15.76
N ILE D 946 39.32 -34.58 15.91
CA ILE D 946 37.99 -34.42 16.49
C ILE D 946 36.91 -34.46 15.42
N VAL D 947 37.07 -33.67 14.36
CA VAL D 947 36.13 -33.66 13.25
C VAL D 947 36.94 -33.64 11.96
N GLU D 948 36.58 -34.52 11.03
CA GLU D 948 37.33 -34.67 9.79
C GLU D 948 36.93 -33.60 8.78
N ARG D 949 37.82 -33.37 7.82
CA ARG D 949 37.54 -32.44 6.74
C ARG D 949 36.30 -32.88 5.97
N GLY D 950 35.43 -31.92 5.66
CA GLY D 950 34.21 -32.20 4.93
C GLY D 950 33.01 -32.52 5.79
N GLN D 951 33.01 -32.14 7.06
CA GLN D 951 31.87 -32.38 7.93
C GLN D 951 30.91 -31.21 7.89
N ASP D 952 29.62 -31.52 8.01
CA ASP D 952 28.59 -30.48 7.91
C ASP D 952 28.76 -29.39 8.96
N LEU D 953 29.30 -29.74 10.13
CA LEU D 953 29.52 -28.79 11.22
C LEU D 953 28.20 -28.22 11.73
N GLY D 954 27.32 -29.12 12.17
CA GLY D 954 26.08 -28.74 12.80
C GLY D 954 26.24 -28.59 14.31
N ASP D 955 25.09 -28.49 14.99
CA ASP D 955 25.11 -28.24 16.42
C ASP D 955 25.85 -29.33 17.20
N PRO D 956 25.57 -30.62 17.00
CA PRO D 956 26.39 -31.64 17.69
C PRO D 956 27.87 -31.47 17.42
N GLU D 957 28.22 -31.06 16.21
CA GLU D 957 29.62 -30.89 15.86
C GLU D 957 30.25 -29.74 16.65
N ILE D 958 29.52 -28.64 16.80
CA ILE D 958 30.04 -27.54 17.60
C ILE D 958 30.17 -27.95 19.07
N ASP D 959 29.21 -28.71 19.58
CA ASP D 959 29.36 -29.16 20.97
C ASP D 959 30.58 -30.05 21.14
N ALA D 960 30.84 -30.93 20.16
CA ALA D 960 32.06 -31.73 20.22
C ALA D 960 33.30 -30.84 20.21
N LEU D 961 33.31 -29.84 19.33
CA LEU D 961 34.44 -28.92 19.28
C LEU D 961 34.68 -28.26 20.63
N LEU D 962 33.61 -27.72 21.23
CA LEU D 962 33.77 -27.01 22.50
C LEU D 962 34.18 -27.97 23.62
N ALA D 963 33.65 -29.19 23.61
CA ALA D 963 34.05 -30.17 24.62
C ALA D 963 35.53 -30.50 24.50
N ALA D 964 36.04 -30.62 23.27
CA ALA D 964 37.45 -30.95 23.08
C ALA D 964 38.37 -29.85 23.56
N GLY D 965 37.87 -28.63 23.76
CA GLY D 965 38.67 -27.53 24.22
C GLY D 965 39.26 -26.65 23.13
N ILE D 966 39.31 -27.16 21.89
CA ILE D 966 39.77 -26.34 20.78
C ILE D 966 38.81 -25.17 20.58
N THR D 967 39.36 -24.04 20.11
CA THR D 967 38.59 -22.82 19.92
C THR D 967 38.44 -22.44 18.45
N GLN D 968 39.54 -22.28 17.73
CA GLN D 968 39.51 -21.79 16.35
C GLN D 968 39.30 -22.95 15.39
N VAL D 969 38.59 -22.68 14.29
CA VAL D 969 38.35 -23.71 13.28
C VAL D 969 38.50 -23.13 11.89
N LYS D 970 39.19 -23.84 11.01
CA LYS D 970 39.35 -23.45 9.62
C LYS D 970 38.23 -24.10 8.81
N VAL D 971 37.28 -23.28 8.35
CA VAL D 971 36.11 -23.74 7.63
C VAL D 971 36.12 -23.14 6.24
N ARG D 972 35.71 -23.93 5.26
CA ARG D 972 35.62 -23.43 3.90
C ARG D 972 34.46 -22.45 3.77
N SER D 973 34.59 -21.53 2.81
CA SER D 973 33.59 -20.50 2.60
C SER D 973 33.51 -20.19 1.11
N VAL D 974 32.61 -19.28 0.77
CA VAL D 974 32.46 -18.87 -0.62
C VAL D 974 33.55 -17.89 -1.05
N LEU D 975 34.22 -17.25 -0.09
CA LEU D 975 35.32 -16.36 -0.44
C LEU D 975 36.47 -17.13 -1.08
N THR D 976 36.78 -18.30 -0.55
CA THR D 976 37.95 -19.07 -0.99
C THR D 976 37.63 -20.07 -2.10
N CYS D 977 36.37 -20.17 -2.53
CA CYS D 977 36.03 -21.16 -3.53
C CYS D 977 36.73 -20.85 -4.85
N ALA D 978 37.37 -21.87 -5.42
CA ALA D 978 38.21 -21.70 -6.60
C ALA D 978 37.50 -22.02 -7.91
N THR D 979 36.20 -22.31 -7.87
CA THR D 979 35.49 -22.65 -9.09
C THR D 979 35.51 -21.47 -10.05
N SER D 980 35.72 -21.78 -11.33
CA SER D 980 35.83 -20.73 -12.34
C SER D 980 34.54 -19.93 -12.45
N THR D 981 33.40 -20.63 -12.49
CA THR D 981 32.10 -20.01 -12.67
C THR D 981 31.19 -20.43 -11.52
N GLY D 982 30.66 -19.45 -10.80
CA GLY D 982 29.78 -19.73 -9.69
C GLY D 982 30.52 -20.09 -8.42
N VAL D 983 30.08 -21.14 -7.74
CA VAL D 983 30.68 -21.58 -6.49
C VAL D 983 30.47 -23.09 -6.39
N CYS D 984 31.41 -23.77 -5.74
CA CYS D 984 31.26 -25.21 -5.56
C CYS D 984 30.32 -25.46 -4.40
N ALA D 985 29.61 -26.59 -4.45
CA ALA D 985 28.58 -26.87 -3.45
C ALA D 985 29.19 -26.98 -2.06
N THR D 986 30.33 -27.66 -1.93
CA THR D 986 30.87 -27.93 -0.60
C THR D 986 31.33 -26.64 0.08
N CYS D 987 31.92 -25.71 -0.67
CA CYS D 987 32.38 -24.47 -0.06
C CYS D 987 31.21 -23.68 0.51
N TYR D 988 30.07 -23.68 -0.19
CA TYR D 988 28.91 -22.92 0.29
C TYR D 988 28.43 -23.43 1.64
N GLY D 989 28.32 -24.75 1.78
CA GLY D 989 27.85 -25.34 3.01
C GLY D 989 26.40 -25.78 2.92
N ARG D 990 25.80 -25.91 4.10
CA ARG D 990 24.40 -26.32 4.17
C ARG D 990 23.51 -25.30 3.50
N SER D 991 22.49 -25.79 2.80
CA SER D 991 21.41 -24.92 2.35
C SER D 991 20.45 -24.72 3.51
N MET D 992 20.21 -23.46 3.88
CA MET D 992 19.48 -23.17 5.11
C MET D 992 18.08 -23.74 5.05
N ALA D 993 17.41 -23.63 3.90
CA ALA D 993 16.03 -24.09 3.79
C ALA D 993 15.94 -25.62 3.88
N THR D 994 16.57 -26.31 2.93
CA THR D 994 16.46 -27.77 2.89
C THR D 994 17.11 -28.39 4.13
N GLY D 995 18.27 -27.88 4.53
CA GLY D 995 19.00 -28.42 5.64
C GLY D 995 20.17 -29.32 5.26
N LYS D 996 20.16 -29.85 4.04
CA LYS D 996 21.24 -30.66 3.53
C LYS D 996 22.17 -29.79 2.69
N LEU D 997 23.20 -30.42 2.12
CA LEU D 997 24.12 -29.70 1.26
C LEU D 997 23.39 -29.16 0.05
N VAL D 998 23.92 -28.07 -0.51
CA VAL D 998 23.25 -27.39 -1.61
C VAL D 998 23.27 -28.27 -2.86
N ASP D 999 22.32 -28.02 -3.74
CA ASP D 999 22.21 -28.77 -4.99
C ASP D 999 23.24 -28.24 -5.98
N ILE D 1000 23.15 -28.70 -7.23
CA ILE D 1000 24.06 -28.26 -8.29
C ILE D 1000 23.44 -27.18 -9.16
N GLY D 1001 22.18 -26.81 -8.91
CA GLY D 1001 21.53 -25.78 -9.68
C GLY D 1001 21.01 -24.62 -8.86
N GLU D 1002 21.28 -24.64 -7.55
CA GLU D 1002 20.77 -23.60 -6.67
C GLU D 1002 21.28 -22.23 -7.11
N ALA D 1003 20.38 -21.24 -7.12
CA ALA D 1003 20.75 -19.87 -7.45
C ALA D 1003 21.04 -19.11 -6.15
N VAL D 1004 22.16 -19.47 -5.53
CA VAL D 1004 22.47 -18.97 -4.20
C VAL D 1004 22.64 -17.46 -4.21
N GLY D 1005 23.00 -16.89 -5.35
CA GLY D 1005 23.20 -15.44 -5.41
C GLY D 1005 21.92 -14.68 -5.11
N ILE D 1006 20.83 -15.04 -5.78
CA ILE D 1006 19.57 -14.34 -5.54
C ILE D 1006 19.07 -14.62 -4.14
N VAL D 1007 19.30 -15.84 -3.63
CA VAL D 1007 18.89 -16.15 -2.27
C VAL D 1007 19.62 -15.24 -1.29
N ALA D 1008 20.92 -15.06 -1.48
CA ALA D 1008 21.68 -14.17 -0.59
C ALA D 1008 21.20 -12.73 -0.71
N ALA D 1009 20.95 -12.27 -1.94
CA ALA D 1009 20.49 -10.90 -2.11
C ALA D 1009 19.16 -10.66 -1.41
N GLN D 1010 18.20 -11.58 -1.60
CA GLN D 1010 16.91 -11.46 -0.93
C GLN D 1010 17.05 -11.58 0.57
N SER D 1011 17.98 -12.41 1.04
CA SER D 1011 18.18 -12.55 2.48
C SER D 1011 18.68 -11.25 3.08
N ILE D 1012 19.60 -10.58 2.39
CA ILE D 1012 20.11 -9.31 2.91
C ILE D 1012 19.09 -8.19 2.74
N GLY D 1013 18.19 -8.29 1.76
CA GLY D 1013 17.23 -7.23 1.51
C GLY D 1013 15.92 -7.39 2.24
N GLU D 1014 15.66 -8.57 2.81
CA GLU D 1014 14.42 -8.76 3.57
C GLU D 1014 14.44 -7.95 4.85
N PRO D 1015 15.40 -8.13 5.77
CA PRO D 1015 15.37 -7.35 7.01
C PRO D 1015 15.48 -5.86 6.78
N GLY D 1016 15.86 -5.42 5.60
CA GLY D 1016 15.65 -4.03 5.23
C GLY D 1016 14.19 -3.68 5.43
N THR D 1017 13.87 -2.40 5.50
CA THR D 1017 12.56 -1.92 5.93
C THR D 1017 12.32 -2.16 7.41
N GLN D 1018 13.33 -2.61 8.14
CA GLN D 1018 13.18 -2.92 9.56
C GLN D 1018 14.39 -2.48 10.37
N LEU D 1019 15.32 -1.72 9.78
CA LEU D 1019 16.47 -1.19 10.49
C LEU D 1019 16.20 0.27 10.87
N THR D 1020 16.39 0.57 12.15
CA THR D 1020 16.23 1.93 12.65
C THR D 1020 17.59 2.59 12.82
N MET D 1021 17.61 3.91 12.68
CA MET D 1021 18.85 4.66 12.76
C MET D 1021 19.21 4.90 14.23
N ARG D 1022 20.37 5.52 14.45
CA ARG D 1022 20.89 5.78 15.78
C ARG D 1022 20.94 7.27 16.04
N THR D 1023 20.63 7.66 17.27
CA THR D 1023 20.66 9.07 17.67
C THR D 1023 21.96 9.38 18.42
N ASP D 1032 30.06 11.98 13.90
CA ASP D 1032 28.88 11.17 13.63
C ASP D 1032 29.24 9.92 12.83
N ILE D 1033 28.78 8.77 13.31
CA ILE D 1033 28.98 7.50 12.63
C ILE D 1033 27.60 6.96 12.24
N THR D 1034 27.37 6.82 10.94
CA THR D 1034 26.11 6.26 10.47
C THR D 1034 26.03 4.79 10.86
N GLY D 1035 24.85 4.36 11.32
CA GLY D 1035 24.68 3.00 11.80
C GLY D 1035 23.34 2.38 11.45
N GLY D 1036 22.70 2.86 10.39
CA GLY D 1036 21.42 2.32 9.98
C GLY D 1036 21.47 1.73 8.59
N LEU D 1037 20.34 1.69 7.90
CA LEU D 1037 20.34 1.22 6.52
C LEU D 1037 21.30 2.02 5.65
N PRO D 1038 21.42 3.34 5.78
CA PRO D 1038 22.44 4.05 4.99
C PRO D 1038 23.85 3.55 5.22
N ARG D 1039 24.16 3.07 6.43
CA ARG D 1039 25.48 2.47 6.65
C ARG D 1039 25.66 1.24 5.77
N VAL D 1040 24.65 0.38 5.70
CA VAL D 1040 24.71 -0.78 4.81
C VAL D 1040 24.86 -0.31 3.37
N GLN D 1041 24.11 0.71 2.98
CA GLN D 1041 24.14 1.16 1.59
C GLN D 1041 25.53 1.66 1.21
N GLU D 1042 26.15 2.46 2.08
CA GLU D 1042 27.47 3.00 1.79
C GLU D 1042 28.57 1.95 1.95
N LEU D 1043 28.34 0.93 2.77
CA LEU D 1043 29.32 -0.14 2.90
C LEU D 1043 29.31 -1.06 1.70
N PHE D 1044 28.12 -1.43 1.21
CA PHE D 1044 28.04 -2.29 0.04
C PHE D 1044 28.36 -1.54 -1.24
N GLU D 1045 28.25 -0.20 -1.23
CA GLU D 1045 28.65 0.60 -2.38
C GLU D 1045 30.14 0.93 -2.35
N ALA D 1046 30.87 0.51 -1.33
CA ALA D 1046 32.30 0.79 -1.21
C ALA D 1046 32.58 2.28 -1.20
N ARG D 1047 31.64 3.06 -0.67
CA ARG D 1047 31.84 4.49 -0.60
C ARG D 1047 32.99 4.82 0.35
N VAL D 1048 33.55 6.01 0.18
CA VAL D 1048 34.48 6.53 1.17
C VAL D 1048 33.62 6.87 2.39
N PRO D 1049 33.83 6.25 3.55
CA PRO D 1049 32.93 6.52 4.68
C PRO D 1049 32.94 7.99 5.07
N ARG D 1050 31.77 8.50 5.41
CA ARG D 1050 31.66 9.89 5.82
C ARG D 1050 32.39 10.16 7.14
N GLY D 1051 32.69 9.11 7.90
CA GLY D 1051 33.38 9.24 9.17
C GLY D 1051 34.70 8.49 9.24
N LYS D 1052 35.51 8.58 8.17
CA LYS D 1052 36.74 7.80 8.10
C LYS D 1052 37.58 7.96 9.37
N ALA D 1053 38.10 6.83 9.84
CA ALA D 1053 39.02 6.77 10.98
C ALA D 1053 40.32 6.14 10.48
N PRO D 1054 41.32 6.95 10.10
CA PRO D 1054 42.56 6.38 9.56
C PRO D 1054 43.17 5.28 10.42
N ILE D 1055 43.53 4.18 9.77
CA ILE D 1055 44.25 3.09 10.40
C ILE D 1055 45.70 3.14 9.95
N ALA D 1056 46.60 2.67 10.82
CA ALA D 1056 48.02 2.74 10.52
C ALA D 1056 48.38 1.79 9.38
N ASP D 1057 49.62 1.92 8.92
CA ASP D 1057 50.17 1.04 7.88
C ASP D 1057 51.47 0.37 8.31
N VAL D 1058 51.95 0.64 9.52
CA VAL D 1058 53.20 0.07 10.01
C VAL D 1058 53.15 0.09 11.54
N THR D 1059 53.86 -0.85 12.15
CA THR D 1059 53.84 -1.01 13.59
C THR D 1059 54.89 -0.09 14.22
N GLY D 1060 55.18 -0.28 15.51
CA GLY D 1060 56.20 0.48 16.21
C GLY D 1060 55.61 1.53 17.12
N ARG D 1061 56.51 2.24 17.81
CA ARG D 1061 56.09 3.30 18.71
C ARG D 1061 55.53 4.47 17.90
N VAL D 1062 54.76 5.32 18.58
CA VAL D 1062 54.03 6.41 17.95
C VAL D 1062 54.42 7.72 18.63
N ARG D 1063 54.87 8.68 17.83
CA ARG D 1063 54.96 10.07 18.25
C ARG D 1063 53.59 10.71 18.09
N LEU D 1064 52.97 11.03 19.22
CA LEU D 1064 51.68 11.71 19.24
C LEU D 1064 51.88 13.20 19.11
N GLU D 1065 51.10 13.82 18.25
CA GLU D 1065 51.02 15.28 18.15
C GLU D 1065 49.54 15.67 18.22
N ASP D 1066 49.04 15.78 19.44
CA ASP D 1066 47.65 16.15 19.65
C ASP D 1066 47.38 17.51 19.03
N GLY D 1067 46.61 17.52 17.95
CA GLY D 1067 46.33 18.74 17.23
C GLY D 1067 45.03 19.36 17.68
N GLU D 1068 45.02 20.68 17.75
CA GLU D 1068 43.84 21.44 18.14
C GLU D 1068 43.25 22.09 16.89
N ARG D 1069 41.99 21.77 16.61
CA ARG D 1069 41.25 22.14 15.40
C ARG D 1069 41.70 21.30 14.21
N PHE D 1070 42.80 20.59 14.35
CA PHE D 1070 43.24 19.59 13.39
C PHE D 1070 43.84 18.48 14.24
N TYR D 1071 44.60 17.57 13.64
CA TYR D 1071 45.28 16.57 14.45
C TYR D 1071 46.56 16.17 13.72
N LYS D 1072 47.36 15.35 14.38
CA LYS D 1072 48.63 14.93 13.82
C LYS D 1072 49.10 13.71 14.60
N ILE D 1073 49.37 12.63 13.87
CA ILE D 1073 49.87 11.39 14.44
C ILE D 1073 51.01 10.92 13.57
N THR D 1074 52.00 10.28 14.20
CA THR D 1074 53.11 9.70 13.44
C THR D 1074 53.51 8.41 14.11
N ILE D 1075 53.65 7.34 13.35
CA ILE D 1075 54.01 6.04 13.89
C ILE D 1075 55.43 5.73 13.44
N VAL D 1076 56.34 5.61 14.41
CA VAL D 1076 57.73 5.30 14.10
C VAL D 1076 57.77 3.96 13.38
N PRO D 1077 58.14 3.93 12.09
CA PRO D 1077 58.14 2.66 11.37
C PRO D 1077 59.24 1.73 11.88
N ASP D 1078 58.94 0.43 11.88
CA ASP D 1078 59.92 -0.60 12.24
C ASP D 1078 60.67 -1.14 11.02
N ASP D 1079 60.30 -0.70 9.82
CA ASP D 1079 61.07 -0.96 8.61
C ASP D 1079 62.02 0.19 8.32
N GLY D 1080 62.41 0.95 9.34
CA GLY D 1080 61.96 2.32 9.34
C GLY D 1080 61.91 2.90 7.94
N GLY D 1081 60.70 2.95 7.41
CA GLY D 1081 60.46 3.52 6.10
C GLY D 1081 60.05 4.97 6.19
N GLU D 1082 58.93 5.23 6.87
CA GLU D 1082 58.51 6.59 7.14
C GLU D 1082 57.29 6.56 8.06
N GLU D 1083 57.30 7.44 9.05
CA GLU D 1083 56.15 7.61 9.94
C GLU D 1083 55.04 8.33 9.18
N VAL D 1084 54.17 7.58 8.50
CA VAL D 1084 53.22 8.19 7.59
C VAL D 1084 52.45 9.27 8.35
N VAL D 1085 52.64 10.52 7.93
CA VAL D 1085 52.09 11.64 8.68
C VAL D 1085 50.60 11.77 8.44
N TYR D 1086 49.91 12.40 9.39
CA TYR D 1086 48.48 12.58 9.28
C TYR D 1086 48.08 13.98 9.72
N ASP D 1087 46.98 14.44 9.16
CA ASP D 1087 46.49 15.81 9.33
C ASP D 1087 45.09 15.85 8.74
N LYS D 1088 44.42 17.00 8.91
CA LYS D 1088 43.08 17.25 8.37
C LYS D 1088 42.00 16.50 9.14
N ILE D 1089 42.40 15.55 9.98
CA ILE D 1089 41.47 14.88 10.87
C ILE D 1089 41.16 15.86 11.99
N SER D 1090 39.90 16.23 12.13
CA SER D 1090 39.51 17.21 13.14
C SER D 1090 39.81 16.67 14.53
N LYS D 1091 39.89 17.59 15.50
CA LYS D 1091 40.07 17.20 16.89
C LYS D 1091 38.74 16.76 17.47
N ARG D 1092 38.08 15.81 16.80
CA ARG D 1092 36.76 15.35 17.19
C ARG D 1092 36.78 13.84 17.45
N GLN D 1093 37.40 13.09 16.54
CA GLN D 1093 37.46 11.64 16.67
C GLN D 1093 38.17 11.27 17.97
N ARG D 1094 38.06 10.02 18.39
CA ARG D 1094 38.69 9.55 19.62
C ARG D 1094 39.52 8.31 19.32
N LEU D 1095 40.73 8.30 19.86
CA LEU D 1095 41.61 7.15 19.73
C LEU D 1095 40.89 5.87 20.14
N ARG D 1096 40.99 4.85 19.31
CA ARG D 1096 40.30 3.60 19.56
C ARG D 1096 40.82 2.94 20.84
N VAL D 1097 39.93 2.26 21.56
CA VAL D 1097 40.26 1.61 22.83
C VAL D 1097 40.44 0.12 22.61
N PHE D 1098 41.51 -0.43 23.18
CA PHE D 1098 41.86 -1.84 23.01
C PHE D 1098 42.54 -2.32 24.29
N LYS D 1099 42.94 -3.59 24.29
CA LYS D 1099 43.52 -4.26 25.46
C LYS D 1099 42.81 -3.87 26.76
N ARG D 1106 45.31 -0.65 25.68
CA ARG D 1106 44.60 0.53 26.12
C ARG D 1106 44.38 1.46 24.93
N VAL D 1107 43.53 2.47 25.12
CA VAL D 1107 43.30 3.44 24.06
C VAL D 1107 44.64 3.98 23.58
N LEU D 1108 44.81 4.09 22.26
CA LEU D 1108 46.07 4.46 21.66
C LEU D 1108 46.73 5.60 22.42
N SER D 1109 47.94 5.36 22.88
CA SER D 1109 48.67 6.29 23.74
C SER D 1109 49.95 6.69 23.06
N ASP D 1110 50.53 7.80 23.54
CA ASP D 1110 51.82 8.23 23.03
C ASP D 1110 52.84 7.11 23.20
N GLY D 1111 53.56 6.79 22.12
CA GLY D 1111 54.53 5.73 22.13
C GLY D 1111 53.97 4.33 22.05
N ASP D 1112 52.65 4.18 21.93
CA ASP D 1112 52.04 2.85 21.90
C ASP D 1112 52.48 2.08 20.65
N HIS D 1113 52.50 0.76 20.77
CA HIS D 1113 52.89 -0.13 19.68
C HIS D 1113 51.66 -0.45 18.84
N VAL D 1114 51.54 0.21 17.69
CA VAL D 1114 50.41 0.03 16.77
C VAL D 1114 50.65 -1.18 15.87
N GLU D 1115 49.60 -1.54 15.11
CA GLU D 1115 49.65 -2.66 14.17
C GLU D 1115 49.49 -2.14 12.75
N VAL D 1116 49.33 -3.06 11.79
CA VAL D 1116 49.11 -2.68 10.39
C VAL D 1116 47.70 -2.18 10.13
N GLY D 1117 46.76 -2.39 11.06
CA GLY D 1117 45.40 -1.93 10.87
C GLY D 1117 44.74 -1.44 12.13
N GLN D 1118 45.52 -1.01 13.12
CA GLN D 1118 44.94 -0.49 14.35
C GLN D 1118 44.24 0.83 14.04
N GLN D 1119 42.91 0.84 14.19
CA GLN D 1119 42.16 2.06 13.97
C GLN D 1119 42.71 3.13 14.92
N LEU D 1120 43.42 4.12 14.39
CA LEU D 1120 44.09 5.08 15.25
C LEU D 1120 43.09 5.94 16.00
N MET D 1121 42.05 6.40 15.30
CA MET D 1121 40.98 7.23 15.85
C MET D 1121 39.68 6.40 15.82
N GLU D 1122 38.56 7.03 16.16
CA GLU D 1122 37.25 6.38 16.13
C GLU D 1122 36.51 6.77 14.85
N GLY D 1123 35.79 5.82 14.30
CA GLY D 1123 35.02 6.03 13.10
C GLY D 1123 34.88 4.74 12.32
N SER D 1124 34.50 4.88 11.06
CA SER D 1124 34.28 3.76 10.16
C SER D 1124 35.40 3.75 9.13
N ALA D 1125 36.26 2.74 9.18
CA ALA D 1125 37.38 2.66 8.26
C ALA D 1125 36.89 2.46 6.83
N ASP D 1126 37.80 2.73 5.88
CA ASP D 1126 37.48 2.65 4.46
C ASP D 1126 37.88 1.29 3.90
N PRO D 1127 37.00 0.57 3.21
CA PRO D 1127 37.42 -0.69 2.60
C PRO D 1127 38.56 -0.54 1.60
N HIS D 1128 38.62 0.56 0.85
CA HIS D 1128 39.68 0.72 -0.14
C HIS D 1128 41.06 0.72 0.53
N GLU D 1129 41.23 1.58 1.54
CA GLU D 1129 42.53 1.70 2.20
C GLU D 1129 42.91 0.41 2.92
N VAL D 1130 41.96 -0.19 3.64
CA VAL D 1130 42.27 -1.41 4.38
C VAL D 1130 42.61 -2.54 3.41
N LEU D 1131 41.96 -2.60 2.26
CA LEU D 1131 42.36 -3.55 1.22
C LEU D 1131 43.79 -3.28 0.79
N ARG D 1132 44.10 -2.02 0.46
CA ARG D 1132 45.44 -1.71 -0.04
C ARG D 1132 46.51 -2.07 0.98
N VAL D 1133 46.20 -1.97 2.27
CA VAL D 1133 47.22 -2.05 3.30
C VAL D 1133 47.35 -3.45 3.89
N GLN D 1134 46.27 -4.23 3.88
CA GLN D 1134 46.28 -5.58 4.45
C GLN D 1134 46.12 -6.67 3.41
N GLY D 1135 45.09 -6.60 2.56
CA GLY D 1135 44.88 -7.58 1.53
C GLY D 1135 43.44 -8.02 1.42
N PRO D 1136 43.12 -8.79 0.38
CA PRO D 1136 41.72 -9.18 0.17
C PRO D 1136 41.12 -9.95 1.33
N ARG D 1137 41.91 -10.77 2.02
CA ARG D 1137 41.41 -11.47 3.19
C ARG D 1137 40.85 -10.49 4.21
N GLU D 1138 41.65 -9.48 4.57
CA GLU D 1138 41.26 -8.58 5.64
C GLU D 1138 40.12 -7.67 5.21
N VAL D 1139 40.09 -7.24 3.95
CA VAL D 1139 38.98 -6.40 3.52
C VAL D 1139 37.69 -7.20 3.49
N GLN D 1140 37.76 -8.47 3.09
CA GLN D 1140 36.56 -9.30 3.12
C GLN D 1140 36.05 -9.46 4.55
N ILE D 1141 36.95 -9.74 5.49
CA ILE D 1141 36.51 -9.89 6.88
C ILE D 1141 35.98 -8.58 7.42
N HIS D 1142 36.60 -7.47 7.05
CA HIS D 1142 36.10 -6.16 7.50
C HIS D 1142 34.68 -5.93 7.01
N LEU D 1143 34.44 -6.13 5.71
CA LEU D 1143 33.11 -5.90 5.17
C LEU D 1143 32.08 -6.80 5.84
N VAL D 1144 32.40 -8.09 5.96
CA VAL D 1144 31.45 -9.02 6.56
C VAL D 1144 31.16 -8.60 8.00
N ARG D 1145 32.21 -8.25 8.75
CA ARG D 1145 32.03 -7.88 10.15
C ARG D 1145 31.17 -6.64 10.28
N GLU D 1146 31.42 -5.61 9.47
CA GLU D 1146 30.63 -4.38 9.61
C GLU D 1146 29.17 -4.62 9.23
N VAL D 1147 28.92 -5.34 8.13
CA VAL D 1147 27.53 -5.58 7.74
C VAL D 1147 26.81 -6.38 8.80
N GLN D 1148 27.46 -7.42 9.34
CA GLN D 1148 26.84 -8.22 10.39
C GLN D 1148 26.58 -7.39 11.63
N GLU D 1149 27.53 -6.53 12.00
CA GLU D 1149 27.34 -5.69 13.18
C GLU D 1149 26.15 -4.77 13.01
N VAL D 1150 26.02 -4.17 11.82
CA VAL D 1150 24.88 -3.28 11.58
C VAL D 1150 23.58 -4.07 11.66
N TYR D 1151 23.54 -5.26 11.05
CA TYR D 1151 22.32 -6.05 11.09
C TYR D 1151 22.00 -6.58 12.49
N ARG D 1152 23.01 -6.67 13.35
CA ARG D 1152 22.80 -7.12 14.72
C ARG D 1152 22.50 -5.98 15.68
N ALA D 1153 22.77 -4.73 15.30
CA ALA D 1153 22.29 -3.61 16.10
C ALA D 1153 20.79 -3.67 16.27
N GLN D 1154 20.08 -4.17 15.26
CA GLN D 1154 18.64 -4.38 15.32
C GLN D 1154 18.27 -5.80 15.73
N GLY D 1155 19.26 -6.66 15.98
CA GLY D 1155 18.99 -8.03 16.39
C GLY D 1155 18.35 -8.90 15.33
N VAL D 1156 18.81 -8.80 14.09
CA VAL D 1156 18.34 -9.62 12.99
C VAL D 1156 19.45 -10.60 12.63
N SER D 1157 19.11 -11.88 12.54
CA SER D 1157 20.08 -12.94 12.31
C SER D 1157 20.08 -13.32 10.83
N ILE D 1158 21.22 -13.08 10.18
CA ILE D 1158 21.46 -13.54 8.81
C ILE D 1158 22.72 -14.38 8.84
N HIS D 1159 22.67 -15.56 8.23
CA HIS D 1159 23.88 -16.36 8.14
C HIS D 1159 24.88 -15.65 7.23
N ASP D 1160 26.15 -15.67 7.63
CA ASP D 1160 27.15 -14.84 6.97
C ASP D 1160 27.31 -15.19 5.50
N LYS D 1161 27.07 -16.44 5.12
CA LYS D 1161 27.43 -16.88 3.77
C LYS D 1161 26.73 -16.07 2.70
N HIS D 1162 25.61 -15.43 3.01
CA HIS D 1162 24.99 -14.51 2.04
C HIS D 1162 25.84 -13.26 1.88
N ILE D 1163 26.25 -12.65 3.00
CA ILE D 1163 27.18 -11.53 2.94
C ILE D 1163 28.47 -11.96 2.25
N GLU D 1164 28.89 -13.20 2.49
CA GLU D 1164 30.10 -13.69 1.84
C GLU D 1164 29.92 -13.78 0.33
N VAL D 1165 28.75 -14.20 -0.13
CA VAL D 1165 28.49 -14.24 -1.57
C VAL D 1165 28.59 -12.83 -2.16
N ILE D 1166 27.96 -11.87 -1.51
CA ILE D 1166 28.00 -10.49 -2.03
C ILE D 1166 29.44 -9.98 -2.05
N VAL D 1167 30.18 -10.17 -0.96
CA VAL D 1167 31.54 -9.68 -0.87
C VAL D 1167 32.43 -10.37 -1.90
N ARG D 1168 32.19 -11.65 -2.17
CA ARG D 1168 32.91 -12.31 -3.24
C ARG D 1168 32.64 -11.62 -4.56
N GLN D 1169 31.36 -11.32 -4.84
CA GLN D 1169 31.05 -10.67 -6.10
C GLN D 1169 31.60 -9.26 -6.19
N MET D 1170 31.97 -8.65 -5.06
CA MET D 1170 32.65 -7.36 -5.12
C MET D 1170 34.03 -7.47 -5.75
N LEU D 1171 34.85 -8.40 -5.26
CA LEU D 1171 36.29 -8.41 -5.51
C LEU D 1171 36.69 -9.34 -6.64
N ARG D 1172 35.86 -9.45 -7.69
CA ARG D 1172 36.23 -10.30 -8.81
C ARG D 1172 37.33 -9.66 -9.65
N ARG D 1173 37.36 -8.34 -9.75
CA ARG D 1173 38.21 -7.64 -10.71
C ARG D 1173 39.49 -7.14 -10.04
N VAL D 1174 40.50 -6.92 -10.88
CA VAL D 1174 41.78 -6.36 -10.48
C VAL D 1174 42.09 -5.18 -11.38
N THR D 1175 42.71 -4.16 -10.81
CA THR D 1175 43.22 -3.05 -11.60
C THR D 1175 44.61 -3.40 -12.13
N ILE D 1176 45.02 -2.71 -13.18
CA ILE D 1176 46.28 -2.98 -13.86
C ILE D 1176 47.17 -1.76 -13.76
N ILE D 1177 48.42 -1.96 -13.38
CA ILE D 1177 49.39 -0.88 -13.24
C ILE D 1177 50.32 -0.81 -14.45
N ASP D 1178 50.78 -1.96 -14.92
CA ASP D 1178 51.60 -2.05 -16.13
C ASP D 1178 50.88 -2.96 -17.11
N SER D 1179 50.62 -2.45 -18.31
CA SER D 1179 49.86 -3.20 -19.31
C SER D 1179 50.59 -4.43 -19.81
N GLY D 1180 51.88 -4.57 -19.53
CA GLY D 1180 52.65 -5.64 -20.13
C GLY D 1180 52.69 -5.47 -21.63
N SER D 1181 52.19 -6.46 -22.38
CA SER D 1181 52.12 -6.36 -23.82
C SER D 1181 50.84 -6.97 -24.37
N THR D 1182 49.74 -6.92 -23.61
CA THR D 1182 48.48 -7.56 -24.02
C THR D 1182 47.29 -6.63 -23.78
N GLU D 1183 47.04 -5.73 -24.73
CA GLU D 1183 45.73 -5.16 -24.98
C GLU D 1183 45.09 -4.43 -23.80
N PHE D 1184 45.75 -4.38 -22.64
CA PHE D 1184 45.12 -3.95 -21.41
C PHE D 1184 45.51 -2.53 -21.07
N LEU D 1185 44.54 -1.78 -20.58
CA LEU D 1185 44.73 -0.39 -20.22
C LEU D 1185 45.23 -0.29 -18.79
N PRO D 1186 46.37 0.31 -18.51
CA PRO D 1186 46.75 0.54 -17.12
C PRO D 1186 45.70 1.39 -16.43
N GLY D 1187 45.30 0.98 -15.23
CA GLY D 1187 44.23 1.62 -14.50
C GLY D 1187 42.85 1.09 -14.80
N SER D 1188 42.71 0.19 -15.77
CA SER D 1188 41.43 -0.44 -16.05
C SER D 1188 41.26 -1.69 -15.21
N LEU D 1189 40.01 -2.11 -15.06
CA LEU D 1189 39.63 -3.19 -14.16
C LEU D 1189 39.17 -4.39 -14.98
N ILE D 1190 39.85 -5.52 -14.81
CA ILE D 1190 39.52 -6.74 -15.54
C ILE D 1190 39.39 -7.89 -14.57
N ASP D 1191 38.57 -8.88 -14.92
CA ASP D 1191 38.30 -10.00 -14.04
C ASP D 1191 39.61 -10.73 -13.73
N ARG D 1192 39.73 -11.18 -12.48
CA ARG D 1192 40.99 -11.80 -12.06
C ARG D 1192 41.26 -13.09 -12.84
N ALA D 1193 40.22 -13.88 -13.11
CA ALA D 1193 40.42 -15.09 -13.89
C ALA D 1193 40.98 -14.76 -15.27
N GLU D 1194 40.38 -13.77 -15.95
CA GLU D 1194 40.89 -13.36 -17.25
C GLU D 1194 42.30 -12.80 -17.14
N PHE D 1195 42.57 -12.04 -16.09
CA PHE D 1195 43.90 -11.45 -15.91
C PHE D 1195 44.97 -12.53 -15.77
N GLU D 1196 44.71 -13.53 -14.92
CA GLU D 1196 45.67 -14.62 -14.76
C GLU D 1196 45.81 -15.42 -16.03
N ALA D 1197 44.69 -15.68 -16.73
CA ALA D 1197 44.76 -16.44 -17.97
C ALA D 1197 45.61 -15.70 -19.00
N GLU D 1198 45.42 -14.39 -19.11
CA GLU D 1198 46.20 -13.61 -20.09
C GLU D 1198 47.67 -13.56 -19.69
N ASN D 1199 47.95 -13.43 -18.40
CA ASN D 1199 49.35 -13.43 -17.95
C ASN D 1199 50.02 -14.75 -18.31
N ARG D 1200 49.35 -15.87 -18.07
CA ARG D 1200 49.92 -17.17 -18.41
C ARG D 1200 49.96 -17.38 -19.91
N ARG D 1201 49.10 -16.72 -20.68
CA ARG D 1201 49.16 -16.82 -22.13
C ARG D 1201 50.32 -16.03 -22.70
N VAL D 1202 50.60 -14.85 -22.13
CA VAL D 1202 51.65 -13.99 -22.66
C VAL D 1202 53.02 -14.25 -22.03
N VAL D 1203 53.10 -15.10 -21.01
CA VAL D 1203 54.40 -15.41 -20.44
C VAL D 1203 55.29 -16.06 -21.49
N ALA D 1204 54.72 -16.93 -22.32
CA ALA D 1204 55.43 -17.45 -23.47
C ALA D 1204 55.51 -16.39 -24.56
N GLU D 1205 56.37 -16.63 -25.55
CA GLU D 1205 56.59 -15.68 -26.63
C GLU D 1205 57.12 -14.35 -26.09
N GLY D 1206 57.90 -14.42 -25.01
CA GLY D 1206 58.41 -13.24 -24.36
C GLY D 1206 57.81 -13.07 -22.97
N GLY D 1207 58.66 -12.87 -21.96
CA GLY D 1207 58.20 -12.76 -20.60
C GLY D 1207 57.88 -11.33 -20.19
N GLU D 1208 56.60 -10.97 -20.22
CA GLU D 1208 56.17 -9.64 -19.83
C GLU D 1208 54.75 -9.69 -19.28
N PRO D 1209 54.50 -10.49 -18.24
CA PRO D 1209 53.14 -10.57 -17.69
C PRO D 1209 52.65 -9.22 -17.18
N ALA D 1210 51.38 -8.94 -17.41
CA ALA D 1210 50.80 -7.70 -16.93
C ALA D 1210 50.77 -7.67 -15.41
N ALA D 1211 51.03 -6.49 -14.85
CA ALA D 1211 51.07 -6.31 -13.40
C ALA D 1211 49.73 -5.76 -12.92
N GLY D 1212 49.15 -6.44 -11.93
CA GLY D 1212 47.84 -6.07 -11.43
C GLY D 1212 47.81 -6.02 -9.92
N ARG D 1213 46.78 -5.37 -9.41
CA ARG D 1213 46.52 -5.23 -7.99
C ARG D 1213 45.05 -5.53 -7.70
N PRO D 1214 44.74 -6.09 -6.53
CA PRO D 1214 43.34 -6.26 -6.16
C PRO D 1214 42.65 -4.92 -5.93
N VAL D 1215 41.36 -4.88 -6.21
CA VAL D 1215 40.53 -3.71 -5.99
C VAL D 1215 39.26 -4.13 -5.28
N LEU D 1216 38.66 -3.19 -4.57
CA LEU D 1216 37.36 -3.37 -3.93
C LEU D 1216 36.44 -2.33 -4.55
N MET D 1217 35.42 -2.79 -5.27
CA MET D 1217 34.55 -1.92 -6.04
C MET D 1217 33.11 -2.06 -5.56
N GLY D 1218 32.35 -0.97 -5.65
CA GLY D 1218 30.99 -0.96 -5.19
C GLY D 1218 30.09 -1.84 -6.03
N ILE D 1219 28.91 -2.13 -5.47
CA ILE D 1219 27.99 -3.07 -6.12
C ILE D 1219 27.41 -2.46 -7.39
N THR D 1220 27.03 -1.18 -7.35
CA THR D 1220 26.47 -0.55 -8.53
C THR D 1220 27.45 -0.64 -9.70
N LYS D 1221 28.73 -0.37 -9.44
CA LYS D 1221 29.74 -0.50 -10.47
C LYS D 1221 29.92 -1.95 -10.89
N ALA D 1222 29.95 -2.87 -9.91
CA ALA D 1222 30.20 -4.29 -10.18
C ALA D 1222 29.03 -4.98 -10.84
N SER D 1223 27.95 -4.27 -11.14
CA SER D 1223 26.83 -4.82 -11.90
C SER D 1223 26.56 -4.07 -13.19
N LEU D 1224 27.18 -2.91 -13.39
CA LEU D 1224 27.10 -2.17 -14.64
C LEU D 1224 28.32 -2.42 -15.52
N ALA D 1225 29.18 -3.37 -15.17
CA ALA D 1225 30.33 -3.75 -15.96
C ALA D 1225 30.36 -5.25 -16.19
N THR D 1226 29.21 -5.90 -16.10
CA THR D 1226 29.12 -7.32 -16.42
C THR D 1226 29.36 -7.53 -17.90
N ASP D 1227 29.89 -8.71 -18.25
CA ASP D 1227 30.20 -9.00 -19.65
C ASP D 1227 28.94 -9.41 -20.39
N SER D 1228 27.89 -8.60 -20.28
CA SER D 1228 26.64 -8.84 -20.99
C SER D 1228 25.91 -7.49 -21.04
N TRP D 1229 25.98 -6.84 -22.20
CA TRP D 1229 25.42 -5.50 -22.30
C TRP D 1229 23.91 -5.49 -22.08
N LEU D 1230 23.24 -6.63 -22.22
CA LEU D 1230 21.79 -6.65 -22.05
C LEU D 1230 21.39 -6.51 -20.58
N SER D 1231 22.05 -7.26 -19.69
CA SER D 1231 21.78 -7.12 -18.26
C SER D 1231 22.09 -5.70 -17.80
N ALA D 1232 23.24 -5.17 -18.21
CA ALA D 1232 23.63 -3.82 -17.80
C ALA D 1232 22.65 -2.78 -18.35
N ALA D 1233 22.20 -2.95 -19.59
CA ALA D 1233 21.23 -2.02 -20.15
C ALA D 1233 19.92 -2.07 -19.39
N SER D 1234 19.46 -3.27 -19.03
CA SER D 1234 18.20 -3.39 -18.32
C SER D 1234 18.32 -2.97 -16.86
N PHE D 1235 19.53 -2.91 -16.32
CA PHE D 1235 19.68 -2.66 -14.89
C PHE D 1235 19.57 -1.18 -14.55
N GLN D 1236 20.49 -0.37 -15.08
CA GLN D 1236 20.59 1.02 -14.65
C GLN D 1236 21.50 1.76 -15.63
N GLU D 1237 21.29 3.07 -15.74
CA GLU D 1237 22.05 3.91 -16.67
C GLU D 1237 22.00 3.32 -18.08
N THR D 1238 20.77 3.18 -18.58
CA THR D 1238 20.58 2.51 -19.87
C THR D 1238 21.34 3.22 -20.98
N THR D 1239 21.27 4.55 -21.02
CA THR D 1239 21.89 5.29 -22.12
C THR D 1239 23.40 5.04 -22.16
N ARG D 1240 24.07 5.24 -21.03
CA ARG D 1240 25.54 5.15 -21.02
C ARG D 1240 26.01 3.75 -21.40
N VAL D 1241 25.47 2.73 -20.73
CA VAL D 1241 25.95 1.38 -20.98
C VAL D 1241 25.60 0.94 -22.39
N LEU D 1242 24.37 1.24 -22.83
CA LEU D 1242 23.96 0.86 -24.16
C LEU D 1242 24.82 1.52 -25.22
N THR D 1243 25.10 2.82 -25.07
CA THR D 1243 25.84 3.53 -26.10
C THR D 1243 27.32 3.12 -26.12
N ASP D 1244 27.92 2.88 -24.95
CA ASP D 1244 29.31 2.45 -24.97
C ASP D 1244 29.44 1.00 -25.43
N ALA D 1245 28.43 0.17 -25.16
CA ALA D 1245 28.41 -1.16 -25.75
C ALA D 1245 28.30 -1.09 -27.26
N ALA D 1246 27.48 -0.15 -27.75
CA ALA D 1246 27.37 0.05 -29.20
C ALA D 1246 28.71 0.46 -29.79
N ILE D 1247 29.40 1.40 -29.13
CA ILE D 1247 30.69 1.86 -29.64
C ILE D 1247 31.69 0.70 -29.64
N ASN D 1248 31.75 -0.05 -28.54
CA ASN D 1248 32.66 -1.19 -28.48
C ASN D 1248 32.22 -2.35 -29.36
N CYS D 1249 31.02 -2.30 -29.92
CA CYS D 1249 30.49 -3.40 -30.72
C CYS D 1249 30.49 -4.69 -29.91
N ARG D 1250 30.21 -4.58 -28.61
CA ARG D 1250 30.26 -5.73 -27.73
C ARG D 1250 29.15 -6.70 -28.04
N SER D 1251 29.40 -7.98 -27.76
CA SER D 1251 28.47 -9.05 -28.04
C SER D 1251 28.04 -9.72 -26.74
N ASP D 1252 26.72 -9.85 -26.56
CA ASP D 1252 26.19 -10.60 -25.43
C ASP D 1252 26.19 -12.10 -25.75
N LYS D 1253 26.54 -12.90 -24.75
CA LYS D 1253 26.58 -14.35 -24.93
C LYS D 1253 25.28 -15.04 -24.54
N LEU D 1254 24.36 -14.33 -23.89
CA LEU D 1254 23.08 -14.89 -23.48
C LEU D 1254 23.28 -16.18 -22.68
N ASN D 1255 23.98 -16.04 -21.55
CA ASN D 1255 24.12 -17.16 -20.62
C ASN D 1255 23.98 -16.73 -19.17
N GLY D 1256 23.51 -15.51 -18.90
CA GLY D 1256 23.25 -15.08 -17.55
C GLY D 1256 21.87 -15.51 -17.10
N LEU D 1257 21.45 -14.93 -15.97
CA LEU D 1257 20.15 -15.25 -15.38
C LEU D 1257 19.07 -14.24 -15.72
N LYS D 1258 19.43 -12.96 -15.86
CA LYS D 1258 18.47 -11.95 -16.30
C LYS D 1258 18.45 -11.82 -17.82
N GLU D 1259 19.54 -12.18 -18.49
CA GLU D 1259 19.57 -12.12 -19.95
C GLU D 1259 18.71 -13.21 -20.56
N ASN D 1260 18.65 -14.38 -19.94
CA ASN D 1260 17.84 -15.49 -20.43
C ASN D 1260 16.37 -15.34 -20.04
N VAL D 1261 16.04 -14.42 -19.14
CA VAL D 1261 14.64 -14.17 -18.80
C VAL D 1261 14.00 -13.17 -19.76
N ILE D 1262 14.77 -12.19 -20.25
CA ILE D 1262 14.23 -11.24 -21.20
C ILE D 1262 13.83 -11.94 -22.49
N ILE D 1263 14.73 -12.75 -23.04
CA ILE D 1263 14.48 -13.41 -24.32
C ILE D 1263 13.56 -14.61 -24.19
N GLY D 1264 13.13 -14.95 -22.98
CA GLY D 1264 12.25 -16.07 -22.78
C GLY D 1264 12.91 -17.40 -23.07
N LYS D 1265 13.93 -17.74 -22.29
CA LYS D 1265 14.58 -19.04 -22.35
C LYS D 1265 14.73 -19.55 -20.92
N LEU D 1266 15.05 -20.84 -20.80
CA LEU D 1266 15.24 -21.45 -19.50
C LEU D 1266 16.43 -20.81 -18.80
N ILE D 1267 16.20 -20.30 -17.60
CA ILE D 1267 17.25 -19.66 -16.81
C ILE D 1267 18.35 -20.68 -16.58
N PRO D 1268 19.63 -20.32 -16.64
CA PRO D 1268 20.68 -21.30 -16.34
C PRO D 1268 20.81 -21.58 -14.85
N ALA D 1269 19.74 -22.09 -14.23
CA ALA D 1269 19.75 -22.37 -12.80
C ALA D 1269 18.62 -23.33 -12.49
N GLY D 1270 18.81 -24.08 -11.40
CA GLY D 1270 17.77 -24.99 -10.95
C GLY D 1270 17.41 -25.99 -12.02
N THR D 1271 16.12 -26.07 -12.36
CA THR D 1271 15.64 -27.01 -13.36
C THR D 1271 15.99 -26.59 -14.78
N GLY D 1272 16.71 -25.50 -14.97
CA GLY D 1272 17.02 -25.02 -16.29
C GLY D 1272 18.38 -25.44 -16.82
N ILE D 1273 19.28 -25.85 -15.92
CA ILE D 1273 20.63 -26.20 -16.35
C ILE D 1273 20.58 -27.47 -17.20
N ASN D 1274 21.57 -27.61 -18.09
CA ASN D 1274 21.57 -28.72 -19.04
C ASN D 1274 21.72 -30.07 -18.35
N ARG D 1275 22.22 -30.11 -17.11
CA ARG D 1275 22.33 -31.37 -16.40
C ARG D 1275 20.96 -32.01 -16.20
N TYR D 1276 19.92 -31.18 -16.08
CA TYR D 1276 18.55 -31.66 -15.87
C TYR D 1276 17.65 -31.44 -17.07
N ARG D 1277 17.86 -30.37 -17.83
CA ARG D 1277 17.00 -30.10 -18.98
C ARG D 1277 17.04 -31.24 -19.98
N ASN D 1278 18.16 -31.97 -20.05
CA ASN D 1278 18.37 -33.02 -21.03
C ASN D 1278 18.30 -34.42 -20.45
N ILE D 1279 17.84 -34.57 -19.20
CA ILE D 1279 17.76 -35.88 -18.58
C ILE D 1279 16.71 -36.72 -19.30
N ALA D 1280 17.10 -37.94 -19.67
CA ALA D 1280 16.21 -38.85 -20.39
C ALA D 1280 15.67 -39.91 -19.44
N VAL D 1281 14.37 -40.15 -19.50
CA VAL D 1281 13.69 -41.11 -18.63
C VAL D 1281 12.94 -42.10 -19.51
N GLN D 1282 13.09 -43.38 -19.19
CA GLN D 1282 12.34 -44.44 -19.87
C GLN D 1282 12.05 -45.54 -18.86
N PRO D 1283 10.97 -46.29 -19.04
CA PRO D 1283 10.66 -47.37 -18.09
C PRO D 1283 11.76 -48.42 -18.06
N THR D 1284 11.99 -48.98 -16.87
CA THR D 1284 12.98 -50.02 -16.72
C THR D 1284 12.55 -51.27 -17.49
N GLU D 1285 13.54 -52.09 -17.85
CA GLU D 1285 13.26 -53.27 -18.65
C GLU D 1285 12.33 -54.23 -17.93
N GLU D 1286 12.53 -54.41 -16.61
CA GLU D 1286 11.69 -55.34 -15.87
C GLU D 1286 10.22 -54.90 -15.89
N ALA D 1287 9.98 -53.65 -15.50
CA ALA D 1287 8.60 -53.15 -15.53
C ALA D 1287 8.07 -53.05 -16.94
N ARG D 1288 8.93 -52.72 -17.91
CA ARG D 1288 8.47 -52.66 -19.30
C ARG D 1288 7.96 -54.01 -19.76
N ALA D 1289 8.68 -55.07 -19.44
CA ALA D 1289 8.20 -56.42 -19.75
C ALA D 1289 6.95 -56.75 -18.94
N ALA D 1290 6.88 -56.27 -17.70
CA ALA D 1290 5.72 -56.55 -16.85
C ALA D 1290 4.46 -55.83 -17.30
N ALA D 1291 4.56 -54.89 -18.23
CA ALA D 1291 3.40 -54.16 -18.72
C ALA D 1291 2.40 -55.11 -19.38
N GLY E 28 6.57 -41.05 12.40
CA GLY E 28 6.60 -41.56 11.04
C GLY E 28 5.55 -40.92 10.17
N TYR E 29 5.75 -41.00 8.85
CA TYR E 29 4.81 -40.38 7.92
C TYR E 29 3.41 -40.91 8.16
N ASP E 30 2.51 -40.02 8.54
CA ASP E 30 1.10 -40.35 8.68
C ASP E 30 0.48 -40.29 7.29
N THR E 31 -0.65 -40.96 7.12
CA THR E 31 -1.28 -41.11 5.82
C THR E 31 -1.36 -39.77 5.11
N PRO E 32 -0.56 -39.54 4.07
CA PRO E 32 -0.64 -38.27 3.34
C PRO E 32 -1.85 -38.25 2.43
N LEU E 33 -2.23 -37.03 2.02
CA LEU E 33 -3.45 -36.83 1.27
C LEU E 33 -3.21 -35.78 0.19
N GLY E 34 -3.98 -35.91 -0.88
CA GLY E 34 -3.95 -34.90 -1.93
C GLY E 34 -2.58 -34.75 -2.55
N ILE E 35 -2.07 -33.52 -2.53
CA ILE E 35 -0.88 -33.17 -3.29
C ILE E 35 0.41 -33.64 -2.62
N THR E 36 0.37 -33.96 -1.32
CA THR E 36 1.58 -34.37 -0.62
C THR E 36 1.88 -35.86 -0.77
N ASN E 37 0.97 -36.63 -1.38
CA ASN E 37 1.16 -38.06 -1.57
C ASN E 37 1.66 -38.34 -2.98
N PRO E 38 2.75 -39.10 -3.18
CA PRO E 38 3.59 -39.79 -2.19
C PRO E 38 4.48 -38.83 -1.42
N PRO E 39 5.01 -39.23 -0.27
CA PRO E 39 5.89 -38.33 0.49
C PRO E 39 7.11 -37.94 -0.34
N ILE E 40 7.41 -36.64 -0.35
CA ILE E 40 8.52 -36.14 -1.17
C ILE E 40 9.84 -36.71 -0.67
N ASP E 41 10.04 -36.76 0.64
CA ASP E 41 11.32 -37.19 1.18
C ASP E 41 11.66 -38.62 0.78
N GLU E 42 10.66 -39.46 0.53
CA GLU E 42 10.93 -40.79 -0.01
C GLU E 42 11.28 -40.73 -1.49
N LEU E 43 10.69 -39.79 -2.25
CA LEU E 43 11.08 -39.63 -3.64
C LEU E 43 12.52 -39.14 -3.76
N LEU E 44 12.97 -38.30 -2.83
CA LEU E 44 14.29 -37.70 -2.96
C LEU E 44 15.39 -38.75 -3.00
N ASP E 45 15.22 -39.83 -2.23
CA ASP E 45 16.22 -40.89 -2.25
C ASP E 45 16.27 -41.61 -3.60
N ARG E 46 15.20 -41.53 -4.39
CA ARG E 46 15.18 -42.13 -5.72
C ARG E 46 15.81 -41.22 -6.77
N VAL E 47 16.24 -40.02 -6.38
CA VAL E 47 16.92 -39.10 -7.28
C VAL E 47 18.12 -38.52 -6.54
N SER E 48 18.82 -37.58 -7.17
CA SER E 48 19.94 -36.90 -6.56
C SER E 48 19.54 -35.57 -5.94
N SER E 49 18.75 -34.77 -6.66
CA SER E 49 18.33 -33.46 -6.17
C SER E 49 16.88 -33.22 -6.55
N LYS E 50 16.27 -32.24 -5.89
CA LYS E 50 14.86 -31.93 -6.10
C LYS E 50 14.60 -31.60 -7.58
N TYR E 51 15.52 -30.86 -8.19
CA TYR E 51 15.36 -30.46 -9.58
C TYR E 51 15.29 -31.68 -10.49
N ALA E 52 16.12 -32.67 -10.21
CA ALA E 52 16.09 -33.91 -10.98
C ALA E 52 14.71 -34.56 -10.89
N LEU E 53 14.12 -34.58 -9.70
CA LEU E 53 12.78 -35.14 -9.55
C LEU E 53 11.77 -34.36 -10.37
N VAL E 54 11.87 -33.03 -10.35
CA VAL E 54 10.98 -32.22 -11.18
C VAL E 54 10.99 -32.73 -12.62
N ILE E 55 12.17 -32.74 -13.24
CA ILE E 55 12.19 -33.05 -14.67
C ILE E 55 11.85 -34.51 -14.92
N TYR E 56 12.38 -35.41 -14.09
CA TYR E 56 12.03 -36.81 -14.12
C TYR E 56 10.51 -36.99 -14.24
N ALA E 57 9.79 -36.47 -13.25
CA ALA E 57 8.34 -36.64 -13.23
C ALA E 57 7.67 -35.96 -14.41
N ALA E 58 8.16 -34.77 -14.80
CA ALA E 58 7.52 -34.06 -15.91
C ALA E 58 7.65 -34.83 -17.21
N LYS E 59 8.83 -35.36 -17.50
CA LYS E 59 9.00 -36.14 -18.72
C LYS E 59 8.16 -37.41 -18.70
N ARG E 60 8.13 -38.11 -17.56
CA ARG E 60 7.26 -39.28 -17.48
C ARG E 60 5.81 -38.90 -17.68
N ALA E 61 5.40 -37.75 -17.16
CA ALA E 61 4.01 -37.31 -17.31
C ALA E 61 3.69 -37.01 -18.76
N ARG E 62 4.63 -36.40 -19.49
CA ARG E 62 4.43 -36.19 -20.91
C ARG E 62 4.25 -37.53 -21.62
N GLN E 63 5.04 -38.53 -21.25
CA GLN E 63 4.88 -39.86 -21.84
C GLN E 63 3.48 -40.42 -21.57
N ILE E 64 3.02 -40.32 -20.31
CA ILE E 64 1.72 -40.89 -19.94
C ILE E 64 0.60 -40.17 -20.70
N ASN E 65 0.61 -38.84 -20.66
CA ASN E 65 -0.43 -38.07 -21.34
C ASN E 65 -0.41 -38.42 -22.82
N ASP E 66 0.76 -38.67 -23.38
CA ASP E 66 0.85 -38.96 -24.79
C ASP E 66 0.25 -40.32 -25.11
N TYR E 67 0.53 -41.32 -24.25
CA TYR E 67 -0.12 -42.62 -24.42
C TYR E 67 -1.64 -42.47 -24.42
N TYR E 68 -2.17 -41.82 -23.38
CA TYR E 68 -3.62 -41.65 -23.29
C TYR E 68 -4.16 -40.92 -24.52
N ASN E 69 -3.49 -39.83 -24.91
CA ASN E 69 -3.97 -38.97 -25.97
C ASN E 69 -4.03 -39.70 -27.30
N GLN E 70 -3.00 -40.50 -27.61
CA GLN E 70 -2.89 -41.21 -28.88
C GLN E 70 -2.92 -42.71 -28.67
N LEU E 71 -3.69 -43.19 -27.70
CA LEU E 71 -3.81 -44.63 -27.48
C LEU E 71 -4.56 -45.30 -28.61
N GLY E 72 -5.57 -44.63 -29.16
CA GLY E 72 -6.39 -45.25 -30.19
C GLY E 72 -5.59 -45.67 -31.41
N GLU E 73 -4.59 -44.87 -31.78
CA GLU E 73 -3.74 -45.16 -32.93
C GLU E 73 -2.51 -45.96 -32.49
N GLY E 74 -1.50 -46.04 -33.36
CA GLY E 74 -0.34 -46.88 -33.13
C GLY E 74 0.68 -46.28 -32.17
N ILE E 75 0.39 -46.40 -30.87
CA ILE E 75 1.29 -45.89 -29.83
C ILE E 75 2.74 -46.28 -30.15
N LEU E 76 3.63 -45.30 -29.98
CA LEU E 76 5.07 -45.49 -30.14
C LEU E 76 5.62 -46.02 -28.81
N GLU E 77 6.91 -45.85 -28.56
CA GLU E 77 7.60 -46.35 -27.38
C GLU E 77 7.04 -45.81 -26.06
N TYR E 78 5.98 -45.01 -26.09
CA TYR E 78 5.37 -44.53 -24.86
C TYR E 78 4.73 -45.67 -24.11
N VAL E 79 5.22 -45.93 -22.90
CA VAL E 79 4.61 -46.95 -22.03
C VAL E 79 3.70 -46.19 -21.06
N GLY E 80 2.45 -46.05 -21.47
CA GLY E 80 1.44 -45.51 -20.58
C GLY E 80 1.35 -46.34 -19.33
N PRO E 81 0.42 -45.97 -18.42
CA PRO E 81 0.66 -46.16 -16.99
C PRO E 81 1.24 -47.51 -16.60
N LEU E 82 1.98 -47.50 -15.50
CA LEU E 82 2.75 -48.66 -15.05
C LEU E 82 2.28 -49.07 -13.65
N VAL E 83 1.82 -48.10 -12.87
CA VAL E 83 1.19 -48.34 -11.59
C VAL E 83 -0.31 -48.14 -11.78
N GLU E 84 -1.12 -48.85 -10.98
CA GLU E 84 -2.57 -48.84 -11.18
C GLU E 84 -3.07 -47.41 -11.27
N PRO E 85 -3.49 -46.95 -12.45
CA PRO E 85 -3.93 -45.56 -12.57
C PRO E 85 -5.23 -45.34 -11.83
N GLY E 86 -5.38 -44.13 -11.29
CA GLY E 86 -6.66 -43.74 -10.74
C GLY E 86 -7.71 -43.61 -11.82
N LEU E 87 -8.96 -43.48 -11.38
CA LEU E 87 -10.07 -43.41 -12.33
C LEU E 87 -9.83 -42.32 -13.38
N GLN E 88 -9.47 -41.12 -12.92
CA GLN E 88 -9.05 -40.03 -13.79
C GLN E 88 -7.84 -39.33 -13.19
N GLU E 89 -6.89 -40.12 -12.68
CA GLU E 89 -5.69 -39.58 -12.09
C GLU E 89 -4.97 -38.66 -13.08
N LYS E 90 -4.57 -37.49 -12.60
CA LYS E 90 -3.84 -36.58 -13.45
C LYS E 90 -2.51 -37.22 -13.83
N PRO E 91 -2.03 -37.04 -15.09
CA PRO E 91 -0.82 -37.74 -15.55
C PRO E 91 0.34 -37.69 -14.57
N LEU E 92 0.69 -36.47 -14.14
CA LEU E 92 1.85 -36.29 -13.29
C LEU E 92 1.74 -37.09 -12.01
N SER E 93 0.53 -37.25 -11.47
CA SER E 93 0.37 -38.03 -10.25
C SER E 93 0.71 -39.50 -10.47
N ILE E 94 0.24 -40.08 -11.58
CA ILE E 94 0.64 -41.44 -11.93
C ILE E 94 2.15 -41.52 -12.04
N ALA E 95 2.75 -40.53 -12.69
CA ALA E 95 4.20 -40.55 -12.86
C ALA E 95 4.92 -40.58 -11.52
N LEU E 96 4.58 -39.64 -10.63
CA LEU E 96 5.24 -39.57 -9.33
C LEU E 96 5.06 -40.86 -8.54
N ARG E 97 3.87 -41.45 -8.60
CA ARG E 97 3.68 -42.73 -7.91
C ARG E 97 4.59 -43.81 -8.49
N GLU E 98 4.69 -43.86 -9.82
CA GLU E 98 5.60 -44.80 -10.46
C GLU E 98 7.01 -44.62 -9.94
N ILE E 99 7.48 -43.36 -9.88
CA ILE E 99 8.82 -43.12 -9.35
C ILE E 99 8.92 -43.62 -7.92
N HIS E 100 7.84 -43.47 -7.14
CA HIS E 100 7.89 -43.97 -5.77
C HIS E 100 8.12 -45.47 -5.73
N ALA E 101 7.47 -46.23 -6.62
CA ALA E 101 7.58 -47.69 -6.58
C ALA E 101 8.81 -48.22 -7.31
N ASP E 102 9.80 -47.37 -7.61
CA ASP E 102 10.99 -47.77 -8.35
C ASP E 102 10.62 -48.53 -9.62
N LEU E 103 9.89 -47.84 -10.50
CA LEU E 103 9.44 -48.39 -11.77
C LEU E 103 10.01 -47.63 -12.95
N LEU E 104 11.08 -46.88 -12.74
CA LEU E 104 11.63 -46.01 -13.78
C LEU E 104 13.12 -45.85 -13.57
N GLU E 105 13.80 -45.36 -14.61
CA GLU E 105 15.23 -45.09 -14.57
C GLU E 105 15.50 -43.81 -15.34
N HIS E 106 16.62 -43.15 -15.02
CA HIS E 106 16.95 -41.85 -15.60
C HIS E 106 18.45 -41.77 -15.89
N THR E 107 18.78 -40.95 -16.89
CA THR E 107 20.16 -40.68 -17.28
C THR E 107 20.36 -39.17 -17.28
N GLU E 108 21.22 -38.67 -16.39
CA GLU E 108 21.36 -37.24 -16.21
C GLU E 108 21.98 -36.58 -17.43
N GLY E 109 21.80 -35.27 -17.53
CA GLY E 109 22.33 -34.50 -18.64
C GLY E 109 23.84 -34.50 -18.70
N PHE F 126 -26.88 70.65 -29.63
CA PHE F 126 -27.61 69.47 -29.20
C PHE F 126 -28.31 69.70 -27.86
N LYS F 127 -29.55 69.22 -27.76
CA LYS F 127 -30.35 69.39 -26.56
C LYS F 127 -30.88 68.02 -26.12
N VAL F 128 -31.17 67.92 -24.82
CA VAL F 128 -31.69 66.68 -24.27
C VAL F 128 -32.99 66.31 -24.97
N GLY F 129 -33.15 65.02 -25.26
CA GLY F 129 -34.35 64.52 -25.89
C GLY F 129 -34.37 64.56 -27.40
N ASP F 130 -33.31 65.05 -28.04
CA ASP F 130 -33.25 65.16 -29.50
C ASP F 130 -32.40 64.02 -30.04
N THR F 131 -33.00 63.19 -30.90
CA THR F 131 -32.27 62.10 -31.51
C THR F 131 -31.14 62.65 -32.37
N VAL F 132 -29.97 62.02 -32.26
CA VAL F 132 -28.77 62.46 -32.97
C VAL F 132 -28.11 61.26 -33.62
N VAL F 133 -27.36 61.53 -34.69
CA VAL F 133 -26.64 60.50 -35.42
C VAL F 133 -25.17 60.58 -35.03
N TYR F 134 -24.68 59.53 -34.38
CA TYR F 134 -23.27 59.40 -34.05
C TYR F 134 -22.65 58.32 -34.94
N PRO F 135 -21.83 58.67 -35.93
CA PRO F 135 -21.22 57.63 -36.76
C PRO F 135 -20.10 56.89 -36.02
N HIS F 136 -19.81 55.69 -36.48
CA HIS F 136 -20.42 54.97 -37.61
C HIS F 136 -21.69 54.25 -37.19
N HIS F 137 -22.02 54.31 -35.90
CA HIS F 137 -23.11 53.49 -35.37
C HIS F 137 -24.46 53.91 -35.95
N GLY F 138 -24.72 55.22 -36.00
CA GLY F 138 -25.98 55.71 -36.54
C GLY F 138 -26.86 56.41 -35.53
N ALA F 139 -28.15 56.13 -35.55
CA ALA F 139 -29.10 56.83 -34.71
C ALA F 139 -28.84 56.54 -33.23
N ALA F 140 -29.19 57.51 -32.38
CA ALA F 140 -29.06 57.37 -30.94
C ALA F 140 -29.87 58.47 -30.27
N LEU F 141 -30.14 58.27 -28.98
CA LEU F 141 -30.95 59.20 -28.19
C LEU F 141 -30.11 59.74 -27.03
N VAL F 142 -30.13 61.06 -26.85
CA VAL F 142 -29.30 61.72 -25.84
C VAL F 142 -30.09 61.81 -24.55
N GLU F 143 -29.45 61.45 -23.44
CA GLU F 143 -30.14 61.36 -22.16
C GLU F 143 -30.14 62.69 -21.41
N ALA F 144 -28.99 63.31 -21.25
CA ALA F 144 -28.88 64.57 -20.52
C ALA F 144 -27.48 65.13 -20.74
N ILE F 145 -27.20 66.24 -20.05
CA ILE F 145 -25.88 66.87 -20.06
C ILE F 145 -25.33 66.79 -18.64
N GLU F 146 -24.13 66.23 -18.51
CA GLU F 146 -23.48 66.08 -17.21
C GLU F 146 -22.33 67.07 -17.09
N THR F 147 -22.11 67.58 -15.88
CA THR F 147 -21.08 68.57 -15.60
C THR F 147 -20.02 68.02 -14.65
N ARG F 148 -19.64 66.76 -14.85
CA ARG F 148 -18.58 66.17 -14.04
C ARG F 148 -17.26 66.90 -14.28
N THR F 149 -16.46 67.01 -13.22
CA THR F 149 -15.24 67.81 -13.23
C THR F 149 -14.04 66.92 -13.51
N ILE F 150 -13.20 67.35 -14.45
CA ILE F 150 -11.91 66.72 -14.72
C ILE F 150 -10.88 67.84 -14.85
N LYS F 151 -9.75 67.68 -14.18
CA LYS F 151 -8.72 68.73 -14.11
C LYS F 151 -9.28 70.01 -13.50
N GLY F 152 -10.30 69.88 -12.66
CA GLY F 152 -10.90 71.04 -12.03
C GLY F 152 -11.82 71.84 -12.92
N GLU F 153 -12.17 71.34 -14.10
CA GLU F 153 -13.05 72.03 -15.03
C GLU F 153 -14.28 71.18 -15.27
N GLN F 154 -15.47 71.81 -15.17
CA GLN F 154 -16.72 71.10 -15.40
C GLN F 154 -17.02 71.12 -16.90
N LYS F 155 -17.22 69.94 -17.48
CA LYS F 155 -17.34 69.79 -18.91
C LYS F 155 -18.76 69.41 -19.30
N GLU F 156 -19.19 69.91 -20.46
CA GLU F 156 -20.53 69.63 -20.98
C GLU F 156 -20.53 68.21 -21.57
N TYR F 157 -20.60 67.24 -20.66
CA TYR F 157 -20.56 65.83 -21.05
C TYR F 157 -21.90 65.37 -21.62
N LEU F 158 -22.11 65.54 -22.92
CA LEU F 158 -23.30 64.98 -23.55
C LEU F 158 -23.17 63.46 -23.52
N VAL F 159 -24.21 62.79 -23.02
CA VAL F 159 -24.27 61.34 -22.94
C VAL F 159 -25.42 60.87 -23.82
N LEU F 160 -25.12 59.88 -24.66
CA LEU F 160 -25.95 59.49 -25.79
C LEU F 160 -25.92 57.97 -25.86
N LYS F 161 -27.04 57.35 -26.24
CA LYS F 161 -27.15 55.90 -26.20
C LYS F 161 -27.73 55.38 -27.51
N VAL F 162 -27.13 54.32 -28.05
CA VAL F 162 -27.65 53.59 -29.20
C VAL F 162 -28.05 52.20 -28.72
N ALA F 163 -29.29 51.82 -29.00
CA ALA F 163 -29.81 50.55 -28.49
C ALA F 163 -29.06 49.36 -29.08
N GLN F 164 -28.79 49.39 -30.39
CA GLN F 164 -28.11 48.26 -31.02
C GLN F 164 -26.68 48.11 -30.52
N GLY F 165 -25.92 49.22 -30.52
CA GLY F 165 -24.56 49.16 -30.03
C GLY F 165 -24.50 48.86 -28.54
N ASP F 166 -25.54 49.25 -27.80
CA ASP F 166 -25.57 49.08 -26.35
C ASP F 166 -24.36 49.74 -25.71
N LEU F 167 -24.11 50.99 -26.10
CA LEU F 167 -22.91 51.71 -25.71
C LEU F 167 -23.23 53.14 -25.34
N THR F 168 -22.82 53.54 -24.13
CA THR F 168 -22.98 54.91 -23.65
C THR F 168 -21.86 55.76 -24.23
N VAL F 169 -22.17 56.55 -25.25
CA VAL F 169 -21.21 57.46 -25.86
C VAL F 169 -21.28 58.79 -25.12
N ARG F 170 -20.20 59.17 -24.44
CA ARG F 170 -20.12 60.43 -23.73
C ARG F 170 -19.01 61.29 -24.32
N VAL F 171 -19.34 62.52 -24.70
CA VAL F 171 -18.39 63.44 -25.31
C VAL F 171 -18.61 64.86 -24.79
N PRO F 172 -17.56 65.67 -24.64
CA PRO F 172 -17.79 67.11 -24.46
C PRO F 172 -18.52 67.72 -25.64
N ALA F 173 -19.35 68.72 -25.34
CA ALA F 173 -20.10 69.40 -26.40
C ALA F 173 -19.22 70.32 -27.23
N GLU F 174 -18.09 70.78 -26.69
CA GLU F 174 -17.22 71.68 -27.44
C GLU F 174 -16.67 71.00 -28.69
N ASN F 175 -16.28 69.73 -28.56
CA ASN F 175 -15.68 68.98 -29.66
C ASN F 175 -16.68 68.01 -30.30
N ALA F 176 -17.98 68.28 -30.15
CA ALA F 176 -18.98 67.39 -30.73
C ALA F 176 -18.85 67.32 -32.24
N GLU F 177 -18.67 68.48 -32.90
CA GLU F 177 -18.55 68.48 -34.35
C GLU F 177 -17.27 67.80 -34.81
N TYR F 178 -16.21 67.87 -34.01
CA TYR F 178 -14.94 67.29 -34.43
C TYR F 178 -15.05 65.78 -34.57
N VAL F 179 -15.69 65.12 -33.61
CA VAL F 179 -15.90 63.68 -33.71
C VAL F 179 -16.90 63.34 -34.81
N GLY F 180 -17.72 64.29 -35.23
CA GLY F 180 -18.62 64.09 -36.34
C GLY F 180 -20.07 63.83 -35.99
N VAL F 181 -20.44 63.89 -34.71
CA VAL F 181 -21.84 63.70 -34.35
C VAL F 181 -22.67 64.83 -34.95
N ARG F 182 -23.82 64.46 -35.52
CA ARG F 182 -24.67 65.40 -36.22
C ARG F 182 -26.12 64.96 -36.12
N ASP F 183 -27.02 65.89 -36.38
CA ASP F 183 -28.45 65.60 -36.35
C ASP F 183 -28.87 64.78 -37.56
ZN ZN J . -3.55 -2.93 -55.40
ZN ZN K . 34.54 -24.57 -3.45
MG MG L . -1.86 -6.07 6.21
#